data_7QDZ
#
_entry.id   7QDZ
#
_cell.length_a   1.00
_cell.length_b   1.00
_cell.length_c   1.00
_cell.angle_alpha   90.00
_cell.angle_beta   90.00
_cell.angle_gamma   90.00
#
_symmetry.space_group_name_H-M   'P 1'
#
loop_
_entity.id
_entity.type
_entity.pdbx_description
1 polymer 'Helicase SKI2W'
2 polymer 'Tetratricopeptide repeat protein 37'
3 polymer 'WD repeat-containing protein 61'
4 polymer "RNA (5'-R(P*UP*UP*UP*UP*UP*U)-3')"
#
loop_
_entity_poly.entity_id
_entity_poly.type
_entity_poly.pdbx_seq_one_letter_code
_entity_poly.pdbx_strand_id
1 'polypeptide(L)'
;MMETERLVLPPPDPLDLPLRAVELGCTGHWELLNLPGAPESSLPHGLPPCAPDLQQEAEQLFLSSPAWLPLHGVEHSARK
WQRKTDPWSLLAVLGAPVPSDLQAQRHPTTGQILGYKEVLLENTNLSATTSLSLRRPPGPASQSLWGNPTQYPFWPGGMD
EPTITDLNTREEAEEEIDFEKDLLTIPPGFKKGMDFAPKDCPTPAPGLLSLSCMLEPLDLGGGDEDENEAVGQPGGPRGD
TVSASPCSAPLARASSLEDLVLKEASTAVSTPEAPEPPSQEQWAIPVDATSPVGDFYRLIPQPAFQWAFEPDVFQKQAIL
HLERHDSVFVAAHTSAGKTVVAEYAIALAQKHMTRTIYTSPIKALSNQKFRDFRNTFGDVGLLTGDVQLHPEASCLIMTT
EILRSMLYSGSDVIRDLEWVIFDEVHYINDVERGVVWEEVLIMLPDHVSIILLSATVPNALEFADWIGRLKRRQIYVIST
VTRPVPLEHYLFTGNSSKTQGELFLLLDSRGAFHTKGYYAAVEAKKERMSKHAQTFGAKQPTHQGGPAQDRGVYLSLLAS
LRTRAQLPVVVFTFSRGRCDEQASGLTSLDLTTSSEKSEIHLFLQRCLARLRGSDRQLPQVLHMSELLNRGLGVHHSGIL
PILKEIVEMLFSRGLVKVLFATETFAMGVNMPARTVVFDSMRKHDGSTFRDLLPGEYVQMAGRAGRRGLDPTGTVILLCK
GRVPEMADLHRMMMGKPSQLQSQFRLTYTMILNLLRVDALRVEDMMKRSFSEFPSRKDSKAHEQALAELTKRLGALEEPD
MTGQLVDLPEYYSWGEELTETQHMIQRRIMESVNGLKSLSAGRVVVVKNQEHHNALGVILQVSSNSTSRVFTTLVLCDKP
LSQDPQDRGPATAEVPYPDDLVGFKLFLPEGPCDHTVVKLQPGDMAAITTKVLRVNGEKILEDFSKRQQPKFKKDPPLAA
VTTAVQELLRLAQAHPAGPPTLDPVNDLQLKDMSVVEGGLRARKLEELIQGAQCVHSPRFPAQYLKLRERMQIQKEMERL
RFLLSDQSLLLLPEYHQRVEVLRTLGYVDEAGTVKLAGRVACAMSSHELLLTELMFDNALSTLRPEEIAALLSGLVCQSP
GDAGDQLPNTLKQGIERVRAVAKRIGEVQVACGLNQTVEEFVGELNFGLVEVVYEWARGMPFSELAGLSGTPEGLVVRCI
QRLAEMCRSLRGAARLVGEPVLGAKMETAATLLRRDIVFAASLYTQ
;
A
2 'polypeptide(L)'
;MKHHHHHHHHHHSAGLEVLFQGPDSMSSKEVKTALKSARDAIRNKEYKEALKHCKTVLKQEKNNYNAWVFIGVAAAELEQ
PDQAQSAYKKAAELEPDQLLAWQGLANLYEKYNHINAKDDLPGVYQKLLDLYESVDKQKWCDVCKKLVDLYYQEKKHLEV
ARTWHKLIKTRQEQGAENEELHQLWRKLTQFLAESTEDQNNETQQLLFTAFENALGLSDKIPSEDHQVLYRHFIQSLSKF
PHESARLKKACEGMINIYPTVQYPLEVLCLHLIESGNLTDEGQQYCCRLVEMDSKSGPGLIGLGIKALQDKKYEDAVRNL
TEGLKESPVCTSGWYHLAEAQVKMHRPKEAVLSCSQALKIVDNLGASGNSLYQRNLCLHLKAEALIKLSDYDSSEEAIRT
LDQISDADNIPGLLVLKSLAYRNKGSFDEAAKIMEDLLSSYPDLAEVHALEALIHFTKKDYLQAEKCFQRALEKDTEVAE
YHYQLGLTYWFMGEETRKDKTKALTHFLKAARLDTYMGKVFCYLGHYYRDVVGDKNRARGCYRKAFELDDTDAESGAAAV
DLSVELEDMEMALAILTTVTQKASAGTAKWAWLRRGLYYLKAGQHSQAVADLQAALRADPKDFNCWESLGEAYLSRGGYT
TALKSFTKASELNPESIYSVFKVAAIQQILGKYKEAVAQYQMIIKKKEDYVPALKGLGECHLMMAKAALVDYLDGKAVDY
IEKALEYFTCALQHRADVSCLWKLAGDACTCLYAVAPSKVNVHVLGVLLGQKEGKQVLKKNELLHLGGRCYGRALKLMST
SNTWCDLGINYYRQAQHLAETGSNMNDLKELLEKSLHCLKKAVRLDSNNHLYWNALGVVACYSGIGNYALAQHCFIKSIQ
SEQINAVAWTNLGVLYLTNENIEQAHEAFKMAQSLDPSYLMCWIGQALIAEAVGSYDTMDLFRHTTELNMHTEGALGYAY
WVCTTLQDKSNRETELYQYNILQMNAIPAAQVILNKYVERIQNYAPAFTMLGYLNEHLQLKKEAANAYQRAILLLQTAED
QDTYNVAIRNYGRLLCSTGEYDKAIQAFKSTPLEVLEDIIGFALALFMKGLYKESSKAYERALSIVESEQDKAHILTALA
ITEYKQGKTDVAKTLLFKCSILKEPTTESLQALCALGLAMQDATLSKAALNELLKHIKHKDSNYQRCLLTSAIYALQGRS
VAVQKQISKAVHSNPGDPALWSLLSRVVAQYAQRNAKGGVVAGNVAHILDSNHGKKALLYTAVNQLAMGSSSAEDEKNTA
LKTIQKAALLSPGDPAIWAGLMAACHADDKLALVNNTQPKRIDLYLALLSAVSASIKDEKFFENYNQSLEKWSLSQAVTG
LIDTGRISEAETLCTKNLKSNPDQPAVILLLRQVQCKPLLESQKPLPDAVLEELQKTVMSNSTSVPAWQWLAHVYQSQGM
MRAAEMCYRKSLQLASQRGSWSGKLSSLLRLALLALKVCMANISNDHWPSLVQEATTEALKLCFCPLAVLLQALLQFKRK
MGARETRRLLERVVYQPGYPKSIASTARWYLLRHLYAKDDYELIDVLVNNAKTHGDTRALELNQRLSSQ
;
B
3 'polypeptide(L)'
;MTNQYGILFKQEQAHDDAIWSVAWGTNKKENSETVVTGSLDDLVKVWKWRDERLDLQWSLEGHQLGVVSVDISHTLPIAA
SSSLDAHIRLWDLENGKQIKSIDAGPVDAWTLAFSPDSQYLATGTHVGKVNIFGVESGKKEYSLDTRGKFILSIAYSPDG
KYLASGAIDGIINIFDIATGKLLHTLEGHAMPIRSLTFSPDSQLLVTASDDGYIKIYDVQHANLAGTLSGHASWVLNVAF
CPDDTHFVSSSSDKSVKVWDVGTRTCVHTFFDHQDQVWGVKYNGNGSKIVSVGDDQEIHIYDCPI
;
C,D
4 'polyribonucleotide' UUUUUU E
#
# COMPACT_ATOMS: atom_id res chain seq x y z
N MET A 1 -43.14 -42.89 -57.68
CA MET A 1 -43.09 -44.29 -57.28
C MET A 1 -43.55 -45.15 -58.44
N MET A 2 -42.61 -45.49 -59.30
CA MET A 2 -42.94 -46.30 -60.48
C MET A 2 -42.09 -47.56 -60.61
N GLU A 3 -40.81 -47.51 -60.24
CA GLU A 3 -39.94 -48.65 -60.53
C GLU A 3 -40.06 -49.74 -59.49
N THR A 4 -40.01 -49.36 -58.21
CA THR A 4 -40.18 -50.23 -57.05
C THR A 4 -38.96 -51.12 -56.82
N GLU A 5 -37.96 -51.08 -57.70
CA GLU A 5 -36.77 -51.90 -57.50
C GLU A 5 -35.68 -51.45 -58.47
N ARG A 6 -34.44 -51.59 -58.04
CA ARG A 6 -33.31 -51.41 -58.94
C ARG A 6 -32.16 -52.33 -58.55
N LEU A 7 -31.64 -53.06 -59.52
CA LEU A 7 -30.50 -53.94 -59.33
C LEU A 7 -29.28 -53.34 -60.02
N VAL A 8 -28.23 -53.09 -59.25
CA VAL A 8 -27.01 -52.45 -59.73
C VAL A 8 -25.82 -53.28 -59.24
N LEU A 9 -24.70 -53.10 -59.92
CA LEU A 9 -23.46 -53.76 -59.54
C LEU A 9 -22.77 -52.92 -58.47
N PRO A 10 -22.66 -53.40 -57.23
CA PRO A 10 -22.14 -52.54 -56.15
C PRO A 10 -20.64 -52.29 -56.24
N PRO A 11 -19.80 -53.25 -56.65
CA PRO A 11 -18.39 -52.92 -56.87
C PRO A 11 -18.08 -52.61 -58.34
N PRO A 12 -18.63 -51.54 -58.91
CA PRO A 12 -18.55 -51.40 -60.38
C PRO A 12 -17.11 -51.40 -60.90
N ASP A 13 -16.23 -50.60 -60.31
CA ASP A 13 -14.82 -50.58 -60.67
C ASP A 13 -14.04 -50.57 -59.36
N PRO A 14 -12.99 -51.38 -59.22
CA PRO A 14 -12.20 -51.33 -58.00
C PRO A 14 -11.19 -50.21 -58.02
N LEU A 15 -10.95 -49.60 -59.18
CA LEU A 15 -10.06 -48.44 -59.22
C LEU A 15 -10.73 -47.17 -58.72
N ASP A 16 -11.97 -46.92 -59.11
CA ASP A 16 -12.59 -45.63 -58.81
C ASP A 16 -12.97 -45.53 -57.34
N LEU A 17 -13.33 -44.32 -56.94
CA LEU A 17 -13.70 -44.03 -55.57
C LEU A 17 -15.18 -43.75 -55.44
N PRO A 18 -15.85 -44.31 -54.43
CA PRO A 18 -17.22 -43.89 -54.14
C PRO A 18 -17.24 -42.49 -53.59
N LEU A 19 -18.36 -41.80 -53.77
CA LEU A 19 -18.48 -40.40 -53.41
C LEU A 19 -19.35 -40.26 -52.16
N ARG A 20 -18.77 -39.69 -51.11
CA ARG A 20 -19.47 -39.42 -49.85
C ARG A 20 -19.50 -37.92 -49.66
N ALA A 21 -20.69 -37.34 -49.61
CA ALA A 21 -20.87 -35.90 -49.53
C ALA A 21 -21.29 -35.51 -48.12
N VAL A 22 -20.43 -34.80 -47.42
CA VAL A 22 -20.72 -34.27 -46.09
C VAL A 22 -20.90 -32.77 -46.19
N GLU A 23 -21.92 -32.26 -45.51
CA GLU A 23 -22.31 -30.86 -45.59
C GLU A 23 -21.97 -30.16 -44.29
N LEU A 24 -21.24 -29.06 -44.39
CA LEU A 24 -20.73 -28.34 -43.22
C LEU A 24 -21.27 -26.93 -43.16
N GLY A 25 -22.13 -26.65 -42.19
CA GLY A 25 -22.59 -25.30 -41.95
C GLY A 25 -23.71 -24.88 -42.88
N CYS A 26 -24.33 -23.74 -42.53
CA CYS A 26 -25.44 -23.25 -43.34
C CYS A 26 -24.96 -22.56 -44.60
N THR A 27 -23.91 -21.75 -44.50
CA THR A 27 -23.25 -21.24 -45.69
C THR A 27 -22.53 -22.38 -46.41
N GLY A 28 -22.73 -22.47 -47.72
CA GLY A 28 -22.33 -23.64 -48.48
C GLY A 28 -20.89 -24.04 -48.35
N HIS A 29 -20.64 -25.20 -47.74
CA HIS A 29 -19.29 -25.72 -47.60
C HIS A 29 -19.39 -27.24 -47.50
N TRP A 30 -19.09 -27.93 -48.59
CA TRP A 30 -19.17 -29.39 -48.64
C TRP A 30 -17.78 -30.02 -48.71
N GLU A 31 -17.73 -31.29 -48.32
CA GLU A 31 -16.50 -32.05 -48.40
C GLU A 31 -16.80 -33.49 -48.81
N LEU A 32 -15.76 -34.18 -49.26
CA LEU A 32 -15.85 -35.54 -49.77
C LEU A 32 -15.12 -36.50 -48.84
N LEU A 33 -15.88 -37.39 -48.21
CA LEU A 33 -15.38 -38.50 -47.41
C LEU A 33 -15.05 -39.71 -48.29
N ASN A 34 -14.27 -40.63 -47.73
CA ASN A 34 -13.78 -41.81 -48.45
C ASN A 34 -14.70 -43.02 -48.27
N LEU A 35 -14.91 -43.43 -47.03
CA LEU A 35 -15.67 -44.64 -46.77
C LEU A 35 -17.13 -44.49 -47.19
N PRO A 36 -17.72 -45.53 -47.78
CA PRO A 36 -19.12 -45.44 -48.22
C PRO A 36 -20.12 -45.57 -47.08
N GLY A 37 -21.17 -44.76 -47.15
CA GLY A 37 -22.19 -44.77 -46.13
C GLY A 37 -23.23 -43.71 -46.42
N ALA A 38 -23.99 -43.35 -45.38
CA ALA A 38 -25.05 -42.38 -45.56
C ALA A 38 -24.46 -41.00 -45.85
N PRO A 39 -25.25 -40.07 -46.39
CA PRO A 39 -24.71 -38.74 -46.69
C PRO A 39 -24.20 -37.98 -45.46
N GLU A 40 -24.83 -38.14 -44.30
CA GLU A 40 -24.27 -37.66 -43.03
C GLU A 40 -23.92 -36.18 -43.07
N SER A 41 -24.95 -35.35 -43.23
CA SER A 41 -24.75 -33.91 -43.11
C SER A 41 -24.53 -33.50 -41.65
N SER A 42 -23.89 -32.35 -41.48
CA SER A 42 -23.71 -31.74 -40.18
C SER A 42 -24.85 -30.77 -39.88
N LEU A 43 -25.18 -30.63 -38.60
CA LEU A 43 -26.35 -29.90 -38.14
C LEU A 43 -27.55 -30.32 -38.98
N PRO A 44 -28.01 -31.55 -38.81
CA PRO A 44 -29.13 -32.03 -39.62
C PRO A 44 -30.42 -31.25 -39.40
N HIS A 45 -30.67 -30.79 -38.19
CA HIS A 45 -31.92 -30.11 -37.92
C HIS A 45 -31.84 -28.60 -38.08
N GLY A 46 -30.69 -28.07 -38.48
CA GLY A 46 -30.57 -26.64 -38.69
C GLY A 46 -29.92 -25.95 -37.51
N LEU A 47 -29.82 -24.63 -37.64
CA LEU A 47 -29.21 -23.86 -36.57
C LEU A 47 -30.14 -23.83 -35.36
N PRO A 48 -29.60 -23.90 -34.15
CA PRO A 48 -30.41 -23.73 -32.95
C PRO A 48 -30.92 -22.31 -32.82
N PRO A 49 -32.17 -22.14 -32.40
CA PRO A 49 -32.74 -20.79 -32.23
C PRO A 49 -32.11 -20.08 -31.04
N CYS A 50 -31.42 -18.97 -31.30
CA CYS A 50 -30.64 -18.34 -30.24
C CYS A 50 -31.30 -17.14 -29.59
N ALA A 51 -32.29 -16.51 -30.20
CA ALA A 51 -32.94 -15.35 -29.58
C ALA A 51 -34.31 -15.18 -30.21
N PRO A 52 -35.22 -14.46 -29.56
CA PRO A 52 -36.52 -14.21 -30.18
C PRO A 52 -36.41 -13.18 -31.28
N ASP A 53 -37.39 -13.21 -32.17
CA ASP A 53 -37.43 -12.26 -33.27
C ASP A 53 -37.79 -10.86 -32.76
N LEU A 54 -37.48 -9.87 -33.59
CA LEU A 54 -37.59 -8.47 -33.18
C LEU A 54 -39.01 -8.11 -32.74
N GLN A 55 -40.02 -8.54 -33.49
CA GLN A 55 -41.37 -8.05 -33.25
C GLN A 55 -41.87 -8.43 -31.86
N GLN A 56 -41.79 -9.71 -31.51
CA GLN A 56 -42.25 -10.11 -30.19
C GLN A 56 -41.35 -9.55 -29.09
N GLU A 57 -40.07 -9.37 -29.38
CA GLU A 57 -39.20 -8.73 -28.40
C GLU A 57 -39.69 -7.34 -28.05
N ALA A 58 -40.01 -6.54 -29.07
CA ALA A 58 -40.53 -5.20 -28.82
C ALA A 58 -41.88 -5.26 -28.12
N GLU A 59 -42.74 -6.19 -28.54
CA GLU A 59 -44.05 -6.28 -27.92
C GLU A 59 -43.94 -6.58 -26.43
N GLN A 60 -43.07 -7.51 -26.05
CA GLN A 60 -42.84 -7.74 -24.63
C GLN A 60 -42.19 -6.54 -23.96
N LEU A 61 -41.22 -5.92 -24.61
CA LEU A 61 -40.47 -4.86 -23.97
C LEU A 61 -41.35 -3.66 -23.63
N PHE A 62 -42.36 -3.38 -24.45
CA PHE A 62 -43.17 -2.18 -24.21
C PHE A 62 -44.59 -2.47 -23.72
N LEU A 63 -45.27 -3.48 -24.25
CA LEU A 63 -46.67 -3.71 -23.91
C LEU A 63 -46.87 -4.86 -22.93
N SER A 64 -45.84 -5.27 -22.21
CA SER A 64 -46.04 -6.33 -21.22
C SER A 64 -46.80 -5.82 -20.01
N SER A 65 -46.43 -4.66 -19.50
CA SER A 65 -47.07 -4.07 -18.33
C SER A 65 -46.71 -2.60 -18.29
N PRO A 66 -47.41 -1.79 -17.51
CA PRO A 66 -47.04 -0.39 -17.38
C PRO A 66 -45.93 -0.10 -16.39
N ALA A 67 -45.26 -1.13 -15.87
CA ALA A 67 -44.24 -0.91 -14.85
C ALA A 67 -43.11 -0.03 -15.35
N TRP A 68 -42.72 -0.20 -16.61
CA TRP A 68 -41.57 0.51 -17.13
C TRP A 68 -41.76 2.02 -17.20
N LEU A 69 -42.98 2.51 -17.04
CA LEU A 69 -43.22 3.94 -17.20
C LEU A 69 -42.50 4.75 -16.13
N PRO A 70 -42.06 5.96 -16.47
CA PRO A 70 -41.49 6.85 -15.45
C PRO A 70 -42.47 7.20 -14.37
N LEU A 71 -43.73 6.79 -14.52
CA LEU A 71 -44.75 7.10 -13.54
C LEU A 71 -44.57 6.27 -12.29
N HIS A 72 -44.01 5.07 -12.44
CA HIS A 72 -43.92 4.12 -11.35
C HIS A 72 -42.51 3.99 -10.82
N GLY A 73 -41.62 4.92 -11.16
CA GLY A 73 -40.23 4.80 -10.82
C GLY A 73 -39.94 5.12 -9.37
N VAL A 74 -38.67 4.94 -9.00
CA VAL A 74 -38.25 5.25 -7.64
C VAL A 74 -38.34 6.73 -7.36
N GLU A 75 -38.10 7.55 -8.37
CA GLU A 75 -38.30 8.98 -8.22
C GLU A 75 -39.80 9.21 -8.39
N HIS A 76 -40.22 10.46 -8.55
CA HIS A 76 -41.62 10.78 -8.78
C HIS A 76 -42.45 10.56 -7.52
N SER A 77 -41.83 10.71 -6.36
CA SER A 77 -42.54 10.73 -5.08
C SER A 77 -42.24 11.97 -4.26
N ALA A 78 -41.01 12.48 -4.32
CA ALA A 78 -40.58 13.66 -3.57
C ALA A 78 -40.85 13.50 -2.07
N ARG A 79 -40.21 12.50 -1.48
CA ARG A 79 -40.38 12.26 -0.06
C ARG A 79 -39.52 13.22 0.76
N LYS A 80 -39.91 13.40 2.01
CA LYS A 80 -39.23 14.32 2.92
C LYS A 80 -39.08 13.67 4.29
N TRP A 81 -38.05 14.09 5.03
CA TRP A 81 -37.83 13.63 6.39
C TRP A 81 -37.64 14.82 7.33
N GLN A 82 -37.81 14.56 8.62
CA GLN A 82 -37.63 15.57 9.65
C GLN A 82 -36.37 15.26 10.45
N ARG A 83 -35.67 16.31 10.87
CA ARG A 83 -34.37 16.20 11.51
C ARG A 83 -34.49 16.31 13.02
N LYS A 84 -33.86 15.38 13.74
CA LYS A 84 -33.92 15.35 15.21
C LYS A 84 -32.55 15.06 15.80
N THR A 85 -31.83 16.10 16.19
CA THR A 85 -30.54 15.94 16.87
C THR A 85 -30.73 15.54 18.33
N ASP A 86 -29.67 15.00 18.91
CA ASP A 86 -29.67 14.57 20.32
C ASP A 86 -28.29 14.66 20.93
N PRO A 87 -27.84 15.86 21.29
CA PRO A 87 -26.47 16.00 21.79
C PRO A 87 -26.27 15.50 23.20
N TRP A 88 -27.33 15.13 23.91
CA TRP A 88 -27.13 14.62 25.25
C TRP A 88 -26.49 13.26 25.23
N SER A 89 -26.60 12.56 24.10
CA SER A 89 -25.94 11.28 23.95
C SER A 89 -24.42 11.41 23.93
N LEU A 90 -23.89 12.61 23.63
CA LEU A 90 -22.44 12.76 23.53
C LEU A 90 -21.72 12.64 24.87
N LEU A 91 -22.43 12.73 25.99
CA LEU A 91 -21.76 12.68 27.28
C LEU A 91 -21.12 11.32 27.51
N ALA A 92 -19.84 11.33 27.88
CA ALA A 92 -19.05 10.13 28.08
C ALA A 92 -18.49 10.08 29.51
N VAL A 93 -18.67 8.95 30.17
CA VAL A 93 -18.12 8.70 31.50
C VAL A 93 -17.25 7.45 31.46
N LEU A 94 -16.03 7.56 31.97
CA LEU A 94 -15.10 6.45 31.98
C LEU A 94 -15.04 5.82 33.36
N GLY A 95 -14.74 4.51 33.41
CA GLY A 95 -14.74 3.78 34.66
C GLY A 95 -13.38 3.73 35.33
N ALA A 96 -13.40 3.48 36.64
CA ALA A 96 -12.18 3.43 37.42
C ALA A 96 -11.50 2.06 37.31
N PRO A 97 -10.18 2.01 37.49
CA PRO A 97 -9.47 0.72 37.39
C PRO A 97 -9.60 -0.07 38.68
N VAL A 98 -9.19 -1.34 38.61
CA VAL A 98 -9.27 -2.26 39.73
C VAL A 98 -8.03 -2.08 40.60
N PRO A 99 -8.17 -1.74 41.87
CA PRO A 99 -7.02 -1.58 42.76
C PRO A 99 -6.63 -2.85 43.52
N SER A 100 -6.37 -3.93 42.80
CA SER A 100 -5.94 -5.17 43.45
C SER A 100 -5.43 -6.14 42.40
N ASP A 101 -4.54 -7.03 42.81
CA ASP A 101 -3.89 -7.93 41.87
C ASP A 101 -3.83 -9.39 42.26
N LEU A 102 -4.04 -9.74 43.53
CA LEU A 102 -3.89 -11.13 43.96
C LEU A 102 -2.49 -11.65 43.59
N GLN A 103 -1.48 -11.04 44.20
CA GLN A 103 -0.09 -11.40 43.93
C GLN A 103 0.34 -12.66 44.69
N ALA A 104 1.33 -13.34 44.14
CA ALA A 104 1.81 -14.58 44.73
C ALA A 104 2.63 -14.31 45.97
N GLN A 105 2.89 -15.36 46.74
CA GLN A 105 3.79 -15.29 47.88
C GLN A 105 5.04 -16.10 47.58
N ARG A 106 6.10 -15.82 48.34
CA ARG A 106 7.38 -16.46 48.09
C ARG A 106 8.03 -16.87 49.41
N HIS A 107 8.44 -18.12 49.49
CA HIS A 107 9.20 -18.58 50.64
C HIS A 107 10.48 -17.75 50.76
N PRO A 108 10.79 -17.21 51.94
CA PRO A 108 11.90 -16.23 52.04
C PRO A 108 13.21 -16.75 51.50
N THR A 109 13.43 -18.06 51.47
CA THR A 109 14.62 -18.64 50.88
C THR A 109 14.17 -19.68 49.87
N THR A 110 14.80 -19.66 48.69
CA THR A 110 14.40 -20.52 47.58
C THR A 110 12.90 -20.37 47.34
N GLY A 111 12.51 -19.15 46.95
CA GLY A 111 11.12 -18.73 46.94
C GLY A 111 10.18 -19.72 46.28
N GLN A 112 9.15 -20.10 47.03
CA GLN A 112 8.11 -21.02 46.58
C GLN A 112 6.77 -20.42 46.95
N ILE A 113 5.78 -20.74 46.12
CA ILE A 113 4.48 -20.09 46.21
C ILE A 113 3.74 -20.68 47.42
N LEU A 114 3.76 -19.96 48.53
CA LEU A 114 2.97 -20.39 49.67
C LEU A 114 1.48 -20.27 49.35
N GLY A 115 1.05 -19.09 48.91
CA GLY A 115 -0.33 -18.81 48.59
C GLY A 115 -0.40 -17.47 47.87
N TYR A 116 -1.59 -17.18 47.35
CA TYR A 116 -1.82 -15.93 46.65
C TYR A 116 -2.61 -14.99 47.57
N LYS A 117 -2.06 -13.81 47.82
CA LYS A 117 -2.69 -12.81 48.68
C LYS A 117 -2.89 -11.53 47.88
N GLU A 118 -4.00 -10.84 48.13
CA GLU A 118 -4.31 -9.62 47.41
C GLU A 118 -3.63 -8.42 48.05
N VAL A 119 -3.05 -7.57 47.20
CA VAL A 119 -2.41 -6.34 47.64
C VAL A 119 -2.95 -5.19 46.79
N LEU A 120 -2.60 -3.98 47.17
CA LEU A 120 -3.06 -2.79 46.48
C LEU A 120 -2.07 -2.41 45.38
N LEU A 121 -2.59 -2.21 44.17
CA LEU A 121 -1.76 -1.64 43.14
C LEU A 121 -1.41 -0.20 43.49
N GLU A 122 -0.32 0.28 42.89
CA GLU A 122 0.21 1.60 43.20
C GLU A 122 0.42 2.49 42.00
N ASN A 123 0.50 1.95 40.79
CA ASN A 123 0.79 2.75 39.62
C ASN A 123 -0.37 2.68 38.64
N THR A 124 -1.59 2.79 39.16
CA THR A 124 -2.77 2.97 38.35
C THR A 124 -2.95 4.46 38.11
N ASN A 125 -4.05 4.83 37.44
CA ASN A 125 -4.34 6.23 37.10
C ASN A 125 -3.13 6.87 36.41
N LEU A 126 -2.33 6.02 35.77
CA LEU A 126 -1.17 6.40 35.00
C LEU A 126 -1.45 6.00 33.56
N SER A 127 -1.11 6.87 32.61
CA SER A 127 -1.45 6.57 31.22
C SER A 127 -0.29 6.83 30.27
N ALA A 128 -0.44 6.26 29.06
CA ALA A 128 0.59 6.33 28.05
C ALA A 128 0.69 7.70 27.39
N THR A 129 -0.36 8.51 27.48
CA THR A 129 -0.36 9.82 26.83
C THR A 129 -0.28 10.96 27.83
N THR A 130 -0.08 10.64 29.10
CA THR A 130 0.08 11.67 30.13
C THR A 130 1.20 11.35 31.10
N SER A 131 2.03 10.36 30.81
CA SER A 131 3.08 9.99 31.75
C SER A 131 4.30 9.48 31.02
N LEU A 132 5.47 9.86 31.52
CA LEU A 132 6.73 9.48 30.92
C LEU A 132 7.54 8.69 31.95
N SER A 133 7.19 7.43 32.12
CA SER A 133 7.91 6.55 33.02
C SER A 133 7.79 5.14 32.49
N LEU A 134 8.64 4.25 32.96
CA LEU A 134 8.50 2.86 32.54
C LEU A 134 7.65 2.08 33.52
N ARG A 135 6.48 2.63 33.84
CA ARG A 135 5.49 1.92 34.63
C ARG A 135 4.11 2.05 34.01
N ARG A 136 3.95 2.88 33.00
CA ARG A 136 2.67 3.15 32.40
C ARG A 136 2.19 1.96 31.61
N PRO A 137 0.88 1.84 31.42
CA PRO A 137 0.34 0.77 30.60
C PRO A 137 1.01 0.73 29.24
N PRO A 138 1.10 -0.43 28.61
CA PRO A 138 1.95 -0.56 27.43
C PRO A 138 1.61 0.42 26.32
N GLY A 139 0.38 0.44 25.87
CA GLY A 139 0.00 1.33 24.81
C GLY A 139 -1.41 1.04 24.36
N PRO A 140 -1.85 1.73 23.31
CA PRO A 140 -3.22 1.50 22.83
C PRO A 140 -3.40 0.08 22.33
N ALA A 141 -2.57 -0.31 21.39
CA ALA A 141 -2.59 -1.65 20.79
C ALA A 141 -1.32 -1.78 19.97
N SER A 142 -1.21 -2.88 19.22
CA SER A 142 -0.25 -2.91 18.12
C SER A 142 -0.48 -1.69 17.24
N GLN A 143 0.58 -0.93 17.00
CA GLN A 143 0.41 0.42 16.51
C GLN A 143 1.60 0.78 15.63
N SER A 144 1.43 1.84 14.86
CA SER A 144 2.52 2.35 14.05
C SER A 144 3.74 2.61 14.92
N LEU A 145 4.90 2.16 14.45
CA LEU A 145 6.10 2.25 15.27
C LEU A 145 6.47 3.70 15.55
N TRP A 146 6.47 4.55 14.53
CA TRP A 146 6.82 5.95 14.72
C TRP A 146 5.71 6.84 14.17
N GLY A 147 5.95 8.15 14.19
CA GLY A 147 4.97 9.11 13.69
C GLY A 147 3.67 9.19 14.45
N ASN A 148 3.72 9.18 15.78
CA ASN A 148 2.52 9.18 16.63
C ASN A 148 2.48 10.38 17.55
N PRO A 149 1.73 11.43 17.22
CA PRO A 149 1.47 12.48 18.21
C PRO A 149 0.57 11.94 19.31
N THR A 150 0.49 12.71 20.40
CA THR A 150 -0.26 12.33 21.58
C THR A 150 0.25 11.00 22.16
N GLN A 151 1.54 10.99 22.47
CA GLN A 151 2.12 9.92 23.27
C GLN A 151 3.44 10.41 23.82
N TYR A 152 3.76 9.95 25.01
CA TYR A 152 4.85 10.57 25.73
C TYR A 152 6.11 9.71 25.66
N PRO A 153 7.24 10.34 25.40
CA PRO A 153 8.51 9.61 25.43
C PRO A 153 8.90 9.31 26.87
N PHE A 154 9.78 8.35 27.04
CA PHE A 154 10.28 8.04 28.36
C PHE A 154 11.32 9.09 28.77
N TRP A 155 11.74 9.03 30.03
CA TRP A 155 12.61 10.07 30.55
C TRP A 155 13.95 10.06 29.81
N PRO A 156 14.48 11.22 29.45
CA PRO A 156 15.63 11.26 28.55
C PRO A 156 16.95 10.83 29.15
N GLY A 157 16.93 10.24 30.34
CA GLY A 157 18.12 9.60 30.89
C GLY A 157 18.97 10.49 31.76
N GLY A 158 19.19 11.72 31.34
CA GLY A 158 19.81 12.64 32.27
C GLY A 158 18.81 13.33 33.17
N MET A 159 17.55 12.95 33.08
CA MET A 159 16.45 13.61 33.78
C MET A 159 15.61 12.56 34.48
N ASP A 160 15.33 12.77 35.76
CA ASP A 160 14.48 11.84 36.52
C ASP A 160 13.17 12.48 36.95
N GLU A 161 13.25 13.62 37.64
CA GLU A 161 12.11 14.47 37.97
C GLU A 161 10.99 13.68 38.64
N PRO A 162 11.35 13.13 39.79
CA PRO A 162 10.38 12.55 40.72
C PRO A 162 10.92 12.89 42.10
N THR A 163 10.31 13.86 42.75
CA THR A 163 10.68 14.24 44.11
C THR A 163 9.43 14.82 44.73
N ILE A 164 8.74 14.02 45.55
CA ILE A 164 7.57 14.48 46.28
C ILE A 164 7.20 13.41 47.28
N THR A 165 6.63 13.85 48.40
CA THR A 165 6.14 12.96 49.45
C THR A 165 4.63 13.01 49.59
N ASP A 166 4.05 14.20 49.74
CA ASP A 166 2.62 14.36 49.86
C ASP A 166 2.08 13.41 50.94
N LEU A 167 2.57 13.63 52.16
CA LEU A 167 2.34 12.67 53.23
C LEU A 167 1.04 13.02 53.94
N ASN A 168 -0.04 12.42 53.44
CA ASN A 168 -1.29 12.29 54.17
C ASN A 168 -1.61 10.84 54.46
N THR A 169 -1.59 9.99 53.43
CA THR A 169 -1.62 8.53 53.58
C THR A 169 -2.82 8.08 54.39
N ARG A 170 -3.88 8.88 54.35
CA ARG A 170 -5.08 8.58 55.11
C ARG A 170 -5.99 7.61 54.36
N GLU A 171 -6.99 7.12 55.08
CA GLU A 171 -8.01 6.24 54.55
C GLU A 171 -9.40 6.82 54.75
N GLU A 172 -9.54 7.81 55.62
CA GLU A 172 -10.77 8.54 55.88
C GLU A 172 -10.50 9.99 55.57
N ALA A 173 -9.85 10.24 54.43
CA ALA A 173 -9.20 11.49 54.11
C ALA A 173 -10.17 12.54 53.60
N GLU A 174 -11.46 12.34 53.87
CA GLU A 174 -12.51 13.24 53.41
C GLU A 174 -12.21 14.68 53.82
N GLU A 175 -12.00 15.54 52.83
CA GLU A 175 -11.52 16.90 53.09
C GLU A 175 -12.64 17.88 53.35
N GLU A 176 -13.89 17.43 53.36
CA GLU A 176 -15.04 18.30 53.57
C GLU A 176 -15.07 19.42 52.53
N ILE A 177 -15.17 19.02 51.27
CA ILE A 177 -15.31 19.98 50.19
C ILE A 177 -16.74 20.52 50.19
N ASP A 178 -16.86 21.80 49.92
CA ASP A 178 -18.17 22.44 49.81
C ASP A 178 -18.69 22.33 48.39
N PHE A 179 -19.89 21.79 48.24
CA PHE A 179 -20.47 21.58 46.92
C PHE A 179 -21.51 22.62 46.55
N GLU A 180 -21.82 23.57 47.43
CA GLU A 180 -22.84 24.55 47.08
C GLU A 180 -22.55 25.98 47.47
N LYS A 181 -21.39 26.29 48.06
CA LYS A 181 -21.24 27.65 48.56
C LYS A 181 -20.81 28.63 47.49
N ASP A 182 -19.63 28.43 46.91
CA ASP A 182 -19.09 29.32 45.89
C ASP A 182 -18.52 28.48 44.75
N LEU A 183 -19.26 28.40 43.65
CA LEU A 183 -18.93 27.48 42.58
C LEU A 183 -18.20 28.27 41.50
N LEU A 184 -17.01 27.82 41.09
CA LEU A 184 -16.24 28.55 40.11
C LEU A 184 -16.70 28.23 38.70
N THR A 185 -16.96 29.28 37.91
CA THR A 185 -17.62 29.20 36.62
C THR A 185 -16.80 29.92 35.56
N ILE A 186 -15.51 29.64 35.50
CA ILE A 186 -14.66 30.18 34.44
C ILE A 186 -13.78 29.07 33.92
N PRO A 187 -13.94 28.67 32.65
CA PRO A 187 -13.09 27.61 32.10
C PRO A 187 -11.66 28.08 32.01
N PRO A 188 -10.70 27.16 32.10
CA PRO A 188 -9.29 27.57 32.04
C PRO A 188 -8.91 28.00 30.65
N GLY A 189 -8.76 29.31 30.45
CA GLY A 189 -8.39 29.87 29.16
C GLY A 189 -9.43 30.81 28.60
N PHE A 190 -10.68 30.73 29.08
CA PHE A 190 -11.75 31.56 28.56
C PHE A 190 -11.88 32.83 29.38
N LYS A 191 -12.81 33.69 28.95
CA LYS A 191 -13.08 34.92 29.69
C LYS A 191 -14.35 34.87 30.51
N LYS A 192 -15.34 34.09 30.10
CA LYS A 192 -16.57 34.01 30.86
C LYS A 192 -17.20 32.65 30.68
N GLY A 193 -17.90 32.20 31.71
CA GLY A 193 -18.58 30.92 31.70
C GLY A 193 -20.05 31.10 31.42
N MET A 194 -20.88 30.55 32.29
CA MET A 194 -22.32 30.72 32.22
C MET A 194 -22.90 30.84 33.62
N ASP A 195 -23.93 31.65 33.76
CA ASP A 195 -24.57 31.88 35.05
C ASP A 195 -25.85 31.04 35.04
N PHE A 196 -25.86 29.98 35.84
CA PHE A 196 -27.04 29.15 36.01
C PHE A 196 -27.73 29.49 37.33
N ALA A 197 -29.05 29.34 37.34
CA ALA A 197 -29.78 29.64 38.56
C ALA A 197 -29.44 28.58 39.62
N PRO A 198 -29.34 28.97 40.88
CA PRO A 198 -29.04 28.00 41.94
C PRO A 198 -30.19 27.02 42.16
N LYS A 199 -29.83 25.80 42.57
CA LYS A 199 -30.82 24.78 42.91
C LYS A 199 -30.87 24.64 44.43
N ASP A 200 -32.07 24.79 44.99
CA ASP A 200 -32.24 24.75 46.44
C ASP A 200 -32.34 23.30 46.93
N CYS A 201 -32.70 23.15 48.21
CA CYS A 201 -32.82 21.86 48.91
C CYS A 201 -31.70 20.89 48.58
N ALA A 205 -25.92 10.67 54.62
CA ALA A 205 -26.89 10.07 55.52
C ALA A 205 -27.74 9.03 54.78
N PRO A 206 -27.10 7.96 54.34
CA PRO A 206 -27.79 6.90 53.61
C PRO A 206 -27.51 5.55 54.26
N GLY A 207 -28.06 4.50 53.66
CA GLY A 207 -27.94 3.15 54.19
C GLY A 207 -28.04 2.16 53.03
N LEU A 208 -27.33 1.04 53.16
CA LEU A 208 -27.38 -0.02 52.18
C LEU A 208 -27.03 -1.34 52.86
N LEU A 209 -27.30 -2.43 52.16
CA LEU A 209 -27.06 -3.77 52.70
C LEU A 209 -25.57 -4.06 52.88
N LEU A 251 20.68 -24.43 78.50
CA LEU A 251 22.03 -24.24 79.03
C LEU A 251 22.24 -22.81 79.51
N ALA A 252 22.97 -22.67 80.60
CA ALA A 252 23.31 -21.35 81.15
C ALA A 252 24.79 -21.01 81.01
N ARG A 253 25.69 -21.88 81.49
CA ARG A 253 27.11 -21.62 81.35
C ARG A 253 27.61 -21.95 79.95
N ALA A 254 27.08 -23.01 79.33
CA ALA A 254 27.49 -23.33 77.97
C ALA A 254 26.97 -22.30 76.97
N SER A 255 25.79 -21.73 77.24
CA SER A 255 25.25 -20.70 76.35
C SER A 255 26.16 -19.48 76.33
N SER A 256 26.58 -19.01 77.52
CA SER A 256 27.50 -17.90 77.58
C SER A 256 28.87 -18.27 77.02
N LEU A 257 29.34 -19.49 77.29
CA LEU A 257 30.64 -19.91 76.80
C LEU A 257 30.68 -20.03 75.29
N GLU A 258 29.52 -20.17 74.65
CA GLU A 258 29.44 -20.15 73.19
C GLU A 258 29.21 -18.75 72.64
N ASP A 259 28.40 -17.94 73.33
CA ASP A 259 28.10 -16.59 72.85
C ASP A 259 29.25 -15.61 73.05
N LEU A 260 30.16 -15.88 73.99
CA LEU A 260 31.34 -15.04 74.12
C LEU A 260 32.37 -15.34 73.05
N VAL A 261 32.45 -16.59 72.59
CA VAL A 261 33.31 -16.96 71.48
C VAL A 261 32.73 -16.54 70.14
N LEU A 262 31.40 -16.59 70.00
CA LEU A 262 30.78 -16.22 68.73
C LEU A 262 30.90 -14.73 68.43
N LYS A 263 31.04 -13.90 69.47
CA LYS A 263 31.17 -12.46 69.28
C LYS A 263 32.41 -11.92 69.98
N GLU A 281 35.94 14.16 39.45
CA GLU A 281 35.53 13.01 38.63
C GLU A 281 36.25 13.02 37.28
N GLN A 282 36.22 11.88 36.60
CA GLN A 282 36.91 11.74 35.33
C GLN A 282 35.96 11.46 34.16
N TRP A 283 35.02 10.52 34.31
CA TRP A 283 33.95 10.25 33.35
C TRP A 283 34.43 9.68 32.02
N ALA A 284 35.73 9.49 31.83
CA ALA A 284 36.21 8.91 30.57
C ALA A 284 37.55 8.26 30.84
N ILE A 285 37.59 6.93 30.81
CA ILE A 285 38.76 6.17 31.24
C ILE A 285 39.52 5.74 29.99
N PRO A 286 40.71 6.26 29.75
CA PRO A 286 41.49 5.92 28.56
C PRO A 286 42.24 4.61 28.76
N VAL A 287 41.53 3.49 28.57
CA VAL A 287 42.14 2.19 28.83
C VAL A 287 43.33 2.00 27.88
N ASP A 288 44.43 1.49 28.43
CA ASP A 288 45.66 1.39 27.66
C ASP A 288 45.46 0.49 26.45
N ALA A 289 46.03 0.90 25.32
CA ALA A 289 45.76 0.20 24.07
C ALA A 289 46.34 -1.21 24.07
N THR A 290 47.56 -1.37 24.56
CA THR A 290 48.32 -2.59 24.31
C THR A 290 48.71 -3.37 25.55
N SER A 291 48.94 -2.70 26.68
CA SER A 291 49.58 -3.37 27.80
C SER A 291 48.68 -4.35 28.55
N PRO A 292 47.46 -3.99 28.97
CA PRO A 292 46.85 -4.73 30.09
C PRO A 292 46.54 -6.20 29.83
N VAL A 293 45.85 -6.53 28.74
CA VAL A 293 45.21 -7.84 28.65
C VAL A 293 46.25 -8.93 28.42
N GLY A 294 46.29 -9.89 29.33
CA GLY A 294 47.07 -11.09 29.14
C GLY A 294 46.23 -12.35 29.27
N ASP A 295 45.12 -12.25 29.99
CA ASP A 295 44.31 -13.42 30.33
C ASP A 295 42.87 -13.18 29.89
N PHE A 296 42.58 -13.55 28.65
CA PHE A 296 41.25 -13.43 28.09
C PHE A 296 40.37 -14.65 28.28
N TYR A 297 40.93 -15.82 28.60
CA TYR A 297 40.14 -17.03 28.67
C TYR A 297 39.97 -17.60 30.06
N ARG A 298 40.80 -17.19 31.03
CA ARG A 298 40.54 -17.61 32.40
C ARG A 298 39.18 -17.10 32.86
N LEU A 299 38.89 -15.84 32.64
CA LEU A 299 37.55 -15.31 32.71
C LEU A 299 36.99 -15.24 31.30
N ILE A 300 35.67 -15.15 31.21
CA ILE A 300 34.97 -15.37 29.95
C ILE A 300 35.40 -16.74 29.42
N PRO A 301 35.00 -17.83 30.07
CA PRO A 301 35.30 -19.15 29.51
C PRO A 301 34.25 -19.63 28.53
N GLN A 302 33.08 -18.97 28.47
CA GLN A 302 32.01 -19.32 27.56
C GLN A 302 31.63 -18.06 26.81
N PRO A 303 32.44 -17.65 25.83
CA PRO A 303 32.13 -16.43 25.10
C PRO A 303 30.84 -16.61 24.34
N ALA A 304 30.08 -15.53 24.22
CA ALA A 304 28.79 -15.67 23.56
C ALA A 304 28.93 -15.91 22.06
N PHE A 305 30.11 -15.72 21.49
CA PHE A 305 30.28 -15.95 20.08
C PHE A 305 31.69 -16.49 19.90
N GLN A 306 31.86 -17.43 18.98
CA GLN A 306 33.14 -18.08 18.74
C GLN A 306 33.53 -17.95 17.27
N TRP A 307 34.72 -17.44 17.03
CA TRP A 307 35.17 -17.15 15.67
C TRP A 307 35.94 -18.34 15.12
N ALA A 308 36.54 -18.17 13.94
CA ALA A 308 37.42 -19.18 13.37
C ALA A 308 38.88 -18.76 13.44
N PHE A 309 39.19 -17.80 14.30
CA PHE A 309 40.52 -17.20 14.38
C PHE A 309 40.62 -16.53 15.74
N GLU A 310 41.67 -15.75 15.93
CA GLU A 310 41.85 -15.15 17.24
C GLU A 310 41.50 -13.68 17.23
N PRO A 311 40.68 -13.25 18.19
CA PRO A 311 40.36 -11.82 18.30
C PRO A 311 41.58 -11.05 18.75
N ASP A 312 41.78 -9.87 18.16
CA ASP A 312 43.00 -9.14 18.44
C ASP A 312 42.95 -8.54 19.85
N VAL A 313 43.99 -7.79 20.18
CA VAL A 313 44.20 -7.38 21.57
C VAL A 313 43.13 -6.38 21.99
N PHE A 314 42.91 -5.37 21.15
CA PHE A 314 41.96 -4.32 21.51
C PHE A 314 40.53 -4.84 21.49
N GLN A 315 40.23 -5.77 20.58
CA GLN A 315 38.91 -6.38 20.59
C GLN A 315 38.72 -7.24 21.82
N LYS A 316 39.79 -7.88 22.28
CA LYS A 316 39.69 -8.65 23.52
C LYS A 316 39.44 -7.72 24.70
N GLN A 317 40.06 -6.55 24.71
CA GLN A 317 39.82 -5.62 25.80
C GLN A 317 38.40 -5.08 25.76
N ALA A 318 37.91 -4.82 24.54
CA ALA A 318 36.55 -4.32 24.38
C ALA A 318 35.53 -5.37 24.85
N ILE A 319 35.79 -6.64 24.58
CA ILE A 319 34.89 -7.68 25.07
C ILE A 319 34.98 -7.78 26.58
N LEU A 320 36.19 -7.61 27.11
CA LEU A 320 36.36 -7.67 28.55
C LEU A 320 35.55 -6.59 29.24
N HIS A 321 35.40 -5.44 28.61
CA HIS A 321 34.55 -4.39 29.18
C HIS A 321 33.09 -4.51 28.80
N LEU A 322 32.77 -5.15 27.68
CA LEU A 322 31.37 -5.36 27.35
C LEU A 322 30.74 -6.41 28.25
N GLU A 323 31.55 -7.24 28.90
CA GLU A 323 30.96 -8.23 29.79
C GLU A 323 30.32 -7.57 31.00
N ARG A 324 30.91 -6.48 31.48
CA ARG A 324 30.42 -5.81 32.68
C ARG A 324 29.34 -4.79 32.37
N HIS A 325 28.85 -4.76 31.13
CA HIS A 325 27.81 -3.81 30.71
C HIS A 325 28.28 -2.37 30.88
N ASP A 326 29.44 -2.08 30.30
CA ASP A 326 29.99 -0.74 30.22
C ASP A 326 29.64 -0.12 28.87
N SER A 327 30.20 1.06 28.59
CA SER A 327 29.86 1.82 27.38
C SER A 327 31.12 2.22 26.64
N VAL A 328 31.55 1.36 25.72
CA VAL A 328 32.77 1.58 24.96
C VAL A 328 32.57 2.66 23.90
N PHE A 329 33.70 3.23 23.43
CA PHE A 329 33.76 4.11 22.26
C PHE A 329 34.90 3.60 21.38
N VAL A 330 34.61 2.64 20.50
CA VAL A 330 35.66 2.14 19.61
C VAL A 330 35.99 3.17 18.55
N ALA A 331 37.30 3.34 18.32
CA ALA A 331 37.82 4.23 17.28
C ALA A 331 38.98 3.48 16.63
N ALA A 332 38.70 2.75 15.56
CA ALA A 332 39.72 1.92 14.93
C ALA A 332 40.05 2.41 13.52
N HIS A 333 40.97 1.69 12.89
CA HIS A 333 41.44 1.98 11.53
C HIS A 333 40.63 1.19 10.52
N THR A 334 40.63 -0.14 10.66
CA THR A 334 40.10 -1.01 9.63
C THR A 334 38.62 -1.28 9.88
N SER A 335 37.87 -1.28 8.79
CA SER A 335 36.42 -1.45 8.89
C SER A 335 36.04 -2.85 9.32
N ALA A 336 36.91 -3.83 9.11
CA ALA A 336 36.67 -5.23 9.44
C ALA A 336 37.03 -5.60 10.87
N GLY A 337 37.53 -4.67 11.67
CA GLY A 337 37.83 -4.99 13.05
C GLY A 337 36.75 -4.65 14.06
N LYS A 338 35.92 -3.67 13.73
CA LYS A 338 34.86 -3.23 14.63
C LYS A 338 33.68 -4.20 14.66
N THR A 339 33.41 -4.87 13.54
CA THR A 339 32.20 -5.67 13.52
C THR A 339 32.32 -6.91 14.39
N VAL A 340 33.50 -7.25 14.88
CA VAL A 340 33.59 -8.32 15.87
C VAL A 340 32.94 -7.89 17.17
N VAL A 341 33.17 -6.65 17.58
CA VAL A 341 32.48 -6.12 18.75
C VAL A 341 31.00 -5.97 18.45
N ALA A 342 30.69 -5.53 17.22
CA ALA A 342 29.30 -5.28 16.86
C ALA A 342 28.48 -6.54 16.77
N GLU A 343 29.10 -7.73 16.69
CA GLU A 343 28.31 -8.95 16.75
C GLU A 343 28.49 -9.71 18.05
N TYR A 344 29.53 -9.43 18.81
CA TYR A 344 29.53 -9.97 20.16
C TYR A 344 28.47 -9.30 21.01
N ALA A 345 28.19 -8.02 20.77
CA ALA A 345 27.13 -7.40 21.55
C ALA A 345 25.77 -8.01 21.21
N ILE A 346 25.59 -8.47 19.98
CA ILE A 346 24.31 -9.06 19.63
C ILE A 346 24.23 -10.48 20.14
N ALA A 347 25.36 -11.18 20.21
CA ALA A 347 25.33 -12.50 20.83
C ALA A 347 24.99 -12.39 22.30
N LEU A 348 25.55 -11.39 22.98
CA LEU A 348 25.19 -11.18 24.37
C LEU A 348 23.72 -10.80 24.52
N ALA A 349 23.19 -10.00 23.59
CA ALA A 349 21.80 -9.61 23.68
C ALA A 349 20.88 -10.81 23.50
N GLN A 350 21.20 -11.70 22.56
CA GLN A 350 20.37 -12.88 22.38
C GLN A 350 20.53 -13.83 23.55
N LYS A 351 21.66 -13.77 24.23
CA LYS A 351 21.85 -14.63 25.39
C LYS A 351 21.00 -14.17 26.55
N HIS A 352 20.81 -12.85 26.69
CA HIS A 352 20.08 -12.28 27.81
C HIS A 352 18.58 -12.16 27.55
N MET A 353 18.13 -12.53 26.36
CA MET A 353 16.74 -12.46 25.89
C MET A 353 16.30 -11.03 25.59
N THR A 354 17.16 -10.04 25.78
CA THR A 354 16.82 -8.64 25.55
C THR A 354 16.94 -8.32 24.06
N ARG A 355 16.91 -7.04 23.73
CA ARG A 355 16.88 -6.57 22.35
C ARG A 355 18.00 -5.57 22.12
N THR A 356 18.42 -5.45 20.86
CA THR A 356 19.51 -4.56 20.50
C THR A 356 19.20 -3.91 19.17
N ILE A 357 19.57 -2.63 19.04
CA ILE A 357 19.30 -1.85 17.84
C ILE A 357 20.62 -1.44 17.22
N TYR A 358 20.83 -1.83 15.97
CA TYR A 358 22.02 -1.43 15.22
C TYR A 358 21.56 -0.38 14.22
N THR A 359 22.16 0.79 14.27
CA THR A 359 21.66 1.94 13.53
C THR A 359 22.72 2.42 12.53
N SER A 360 22.33 2.48 11.26
CA SER A 360 23.24 2.93 10.24
C SER A 360 22.68 4.12 9.48
N PRO A 361 23.53 5.07 9.11
CA PRO A 361 23.04 6.30 8.49
C PRO A 361 22.65 6.13 7.04
N ILE A 362 23.39 5.30 6.33
CA ILE A 362 23.22 5.15 4.88
C ILE A 362 22.14 4.11 4.59
N LYS A 363 21.25 4.45 3.67
CA LYS A 363 20.16 3.55 3.34
C LYS A 363 20.68 2.30 2.66
N ALA A 364 21.74 2.44 1.88
CA ALA A 364 22.30 1.31 1.16
C ALA A 364 23.26 0.48 2.02
N LEU A 365 23.80 1.06 3.09
CA LEU A 365 24.68 0.30 3.98
C LEU A 365 23.91 -0.66 4.88
N SER A 366 22.65 -0.38 5.16
CA SER A 366 21.87 -1.20 6.07
C SER A 366 21.12 -2.30 5.37
N ASN A 367 21.60 -2.73 4.20
CA ASN A 367 21.03 -3.87 3.50
C ASN A 367 21.95 -5.08 3.56
N GLN A 368 23.22 -4.91 3.20
CA GLN A 368 24.16 -6.01 3.32
C GLN A 368 24.51 -6.30 4.76
N LYS A 369 24.46 -5.29 5.63
CA LYS A 369 24.63 -5.57 7.05
C LYS A 369 23.50 -6.44 7.55
N PHE A 370 22.28 -6.17 7.07
CA PHE A 370 21.14 -7.01 7.36
C PHE A 370 21.34 -8.42 6.84
N ARG A 371 21.85 -8.56 5.61
CA ARG A 371 22.04 -9.88 5.05
C ARG A 371 23.05 -10.66 5.89
N ASP A 372 24.13 -10.01 6.29
CA ASP A 372 25.19 -10.70 7.02
C ASP A 372 24.76 -11.01 8.44
N PHE A 373 23.90 -10.18 9.03
CA PHE A 373 23.46 -10.45 10.39
C PHE A 373 22.36 -11.50 10.41
N ARG A 374 21.57 -11.62 9.35
CA ARG A 374 20.63 -12.73 9.30
C ARG A 374 21.33 -14.02 8.99
N ASN A 375 22.39 -13.97 8.19
CA ASN A 375 23.14 -15.18 7.91
C ASN A 375 23.97 -15.62 9.10
N THR A 376 24.47 -14.69 9.90
CA THR A 376 25.36 -15.11 10.96
C THR A 376 24.60 -15.74 12.12
N PHE A 377 23.47 -15.19 12.50
CA PHE A 377 22.66 -15.80 13.55
C PHE A 377 21.23 -15.30 13.49
N GLY A 378 20.30 -16.24 13.50
CA GLY A 378 18.89 -16.04 13.79
C GLY A 378 18.15 -14.86 13.20
N ASP A 379 17.37 -14.19 14.04
CA ASP A 379 16.37 -13.22 13.60
C ASP A 379 16.92 -11.80 13.63
N VAL A 380 16.83 -11.13 12.49
CA VAL A 380 17.26 -9.74 12.37
C VAL A 380 16.24 -8.97 11.54
N GLY A 381 15.41 -8.16 12.19
CA GLY A 381 14.47 -7.36 11.45
C GLY A 381 15.13 -6.14 10.84
N LEU A 382 14.53 -5.61 9.79
CA LEU A 382 15.05 -4.41 9.15
C LEU A 382 13.96 -3.36 9.05
N LEU A 383 14.29 -2.13 9.40
CA LEU A 383 13.40 -0.98 9.26
C LEU A 383 14.13 0.14 8.54
N THR A 384 13.51 0.65 7.48
CA THR A 384 14.01 1.82 6.77
C THR A 384 12.80 2.61 6.31
N GLY A 385 13.04 3.58 5.42
CA GLY A 385 11.95 4.41 4.94
C GLY A 385 10.84 3.61 4.30
N ASP A 386 11.18 2.52 3.62
CA ASP A 386 10.17 1.71 2.95
C ASP A 386 10.16 0.24 3.36
N VAL A 387 11.31 -0.38 3.60
CA VAL A 387 11.33 -1.77 4.06
C VAL A 387 10.92 -1.87 5.52
N GLN A 388 10.12 -2.88 5.85
CA GLN A 388 9.79 -3.17 7.24
C GLN A 388 9.80 -4.68 7.53
N LEU A 389 10.80 -5.40 7.02
CA LEU A 389 10.88 -6.84 7.25
C LEU A 389 10.95 -7.18 8.73
N HIS A 390 9.95 -7.93 9.20
CA HIS A 390 9.92 -8.50 10.55
C HIS A 390 10.22 -7.47 11.63
N PRO A 391 9.35 -6.54 11.87
CA PRO A 391 9.58 -5.58 12.96
C PRO A 391 9.25 -6.14 14.33
N GLU A 392 9.69 -7.36 14.59
CA GLU A 392 9.54 -7.98 15.88
C GLU A 392 10.77 -8.76 16.30
N ALA A 393 11.84 -8.69 15.52
CA ALA A 393 13.03 -9.50 15.77
C ALA A 393 13.83 -8.87 16.89
N SER A 394 15.05 -9.35 17.10
CA SER A 394 15.88 -8.85 18.20
C SER A 394 17.16 -8.18 17.73
N CYS A 395 17.27 -7.84 16.45
CA CYS A 395 18.42 -7.12 15.95
C CYS A 395 17.99 -6.06 14.95
N LEU A 396 16.96 -5.30 15.27
CA LEU A 396 16.41 -4.33 14.32
C LEU A 396 17.50 -3.41 13.78
N ILE A 397 17.54 -3.27 12.47
CA ILE A 397 18.47 -2.38 11.80
C ILE A 397 17.70 -1.22 11.18
N MET A 398 18.07 0.00 11.53
CA MET A 398 17.29 1.17 11.18
C MET A 398 18.22 2.30 10.78
N THR A 399 17.64 3.33 10.17
CA THR A 399 18.34 4.60 9.99
C THR A 399 18.03 5.53 11.14
N THR A 400 19.04 6.32 11.53
CA THR A 400 18.96 7.08 12.77
C THR A 400 17.75 7.98 12.82
N GLU A 401 17.24 8.42 11.67
CA GLU A 401 16.03 9.24 11.73
C GLU A 401 14.80 8.45 12.13
N ILE A 402 14.87 7.13 12.09
CA ILE A 402 13.74 6.35 12.55
C ILE A 402 13.86 6.11 14.05
N LEU A 403 15.07 5.95 14.54
CA LEU A 403 15.23 5.87 15.99
C LEU A 403 14.92 7.21 16.63
N ARG A 404 15.29 8.30 15.96
CA ARG A 404 14.93 9.62 16.46
C ARG A 404 13.43 9.83 16.40
N SER A 405 12.74 9.16 15.47
CA SER A 405 11.31 9.38 15.41
C SER A 405 10.55 8.50 16.38
N MET A 406 11.10 7.36 16.76
CA MET A 406 10.44 6.52 17.74
C MET A 406 11.02 6.69 19.13
N LEU A 407 11.92 7.66 19.31
CA LEU A 407 12.25 8.13 20.66
C LEU A 407 11.34 9.24 21.10
N TYR A 408 10.83 10.05 20.17
CA TYR A 408 9.92 11.12 20.54
C TYR A 408 8.57 10.58 20.99
N SER A 409 8.09 9.52 20.35
CA SER A 409 7.03 8.73 20.93
C SER A 409 7.62 7.58 21.73
N GLY A 410 6.76 6.78 22.35
CA GLY A 410 7.28 5.69 23.15
C GLY A 410 7.70 4.52 22.30
N SER A 411 6.75 3.95 21.56
CA SER A 411 7.00 2.90 20.58
C SER A 411 7.30 1.56 21.24
N ASP A 412 7.45 1.55 22.56
CA ASP A 412 7.41 0.31 23.34
C ASP A 412 8.50 -0.67 22.95
N VAL A 413 9.38 -0.28 22.03
CA VAL A 413 10.58 -1.07 21.79
C VAL A 413 11.67 -0.67 22.77
N ILE A 414 11.70 0.60 23.16
CA ILE A 414 12.68 1.09 24.12
C ILE A 414 12.57 0.37 25.45
N ARG A 415 11.46 -0.31 25.70
CA ARG A 415 11.31 -1.01 26.97
C ARG A 415 12.18 -2.25 27.09
N ASP A 416 12.77 -2.74 26.00
CA ASP A 416 13.45 -4.03 26.00
C ASP A 416 14.89 -3.95 25.52
N LEU A 417 15.42 -2.76 25.31
CA LEU A 417 16.76 -2.60 24.77
C LEU A 417 17.81 -2.89 25.82
N GLU A 418 18.96 -3.36 25.36
CA GLU A 418 20.18 -3.31 26.14
C GLU A 418 21.25 -2.44 25.51
N TRP A 419 21.55 -2.66 24.23
CA TRP A 419 22.63 -1.97 23.54
C TRP A 419 22.10 -1.17 22.37
N VAL A 420 22.70 -0.01 22.14
CA VAL A 420 22.48 0.75 20.92
C VAL A 420 23.83 0.94 20.25
N ILE A 421 23.99 0.31 19.09
CA ILE A 421 25.26 0.27 18.39
C ILE A 421 25.27 1.37 17.33
N PHE A 422 25.72 2.56 17.71
CA PHE A 422 25.96 3.63 16.74
C PHE A 422 27.15 3.26 15.87
N ASP A 423 26.93 3.10 14.56
CA ASP A 423 27.99 2.48 13.77
C ASP A 423 29.07 3.49 13.39
N GLU A 424 28.73 4.53 12.65
CA GLU A 424 29.72 5.48 12.17
C GLU A 424 29.39 6.86 12.75
N VAL A 425 29.94 7.13 13.92
CA VAL A 425 29.49 8.24 14.75
C VAL A 425 30.25 9.49 14.36
N HIS A 426 31.02 9.40 13.29
CA HIS A 426 31.73 10.55 12.76
C HIS A 426 30.93 11.29 11.70
N TYR A 427 29.64 10.99 11.58
CA TYR A 427 28.75 11.80 10.77
C TYR A 427 28.13 12.93 11.56
N ILE A 428 28.47 13.08 12.84
CA ILE A 428 28.02 14.22 13.61
C ILE A 428 28.56 15.51 13.01
N ASN A 429 29.72 15.44 12.36
CA ASN A 429 30.30 16.63 11.72
C ASN A 429 29.53 17.09 10.50
N ASP A 430 28.55 16.31 10.03
CA ASP A 430 27.76 16.74 8.88
C ASP A 430 27.00 18.01 9.19
N VAL A 431 26.62 18.73 8.14
CA VAL A 431 26.00 20.03 8.32
C VAL A 431 24.49 19.99 8.38
N GLU A 432 23.87 18.95 7.80
CA GLU A 432 22.42 18.87 7.79
C GLU A 432 21.89 17.67 8.55
N ARG A 433 22.77 16.79 9.04
CA ARG A 433 22.36 15.62 9.79
C ARG A 433 23.12 15.48 11.10
N GLY A 434 23.97 16.45 11.45
CA GLY A 434 24.68 16.31 12.71
C GLY A 434 23.81 16.53 13.92
N VAL A 435 22.65 17.15 13.73
CA VAL A 435 21.74 17.36 14.85
C VAL A 435 20.96 16.11 15.20
N VAL A 436 20.84 15.16 14.27
CA VAL A 436 20.10 13.94 14.55
C VAL A 436 20.83 13.09 15.59
N TRP A 437 22.15 12.96 15.44
CA TRP A 437 22.91 12.15 16.37
C TRP A 437 22.88 12.72 17.77
N GLU A 438 22.70 14.03 17.90
CA GLU A 438 22.70 14.61 19.22
C GLU A 438 21.32 14.67 19.82
N GLU A 439 20.27 14.71 19.00
CA GLU A 439 18.94 14.53 19.54
C GLU A 439 18.74 13.10 20.01
N VAL A 440 19.41 12.16 19.35
CA VAL A 440 19.28 10.78 19.77
C VAL A 440 20.10 10.56 21.02
N LEU A 441 21.33 11.06 21.05
CA LEU A 441 22.16 10.84 22.22
C LEU A 441 21.62 11.56 23.45
N ILE A 442 20.73 12.54 23.27
CA ILE A 442 20.12 13.18 24.43
C ILE A 442 18.87 12.45 24.88
N MET A 443 18.02 12.01 23.95
CA MET A 443 16.75 11.46 24.39
C MET A 443 16.84 10.02 24.90
N LEU A 444 18.00 9.38 24.79
CA LEU A 444 18.11 7.98 25.19
C LEU A 444 17.91 7.81 26.69
N PRO A 445 17.04 6.91 27.11
CA PRO A 445 16.87 6.64 28.55
C PRO A 445 18.12 6.05 29.15
N ASP A 446 18.11 5.94 30.49
CA ASP A 446 19.32 5.61 31.22
C ASP A 446 19.66 4.13 31.19
N HIS A 447 18.68 3.25 31.00
CA HIS A 447 18.95 1.82 31.08
C HIS A 447 19.57 1.25 29.82
N VAL A 448 19.85 2.07 28.81
CA VAL A 448 20.31 1.61 27.51
C VAL A 448 21.79 1.94 27.39
N SER A 449 22.65 0.92 27.35
CA SER A 449 24.07 1.12 27.13
C SER A 449 24.36 1.43 25.67
N ILE A 450 25.49 2.10 25.44
CA ILE A 450 25.80 2.70 24.15
C ILE A 450 27.15 2.17 23.66
N ILE A 451 27.22 1.84 22.36
CA ILE A 451 28.48 1.51 21.71
C ILE A 451 28.68 2.46 20.54
N LEU A 452 29.84 3.11 20.47
CA LEU A 452 30.10 4.13 19.46
C LEU A 452 31.31 3.69 18.64
N LEU A 453 31.09 3.09 17.47
CA LEU A 453 32.19 2.84 16.58
C LEU A 453 32.54 4.12 15.83
N SER A 454 33.83 4.32 15.58
CA SER A 454 34.34 5.57 15.05
C SER A 454 35.51 5.27 14.10
N ALA A 455 36.24 6.32 13.71
CA ALA A 455 37.30 6.17 12.73
C ALA A 455 38.57 6.93 13.15
N THR A 456 38.95 6.80 14.42
CA THR A 456 40.24 7.31 14.91
C THR A 456 40.36 8.81 14.68
N VAL A 457 39.50 9.56 15.35
CA VAL A 457 39.56 11.02 15.33
C VAL A 457 40.48 11.51 16.45
N PRO A 458 41.07 12.70 16.30
CA PRO A 458 42.01 13.19 17.33
C PRO A 458 41.36 13.48 18.68
N ASN A 459 40.27 14.22 18.72
CA ASN A 459 39.69 14.64 20.00
C ASN A 459 38.63 13.66 20.49
N ALA A 460 39.06 12.41 20.66
CA ALA A 460 38.14 11.39 21.14
C ALA A 460 37.87 11.49 22.63
N LEU A 461 38.74 12.16 23.38
CA LEU A 461 38.54 12.30 24.82
C LEU A 461 37.76 13.55 25.18
N GLU A 462 37.54 14.44 24.23
CA GLU A 462 36.70 15.61 24.45
C GLU A 462 35.27 15.39 23.99
N PHE A 463 34.96 14.23 23.43
CA PHE A 463 33.62 13.86 23.02
C PHE A 463 33.01 12.81 23.92
N ALA A 464 33.79 11.76 24.22
CA ALA A 464 33.34 10.76 25.18
C ALA A 464 33.18 11.35 26.57
N ASP A 465 33.91 12.41 26.90
CA ASP A 465 33.67 13.03 28.20
C ASP A 465 32.31 13.71 28.23
N TRP A 466 31.93 14.33 27.11
CA TRP A 466 30.61 14.95 27.04
C TRP A 466 29.52 13.91 27.15
N ILE A 467 29.66 12.79 26.45
CA ILE A 467 28.62 11.77 26.56
C ILE A 467 28.68 11.10 27.92
N GLY A 468 29.83 11.08 28.57
CA GLY A 468 29.92 10.48 29.88
C GLY A 468 29.22 11.30 30.94
N ARG A 469 29.31 12.62 30.83
CA ARG A 469 28.70 13.48 31.83
C ARG A 469 27.35 14.02 31.39
N LEU A 470 26.88 13.69 30.20
CA LEU A 470 25.47 13.90 29.89
C LEU A 470 24.61 12.84 30.56
N LYS A 471 25.00 11.59 30.41
CA LYS A 471 24.56 10.51 31.29
C LYS A 471 25.35 10.55 32.58
N ARG A 472 25.24 9.48 33.38
CA ARG A 472 25.97 9.34 34.63
C ARG A 472 26.71 8.01 34.63
N ARG A 473 27.31 7.67 33.50
CA ARG A 473 28.09 6.45 33.38
C ARG A 473 29.49 6.74 32.83
N GLN A 474 30.43 5.90 33.22
CA GLN A 474 31.80 5.99 32.75
C GLN A 474 31.91 5.45 31.34
N ILE A 475 32.69 6.12 30.49
CA ILE A 475 32.85 5.75 29.10
C ILE A 475 34.30 5.40 28.83
N TYR A 476 34.53 4.27 28.20
CA TYR A 476 35.86 3.77 27.89
C TYR A 476 36.19 4.06 26.43
N VAL A 477 37.35 4.67 26.20
CA VAL A 477 37.78 5.02 24.85
C VAL A 477 38.85 4.03 24.41
N ILE A 478 38.63 3.38 23.29
CA ILE A 478 39.57 2.44 22.72
C ILE A 478 39.91 2.87 21.30
N SER A 479 41.20 3.04 21.03
CA SER A 479 41.70 3.43 19.74
C SER A 479 42.86 2.52 19.37
N THR A 480 42.93 2.13 18.11
CA THR A 480 43.92 1.19 17.63
C THR A 480 44.67 1.80 16.46
N VAL A 481 45.77 1.13 16.09
CA VAL A 481 46.59 1.51 14.95
C VAL A 481 46.95 0.25 14.17
N THR A 482 47.76 0.44 13.13
CA THR A 482 48.36 -0.65 12.35
C THR A 482 47.30 -1.54 11.70
N ARG A 483 46.53 -0.93 10.80
CA ARG A 483 45.62 -1.71 9.97
C ARG A 483 46.40 -2.77 9.20
N PRO A 484 45.82 -3.93 8.98
CA PRO A 484 46.50 -4.95 8.17
C PRO A 484 46.62 -4.50 6.72
N VAL A 485 47.43 -5.26 5.97
CA VAL A 485 47.71 -5.06 4.54
C VAL A 485 47.91 -3.59 4.20
N PRO A 486 49.03 -2.98 4.60
CA PRO A 486 49.22 -1.54 4.38
C PRO A 486 49.17 -1.20 2.90
N LEU A 487 49.19 0.10 2.60
CA LEU A 487 48.91 0.55 1.24
C LEU A 487 49.99 1.47 0.72
N GLU A 488 50.41 1.20 -0.51
CA GLU A 488 51.43 1.98 -1.21
C GLU A 488 50.82 2.89 -2.26
N HIS A 489 51.07 4.19 -2.11
CA HIS A 489 50.52 5.23 -2.97
C HIS A 489 51.43 5.50 -4.17
N TYR A 490 51.04 5.03 -5.35
CA TYR A 490 51.79 5.29 -6.57
C TYR A 490 51.25 6.50 -7.32
N LEU A 491 51.86 6.75 -8.48
CA LEU A 491 51.44 7.80 -9.40
C LEU A 491 51.75 7.31 -10.80
N PHE A 492 50.73 7.27 -11.65
CA PHE A 492 50.85 6.74 -13.02
C PHE A 492 50.71 7.90 -14.00
N THR A 493 51.73 8.12 -14.79
CA THR A 493 51.69 9.11 -15.85
C THR A 493 51.83 8.39 -17.19
N GLY A 494 50.95 8.70 -18.13
CA GLY A 494 50.93 7.95 -19.37
C GLY A 494 52.24 8.14 -20.12
N ASN A 495 52.72 7.06 -20.72
CA ASN A 495 53.87 7.09 -21.61
C ASN A 495 53.92 5.76 -22.32
N SER A 496 54.18 5.81 -23.63
CA SER A 496 54.18 4.63 -24.48
C SER A 496 52.89 3.84 -24.22
N SER A 497 51.77 4.53 -24.47
CA SER A 497 50.44 4.05 -24.08
C SER A 497 50.10 2.69 -24.66
N LYS A 498 50.85 2.21 -25.65
CA LYS A 498 50.50 0.94 -26.29
C LYS A 498 50.61 -0.22 -25.29
N THR A 499 51.81 -0.44 -24.78
CA THR A 499 51.97 -1.49 -23.77
C THR A 499 52.67 -1.02 -22.50
N GLN A 500 53.65 -0.14 -22.63
CA GLN A 500 54.52 0.19 -21.50
C GLN A 500 53.79 1.04 -20.48
N GLY A 501 53.81 0.61 -19.23
CA GLY A 501 53.33 1.44 -18.15
C GLY A 501 54.37 1.56 -17.05
N GLU A 502 54.77 2.80 -16.76
CA GLU A 502 55.74 3.07 -15.72
C GLU A 502 55.03 3.79 -14.57
N LEU A 503 55.21 3.26 -13.37
CA LEU A 503 54.59 3.78 -12.16
C LEU A 503 55.65 4.34 -11.22
N PHE A 504 55.46 5.57 -10.76
CA PHE A 504 56.40 6.18 -9.81
C PHE A 504 55.83 6.05 -8.40
N LEU A 505 56.66 5.59 -7.47
CA LEU A 505 56.21 5.41 -6.09
C LEU A 505 56.45 6.71 -5.36
N LEU A 506 55.37 7.30 -4.85
CA LEU A 506 55.45 8.54 -4.09
C LEU A 506 55.09 8.40 -2.62
N LEU A 507 54.53 7.26 -2.20
CA LEU A 507 54.34 7.01 -0.78
C LEU A 507 54.38 5.52 -0.53
N ASP A 508 54.91 5.14 0.61
CA ASP A 508 55.22 3.75 0.92
C ASP A 508 54.50 3.32 2.18
N SER A 509 54.67 2.04 2.52
CA SER A 509 53.99 1.44 3.66
C SER A 509 54.45 2.01 5.00
N ARG A 510 55.38 2.95 4.99
CA ARG A 510 55.93 3.52 6.21
C ARG A 510 55.71 5.03 6.29
N GLY A 511 54.90 5.59 5.41
CA GLY A 511 54.52 6.98 5.54
C GLY A 511 55.54 7.97 5.07
N ALA A 512 56.72 7.52 4.67
CA ALA A 512 57.77 8.44 4.26
C ALA A 512 57.48 8.95 2.85
N PHE A 513 57.37 10.27 2.73
CA PHE A 513 57.18 10.89 1.43
C PHE A 513 58.47 10.83 0.64
N HIS A 514 58.39 10.42 -0.62
CA HIS A 514 59.57 10.34 -1.48
C HIS A 514 59.46 11.46 -2.50
N THR A 515 60.25 12.51 -2.32
CA THR A 515 60.25 13.59 -3.29
C THR A 515 61.02 13.22 -4.56
N LYS A 516 61.89 12.22 -4.47
CA LYS A 516 62.66 11.73 -5.61
C LYS A 516 61.75 11.28 -6.75
N GLY A 517 60.71 10.49 -6.43
CA GLY A 517 59.79 10.05 -7.46
C GLY A 517 59.10 11.22 -8.13
N TYR A 518 58.68 12.21 -7.35
CA TYR A 518 58.06 13.40 -7.91
C TYR A 518 59.06 14.13 -8.79
N TYR A 519 60.32 14.17 -8.37
CA TYR A 519 61.34 14.83 -9.19
C TYR A 519 61.39 14.17 -10.54
N ALA A 520 61.39 12.83 -10.55
CA ALA A 520 61.44 12.09 -11.80
C ALA A 520 60.22 12.42 -12.65
N ALA A 521 59.05 12.45 -12.03
CA ALA A 521 57.81 12.72 -12.76
C ALA A 521 57.82 14.10 -13.38
N VAL A 522 58.24 15.12 -12.61
CA VAL A 522 58.26 16.48 -13.16
C VAL A 522 59.28 16.56 -14.29
N GLU A 523 60.43 15.91 -14.15
CA GLU A 523 61.42 15.95 -15.21
C GLU A 523 60.85 15.33 -16.48
N ALA A 524 60.18 14.18 -16.34
CA ALA A 524 59.62 13.48 -17.49
C ALA A 524 58.54 14.34 -18.14
N LYS A 525 57.71 14.99 -17.33
CA LYS A 525 56.65 15.84 -17.88
C LYS A 525 57.26 16.98 -18.66
N LYS A 526 58.31 17.60 -18.12
CA LYS A 526 58.96 18.69 -18.83
C LYS A 526 59.51 18.20 -20.16
N GLU A 527 60.17 17.04 -20.14
CA GLU A 527 60.76 16.48 -21.35
C GLU A 527 59.71 16.16 -22.40
N ARG A 528 58.52 15.73 -21.96
CA ARG A 528 57.40 15.43 -22.86
C ARG A 528 57.20 16.54 -23.88
N MET A 529 57.20 17.79 -23.44
CA MET A 529 57.01 18.91 -24.35
C MET A 529 58.29 19.74 -24.52
N GLY A 546 41.17 15.64 -26.28
CA GLY A 546 41.09 15.39 -24.84
C GLY A 546 40.72 13.93 -24.50
N PRO A 547 39.64 13.39 -25.09
CA PRO A 547 39.27 12.01 -24.72
C PRO A 547 40.18 10.97 -25.35
N ALA A 548 40.69 11.23 -26.56
CA ALA A 548 41.48 10.22 -27.25
C ALA A 548 42.77 9.90 -26.49
N GLN A 549 43.32 10.88 -25.76
CA GLN A 549 44.48 10.58 -24.92
C GLN A 549 44.04 9.77 -23.72
N ASP A 550 42.84 10.06 -23.20
CA ASP A 550 42.40 9.40 -21.99
C ASP A 550 42.10 7.93 -22.26
N ARG A 551 41.66 7.62 -23.48
CA ARG A 551 41.42 6.23 -23.85
C ARG A 551 42.73 5.46 -23.87
N GLY A 552 43.78 6.06 -24.43
CA GLY A 552 45.07 5.42 -24.41
C GLY A 552 45.62 5.31 -23.00
N VAL A 553 45.29 6.28 -22.15
CA VAL A 553 45.74 6.21 -20.76
C VAL A 553 45.11 4.99 -20.07
N TYR A 554 43.82 4.77 -20.30
CA TYR A 554 43.15 3.65 -19.66
C TYR A 554 43.59 2.32 -20.27
N LEU A 555 43.86 2.28 -21.57
CA LEU A 555 44.36 1.03 -22.13
C LEU A 555 45.80 0.75 -21.73
N SER A 556 46.59 1.79 -21.43
CA SER A 556 47.93 1.55 -20.93
C SER A 556 47.89 1.09 -19.48
N LEU A 557 46.93 1.62 -18.72
CA LEU A 557 46.76 1.17 -17.34
C LEU A 557 46.31 -0.28 -17.30
N LEU A 558 45.31 -0.64 -18.12
CA LEU A 558 44.83 -2.02 -18.16
C LEU A 558 45.86 -2.96 -18.78
N ALA A 559 46.73 -2.46 -19.65
CA ALA A 559 47.79 -3.29 -20.19
C ALA A 559 48.85 -3.58 -19.14
N SER A 560 49.21 -2.58 -18.32
CA SER A 560 50.20 -2.86 -17.28
C SER A 560 49.60 -3.56 -16.08
N LEU A 561 48.28 -3.51 -15.92
CA LEU A 561 47.61 -4.18 -14.81
C LEU A 561 47.21 -5.62 -15.11
N ARG A 562 46.86 -5.93 -16.37
CA ARG A 562 46.47 -7.30 -16.70
C ARG A 562 47.66 -8.24 -16.81
N THR A 563 48.85 -7.70 -17.10
CA THR A 563 50.04 -8.54 -17.15
C THR A 563 50.30 -9.20 -15.80
N ARG A 564 49.94 -8.55 -14.72
CA ARG A 564 50.03 -9.14 -13.39
C ARG A 564 48.66 -9.65 -12.97
N ALA A 565 48.57 -10.17 -11.75
CA ALA A 565 47.31 -10.69 -11.23
C ALA A 565 46.60 -9.70 -10.32
N GLN A 566 46.98 -8.44 -10.35
CA GLN A 566 46.34 -7.42 -9.53
C GLN A 566 45.20 -6.75 -10.30
N LEU A 567 44.31 -7.60 -10.80
CA LEU A 567 43.31 -7.25 -11.79
C LEU A 567 42.04 -6.55 -11.30
N PRO A 568 41.36 -7.01 -10.23
CA PRO A 568 40.01 -6.47 -9.96
C PRO A 568 40.05 -5.02 -9.50
N VAL A 569 40.16 -4.14 -10.48
CA VAL A 569 40.45 -2.73 -10.28
C VAL A 569 39.18 -1.90 -10.27
N VAL A 570 39.09 -1.01 -9.29
CA VAL A 570 37.97 -0.12 -9.07
C VAL A 570 38.43 1.29 -9.42
N VAL A 571 38.00 1.77 -10.57
CA VAL A 571 38.24 3.14 -11.00
C VAL A 571 37.28 4.07 -10.26
N PHE A 572 37.81 5.19 -9.78
CA PHE A 572 37.01 6.27 -9.20
C PHE A 572 36.99 7.44 -10.17
N THR A 573 35.84 7.63 -10.82
CA THR A 573 35.59 8.79 -11.64
C THR A 573 34.86 9.85 -10.82
N PHE A 574 34.84 11.08 -11.33
CA PHE A 574 34.37 12.22 -10.55
C PHE A 574 33.16 12.90 -11.16
N SER A 575 32.53 12.30 -12.16
CA SER A 575 31.26 12.79 -12.69
C SER A 575 30.58 11.64 -13.41
N ARG A 576 29.26 11.55 -13.26
CA ARG A 576 28.57 10.34 -13.72
C ARG A 576 28.67 10.18 -15.22
N GLY A 577 28.71 11.30 -15.96
CA GLY A 577 28.87 11.21 -17.40
C GLY A 577 30.24 10.67 -17.78
N ARG A 578 31.29 11.17 -17.11
CA ARG A 578 32.61 10.57 -17.28
C ARG A 578 32.64 9.15 -16.78
N CYS A 579 31.85 8.86 -15.74
CA CYS A 579 31.89 7.54 -15.11
C CYS A 579 31.44 6.46 -16.08
N ASP A 580 30.34 6.69 -16.79
CA ASP A 580 29.98 5.70 -17.78
C ASP A 580 30.62 5.97 -19.15
N GLU A 581 31.16 7.17 -19.36
CA GLU A 581 31.73 7.53 -20.65
C GLU A 581 33.06 6.81 -20.88
N GLN A 582 33.94 6.80 -19.89
CA GLN A 582 35.22 6.14 -20.11
C GLN A 582 35.04 4.63 -20.18
N ALA A 583 34.03 4.10 -19.50
CA ALA A 583 33.72 2.69 -19.65
C ALA A 583 33.16 2.39 -21.03
N SER A 584 32.46 3.34 -21.63
CA SER A 584 32.04 3.15 -23.02
C SER A 584 33.22 3.23 -23.97
N GLY A 585 34.13 4.18 -23.71
CA GLY A 585 35.24 4.41 -24.62
C GLY A 585 36.33 3.37 -24.52
N LEU A 586 36.27 2.53 -23.49
CA LEU A 586 37.32 1.53 -23.30
C LEU A 586 37.17 0.42 -24.32
N THR A 587 36.00 -0.23 -24.35
CA THR A 587 35.36 -0.87 -25.50
C THR A 587 35.98 -2.22 -25.87
N SER A 588 37.07 -2.66 -25.25
CA SER A 588 37.50 -4.05 -25.41
C SER A 588 38.35 -4.46 -24.20
N LEU A 589 37.75 -5.18 -23.25
CA LEU A 589 38.57 -5.90 -22.28
C LEU A 589 38.33 -7.40 -22.26
N ASP A 590 37.10 -7.86 -22.08
CA ASP A 590 36.75 -9.29 -22.01
C ASP A 590 37.60 -10.06 -21.01
N LEU A 591 37.50 -9.69 -19.74
CA LEU A 591 38.31 -10.33 -18.70
C LEU A 591 37.75 -11.62 -18.14
N THR A 592 36.80 -12.30 -18.77
CA THR A 592 36.12 -13.40 -18.10
C THR A 592 36.21 -14.71 -18.88
N THR A 593 36.34 -15.81 -18.12
CA THR A 593 36.46 -17.14 -18.70
C THR A 593 35.07 -17.63 -19.10
N SER A 594 34.97 -18.90 -19.50
CA SER A 594 33.69 -19.42 -19.97
C SER A 594 32.75 -19.76 -18.82
N SER A 595 33.26 -20.39 -17.76
CA SER A 595 32.39 -20.74 -16.65
C SER A 595 31.94 -19.49 -15.91
N GLU A 596 32.79 -18.48 -15.87
CA GLU A 596 32.38 -17.20 -15.32
C GLU A 596 31.36 -16.54 -16.21
N LYS A 597 31.46 -16.72 -17.53
CA LYS A 597 30.41 -16.27 -18.43
C LYS A 597 29.07 -16.91 -18.07
N SER A 598 29.08 -18.23 -17.88
CA SER A 598 27.84 -18.94 -17.60
C SER A 598 27.26 -18.50 -16.26
N GLU A 599 28.09 -18.35 -15.24
CA GLU A 599 27.57 -17.99 -13.93
C GLU A 599 27.06 -16.56 -13.91
N ILE A 600 27.79 -15.63 -14.54
CA ILE A 600 27.33 -14.25 -14.62
C ILE A 600 25.98 -14.17 -15.31
N HIS A 601 25.86 -14.83 -16.46
CA HIS A 601 24.63 -14.73 -17.23
C HIS A 601 23.48 -15.40 -16.51
N LEU A 602 23.71 -16.57 -15.93
CA LEU A 602 22.63 -17.27 -15.25
C LEU A 602 22.15 -16.49 -14.04
N PHE A 603 23.07 -16.01 -13.20
CA PHE A 603 22.64 -15.28 -12.01
C PHE A 603 21.92 -14.00 -12.39
N LEU A 604 22.47 -13.25 -13.36
CA LEU A 604 21.87 -11.96 -13.69
C LEU A 604 20.54 -12.13 -14.38
N GLN A 605 20.37 -13.19 -15.17
CA GLN A 605 19.07 -13.35 -15.80
C GLN A 605 18.06 -13.88 -14.81
N ARG A 606 18.46 -14.74 -13.88
CA ARG A 606 17.51 -15.22 -12.90
C ARG A 606 17.05 -14.08 -12.01
N CYS A 607 17.94 -13.16 -11.67
CA CYS A 607 17.51 -12.06 -10.82
C CYS A 607 16.69 -11.04 -11.59
N LEU A 608 16.99 -10.81 -12.87
CA LEU A 608 16.25 -9.80 -13.62
C LEU A 608 14.96 -10.32 -14.26
N ALA A 609 14.77 -11.63 -14.35
CA ALA A 609 13.65 -12.20 -15.08
C ALA A 609 12.37 -12.36 -14.26
N ARG A 610 12.34 -11.90 -13.01
CA ARG A 610 11.07 -11.95 -12.27
C ARG A 610 10.10 -10.93 -12.82
N LEU A 611 10.57 -9.71 -13.08
CA LEU A 611 9.75 -8.60 -13.47
C LEU A 611 9.38 -8.71 -14.95
N ARG A 612 8.49 -7.83 -15.41
CA ARG A 612 7.76 -8.04 -16.65
C ARG A 612 8.61 -7.72 -17.88
N GLY A 613 7.97 -7.76 -19.04
CA GLY A 613 8.63 -7.72 -20.34
C GLY A 613 9.20 -6.37 -20.73
N SER A 614 8.34 -5.36 -20.85
CA SER A 614 8.80 -4.03 -21.24
C SER A 614 9.89 -3.52 -20.32
N ASP A 615 9.80 -3.86 -19.04
CA ASP A 615 10.77 -3.42 -18.04
C ASP A 615 12.15 -4.03 -18.25
N ARG A 616 12.28 -5.07 -19.05
CA ARG A 616 13.57 -5.72 -19.28
C ARG A 616 14.18 -5.40 -20.63
N GLN A 617 13.55 -4.57 -21.45
CA GLN A 617 14.19 -4.08 -22.67
C GLN A 617 14.08 -2.57 -22.76
N LEU A 618 15.03 -1.87 -22.16
CA LEU A 618 15.12 -0.42 -22.29
C LEU A 618 16.59 -0.04 -22.19
N PRO A 619 16.97 1.15 -22.69
CA PRO A 619 18.38 1.35 -23.06
C PRO A 619 19.42 0.98 -22.00
N GLN A 620 19.29 1.51 -20.78
CA GLN A 620 20.31 1.25 -19.78
C GLN A 620 20.42 -0.23 -19.44
N VAL A 621 19.30 -0.95 -19.32
CA VAL A 621 19.40 -2.35 -18.93
C VAL A 621 20.25 -3.13 -19.93
N LEU A 622 19.95 -2.97 -21.22
CA LEU A 622 20.71 -3.68 -22.24
C LEU A 622 22.16 -3.22 -22.29
N HIS A 623 22.38 -1.90 -22.26
CA HIS A 623 23.74 -1.38 -22.36
C HIS A 623 24.61 -1.83 -21.19
N MET A 624 24.05 -1.76 -19.99
CA MET A 624 24.79 -2.20 -18.81
C MET A 624 25.01 -3.71 -18.86
N SER A 625 24.01 -4.48 -19.33
CA SER A 625 24.21 -5.91 -19.45
C SER A 625 25.35 -6.20 -20.41
N GLU A 626 25.44 -5.43 -21.48
CA GLU A 626 26.55 -5.58 -22.41
C GLU A 626 27.87 -5.31 -21.71
N LEU A 627 27.93 -4.25 -20.90
CA LEU A 627 29.18 -3.98 -20.20
C LEU A 627 29.54 -5.10 -19.24
N LEU A 628 28.57 -5.60 -18.47
CA LEU A 628 28.89 -6.70 -17.54
C LEU A 628 29.28 -7.97 -18.27
N ASN A 629 28.78 -8.19 -19.48
CA ASN A 629 29.15 -9.40 -20.20
C ASN A 629 30.66 -9.50 -20.40
N ARG A 630 31.30 -8.39 -20.76
CA ARG A 630 32.75 -8.39 -20.90
C ARG A 630 33.46 -8.46 -19.55
N GLY A 631 32.82 -8.02 -18.48
CA GLY A 631 33.50 -7.94 -17.22
C GLY A 631 33.79 -6.49 -16.90
N LEU A 632 32.83 -5.63 -17.22
CA LEU A 632 32.93 -4.21 -16.93
C LEU A 632 31.64 -3.73 -16.28
N GLY A 633 31.76 -2.83 -15.29
CA GLY A 633 30.58 -2.29 -14.66
C GLY A 633 30.70 -0.80 -14.41
N VAL A 634 29.55 -0.15 -14.25
CA VAL A 634 29.47 1.25 -13.85
C VAL A 634 28.53 1.35 -12.65
N HIS A 635 28.82 2.28 -11.74
CA HIS A 635 28.08 2.36 -10.48
C HIS A 635 27.81 3.80 -10.06
N HIS A 636 27.37 4.64 -10.97
CA HIS A 636 27.07 6.01 -10.56
C HIS A 636 25.62 6.07 -10.09
N SER A 637 25.16 7.28 -9.76
CA SER A 637 23.84 7.47 -9.16
C SER A 637 22.73 7.69 -10.17
N GLY A 638 23.02 7.60 -11.46
CA GLY A 638 21.99 7.86 -12.46
C GLY A 638 21.53 6.58 -13.12
N ILE A 639 21.52 5.49 -12.36
CA ILE A 639 21.10 4.19 -12.85
C ILE A 639 20.06 3.63 -11.91
N LEU A 640 19.29 2.69 -12.42
CA LEU A 640 18.23 2.09 -11.64
C LEU A 640 18.87 1.39 -10.43
N PRO A 641 18.24 1.44 -9.26
CA PRO A 641 18.84 0.76 -8.09
C PRO A 641 19.01 -0.73 -8.31
N ILE A 642 18.28 -1.31 -9.25
CA ILE A 642 18.39 -2.73 -9.54
C ILE A 642 19.70 -3.01 -10.25
N LEU A 643 20.34 -1.97 -10.77
CA LEU A 643 21.61 -2.11 -11.46
C LEU A 643 22.78 -1.84 -10.53
N LYS A 644 22.60 -0.90 -9.60
CA LYS A 644 23.57 -0.74 -8.54
C LYS A 644 23.69 -2.00 -7.71
N GLU A 645 22.55 -2.61 -7.36
CA GLU A 645 22.59 -3.77 -6.49
C GLU A 645 23.21 -4.96 -7.19
N ILE A 646 22.91 -5.14 -8.48
CA ILE A 646 23.55 -6.23 -9.21
C ILE A 646 25.04 -5.98 -9.34
N VAL A 647 25.45 -4.73 -9.57
CA VAL A 647 26.89 -4.49 -9.66
C VAL A 647 27.57 -4.89 -8.37
N GLU A 648 27.00 -4.52 -7.22
CA GLU A 648 27.68 -4.91 -5.99
C GLU A 648 27.66 -6.40 -5.77
N MET A 649 26.55 -7.08 -6.06
CA MET A 649 26.53 -8.51 -5.80
C MET A 649 27.34 -9.31 -6.81
N LEU A 650 27.63 -8.76 -7.99
CA LEU A 650 28.55 -9.47 -8.86
C LEU A 650 29.97 -9.06 -8.62
N PHE A 651 30.19 -7.99 -7.85
CA PHE A 651 31.52 -7.58 -7.47
C PHE A 651 31.97 -8.22 -6.17
N SER A 652 31.03 -8.65 -5.34
CA SER A 652 31.37 -9.24 -4.06
C SER A 652 31.76 -10.70 -4.17
N ARG A 653 31.70 -11.31 -5.35
CA ARG A 653 32.18 -12.67 -5.51
C ARG A 653 33.27 -12.75 -6.56
N GLY A 654 33.74 -11.60 -7.05
CA GLY A 654 34.87 -11.57 -7.96
C GLY A 654 34.58 -12.08 -9.35
N LEU A 655 33.32 -12.11 -9.77
CA LEU A 655 32.97 -12.51 -11.13
C LEU A 655 32.78 -11.31 -12.06
N VAL A 656 33.09 -10.11 -11.61
CA VAL A 656 33.18 -8.96 -12.50
C VAL A 656 34.56 -8.40 -12.26
N LYS A 657 35.18 -7.88 -13.31
CA LYS A 657 36.62 -7.76 -13.25
C LYS A 657 37.11 -6.32 -13.24
N VAL A 658 36.34 -5.38 -13.77
CA VAL A 658 36.70 -3.97 -13.74
C VAL A 658 35.45 -3.18 -13.36
N LEU A 659 35.55 -2.35 -12.34
CA LEU A 659 34.41 -1.55 -11.88
C LEU A 659 34.71 -0.06 -11.98
N PHE A 660 33.92 0.66 -12.76
CA PHE A 660 33.96 2.12 -12.83
C PHE A 660 32.99 2.69 -11.79
N ALA A 661 33.40 2.58 -10.53
CA ALA A 661 32.52 2.95 -9.43
C ALA A 661 32.61 4.45 -9.17
N THR A 662 31.86 4.93 -8.19
CA THR A 662 32.04 6.30 -7.72
C THR A 662 32.05 6.29 -6.20
N GLU A 663 32.07 7.50 -5.61
CA GLU A 663 32.23 7.60 -4.17
C GLU A 663 31.15 6.89 -3.38
N THR A 664 29.97 6.69 -3.95
CA THR A 664 28.93 6.02 -3.20
C THR A 664 29.34 4.60 -2.83
N PHE A 665 30.09 3.95 -3.73
CA PHE A 665 30.69 2.67 -3.40
C PHE A 665 31.81 2.88 -2.39
N ALA A 666 32.42 4.07 -2.40
CA ALA A 666 33.51 4.43 -1.50
C ALA A 666 33.04 4.64 -0.07
N MET A 667 31.76 4.94 0.11
CA MET A 667 31.23 5.20 1.44
C MET A 667 30.41 4.04 1.98
N GLY A 668 29.48 3.50 1.20
CA GLY A 668 28.50 2.64 1.81
C GLY A 668 28.99 1.26 2.23
N VAL A 669 30.24 0.90 1.91
CA VAL A 669 30.72 -0.47 2.13
C VAL A 669 32.19 -0.44 2.52
N ASN A 670 32.69 -1.64 2.86
CA ASN A 670 34.07 -1.87 3.25
C ASN A 670 34.78 -2.71 2.18
N MET A 671 34.26 -3.91 1.90
CA MET A 671 34.49 -4.69 0.68
C MET A 671 35.86 -4.52 0.02
N PRO A 672 36.94 -5.00 0.63
CA PRO A 672 38.26 -4.74 0.08
C PRO A 672 38.36 -5.34 -1.31
N ALA A 673 39.09 -4.65 -2.18
CA ALA A 673 39.33 -5.02 -3.59
C ALA A 673 40.83 -5.03 -3.82
N ARG A 674 41.24 -5.40 -5.03
CA ARG A 674 42.67 -5.54 -5.27
C ARG A 674 43.34 -4.20 -5.54
N THR A 675 42.89 -3.49 -6.58
CA THR A 675 43.54 -2.26 -7.00
C THR A 675 42.55 -1.12 -7.10
N VAL A 676 42.74 -0.07 -6.30
CA VAL A 676 41.94 1.15 -6.39
C VAL A 676 42.71 2.17 -7.19
N VAL A 677 42.09 2.71 -8.24
CA VAL A 677 42.73 3.75 -9.04
C VAL A 677 41.85 4.99 -9.06
N PHE A 678 42.44 6.14 -8.72
CA PHE A 678 41.75 7.41 -8.73
C PHE A 678 41.80 8.03 -10.12
N ASP A 679 41.17 9.19 -10.29
CA ASP A 679 41.20 9.87 -11.57
C ASP A 679 41.49 11.37 -11.53
N SER A 680 41.39 12.02 -10.38
CA SER A 680 41.61 13.48 -10.36
C SER A 680 41.83 13.92 -8.92
N MET A 681 42.07 15.22 -8.75
CA MET A 681 42.36 15.74 -7.43
C MET A 681 41.28 16.64 -6.85
N ARG A 682 40.49 17.31 -7.68
CA ARG A 682 39.49 18.24 -7.19
C ARG A 682 38.10 17.87 -7.69
N LYS A 683 37.14 17.81 -6.77
CA LYS A 683 35.75 17.59 -7.14
C LYS A 683 34.90 18.74 -6.62
N HIS A 684 33.96 19.16 -7.44
CA HIS A 684 33.08 20.24 -7.06
C HIS A 684 32.03 19.69 -6.10
N ASP A 685 31.91 20.27 -4.91
CA ASP A 685 30.90 19.86 -3.95
C ASP A 685 29.86 20.96 -3.79
N GLY A 686 30.20 22.08 -3.16
CA GLY A 686 29.25 23.16 -3.13
C GLY A 686 29.92 24.43 -3.58
N SER A 687 29.78 24.77 -4.87
CA SER A 687 30.38 25.96 -5.45
C SER A 687 31.85 26.07 -5.06
N THR A 688 32.55 24.96 -5.07
CA THR A 688 33.92 25.11 -4.60
C THR A 688 34.99 24.58 -5.53
N PHE A 689 34.75 23.46 -6.22
CA PHE A 689 35.79 22.78 -6.96
C PHE A 689 36.95 22.50 -6.02
N ARG A 690 36.59 21.89 -4.89
CA ARG A 690 37.54 21.53 -3.86
C ARG A 690 38.30 20.27 -4.24
N ASP A 691 39.50 20.15 -3.70
CA ASP A 691 40.26 18.93 -3.80
C ASP A 691 39.90 18.02 -2.64
N LEU A 692 40.24 16.75 -2.76
CA LEU A 692 39.91 15.81 -1.71
C LEU A 692 40.61 16.24 -0.42
N LEU A 693 39.84 16.37 0.64
CA LEU A 693 40.39 16.63 1.95
C LEU A 693 41.01 15.36 2.52
N PRO A 694 42.03 15.49 3.39
CA PRO A 694 42.66 14.27 3.93
C PRO A 694 41.68 13.29 4.53
N GLY A 695 40.65 13.78 5.22
CA GLY A 695 39.70 12.87 5.84
C GLY A 695 38.99 12.02 4.79
N GLU A 696 38.62 12.63 3.67
CA GLU A 696 37.94 11.90 2.61
C GLU A 696 38.87 10.87 2.00
N TYR A 697 40.00 11.34 1.47
CA TYR A 697 40.98 10.48 0.81
C TYR A 697 41.30 9.23 1.62
N VAL A 698 41.40 9.35 2.94
CA VAL A 698 41.84 8.22 3.76
C VAL A 698 40.89 7.04 3.61
N GLN A 699 39.59 7.28 3.56
CA GLN A 699 38.64 6.16 3.46
C GLN A 699 38.80 5.42 2.13
N MET A 700 38.75 6.16 1.02
CA MET A 700 38.82 5.54 -0.29
C MET A 700 40.14 4.82 -0.47
N ALA A 701 41.24 5.45 -0.04
CA ALA A 701 42.52 4.78 -0.11
C ALA A 701 42.57 3.55 0.80
N GLY A 702 41.99 3.64 1.99
CA GLY A 702 42.04 2.54 2.93
C GLY A 702 41.40 1.28 2.42
N ARG A 703 40.29 1.40 1.71
CA ARG A 703 39.75 0.17 1.14
C ARG A 703 40.42 -0.19 -0.18
N ALA A 704 41.75 -0.29 -0.17
CA ALA A 704 42.52 -0.68 -1.35
C ALA A 704 43.05 -2.10 -1.27
N GLY A 705 43.69 -2.46 -0.16
CA GLY A 705 44.22 -3.79 0.00
C GLY A 705 43.14 -4.80 0.33
N ARG A 706 43.35 -6.03 -0.11
CA ARG A 706 42.51 -7.12 0.33
C ARG A 706 43.21 -7.88 1.46
N ARG A 707 42.50 -8.83 2.05
CA ARG A 707 42.91 -9.45 3.30
C ARG A 707 43.43 -10.85 2.99
N GLY A 708 44.76 -11.00 3.02
CA GLY A 708 45.40 -12.27 2.83
C GLY A 708 45.44 -12.75 1.39
N LEU A 709 44.92 -11.96 0.45
CA LEU A 709 44.99 -12.30 -0.96
C LEU A 709 46.05 -11.48 -1.69
N ASP A 710 46.85 -10.71 -0.97
CA ASP A 710 47.91 -9.88 -1.53
C ASP A 710 48.79 -9.35 -0.40
N PRO A 711 50.06 -9.06 -0.66
CA PRO A 711 50.91 -8.54 0.42
C PRO A 711 50.41 -7.19 0.89
N THR A 712 50.10 -6.29 -0.05
CA THR A 712 49.66 -4.95 0.26
C THR A 712 48.58 -4.55 -0.74
N GLY A 713 48.24 -3.26 -0.75
CA GLY A 713 47.27 -2.73 -1.68
C GLY A 713 47.79 -1.44 -2.28
N THR A 714 47.52 -1.25 -3.56
CA THR A 714 48.10 -0.15 -4.30
C THR A 714 47.05 0.90 -4.65
N VAL A 715 47.27 2.13 -4.21
CA VAL A 715 46.44 3.26 -4.58
C VAL A 715 47.17 4.13 -5.60
N ILE A 716 46.64 4.20 -6.80
CA ILE A 716 47.32 4.82 -7.93
C ILE A 716 46.70 6.19 -8.16
N LEU A 717 47.48 7.26 -7.98
CA LEU A 717 47.01 8.57 -8.39
C LEU A 717 47.28 8.76 -9.88
N LEU A 718 46.44 9.56 -10.54
CA LEU A 718 46.44 9.61 -12.01
C LEU A 718 46.48 11.04 -12.56
N CYS A 719 47.38 11.88 -12.06
CA CYS A 719 47.54 13.22 -12.61
C CYS A 719 47.88 13.17 -14.10
N LYS A 720 47.07 13.85 -14.93
CA LYS A 720 47.32 13.84 -16.37
C LYS A 720 47.42 15.25 -16.95
N GLY A 721 46.65 16.18 -16.41
CA GLY A 721 46.52 17.50 -17.03
C GLY A 721 47.73 18.39 -16.84
N ARG A 722 48.18 18.56 -15.61
CA ARG A 722 49.24 19.51 -15.30
C ARG A 722 50.13 18.90 -14.22
N VAL A 723 51.00 19.71 -13.63
CA VAL A 723 51.96 19.21 -12.65
C VAL A 723 51.22 18.75 -11.40
N PRO A 724 51.71 17.73 -10.69
CA PRO A 724 51.00 17.24 -9.50
C PRO A 724 51.01 18.19 -8.30
N GLU A 725 51.95 19.14 -8.21
CA GLU A 725 52.01 20.11 -7.11
C GLU A 725 52.14 19.42 -5.74
N MET A 726 53.28 18.76 -5.53
CA MET A 726 53.47 17.91 -4.36
C MET A 726 53.13 18.59 -3.04
N ALA A 727 53.15 19.93 -2.98
CA ALA A 727 52.90 20.59 -1.72
C ALA A 727 51.51 20.26 -1.19
N ASP A 728 50.50 20.35 -2.06
CA ASP A 728 49.15 19.99 -1.68
C ASP A 728 48.91 18.48 -1.70
N LEU A 729 49.71 17.75 -2.47
CA LEU A 729 49.67 16.30 -2.41
C LEU A 729 50.06 15.81 -1.03
N HIS A 730 50.95 16.56 -0.35
CA HIS A 730 51.34 16.18 1.00
C HIS A 730 50.15 16.20 1.94
N ARG A 731 49.38 17.28 1.92
CA ARG A 731 48.24 17.40 2.81
C ARG A 731 47.08 16.53 2.36
N MET A 732 47.06 16.11 1.11
CA MET A 732 45.99 15.22 0.69
C MET A 732 46.30 13.78 1.06
N MET A 733 47.52 13.34 0.79
CA MET A 733 47.89 11.95 1.02
C MET A 733 48.18 11.65 2.49
N MET A 734 48.54 12.66 3.27
CA MET A 734 48.70 12.53 4.72
C MET A 734 48.23 13.81 5.40
N GLY A 735 47.61 13.65 6.56
CA GLY A 735 47.05 14.78 7.28
C GLY A 735 46.11 14.35 8.38
N LYS A 736 46.06 15.12 9.47
CA LYS A 736 45.21 14.75 10.58
C LYS A 736 43.76 14.79 10.10
N PRO A 737 42.99 13.72 10.30
CA PRO A 737 41.75 13.57 9.54
C PRO A 737 40.75 14.71 9.74
N SER A 738 40.28 14.90 10.98
CA SER A 738 39.42 16.02 11.34
C SER A 738 39.11 16.02 12.82
N GLN A 739 38.91 17.19 13.41
CA GLN A 739 38.42 17.24 14.77
C GLN A 739 36.95 16.85 14.78
N LEU A 740 36.32 16.88 15.95
CA LEU A 740 34.93 16.45 16.05
C LEU A 740 34.08 17.63 16.51
N GLN A 741 33.37 18.24 15.57
CA GLN A 741 32.60 19.46 15.79
C GLN A 741 31.21 19.11 16.31
N SER A 742 30.32 20.10 16.32
CA SER A 742 28.93 19.87 16.69
C SER A 742 28.06 20.80 15.88
N GLN A 743 27.33 20.24 14.93
CA GLN A 743 26.42 21.01 14.07
C GLN A 743 24.99 20.95 14.61
N PHE A 744 24.79 21.50 15.80
CA PHE A 744 23.47 21.59 16.38
C PHE A 744 22.73 22.82 15.86
N ARG A 745 21.45 22.66 15.58
CA ARG A 745 20.65 23.77 15.08
C ARG A 745 19.18 23.47 15.36
N LEU A 746 18.35 24.50 15.21
CA LEU A 746 16.95 24.43 15.54
C LEU A 746 16.09 24.16 14.31
N THR A 747 15.17 23.20 14.44
CA THR A 747 14.17 22.90 13.43
C THR A 747 12.79 23.11 14.02
N TYR A 748 11.78 23.17 13.15
CA TYR A 748 10.41 23.31 13.64
C TYR A 748 9.93 22.02 14.27
N THR A 749 10.33 20.88 13.73
CA THR A 749 9.90 19.60 14.29
C THR A 749 10.35 19.45 15.74
N MET A 750 11.57 19.88 16.05
CA MET A 750 12.05 19.80 17.42
C MET A 750 11.19 20.63 18.36
N ILE A 751 10.90 21.87 17.95
CA ILE A 751 10.11 22.75 18.78
C ILE A 751 8.73 22.18 19.01
N LEU A 752 8.13 21.64 17.95
CA LEU A 752 6.79 21.07 18.07
C LEU A 752 6.80 19.85 18.98
N ASN A 753 7.75 18.94 18.78
CA ASN A 753 7.82 17.75 19.60
C ASN A 753 8.22 18.02 21.05
N LEU A 754 8.68 19.22 21.38
CA LEU A 754 8.92 19.48 22.79
C LEU A 754 7.89 20.37 23.45
N LEU A 755 7.29 21.32 22.73
CA LEU A 755 6.17 22.05 23.29
C LEU A 755 5.01 21.12 23.59
N ARG A 756 4.86 20.06 22.78
CA ARG A 756 3.78 19.11 22.96
C ARG A 756 3.81 18.44 24.33
N VAL A 757 5.00 18.12 24.81
CA VAL A 757 5.14 17.42 26.08
C VAL A 757 5.26 18.44 27.19
N ASP A 758 4.67 18.13 28.34
CA ASP A 758 4.56 19.08 29.43
C ASP A 758 5.76 19.09 30.36
N ALA A 759 6.33 17.93 30.68
CA ALA A 759 7.45 17.93 31.63
C ALA A 759 8.79 18.26 30.99
N LEU A 760 8.87 18.31 29.66
CA LEU A 760 10.09 18.68 28.97
C LEU A 760 9.94 20.05 28.34
N ARG A 761 10.93 20.89 28.53
CA ARG A 761 11.00 22.21 27.93
C ARG A 761 12.14 22.22 26.91
N VAL A 762 12.05 23.13 25.93
CA VAL A 762 13.00 23.12 24.82
C VAL A 762 14.40 23.54 25.23
N GLU A 763 14.53 24.39 26.25
CA GLU A 763 15.86 24.80 26.66
C GLU A 763 16.66 23.67 27.29
N ASP A 764 16.01 22.61 27.75
CA ASP A 764 16.76 21.46 28.25
C ASP A 764 17.67 20.89 27.16
N MET A 765 17.12 20.71 25.97
CA MET A 765 17.92 20.18 24.86
C MET A 765 19.04 21.13 24.49
N MET A 766 18.75 22.44 24.48
CA MET A 766 19.78 23.42 24.18
C MET A 766 20.89 23.39 25.21
N LYS A 767 20.54 23.21 26.48
CA LYS A 767 21.53 23.11 27.53
C LYS A 767 22.42 21.91 27.33
N ARG A 768 21.84 20.78 26.94
CA ARG A 768 22.62 19.56 26.83
C ARG A 768 23.35 19.41 25.50
N SER A 769 23.43 20.41 24.65
CA SER A 769 24.04 20.15 23.36
C SER A 769 25.55 20.24 23.45
N PHE A 770 26.21 19.55 22.52
CA PHE A 770 27.67 19.47 22.56
C PHE A 770 28.30 20.82 22.27
N SER A 771 27.64 21.65 21.47
CA SER A 771 28.20 22.97 21.20
C SER A 771 28.10 23.89 22.40
N GLU A 772 27.44 23.46 23.46
CA GLU A 772 27.40 24.20 24.71
C GLU A 772 28.26 23.53 25.77
N PHE A 773 28.96 22.47 25.40
CA PHE A 773 29.76 21.73 26.36
C PHE A 773 30.86 22.57 27.00
N PRO A 774 31.66 23.34 26.24
CA PRO A 774 32.73 24.10 26.91
C PRO A 774 32.20 25.05 27.97
N SER A 775 31.11 25.75 27.69
CA SER A 775 30.57 26.65 28.69
C SER A 775 29.99 25.86 29.85
N ARG A 776 29.33 24.76 29.57
CA ARG A 776 28.60 24.04 30.60
C ARG A 776 29.39 22.88 31.18
N LYS A 777 30.69 22.82 30.89
CA LYS A 777 31.47 21.68 31.36
C LYS A 777 31.60 21.70 32.88
N ASP A 778 32.19 22.76 33.42
CA ASP A 778 32.39 22.87 34.87
C ASP A 778 31.24 23.62 35.51
N SER A 779 30.02 23.15 35.28
CA SER A 779 28.88 23.89 35.80
C SER A 779 28.75 23.68 37.30
N LYS A 780 29.00 22.46 37.78
CA LYS A 780 28.87 22.19 39.20
C LYS A 780 29.83 23.03 40.01
N ALA A 781 30.98 23.34 39.41
CA ALA A 781 31.93 24.21 40.08
C ALA A 781 31.38 25.63 40.12
N HIS A 782 30.67 26.03 39.07
CA HIS A 782 30.09 27.37 39.06
C HIS A 782 29.05 27.53 40.16
N GLU A 783 28.13 26.56 40.30
CA GLU A 783 27.13 26.77 41.34
C GLU A 783 27.73 26.62 42.73
N GLN A 784 28.67 25.69 42.93
CA GLN A 784 29.24 25.59 44.27
C GLN A 784 30.04 26.84 44.62
N ALA A 785 30.76 27.41 43.65
CA ALA A 785 31.48 28.64 43.92
C ALA A 785 30.51 29.77 44.23
N LEU A 786 29.38 29.83 43.53
CA LEU A 786 28.41 30.87 43.83
C LEU A 786 27.81 30.70 45.22
N ALA A 787 27.33 29.50 45.54
CA ALA A 787 26.65 29.29 46.81
C ALA A 787 27.57 29.38 48.01
N GLU A 788 28.87 29.14 47.85
CA GLU A 788 29.80 29.29 48.96
C GLU A 788 30.60 30.58 48.95
N LEU A 789 30.55 31.36 47.86
CA LEU A 789 31.08 32.72 47.87
C LEU A 789 30.03 33.76 48.22
N THR A 790 28.75 33.47 47.99
CA THR A 790 27.68 34.30 48.53
C THR A 790 27.74 34.29 50.04
N LYS A 791 28.16 33.16 50.62
CA LYS A 791 28.39 33.12 52.06
C LYS A 791 29.49 34.09 52.44
N ARG A 792 30.56 34.14 51.64
CA ARG A 792 31.68 34.98 52.02
C ARG A 792 31.29 36.44 51.94
N LEU A 793 30.44 36.82 50.98
CA LEU A 793 29.94 38.19 51.06
C LEU A 793 29.03 38.39 52.26
N GLY A 794 28.43 37.31 52.78
CA GLY A 794 27.46 37.44 53.84
C GLY A 794 28.10 37.89 55.14
N ALA A 795 29.36 38.31 55.04
CA ALA A 795 30.22 38.65 56.15
C ALA A 795 30.23 40.14 56.41
N LEU A 796 30.44 40.93 55.35
CA LEU A 796 30.68 42.36 55.48
C LEU A 796 29.49 43.07 56.10
N GLU A 797 29.79 44.07 56.92
CA GLU A 797 28.78 44.92 57.54
C GLU A 797 28.16 45.83 56.48
N GLU A 798 26.95 46.27 56.75
CA GLU A 798 26.31 47.25 55.88
C GLU A 798 26.82 48.63 56.27
N PRO A 799 27.48 49.35 55.37
CA PRO A 799 28.04 50.66 55.72
C PRO A 799 26.98 51.77 55.68
N ASP A 800 27.37 52.91 56.24
CA ASP A 800 26.53 54.10 56.27
C ASP A 800 27.20 55.24 55.51
N MET A 801 26.55 55.71 54.45
CA MET A 801 27.07 56.74 53.55
C MET A 801 26.27 58.03 53.65
N THR A 802 25.38 58.15 54.64
CA THR A 802 24.54 59.33 54.80
C THR A 802 25.37 60.52 55.27
N GLY A 803 25.59 61.49 54.39
CA GLY A 803 26.32 62.69 54.76
C GLY A 803 27.56 62.95 53.93
N GLN A 804 28.73 62.89 54.59
CA GLN A 804 29.99 63.17 53.90
C GLN A 804 30.38 62.05 52.95
N LEU A 805 29.67 60.93 53.00
CA LEU A 805 30.01 59.74 52.24
C LEU A 805 28.99 59.46 51.15
N VAL A 806 28.12 60.43 50.83
CA VAL A 806 27.00 60.17 49.94
C VAL A 806 27.50 59.78 48.56
N ASP A 807 28.48 60.51 48.05
CA ASP A 807 29.00 60.26 46.70
C ASP A 807 30.12 59.24 46.68
N LEU A 808 30.40 58.57 47.80
CA LEU A 808 31.52 57.63 47.82
C LEU A 808 31.37 56.51 46.81
N PRO A 809 30.20 55.84 46.68
CA PRO A 809 30.10 54.79 45.66
C PRO A 809 30.10 55.35 44.25
N GLU A 810 29.33 56.43 44.02
CA GLU A 810 29.24 56.97 42.67
C GLU A 810 30.59 57.48 42.19
N TYR A 811 31.30 58.19 43.06
CA TYR A 811 32.67 58.57 42.76
C TYR A 811 33.46 57.35 42.34
N TYR A 812 33.32 56.27 43.12
CA TYR A 812 34.00 55.02 42.80
C TYR A 812 33.66 54.58 41.38
N SER A 813 32.37 54.60 41.03
CA SER A 813 31.96 54.22 39.68
C SER A 813 32.66 55.12 38.66
N TRP A 814 32.65 56.42 38.93
CA TRP A 814 33.31 57.37 38.03
C TRP A 814 34.79 57.04 37.93
N GLY A 815 35.37 56.58 39.04
CA GLY A 815 36.76 56.17 39.00
C GLY A 815 36.97 54.95 38.14
N GLU A 816 36.07 53.97 38.21
CA GLU A 816 36.30 52.74 37.47
C GLU A 816 36.14 52.98 35.97
N GLU A 817 35.00 53.56 35.57
CA GLU A 817 34.70 53.70 34.15
C GLU A 817 35.76 54.54 33.48
N LEU A 818 36.18 55.61 34.16
CA LEU A 818 37.21 56.48 33.61
C LEU A 818 38.44 55.68 33.22
N THR A 819 38.89 54.78 34.10
CA THR A 819 40.09 54.00 33.82
C THR A 819 39.95 53.18 32.54
N GLU A 820 38.83 52.50 32.35
CA GLU A 820 38.67 51.74 31.12
C GLU A 820 38.81 52.68 29.92
N THR A 821 38.21 53.87 30.02
CA THR A 821 38.31 54.81 28.91
C THR A 821 39.76 55.15 28.62
N GLN A 822 40.58 55.44 29.65
CA GLN A 822 41.99 55.70 29.32
C GLN A 822 42.59 54.48 28.64
N HIS A 823 42.29 53.29 29.16
CA HIS A 823 42.83 52.10 28.53
C HIS A 823 42.33 51.99 27.12
N MET A 824 41.04 52.26 26.90
CA MET A 824 40.55 52.31 25.54
C MET A 824 41.29 53.39 24.76
N ILE A 825 41.40 54.57 25.36
CA ILE A 825 42.21 55.61 24.72
C ILE A 825 43.63 55.11 24.56
N GLN A 826 44.15 54.43 25.59
CA GLN A 826 45.50 53.90 25.50
C GLN A 826 45.63 52.91 24.37
N ARG A 827 44.63 52.03 24.20
CA ARG A 827 44.67 51.15 23.05
C ARG A 827 44.66 51.97 21.76
N ARG A 828 43.75 52.95 21.69
CA ARG A 828 43.69 53.79 20.50
C ARG A 828 44.93 54.65 20.34
N ILE A 829 45.87 54.52 21.28
CA ILE A 829 47.16 55.18 21.16
C ILE A 829 48.18 54.22 20.54
N MET A 830 48.26 53.01 21.08
CA MET A 830 49.19 52.04 20.53
C MET A 830 48.62 51.34 19.31
N GLU A 831 47.29 51.24 19.22
CA GLU A 831 46.64 50.55 18.11
C GLU A 831 46.69 51.34 16.80
N SER A 832 46.87 52.65 16.85
CA SER A 832 46.81 53.44 15.64
C SER A 832 48.10 53.29 14.84
N VAL A 833 47.95 53.25 13.51
CA VAL A 833 49.12 53.25 12.64
C VAL A 833 49.91 54.54 12.78
N ASN A 834 49.23 55.65 13.05
CA ASN A 834 49.93 56.93 13.15
C ASN A 834 50.71 57.01 14.45
N GLY A 835 50.12 56.52 15.54
CA GLY A 835 50.89 56.33 16.76
C GLY A 835 52.08 55.41 16.55
N LEU A 836 51.87 54.33 15.80
CA LEU A 836 52.96 53.41 15.47
C LEU A 836 54.03 54.08 14.61
N LYS A 837 53.69 55.17 13.92
CA LYS A 837 54.67 55.96 13.19
C LYS A 837 55.37 57.03 14.04
N SER A 838 54.64 57.63 14.99
CA SER A 838 55.24 58.68 15.80
C SER A 838 56.24 58.10 16.78
N LEU A 839 56.09 56.84 17.13
CA LEU A 839 56.89 56.17 18.15
C LEU A 839 58.28 55.93 17.56
N SER A 840 59.22 56.79 17.90
CA SER A 840 60.58 56.70 17.39
C SER A 840 61.50 57.48 18.32
N ALA A 841 62.74 57.66 17.90
CA ALA A 841 63.71 58.43 18.67
C ALA A 841 63.26 59.89 18.79
N GLY A 842 63.66 60.51 19.89
CA GLY A 842 63.26 61.87 20.18
C GLY A 842 61.88 61.99 20.78
N ARG A 843 61.41 60.94 21.45
CA ARG A 843 60.08 60.90 22.03
C ARG A 843 60.19 60.69 23.53
N VAL A 844 59.53 61.56 24.29
CA VAL A 844 59.42 61.46 25.74
C VAL A 844 58.10 60.78 26.07
N VAL A 845 58.13 59.83 27.00
CA VAL A 845 56.93 59.08 27.34
C VAL A 845 56.74 58.97 28.84
N VAL A 846 55.48 58.81 29.25
CA VAL A 846 55.11 58.50 30.62
C VAL A 846 54.98 56.98 30.76
N VAL A 847 55.75 56.39 31.66
CA VAL A 847 55.79 54.93 31.81
C VAL A 847 55.02 54.54 33.07
N LYS A 848 54.00 53.69 32.92
CA LYS A 848 53.18 53.25 34.05
C LYS A 848 53.17 51.73 34.12
N ASN A 849 53.84 51.18 35.11
CA ASN A 849 53.76 49.76 35.42
C ASN A 849 54.14 49.56 36.88
N GLN A 850 54.34 48.30 37.26
CA GLN A 850 54.85 48.01 38.60
C GLN A 850 56.26 48.54 38.78
N GLU A 851 57.02 48.60 37.69
CA GLU A 851 58.39 49.09 37.73
C GLU A 851 58.43 50.61 37.81
N HIS A 852 57.90 51.28 36.79
CA HIS A 852 57.86 52.73 36.71
C HIS A 852 56.44 53.20 36.97
N HIS A 853 56.27 54.04 37.98
CA HIS A 853 54.98 54.60 38.35
C HIS A 853 54.89 56.04 37.85
N ASN A 854 54.46 56.22 36.60
CA ASN A 854 54.33 57.53 35.98
C ASN A 854 55.64 58.30 36.01
N ALA A 855 56.75 57.57 35.85
CA ALA A 855 58.04 58.21 35.65
C ALA A 855 58.19 58.63 34.19
N LEU A 856 58.72 59.83 33.98
CA LEU A 856 58.94 60.31 32.63
C LEU A 856 60.16 59.62 32.02
N GLY A 857 59.98 59.11 30.80
CA GLY A 857 61.07 58.51 30.07
C GLY A 857 61.10 59.00 28.64
N VAL A 858 62.28 58.89 28.05
CA VAL A 858 62.50 59.26 26.65
C VAL A 858 62.89 58.00 25.89
N ILE A 859 62.18 57.72 24.80
CA ILE A 859 62.50 56.55 24.00
C ILE A 859 63.80 56.79 23.24
N LEU A 860 64.70 55.82 23.30
CA LEU A 860 65.94 55.84 22.54
C LEU A 860 65.78 55.22 21.16
N GLN A 861 65.10 54.07 21.07
CA GLN A 861 64.88 53.39 19.81
C GLN A 861 63.62 52.53 19.90
N VAL A 862 63.08 52.21 18.72
CA VAL A 862 61.96 51.28 18.58
C VAL A 862 62.46 50.03 17.87
N SER A 863 62.13 48.86 18.43
CA SER A 863 62.61 47.60 17.87
C SER A 863 62.12 47.44 16.43
N SER A 864 62.98 46.85 15.59
CA SER A 864 62.66 46.67 14.18
C SER A 864 61.41 45.80 13.98
N ASN A 865 61.21 44.79 14.83
CA ASN A 865 60.01 43.99 14.73
C ASN A 865 58.83 44.80 15.27
N SER A 866 58.07 45.44 14.38
CA SER A 866 56.96 46.25 14.84
C SER A 866 55.77 45.40 15.24
N THR A 867 55.95 44.09 15.28
CA THR A 867 54.95 43.13 15.77
C THR A 867 55.08 43.04 17.28
N SER A 868 56.28 42.70 17.75
CA SER A 868 56.63 42.73 19.17
C SER A 868 57.41 44.02 19.39
N ARG A 869 56.68 45.10 19.63
CA ARG A 869 57.25 46.44 19.73
C ARG A 869 57.94 46.58 21.08
N VAL A 870 59.25 46.36 21.11
CA VAL A 870 60.02 46.53 22.33
C VAL A 870 60.73 47.86 22.25
N PHE A 871 60.46 48.74 23.21
CA PHE A 871 60.98 50.10 23.20
C PHE A 871 62.09 50.19 24.22
N THR A 872 63.33 50.29 23.76
CA THR A 872 64.45 50.55 24.65
C THR A 872 64.43 52.04 25.02
N THR A 873 64.04 52.33 26.26
CA THR A 873 63.65 53.68 26.67
C THR A 873 64.35 54.02 27.98
N LEU A 874 64.91 55.22 28.06
CA LEU A 874 65.53 55.69 29.29
C LEU A 874 64.45 56.24 30.21
N VAL A 875 64.29 55.61 31.37
CA VAL A 875 63.25 55.96 32.33
C VAL A 875 63.95 56.29 33.65
N LEU A 876 63.56 57.41 34.25
CA LEU A 876 64.05 57.82 35.55
C LEU A 876 63.41 56.99 36.66
N CYS A 877 64.22 56.62 37.65
CA CYS A 877 63.70 56.08 38.89
C CYS A 877 64.60 56.53 40.03
N ASP A 878 64.10 56.39 41.25
CA ASP A 878 64.93 56.67 42.40
C ASP A 878 66.18 55.80 42.37
N LYS A 879 67.32 56.41 42.66
CA LYS A 879 68.54 55.64 42.82
C LYS A 879 68.32 54.65 43.95
N PRO A 880 68.58 53.36 43.74
CA PRO A 880 68.22 52.38 44.78
C PRO A 880 69.13 52.50 45.99
N LEU A 881 68.59 53.01 47.08
CA LEU A 881 69.29 53.08 48.36
C LEU A 881 69.00 51.84 49.20
N SER A 882 69.24 50.68 48.60
CA SER A 882 68.98 49.38 49.22
C SER A 882 69.50 48.31 48.28
N GLN A 883 69.62 47.09 48.81
CA GLN A 883 70.00 45.95 48.00
C GLN A 883 69.18 44.71 48.32
N ASP A 884 68.16 44.82 49.15
CA ASP A 884 67.43 43.68 49.67
C ASP A 884 65.96 43.76 49.30
N PRO A 885 65.40 42.74 48.64
CA PRO A 885 63.98 42.79 48.26
C PRO A 885 63.02 42.58 49.43
N GLN A 886 63.55 42.40 50.64
CA GLN A 886 62.73 42.04 51.79
C GLN A 886 62.00 43.21 52.42
N ASP A 887 62.38 44.45 52.11
CA ASP A 887 61.69 45.60 52.68
C ASP A 887 60.35 45.88 52.02
N ARG A 888 60.06 45.29 50.86
CA ARG A 888 58.78 45.52 50.19
C ARG A 888 57.74 44.58 50.79
N GLY A 889 56.64 45.16 51.29
CA GLY A 889 55.54 44.38 51.83
C GLY A 889 54.20 45.01 51.54
N PRO A 890 53.14 44.22 51.63
CA PRO A 890 51.80 44.74 51.31
C PRO A 890 51.41 45.90 52.21
N ALA A 891 50.90 46.96 51.59
CA ALA A 891 50.49 48.19 52.27
C ALA A 891 49.01 48.43 52.03
N THR A 892 48.54 49.57 52.53
CA THR A 892 47.13 49.93 52.36
C THR A 892 46.80 50.09 50.89
N ALA A 893 45.66 49.51 50.48
CA ALA A 893 45.21 49.63 49.10
C ALA A 893 44.93 51.09 48.76
N GLU A 894 45.69 51.63 47.79
CA GLU A 894 45.63 53.03 47.43
C GLU A 894 44.27 53.38 46.84
N VAL A 895 43.47 54.13 47.61
CA VAL A 895 42.20 54.64 47.11
C VAL A 895 42.48 55.62 45.98
N PRO A 896 41.67 55.67 44.92
CA PRO A 896 41.82 56.75 43.95
C PRO A 896 41.33 58.10 44.46
N TYR A 897 42.26 59.00 44.76
CA TYR A 897 41.91 60.35 45.16
C TYR A 897 41.62 61.21 43.94
N PRO A 898 40.97 62.37 44.14
CA PRO A 898 40.80 63.31 43.02
C PRO A 898 42.11 63.66 42.35
N ASP A 899 43.18 63.79 43.13
CA ASP A 899 44.50 64.10 42.56
C ASP A 899 45.03 62.97 41.69
N ASP A 900 44.61 61.73 41.95
CA ASP A 900 45.08 60.62 41.14
C ASP A 900 44.21 60.32 39.93
N LEU A 901 42.95 60.75 39.94
CA LEU A 901 42.01 60.46 38.86
C LEU A 901 41.84 61.59 37.87
N VAL A 902 42.60 62.67 38.02
CA VAL A 902 42.55 63.77 37.06
C VAL A 902 43.89 63.81 36.34
N GLY A 903 43.90 63.30 35.11
CA GLY A 903 45.09 63.27 34.31
C GLY A 903 46.02 62.17 34.78
N PHE A 904 47.32 62.42 34.70
CA PHE A 904 48.32 61.45 35.15
C PHE A 904 49.24 62.16 36.13
N LYS A 905 49.20 61.74 37.39
CA LYS A 905 50.00 62.38 38.43
C LYS A 905 51.46 62.23 38.07
N LEU A 906 52.14 63.34 37.79
CA LEU A 906 53.53 63.29 37.34
C LEU A 906 54.44 62.94 38.51
N PHE A 907 54.98 61.73 38.48
CA PHE A 907 55.85 61.25 39.55
C PHE A 907 57.13 62.07 39.64
N LEU A 908 57.42 62.54 40.85
CA LEU A 908 58.67 63.22 41.17
C LEU A 908 59.49 62.32 42.07
N PRO A 909 60.65 61.82 41.64
CA PRO A 909 61.37 60.83 42.47
C PRO A 909 61.81 61.44 43.81
N GLU A 910 61.53 60.68 44.88
CA GLU A 910 61.82 61.12 46.24
C GLU A 910 63.31 61.07 46.59
N GLY A 911 64.11 60.31 45.83
CA GLY A 911 65.52 60.22 46.11
C GLY A 911 66.31 60.98 45.07
N PRO A 912 67.61 60.69 44.94
CA PRO A 912 68.38 61.34 43.89
C PRO A 912 67.89 60.90 42.52
N CYS A 913 68.07 61.79 41.54
CA CYS A 913 67.53 61.58 40.20
C CYS A 913 68.48 60.69 39.40
N ASP A 914 68.36 59.38 39.60
CA ASP A 914 69.17 58.45 38.84
C ASP A 914 68.44 58.10 37.54
N HIS A 915 68.97 57.13 36.80
CA HIS A 915 68.35 56.69 35.56
C HIS A 915 68.52 55.18 35.39
N THR A 916 67.60 54.60 34.63
CA THR A 916 67.77 53.27 34.06
C THR A 916 67.32 53.35 32.60
N VAL A 917 67.78 52.40 31.79
CA VAL A 917 67.27 52.24 30.43
C VAL A 917 66.70 50.84 30.30
N VAL A 918 65.37 50.76 30.21
CA VAL A 918 64.66 49.48 30.24
C VAL A 918 64.02 49.24 28.89
N LYS A 919 63.83 47.98 28.54
CA LYS A 919 63.10 47.60 27.33
C LYS A 919 61.63 47.39 27.70
N LEU A 920 60.83 48.42 27.46
CA LEU A 920 59.43 48.48 27.84
C LEU A 920 58.53 47.93 26.74
N GLN A 921 57.42 47.33 27.15
CA GLN A 921 56.36 46.93 26.25
C GLN A 921 55.44 48.13 26.00
N PRO A 922 54.62 48.10 24.95
CA PRO A 922 53.63 49.19 24.79
C PRO A 922 52.66 49.31 25.94
N GLY A 923 52.27 48.20 26.59
CA GLY A 923 51.30 48.34 27.65
C GLY A 923 51.86 48.84 28.96
N ASP A 924 53.19 48.74 29.14
CA ASP A 924 53.81 49.25 30.35
C ASP A 924 54.09 50.75 30.28
N MET A 925 53.88 51.37 29.12
CA MET A 925 54.11 52.79 28.93
C MET A 925 52.75 53.50 28.92
N ALA A 926 52.58 54.44 29.85
CA ALA A 926 51.28 55.08 30.02
C ALA A 926 50.92 56.02 28.87
N ALA A 927 51.88 56.79 28.37
CA ALA A 927 51.51 57.78 27.37
C ALA A 927 52.70 58.13 26.49
N ILE A 928 52.38 58.57 25.29
CA ILE A 928 53.32 59.10 24.32
C ILE A 928 53.20 60.61 24.39
N THR A 929 54.13 61.28 25.08
CA THR A 929 53.96 62.71 25.27
C THR A 929 54.24 63.47 23.97
N THR A 930 53.64 64.65 23.87
CA THR A 930 53.83 65.49 22.69
C THR A 930 55.20 66.12 22.64
N LYS A 931 55.90 66.21 23.77
CA LYS A 931 57.14 66.95 23.80
C LYS A 931 58.20 66.23 22.97
N VAL A 932 59.03 67.01 22.29
CA VAL A 932 60.06 66.48 21.42
C VAL A 932 61.41 66.93 21.98
N LEU A 933 62.11 66.02 22.65
CA LEU A 933 63.46 66.29 23.14
C LEU A 933 64.41 65.54 22.22
N ARG A 934 65.07 66.27 21.33
CA ARG A 934 65.96 65.65 20.35
C ARG A 934 67.27 65.29 21.02
N VAL A 935 67.21 64.23 21.82
CA VAL A 935 68.34 63.61 22.48
C VAL A 935 68.74 62.41 21.64
N ASN A 936 70.01 62.03 21.71
CA ASN A 936 70.53 60.97 20.85
C ASN A 936 70.42 59.64 21.59
N GLY A 937 69.50 58.80 21.13
CA GLY A 937 69.29 57.51 21.75
C GLY A 937 70.49 56.59 21.63
N GLU A 938 71.15 56.63 20.47
CA GLU A 938 72.29 55.74 20.23
C GLU A 938 73.39 55.97 21.26
N LYS A 939 73.75 57.23 21.50
CA LYS A 939 74.80 57.52 22.48
C LYS A 939 74.35 57.16 23.89
N ILE A 940 73.06 57.36 24.20
CA ILE A 940 72.59 57.02 25.54
C ILE A 940 72.62 55.52 25.76
N LEU A 941 72.34 54.74 24.72
CA LEU A 941 72.47 53.29 24.83
C LEU A 941 73.94 52.87 24.94
N GLU A 942 74.80 53.44 24.09
CA GLU A 942 76.23 53.16 24.11
C GLU A 942 76.91 53.67 25.35
N ASP A 943 76.18 54.39 26.21
CA ASP A 943 76.68 54.81 27.50
C ASP A 943 76.09 54.00 28.65
N PHE A 944 74.77 53.80 28.65
CA PHE A 944 74.14 53.00 29.70
C PHE A 944 74.64 51.56 29.68
N SER A 945 74.61 50.91 28.50
CA SER A 945 75.04 49.53 28.42
C SER A 945 76.52 49.38 28.78
N LYS A 946 77.33 50.37 28.44
CA LYS A 946 78.74 50.36 28.83
C LYS A 946 78.89 50.50 30.35
N ARG A 947 78.17 51.46 30.94
CA ARG A 947 78.34 51.74 32.36
C ARG A 947 77.81 50.61 33.24
N GLN A 948 76.84 49.84 32.76
CA GLN A 948 76.17 48.86 33.62
C GLN A 948 77.02 47.63 33.89
N GLN A 949 78.30 47.64 33.52
CA GLN A 949 79.25 46.73 34.12
C GLN A 949 79.35 47.00 35.61
N PRO A 950 79.24 45.97 36.47
CA PRO A 950 79.33 46.21 37.92
C PRO A 950 80.62 46.87 38.36
N LYS A 951 81.73 46.61 37.66
CA LYS A 951 83.00 47.26 37.98
C LYS A 951 83.05 48.69 37.48
N PHE A 952 82.34 49.00 36.39
CA PHE A 952 82.31 50.33 35.80
C PHE A 952 80.99 51.05 36.06
N LYS A 953 80.20 50.57 37.02
CA LYS A 953 78.95 51.25 37.36
C LYS A 953 79.18 52.64 37.94
N LYS A 954 80.40 52.95 38.38
CA LYS A 954 80.70 54.21 39.03
C LYS A 954 81.47 55.17 38.13
N ASP A 955 81.34 55.00 36.80
CA ASP A 955 81.95 55.95 35.89
C ASP A 955 81.24 57.31 35.98
N PRO A 956 81.95 58.40 35.69
CA PRO A 956 81.30 59.71 35.63
C PRO A 956 80.24 59.75 34.56
N PRO A 957 79.14 60.44 34.80
CA PRO A 957 78.03 60.43 33.83
C PRO A 957 78.41 61.11 32.53
N LEU A 958 77.79 60.66 31.44
CA LEU A 958 77.97 61.30 30.15
C LEU A 958 76.99 62.45 29.98
N ALA A 959 77.40 63.45 29.20
CA ALA A 959 76.64 64.70 29.14
C ALA A 959 75.26 64.47 28.53
N ALA A 960 75.16 63.59 27.53
CA ALA A 960 73.86 63.31 26.93
C ALA A 960 72.94 62.62 27.92
N VAL A 961 73.47 61.69 28.71
CA VAL A 961 72.65 60.95 29.65
C VAL A 961 72.22 61.85 30.80
N THR A 962 73.15 62.62 31.37
CA THR A 962 72.80 63.56 32.42
C THR A 962 71.78 64.58 31.90
N THR A 963 71.97 65.05 30.67
CA THR A 963 71.04 66.01 30.10
C THR A 963 69.65 65.40 29.95
N ALA A 964 69.57 64.15 29.49
CA ALA A 964 68.28 63.49 29.35
C ALA A 964 67.60 63.31 30.71
N VAL A 965 68.37 62.90 31.72
CA VAL A 965 67.80 62.69 33.05
C VAL A 965 67.29 64.00 33.62
N GLN A 966 68.09 65.06 33.50
CA GLN A 966 67.68 66.37 33.98
C GLN A 966 66.45 66.87 33.22
N GLU A 967 66.40 66.60 31.90
CA GLU A 967 65.28 67.03 31.10
C GLU A 967 64.00 66.34 31.53
N LEU A 968 64.09 65.04 31.80
CA LEU A 968 62.93 64.29 32.28
C LEU A 968 62.48 64.75 33.65
N LEU A 969 63.43 64.99 34.57
CA LEU A 969 63.04 65.44 35.90
C LEU A 969 62.36 66.80 35.86
N ARG A 970 62.92 67.74 35.09
CA ARG A 970 62.25 69.04 34.99
C ARG A 970 60.91 68.90 34.28
N LEU A 971 60.81 68.03 33.27
CA LEU A 971 59.54 67.82 32.59
C LEU A 971 58.48 67.35 33.58
N ALA A 972 58.86 66.47 34.50
CA ALA A 972 57.95 66.08 35.55
C ALA A 972 57.59 67.31 36.38
N GLN A 973 58.59 68.11 36.71
CA GLN A 973 58.36 69.35 37.44
C GLN A 973 57.65 70.39 36.58
N ALA A 974 57.94 70.42 35.27
CA ALA A 974 57.52 71.50 34.36
C ALA A 974 56.09 71.39 33.87
N HIS A 975 55.29 70.42 34.33
CA HIS A 975 53.90 70.32 33.88
C HIS A 975 52.98 70.09 35.08
N PRO A 976 51.98 70.96 35.27
CA PRO A 976 51.17 70.90 36.49
C PRO A 976 50.40 69.60 36.69
N ALA A 977 49.93 68.97 35.61
CA ALA A 977 49.20 67.71 35.75
C ALA A 977 49.59 66.66 34.72
N GLY A 978 50.66 66.86 33.96
CA GLY A 978 51.02 65.92 32.93
C GLY A 978 50.95 66.58 31.58
N PRO A 979 51.99 66.47 30.77
CA PRO A 979 51.96 67.09 29.46
C PRO A 979 51.00 66.35 28.55
N PRO A 980 50.45 67.04 27.54
CA PRO A 980 49.52 66.37 26.62
C PRO A 980 50.18 65.22 25.88
N THR A 981 49.41 64.16 25.67
CA THR A 981 49.90 63.03 24.90
C THR A 981 49.69 63.31 23.43
N LEU A 982 50.31 62.50 22.58
CA LEU A 982 50.06 62.73 21.15
C LEU A 982 48.65 62.24 20.86
N ASP A 983 47.70 63.17 20.93
CA ASP A 983 46.29 62.82 20.94
C ASP A 983 45.91 62.06 19.68
N PRO A 984 45.19 60.94 19.79
CA PRO A 984 44.78 60.19 18.59
C PRO A 984 44.00 61.04 17.62
N VAL A 985 43.18 61.97 18.11
CA VAL A 985 42.34 62.81 17.27
C VAL A 985 42.97 64.18 17.06
N ASN A 986 43.45 64.82 18.12
CA ASN A 986 43.86 66.21 17.97
C ASN A 986 45.33 66.36 17.61
N ASP A 987 46.09 65.28 17.61
CA ASP A 987 47.47 65.36 17.14
C ASP A 987 47.78 64.29 16.09
N LEU A 988 47.14 63.12 16.22
CA LEU A 988 47.32 62.05 15.25
C LEU A 988 46.28 62.02 14.13
N GLN A 989 45.31 62.95 14.14
CA GLN A 989 44.36 63.09 13.04
C GLN A 989 43.60 61.78 12.76
N LEU A 990 42.85 61.33 13.76
CA LEU A 990 41.97 60.18 13.63
C LEU A 990 40.53 60.64 13.73
N LYS A 991 39.59 59.74 13.38
CA LYS A 991 38.21 60.22 13.25
C LYS A 991 37.13 59.34 13.89
N ASP A 992 37.46 58.51 14.86
CA ASP A 992 36.43 57.71 15.51
C ASP A 992 35.54 58.60 16.37
N MET A 993 34.22 58.57 16.11
CA MET A 993 33.29 59.42 16.86
C MET A 993 33.18 58.94 18.32
N SER A 994 33.17 57.62 18.51
CA SER A 994 33.00 57.04 19.84
C SER A 994 34.11 57.52 20.76
N VAL A 995 35.31 57.70 20.23
CA VAL A 995 36.43 58.14 21.05
C VAL A 995 36.25 59.60 21.46
N VAL A 996 35.66 60.42 20.59
CA VAL A 996 35.38 61.81 20.98
C VAL A 996 34.35 61.83 22.10
N GLU A 997 33.31 61.00 21.99
CA GLU A 997 32.33 60.92 23.08
C GLU A 997 32.98 60.41 24.36
N GLY A 998 33.87 59.42 24.25
CA GLY A 998 34.61 58.94 25.39
C GLY A 998 35.44 60.03 26.04
N GLY A 999 36.07 60.87 25.22
CA GLY A 999 36.85 61.97 25.77
C GLY A 999 35.97 62.96 26.52
N LEU A 1000 34.76 63.19 26.01
CA LEU A 1000 33.84 64.08 26.72
C LEU A 1000 33.41 63.46 28.04
N ARG A 1001 33.19 62.14 28.04
CA ARG A 1001 32.84 61.44 29.28
C ARG A 1001 34.00 61.50 30.27
N ALA A 1002 35.23 61.36 29.78
CA ALA A 1002 36.40 61.52 30.64
C ALA A 1002 36.44 62.91 31.25
N ARG A 1003 36.20 63.95 30.44
CA ARG A 1003 36.20 65.31 30.97
C ARG A 1003 35.15 65.48 32.06
N LYS A 1004 33.94 64.96 31.83
CA LYS A 1004 32.89 65.08 32.83
C LYS A 1004 33.22 64.29 34.10
N LEU A 1005 33.83 63.11 33.94
CA LEU A 1005 34.20 62.31 35.09
C LEU A 1005 35.30 63.00 35.89
N GLU A 1006 36.25 63.64 35.22
CA GLU A 1006 37.26 64.43 35.92
C GLU A 1006 36.61 65.56 36.70
N GLU A 1007 35.64 66.23 36.08
CA GLU A 1007 34.93 67.32 36.74
C GLU A 1007 34.22 66.83 37.99
N LEU A 1008 33.57 65.68 37.90
CA LEU A 1008 32.87 65.12 39.07
C LEU A 1008 33.85 64.65 40.13
N ILE A 1009 34.95 64.02 39.71
CA ILE A 1009 35.95 63.49 40.62
C ILE A 1009 36.59 64.62 41.42
N GLN A 1010 36.73 65.78 40.83
CA GLN A 1010 37.32 66.87 41.59
C GLN A 1010 36.37 67.46 42.67
N GLY A 1011 35.18 66.93 42.95
CA GLY A 1011 34.36 67.49 44.01
C GLY A 1011 33.83 66.53 45.06
N ALA A 1012 34.39 65.33 45.16
CA ALA A 1012 33.79 64.32 46.01
C ALA A 1012 33.85 64.71 47.48
N GLN A 1013 32.77 64.38 48.21
CA GLN A 1013 32.72 64.64 49.64
C GLN A 1013 33.34 63.55 50.49
N CYS A 1014 33.37 62.30 49.98
CA CYS A 1014 33.97 61.21 50.74
C CYS A 1014 35.45 61.45 50.98
N VAL A 1015 36.13 62.10 50.05
CA VAL A 1015 37.56 62.37 50.19
C VAL A 1015 37.83 63.17 51.46
N HIS A 1016 36.83 63.91 51.93
CA HIS A 1016 36.94 64.73 53.13
C HIS A 1016 36.37 64.03 54.36
N SER A 1017 35.79 62.83 54.19
CA SER A 1017 35.19 62.12 55.29
C SER A 1017 36.25 61.49 56.21
N PRO A 1018 35.95 61.36 57.50
CA PRO A 1018 36.90 60.70 58.41
C PRO A 1018 37.11 59.22 58.09
N ARG A 1019 36.10 58.54 57.57
CA ARG A 1019 36.11 57.09 57.41
C ARG A 1019 36.20 56.74 55.92
N PHE A 1020 36.98 57.54 55.21
CA PHE A 1020 37.12 57.36 53.76
C PHE A 1020 37.78 56.05 53.33
N PRO A 1021 38.93 55.64 53.88
CA PRO A 1021 39.59 54.44 53.31
C PRO A 1021 38.89 53.12 53.57
N ALA A 1022 38.41 52.90 54.80
CA ALA A 1022 37.96 51.57 55.21
C ALA A 1022 36.66 51.19 54.52
N GLN A 1023 35.62 52.01 54.71
CA GLN A 1023 34.35 51.79 54.05
C GLN A 1023 34.56 51.64 52.55
N TYR A 1024 35.47 52.42 51.99
CA TYR A 1024 35.69 52.40 50.55
C TYR A 1024 36.26 51.07 50.09
N LEU A 1025 37.28 50.57 50.79
CA LEU A 1025 37.84 49.26 50.44
C LEU A 1025 36.79 48.16 50.60
N LYS A 1026 35.97 48.23 51.63
CA LYS A 1026 34.91 47.24 51.78
C LYS A 1026 33.93 47.31 50.61
N LEU A 1027 33.61 48.53 50.17
CA LEU A 1027 32.76 48.71 49.00
C LEU A 1027 33.42 48.13 47.76
N ARG A 1028 34.74 48.32 47.61
CA ARG A 1028 35.44 47.70 46.48
C ARG A 1028 35.23 46.21 46.49
N GLU A 1029 35.47 45.59 47.65
CA GLU A 1029 35.39 44.13 47.72
C GLU A 1029 33.98 43.66 47.38
N ARG A 1030 32.97 44.30 47.98
CA ARG A 1030 31.62 43.82 47.72
C ARG A 1030 31.22 44.03 46.28
N MET A 1031 31.56 45.18 45.67
CA MET A 1031 31.12 45.36 44.29
C MET A 1031 31.84 44.40 43.36
N GLN A 1032 33.14 44.18 43.57
CA GLN A 1032 33.86 43.25 42.71
C GLN A 1032 33.26 41.85 42.81
N ILE A 1033 33.03 41.41 44.04
CA ILE A 1033 32.47 40.07 44.24
C ILE A 1033 31.06 39.99 43.67
N GLN A 1034 30.26 41.04 43.87
CA GLN A 1034 28.90 41.03 43.34
C GLN A 1034 28.90 40.97 41.82
N LYS A 1035 29.82 41.70 41.19
CA LYS A 1035 29.91 41.66 39.74
C LYS A 1035 30.30 40.27 39.26
N GLU A 1036 31.25 39.65 39.96
CA GLU A 1036 31.65 38.30 39.58
C GLU A 1036 30.48 37.33 39.76
N MET A 1037 29.68 37.50 40.81
CA MET A 1037 28.47 36.69 40.96
C MET A 1037 27.49 36.95 39.83
N GLU A 1038 27.31 38.21 39.43
CA GLU A 1038 26.38 38.52 38.35
C GLU A 1038 26.80 37.82 37.06
N ARG A 1039 28.09 37.90 36.73
CA ARG A 1039 28.57 37.21 35.55
C ARG A 1039 28.38 35.71 35.69
N LEU A 1040 28.64 35.19 36.90
CA LEU A 1040 28.49 33.76 37.15
C LEU A 1040 27.05 33.32 36.93
N ARG A 1041 26.10 34.09 37.47
CA ARG A 1041 24.69 33.76 37.29
C ARG A 1041 24.30 33.86 35.83
N PHE A 1042 24.86 34.83 35.10
CA PHE A 1042 24.54 34.91 33.68
C PHE A 1042 25.02 33.65 32.99
N LEU A 1043 26.21 33.17 33.34
CA LEU A 1043 26.70 31.93 32.76
C LEU A 1043 25.80 30.76 33.15
N LEU A 1044 25.19 30.85 34.34
CA LEU A 1044 24.28 29.82 34.81
C LEU A 1044 22.83 30.07 34.39
N SER A 1045 22.55 31.20 33.76
CA SER A 1045 21.19 31.57 33.41
C SER A 1045 20.81 30.93 32.08
N ASP A 1046 19.67 31.33 31.52
CA ASP A 1046 19.19 30.77 30.27
C ASP A 1046 19.55 31.65 29.11
N GLN A 1047 19.78 32.94 29.36
CA GLN A 1047 20.20 33.87 28.32
C GLN A 1047 21.59 33.55 27.81
N SER A 1048 22.34 32.72 28.54
CA SER A 1048 23.67 32.35 28.07
C SER A 1048 23.58 31.57 26.77
N LEU A 1049 22.52 30.79 26.60
CA LEU A 1049 22.35 29.99 25.39
C LEU A 1049 22.45 30.86 24.16
N LEU A 1050 23.35 30.48 23.26
CA LEU A 1050 23.62 31.30 22.08
C LEU A 1050 22.39 31.39 21.17
N LEU A 1051 21.62 30.31 21.08
CA LEU A 1051 20.53 30.22 20.11
C LEU A 1051 19.18 30.61 20.68
N LEU A 1052 19.12 31.15 21.90
CA LEU A 1052 17.83 31.46 22.49
C LEU A 1052 17.03 32.47 21.69
N PRO A 1053 17.59 33.59 21.22
CA PRO A 1053 16.78 34.51 20.41
C PRO A 1053 16.21 33.86 19.17
N GLU A 1054 16.93 32.91 18.57
CA GLU A 1054 16.39 32.24 17.40
C GLU A 1054 15.26 31.29 17.78
N TYR A 1055 15.33 30.68 18.95
CA TYR A 1055 14.20 29.91 19.43
C TYR A 1055 12.97 30.79 19.60
N HIS A 1056 13.16 31.99 20.17
CA HIS A 1056 12.02 32.87 20.33
C HIS A 1056 11.47 33.30 18.98
N GLN A 1057 12.34 33.56 18.01
CA GLN A 1057 11.88 33.93 16.68
C GLN A 1057 11.09 32.79 16.04
N ARG A 1058 11.54 31.56 16.23
CA ARG A 1058 10.81 30.40 15.70
C ARG A 1058 9.43 30.27 16.34
N VAL A 1059 9.35 30.42 17.65
CA VAL A 1059 8.03 30.31 18.28
C VAL A 1059 7.12 31.43 17.78
N GLU A 1060 7.66 32.62 17.58
CA GLU A 1060 6.85 33.70 17.01
C GLU A 1060 6.37 33.36 15.60
N VAL A 1061 7.24 32.77 14.78
CA VAL A 1061 6.81 32.40 13.43
C VAL A 1061 5.69 31.38 13.53
N LEU A 1062 5.79 30.47 14.51
CA LEU A 1062 4.71 29.52 14.73
C LEU A 1062 3.43 30.24 15.12
N ARG A 1063 3.54 31.26 15.98
CA ARG A 1063 2.36 31.93 16.51
C ARG A 1063 1.69 32.85 15.51
N THR A 1064 2.40 33.32 14.49
CA THR A 1064 1.70 34.16 13.53
C THR A 1064 0.80 33.32 12.64
N LEU A 1065 1.31 32.18 12.18
CA LEU A 1065 0.45 31.12 11.69
C LEU A 1065 -0.27 30.47 12.85
N GLY A 1066 -1.23 29.62 12.53
CA GLY A 1066 -2.03 29.02 13.58
C GLY A 1066 -1.58 27.69 14.16
N TYR A 1067 -0.35 27.58 14.66
CA TYR A 1067 0.14 26.29 15.12
C TYR A 1067 0.34 26.22 16.61
N VAL A 1068 0.52 27.35 17.28
CA VAL A 1068 0.81 27.36 18.71
C VAL A 1068 0.04 28.50 19.36
N ASP A 1069 -0.71 28.19 20.40
CA ASP A 1069 -1.43 29.19 21.15
C ASP A 1069 -0.43 30.05 21.93
N GLU A 1070 -0.93 31.16 22.48
CA GLU A 1070 -0.14 31.93 23.40
C GLU A 1070 0.25 31.08 24.61
N ALA A 1071 1.43 31.34 25.15
CA ALA A 1071 1.99 30.56 26.25
C ALA A 1071 2.21 29.11 25.85
N GLY A 1072 2.46 28.88 24.55
CA GLY A 1072 2.97 27.61 24.07
C GLY A 1072 2.17 26.36 24.33
N THR A 1073 0.97 26.26 23.74
CA THR A 1073 0.23 25.02 23.71
C THR A 1073 -0.09 24.70 22.26
N VAL A 1074 0.21 23.46 21.85
CA VAL A 1074 0.13 23.12 20.44
C VAL A 1074 -1.32 23.14 19.99
N LYS A 1075 -1.55 23.71 18.82
CA LYS A 1075 -2.88 23.70 18.23
C LYS A 1075 -2.99 22.54 17.26
N LEU A 1076 -4.15 22.42 16.63
CA LEU A 1076 -4.41 21.25 15.80
C LEU A 1076 -3.47 21.21 14.60
N ALA A 1077 -3.27 22.36 13.95
CA ALA A 1077 -2.34 22.41 12.84
C ALA A 1077 -0.93 22.05 13.26
N GLY A 1078 -0.55 22.45 14.48
CA GLY A 1078 0.77 22.09 14.97
C GLY A 1078 0.94 20.60 15.17
N ARG A 1079 -0.06 19.95 15.77
CA ARG A 1079 0.03 18.52 15.95
C ARG A 1079 -0.12 17.76 14.63
N VAL A 1080 -0.73 18.38 13.63
CA VAL A 1080 -0.73 17.76 12.31
C VAL A 1080 0.65 17.85 11.69
N ALA A 1081 1.29 19.02 11.79
CA ALA A 1081 2.61 19.18 11.22
C ALA A 1081 3.67 18.45 12.02
N CYS A 1082 3.33 17.97 13.21
CA CYS A 1082 4.30 17.22 14.00
C CYS A 1082 4.64 15.91 13.31
N ALA A 1083 3.62 15.12 12.97
CA ALA A 1083 3.83 13.81 12.36
C ALA A 1083 3.83 13.97 10.83
N MET A 1084 4.89 14.61 10.35
CA MET A 1084 5.11 14.81 8.93
C MET A 1084 6.59 14.62 8.64
N SER A 1085 6.89 14.07 7.46
CA SER A 1085 8.27 13.73 7.14
C SER A 1085 9.14 14.96 7.00
N SER A 1086 8.83 15.81 6.03
CA SER A 1086 9.66 16.97 5.75
C SER A 1086 8.79 18.12 5.26
N HIS A 1087 9.33 19.33 5.30
CA HIS A 1087 8.61 20.53 4.89
C HIS A 1087 7.26 20.60 5.57
N GLU A 1088 7.28 20.44 6.89
CA GLU A 1088 6.04 20.34 7.64
C GLU A 1088 5.17 21.57 7.46
N LEU A 1089 5.77 22.76 7.54
CA LEU A 1089 5.00 23.99 7.46
C LEU A 1089 4.26 24.10 6.14
N LEU A 1090 4.97 23.90 5.03
CA LEU A 1090 4.36 24.10 3.73
C LEU A 1090 3.23 23.11 3.49
N LEU A 1091 3.45 21.85 3.84
CA LEU A 1091 2.43 20.84 3.59
C LEU A 1091 1.19 21.07 4.44
N THR A 1092 1.36 21.35 5.72
CA THR A 1092 0.18 21.55 6.55
C THR A 1092 -0.55 22.83 6.17
N GLU A 1093 0.19 23.88 5.79
CA GLU A 1093 -0.45 25.09 5.33
C GLU A 1093 -1.25 24.81 4.07
N LEU A 1094 -0.70 23.98 3.17
CA LEU A 1094 -1.43 23.61 1.97
C LEU A 1094 -2.70 22.86 2.33
N MET A 1095 -2.65 21.98 3.34
CA MET A 1095 -3.84 21.23 3.71
C MET A 1095 -4.93 22.15 4.23
N PHE A 1096 -4.60 23.07 5.13
CA PHE A 1096 -5.65 23.95 5.64
C PHE A 1096 -6.17 24.90 4.57
N ASP A 1097 -5.28 25.51 3.79
CA ASP A 1097 -5.78 26.25 2.64
C ASP A 1097 -6.47 25.27 1.69
N ASN A 1098 -7.28 25.80 0.78
CA ASN A 1098 -8.07 24.96 -0.12
C ASN A 1098 -7.42 24.79 -1.48
N ALA A 1099 -6.09 24.80 -1.53
CA ALA A 1099 -5.39 24.70 -2.82
C ALA A 1099 -5.61 23.34 -3.45
N LEU A 1100 -5.21 22.29 -2.74
CA LEU A 1100 -5.18 20.94 -3.31
C LEU A 1100 -6.55 20.28 -3.34
N SER A 1101 -7.45 20.65 -2.42
CA SER A 1101 -8.68 19.89 -2.22
C SER A 1101 -9.51 19.76 -3.49
N THR A 1102 -9.45 20.74 -4.39
CA THR A 1102 -10.36 20.82 -5.51
C THR A 1102 -9.72 20.40 -6.84
N LEU A 1103 -8.81 19.43 -6.80
CA LEU A 1103 -8.15 18.95 -8.01
C LEU A 1103 -8.38 17.46 -8.15
N ARG A 1104 -8.01 16.94 -9.31
CA ARG A 1104 -8.07 15.50 -9.52
C ARG A 1104 -6.94 14.84 -8.73
N PRO A 1105 -7.11 13.58 -8.32
CA PRO A 1105 -6.00 12.91 -7.62
C PRO A 1105 -4.79 12.68 -8.48
N GLU A 1106 -4.94 12.63 -9.80
CA GLU A 1106 -3.79 12.46 -10.69
C GLU A 1106 -3.05 13.75 -10.95
N GLU A 1107 -3.47 14.86 -10.38
CA GLU A 1107 -2.74 16.12 -10.51
C GLU A 1107 -2.08 16.52 -9.22
N ILE A 1108 -2.61 16.08 -8.08
CA ILE A 1108 -2.00 16.41 -6.80
C ILE A 1108 -0.65 15.71 -6.65
N ALA A 1109 -0.51 14.49 -7.18
CA ALA A 1109 0.78 13.82 -7.10
C ALA A 1109 1.83 14.59 -7.89
N ALA A 1110 1.45 15.08 -9.07
CA ALA A 1110 2.41 15.82 -9.87
C ALA A 1110 2.68 17.18 -9.27
N LEU A 1111 1.67 17.79 -8.63
CA LEU A 1111 1.89 19.06 -7.97
C LEU A 1111 2.83 18.92 -6.78
N LEU A 1112 2.70 17.83 -6.01
CA LEU A 1112 3.57 17.58 -4.87
C LEU A 1112 4.93 17.03 -5.25
N SER A 1113 5.14 16.65 -6.52
CA SER A 1113 6.46 16.20 -6.91
C SER A 1113 7.52 17.29 -6.82
N GLY A 1114 7.12 18.54 -6.62
CA GLY A 1114 8.06 19.65 -6.53
C GLY A 1114 8.82 19.77 -5.22
N LEU A 1115 8.49 19.01 -4.19
CA LEU A 1115 9.20 19.12 -2.93
C LEU A 1115 10.34 18.13 -2.77
N VAL A 1116 10.51 17.19 -3.69
CA VAL A 1116 11.37 16.04 -3.42
C VAL A 1116 12.45 15.85 -4.47
N CYS A 1117 12.29 16.39 -5.67
CA CYS A 1117 13.07 15.94 -6.82
C CYS A 1117 14.56 16.16 -6.60
N GLN A 1118 14.94 17.32 -6.06
CA GLN A 1118 16.33 17.73 -5.86
C GLN A 1118 17.14 17.60 -7.16
N SER A 1119 16.65 18.31 -8.16
CA SER A 1119 17.20 18.31 -9.51
C SER A 1119 17.06 19.73 -10.04
N PRO A 1120 17.86 20.12 -11.02
CA PRO A 1120 17.71 21.44 -11.62
C PRO A 1120 16.28 21.66 -12.12
N GLY A 1121 15.70 22.79 -11.73
CA GLY A 1121 14.29 23.00 -11.93
C GLY A 1121 13.93 24.11 -12.91
N ASP A 1122 12.73 24.02 -13.47
CA ASP A 1122 12.20 25.02 -14.39
C ASP A 1122 10.69 24.86 -14.44
N ALA A 1123 10.04 25.84 -15.06
CA ALA A 1123 8.60 25.75 -15.30
C ALA A 1123 8.39 24.92 -16.56
N GLY A 1124 7.16 24.90 -17.07
CA GLY A 1124 6.85 24.12 -18.24
C GLY A 1124 6.05 24.91 -19.26
N ASP A 1125 5.95 24.33 -20.45
CA ASP A 1125 5.14 24.83 -21.55
C ASP A 1125 4.00 23.90 -21.89
N GLN A 1126 4.28 22.62 -22.08
CA GLN A 1126 3.24 21.66 -22.46
C GLN A 1126 2.62 21.11 -21.18
N LEU A 1127 1.89 22.00 -20.52
CA LEU A 1127 1.20 21.71 -19.27
C LEU A 1127 -0.23 22.18 -19.36
N PRO A 1128 -1.17 21.48 -18.74
CA PRO A 1128 -2.55 21.95 -18.71
C PRO A 1128 -2.63 23.30 -18.02
N ASN A 1129 -3.79 23.94 -18.14
CA ASN A 1129 -3.97 25.22 -17.44
C ASN A 1129 -4.07 24.99 -15.93
N THR A 1130 -4.72 23.90 -15.52
CA THR A 1130 -4.94 23.66 -14.09
C THR A 1130 -3.64 23.46 -13.36
N LEU A 1131 -2.71 22.69 -13.95
CA LEU A 1131 -1.40 22.51 -13.34
C LEU A 1131 -0.63 23.83 -13.37
N LYS A 1132 -0.73 24.58 -14.46
CA LYS A 1132 0.01 25.81 -14.55
C LYS A 1132 -0.47 26.85 -13.56
N GLN A 1133 -1.68 26.71 -13.03
CA GLN A 1133 -2.14 27.59 -11.96
C GLN A 1133 -1.95 27.00 -10.56
N GLY A 1134 -2.02 25.67 -10.41
CA GLY A 1134 -1.69 25.08 -9.13
C GLY A 1134 -0.24 25.33 -8.75
N ILE A 1135 0.66 25.33 -9.74
CA ILE A 1135 2.06 25.65 -9.47
C ILE A 1135 2.17 27.06 -8.92
N GLU A 1136 1.44 28.00 -9.52
CA GLU A 1136 1.48 29.37 -9.02
C GLU A 1136 0.87 29.48 -7.63
N ARG A 1137 -0.22 28.76 -7.38
CA ARG A 1137 -0.82 28.83 -6.04
C ARG A 1137 0.14 28.30 -4.98
N VAL A 1138 0.80 27.18 -5.23
CA VAL A 1138 1.75 26.68 -4.26
C VAL A 1138 2.90 27.68 -4.10
N ARG A 1139 3.38 28.26 -5.19
CA ARG A 1139 4.46 29.22 -5.05
C ARG A 1139 4.02 30.45 -4.27
N ALA A 1140 2.77 30.85 -4.42
CA ALA A 1140 2.26 31.99 -3.65
C ALA A 1140 2.13 31.65 -2.17
N VAL A 1141 1.71 30.44 -1.85
CA VAL A 1141 1.65 30.03 -0.45
C VAL A 1141 3.05 30.00 0.14
N ALA A 1142 4.02 29.54 -0.66
CA ALA A 1142 5.40 29.54 -0.21
C ALA A 1142 5.88 30.96 0.01
N LYS A 1143 5.46 31.88 -0.85
CA LYS A 1143 5.82 33.28 -0.67
C LYS A 1143 5.25 33.81 0.64
N ARG A 1144 4.01 33.44 0.96
CA ARG A 1144 3.43 33.92 2.22
C ARG A 1144 4.20 33.36 3.41
N ILE A 1145 4.56 32.08 3.36
CA ILE A 1145 5.30 31.49 4.47
C ILE A 1145 6.67 32.16 4.61
N GLY A 1146 7.35 32.39 3.49
CA GLY A 1146 8.63 33.07 3.57
C GLY A 1146 8.49 34.49 4.07
N GLU A 1147 7.38 35.14 3.77
CA GLU A 1147 7.16 36.49 4.24
C GLU A 1147 6.86 36.51 5.73
N VAL A 1148 6.19 35.48 6.25
CA VAL A 1148 5.99 35.46 7.69
C VAL A 1148 7.24 35.01 8.42
N GLN A 1149 8.14 34.28 7.74
CA GLN A 1149 9.40 33.96 8.37
C GLN A 1149 10.30 35.19 8.44
N VAL A 1150 10.46 35.88 7.31
CA VAL A 1150 11.42 36.98 7.27
C VAL A 1150 10.92 38.22 7.97
N ALA A 1151 9.62 38.35 8.17
CA ALA A 1151 9.06 39.50 8.87
C ALA A 1151 8.93 39.26 10.36
N CYS A 1152 9.57 38.20 10.86
CA CYS A 1152 9.46 37.81 12.26
C CYS A 1152 10.77 37.91 13.01
N GLY A 1153 11.90 37.75 12.33
CA GLY A 1153 13.20 37.86 12.94
C GLY A 1153 14.18 36.84 12.41
N LEU A 1154 13.66 35.83 11.73
CA LEU A 1154 14.51 34.84 11.09
C LEU A 1154 15.35 35.49 10.01
N ASN A 1155 16.51 34.93 9.76
CA ASN A 1155 17.40 35.40 8.71
C ASN A 1155 17.39 34.30 7.66
N GLN A 1156 16.40 34.39 6.77
CA GLN A 1156 16.34 33.56 5.57
C GLN A 1156 15.47 34.29 4.58
N THR A 1157 16.07 34.86 3.54
CA THR A 1157 15.31 35.71 2.65
C THR A 1157 14.28 34.88 1.89
N VAL A 1158 13.20 35.54 1.48
CA VAL A 1158 12.10 34.83 0.85
C VAL A 1158 12.59 34.07 -0.37
N GLU A 1159 13.56 34.64 -1.08
CA GLU A 1159 14.11 33.96 -2.25
C GLU A 1159 14.80 32.65 -1.86
N GLU A 1160 15.51 32.66 -0.73
CA GLU A 1160 16.20 31.44 -0.30
C GLU A 1160 15.21 30.35 0.10
N PHE A 1161 14.08 30.73 0.68
CA PHE A 1161 13.09 29.73 1.04
C PHE A 1161 12.36 29.21 -0.19
N VAL A 1162 12.01 30.09 -1.12
CA VAL A 1162 11.25 29.64 -2.28
C VAL A 1162 12.14 28.94 -3.29
N GLY A 1163 13.46 29.08 -3.18
CA GLY A 1163 14.30 28.38 -4.13
C GLY A 1163 14.45 26.89 -3.90
N GLU A 1164 13.97 26.37 -2.78
CA GLU A 1164 13.97 24.92 -2.60
C GLU A 1164 12.93 24.24 -3.47
N LEU A 1165 11.82 24.92 -3.73
CA LEU A 1165 10.82 24.41 -4.66
C LEU A 1165 11.36 24.50 -6.08
N ASN A 1166 11.72 23.37 -6.66
CA ASN A 1166 12.24 23.35 -8.04
C ASN A 1166 11.45 22.32 -8.83
N PHE A 1167 10.34 22.78 -9.40
CA PHE A 1167 9.54 21.95 -10.27
C PHE A 1167 10.30 21.70 -11.58
N GLY A 1168 9.80 20.74 -12.36
CA GLY A 1168 10.48 20.35 -13.57
C GLY A 1168 10.41 18.87 -13.80
N LEU A 1169 9.94 18.13 -12.79
CA LEU A 1169 9.48 16.77 -12.97
C LEU A 1169 7.98 16.65 -12.74
N VAL A 1170 7.27 17.78 -12.69
CA VAL A 1170 5.84 17.75 -12.45
C VAL A 1170 5.11 17.07 -13.59
N GLU A 1171 5.47 17.44 -14.83
CA GLU A 1171 4.83 16.85 -15.99
C GLU A 1171 5.23 15.39 -16.12
N VAL A 1172 6.44 15.04 -15.72
CA VAL A 1172 6.89 13.66 -15.86
C VAL A 1172 6.13 12.78 -14.87
N VAL A 1173 5.93 13.27 -13.65
CA VAL A 1173 5.16 12.52 -12.66
C VAL A 1173 3.69 12.45 -13.07
N TYR A 1174 3.18 13.54 -13.65
CA TYR A 1174 1.80 13.54 -14.12
C TYR A 1174 1.58 12.52 -15.21
N GLU A 1175 2.56 12.38 -16.11
CA GLU A 1175 2.44 11.36 -17.15
C GLU A 1175 2.67 9.97 -16.59
N TRP A 1176 3.49 9.84 -15.56
CA TRP A 1176 3.73 8.53 -14.98
C TRP A 1176 2.48 8.02 -14.29
N ALA A 1177 1.74 8.92 -13.65
CA ALA A 1177 0.55 8.51 -12.93
C ALA A 1177 -0.68 8.54 -13.84
N ARG A 1178 -0.55 7.90 -14.99
CA ARG A 1178 -1.70 7.58 -15.85
C ARG A 1178 -1.66 6.16 -16.38
N GLY A 1179 -0.50 5.52 -16.42
CA GLY A 1179 -0.37 4.20 -16.98
C GLY A 1179 0.76 4.18 -17.99
N MET A 1180 1.55 5.26 -18.01
CA MET A 1180 2.62 5.42 -18.99
C MET A 1180 3.82 4.56 -18.59
N PRO A 1181 4.31 3.70 -19.47
CA PRO A 1181 5.46 2.87 -19.11
C PRO A 1181 6.72 3.71 -18.97
N PHE A 1182 7.72 3.09 -18.34
CA PHE A 1182 8.89 3.84 -17.91
C PHE A 1182 9.69 4.39 -19.09
N SER A 1183 9.69 3.65 -20.20
CA SER A 1183 10.56 3.99 -21.32
C SER A 1183 10.27 5.38 -21.86
N GLU A 1184 9.00 5.70 -22.04
CA GLU A 1184 8.63 7.01 -22.56
C GLU A 1184 9.05 8.12 -21.61
N LEU A 1185 8.93 7.89 -20.30
CA LEU A 1185 9.41 8.88 -19.35
C LEU A 1185 10.92 9.07 -19.49
N ALA A 1186 11.67 7.98 -19.60
CA ALA A 1186 13.11 8.08 -19.77
C ALA A 1186 13.47 8.89 -20.99
N GLY A 1187 12.74 8.67 -22.09
CA GLY A 1187 12.94 9.48 -23.28
C GLY A 1187 12.61 10.94 -23.07
N LEU A 1188 11.50 11.20 -22.36
CA LEU A 1188 10.91 12.53 -22.23
C LEU A 1188 11.93 13.65 -22.02
N SER A 1189 12.77 13.55 -21.00
CA SER A 1189 13.60 14.67 -20.60
C SER A 1189 14.98 14.20 -20.18
N GLY A 1190 15.91 15.15 -20.11
CA GLY A 1190 17.29 14.87 -19.80
C GLY A 1190 17.60 14.88 -18.32
N THR A 1191 17.09 13.87 -17.62
CA THR A 1191 17.46 13.62 -16.24
C THR A 1191 17.82 12.14 -16.09
N PRO A 1192 18.90 11.84 -15.37
CA PRO A 1192 19.31 10.43 -15.26
C PRO A 1192 18.23 9.56 -14.62
N GLU A 1193 18.08 8.37 -15.18
CA GLU A 1193 17.01 7.44 -14.86
C GLU A 1193 17.11 6.83 -13.47
N GLY A 1194 18.12 7.18 -12.68
CA GLY A 1194 18.12 6.79 -11.29
C GLY A 1194 17.49 7.86 -10.44
N LEU A 1195 17.75 9.12 -10.80
CA LEU A 1195 17.21 10.26 -10.09
C LEU A 1195 15.72 10.46 -10.33
N VAL A 1196 15.12 9.71 -11.25
CA VAL A 1196 13.68 9.75 -11.43
C VAL A 1196 13.00 8.74 -10.53
N VAL A 1197 13.57 7.53 -10.48
CA VAL A 1197 13.03 6.53 -9.56
C VAL A 1197 13.22 7.04 -8.14
N ARG A 1198 14.30 7.77 -7.90
CA ARG A 1198 14.50 8.35 -6.59
C ARG A 1198 13.34 9.27 -6.23
N CYS A 1199 13.04 10.23 -7.09
CA CYS A 1199 12.02 11.22 -6.80
C CYS A 1199 10.64 10.56 -6.63
N ILE A 1200 10.35 9.58 -7.47
CA ILE A 1200 9.05 8.91 -7.36
C ILE A 1200 9.00 8.12 -6.06
N GLN A 1201 10.12 7.53 -5.66
CA GLN A 1201 10.16 6.79 -4.41
C GLN A 1201 9.98 7.74 -3.23
N ARG A 1202 10.45 8.97 -3.37
CA ARG A 1202 10.35 9.96 -2.31
C ARG A 1202 9.00 10.63 -2.30
N LEU A 1203 8.21 10.44 -3.35
CA LEU A 1203 6.89 11.04 -3.41
C LEU A 1203 5.77 10.07 -3.06
N ALA A 1204 5.90 8.79 -3.42
CA ALA A 1204 4.85 7.86 -3.05
C ALA A 1204 4.86 7.55 -1.56
N GLU A 1205 5.90 7.93 -0.84
CA GLU A 1205 5.92 7.77 0.61
C GLU A 1205 5.48 9.03 1.34
N MET A 1206 5.36 10.14 0.62
CA MET A 1206 4.84 11.37 1.18
C MET A 1206 3.37 11.54 0.90
N CYS A 1207 2.91 11.12 -0.27
CA CYS A 1207 1.48 11.10 -0.49
C CYS A 1207 0.79 10.01 0.27
N ARG A 1208 1.53 9.30 1.12
CA ARG A 1208 0.95 8.32 2.00
C ARG A 1208 1.05 8.73 3.46
N SER A 1209 2.00 9.58 3.81
CA SER A 1209 1.88 10.18 5.12
C SER A 1209 0.93 11.35 5.07
N LEU A 1210 0.64 11.89 3.90
CA LEU A 1210 -0.41 12.87 3.84
C LEU A 1210 -1.77 12.20 3.81
N ARG A 1211 -1.83 10.98 3.27
CA ARG A 1211 -3.01 10.14 3.43
C ARG A 1211 -3.26 9.84 4.91
N GLY A 1212 -2.17 9.72 5.69
CA GLY A 1212 -2.33 9.50 7.11
C GLY A 1212 -2.65 10.74 7.89
N ALA A 1213 -2.29 11.91 7.37
CA ALA A 1213 -2.52 13.18 8.04
C ALA A 1213 -3.88 13.78 7.71
N ALA A 1214 -4.43 13.47 6.55
CA ALA A 1214 -5.76 13.96 6.21
C ALA A 1214 -6.83 13.35 7.11
N ARG A 1215 -6.58 12.15 7.63
CA ARG A 1215 -7.50 11.59 8.59
C ARG A 1215 -7.39 12.31 9.93
N LEU A 1216 -6.28 12.99 10.16
CA LEU A 1216 -6.10 13.66 11.43
C LEU A 1216 -6.67 15.06 11.39
N VAL A 1217 -6.52 15.75 10.27
CA VAL A 1217 -7.10 17.08 10.15
C VAL A 1217 -8.63 17.00 10.07
N GLY A 1218 -9.14 15.97 9.40
CA GLY A 1218 -10.56 15.84 9.19
C GLY A 1218 -11.02 16.12 7.77
N GLU A 1219 -10.20 15.78 6.79
CA GLU A 1219 -10.57 15.95 5.40
C GLU A 1219 -10.68 14.60 4.71
N PRO A 1220 -11.80 13.90 4.84
CA PRO A 1220 -11.89 12.56 4.23
C PRO A 1220 -11.95 12.58 2.72
N VAL A 1221 -11.90 13.76 2.10
CA VAL A 1221 -11.85 13.82 0.66
C VAL A 1221 -10.40 13.97 0.28
N LEU A 1222 -9.62 14.59 1.15
CA LEU A 1222 -8.17 14.53 0.95
C LEU A 1222 -7.66 13.15 1.30
N GLY A 1223 -8.29 12.49 2.27
CA GLY A 1223 -7.91 11.13 2.56
C GLY A 1223 -8.26 10.22 1.41
N ALA A 1224 -9.44 10.40 0.84
CA ALA A 1224 -9.86 9.56 -0.27
C ALA A 1224 -9.17 9.91 -1.59
N LYS A 1225 -8.49 11.05 -1.68
CA LYS A 1225 -7.71 11.31 -2.87
C LYS A 1225 -6.24 10.96 -2.71
N MET A 1226 -5.68 11.12 -1.52
CA MET A 1226 -4.31 10.67 -1.28
C MET A 1226 -4.21 9.16 -1.14
N GLU A 1227 -5.29 8.49 -0.80
CA GLU A 1227 -5.28 7.03 -0.81
C GLU A 1227 -5.51 6.48 -2.20
N THR A 1228 -5.83 7.35 -3.16
CA THR A 1228 -5.84 6.94 -4.56
C THR A 1228 -4.54 7.29 -5.26
N ALA A 1229 -4.06 8.53 -5.07
CA ALA A 1229 -2.83 8.93 -5.75
C ALA A 1229 -1.62 8.15 -5.25
N ALA A 1230 -1.71 7.49 -4.11
CA ALA A 1230 -0.61 6.67 -3.64
C ALA A 1230 -0.66 5.26 -4.17
N THR A 1231 -1.85 4.65 -4.22
CA THR A 1231 -1.95 3.28 -4.69
C THR A 1231 -1.81 3.17 -6.19
N LEU A 1232 -1.87 4.28 -6.92
CA LEU A 1232 -1.71 4.25 -8.37
C LEU A 1232 -0.30 4.61 -8.81
N LEU A 1233 0.61 4.81 -7.86
CA LEU A 1233 1.94 5.32 -8.14
C LEU A 1233 3.01 4.25 -8.04
N ARG A 1234 2.70 3.14 -7.40
CA ARG A 1234 3.68 2.07 -7.14
C ARG A 1234 3.17 0.79 -7.77
N ARG A 1235 3.68 0.48 -8.96
CA ARG A 1235 3.27 -0.71 -9.70
C ARG A 1235 4.39 -1.54 -10.29
N ASP A 1236 5.57 -1.00 -10.54
CA ASP A 1236 6.51 -1.65 -11.44
C ASP A 1236 7.94 -1.35 -11.01
N ILE A 1237 8.88 -1.55 -11.93
CA ILE A 1237 10.32 -1.58 -11.67
C ILE A 1237 10.82 -0.36 -10.89
N VAL A 1238 10.05 0.74 -10.91
CA VAL A 1238 10.39 1.84 -10.01
C VAL A 1238 10.36 1.38 -8.56
N PHE A 1239 9.48 0.44 -8.24
CA PHE A 1239 9.35 -0.07 -6.87
C PHE A 1239 9.78 -1.52 -6.77
N ALA A 1240 10.74 -1.93 -7.59
CA ALA A 1240 11.27 -3.28 -7.53
C ALA A 1240 11.98 -3.53 -6.21
N ALA A 1241 11.73 -4.70 -5.64
CA ALA A 1241 12.32 -5.10 -4.37
C ALA A 1241 13.83 -5.27 -4.48
N SER A 1242 14.54 -4.83 -3.44
CA SER A 1242 15.98 -4.95 -3.41
C SER A 1242 16.42 -6.41 -3.33
N LEU A 1243 17.51 -6.73 -4.01
CA LEU A 1243 18.01 -8.10 -4.02
C LEU A 1243 18.48 -8.57 -2.65
N TYR A 1244 19.18 -7.70 -1.90
CA TYR A 1244 19.72 -8.12 -0.61
C TYR A 1244 18.64 -8.62 0.33
N THR A 1245 17.49 -7.94 0.39
CA THR A 1245 16.48 -8.34 1.35
C THR A 1245 15.95 -9.73 1.02
N GLN A 1246 15.76 -10.02 -0.26
CA GLN A 1246 15.28 -11.33 -0.66
C GLN A 1246 16.37 -12.09 -1.43
N ALA B 445 51.73 -48.86 70.42
CA ALA B 445 50.51 -48.31 71.01
C ALA B 445 49.61 -47.72 69.94
N GLU B 446 50.23 -47.03 68.97
CA GLU B 446 49.53 -46.32 67.91
C GLU B 446 48.33 -45.53 68.43
N VAL B 447 48.50 -44.82 69.55
CA VAL B 447 47.37 -44.34 70.33
C VAL B 447 46.42 -43.50 69.47
N HIS B 448 46.92 -42.43 68.89
CA HIS B 448 46.10 -41.65 67.96
C HIS B 448 45.81 -42.43 66.68
N ALA B 449 46.81 -43.14 66.14
CA ALA B 449 46.62 -43.84 64.88
C ALA B 449 45.61 -44.97 64.99
N LEU B 450 45.72 -45.80 66.04
CA LEU B 450 44.78 -46.91 66.20
C LEU B 450 43.36 -46.42 66.47
N GLU B 451 43.22 -45.40 67.32
CA GLU B 451 41.90 -44.85 67.60
C GLU B 451 41.29 -44.25 66.35
N ALA B 452 42.08 -43.51 65.56
CA ALA B 452 41.59 -42.93 64.32
C ALA B 452 41.18 -44.01 63.33
N LEU B 453 41.97 -45.08 63.22
CA LEU B 453 41.61 -46.16 62.31
C LEU B 453 40.32 -46.85 62.75
N ILE B 454 40.16 -47.07 64.06
CA ILE B 454 38.93 -47.66 64.58
C ILE B 454 37.75 -46.75 64.31
N HIS B 455 37.93 -45.44 64.48
CA HIS B 455 36.85 -44.49 64.18
C HIS B 455 36.51 -44.52 62.69
N PHE B 456 37.51 -44.60 61.82
CA PHE B 456 37.24 -44.70 60.38
C PHE B 456 36.49 -45.96 60.03
N THR B 457 36.86 -47.09 60.65
CA THR B 457 36.12 -48.33 60.44
C THR B 457 34.69 -48.20 60.94
N LYS B 458 34.50 -47.53 62.08
CA LYS B 458 33.16 -47.27 62.60
C LYS B 458 32.35 -46.41 61.63
N LYS B 459 32.98 -45.39 61.05
CA LYS B 459 32.29 -44.56 60.06
C LYS B 459 31.89 -45.38 58.84
N ASP B 460 32.79 -46.25 58.38
CA ASP B 460 32.47 -47.11 57.25
C ASP B 460 31.32 -48.05 57.58
N TYR B 461 31.31 -48.59 58.78
CA TYR B 461 30.23 -49.44 59.28
C TYR B 461 29.17 -48.59 59.97
N LEU B 462 28.26 -49.22 60.69
CA LEU B 462 27.26 -48.52 61.46
C LEU B 462 27.86 -47.94 62.74
N GLN B 463 27.02 -47.32 63.56
CA GLN B 463 27.48 -46.62 64.75
C GLN B 463 27.74 -47.54 65.94
N ALA B 464 27.69 -48.86 65.74
CA ALA B 464 27.97 -49.79 66.83
C ALA B 464 29.40 -49.61 67.32
N GLU B 465 30.36 -49.68 66.40
CA GLU B 465 31.77 -49.51 66.73
C GLU B 465 32.03 -48.12 67.30
N LYS B 466 31.24 -47.13 66.89
CA LYS B 466 31.45 -45.76 67.33
C LYS B 466 31.42 -45.64 68.85
N CYS B 467 30.52 -46.37 69.51
CA CYS B 467 30.43 -46.28 70.97
C CYS B 467 31.74 -46.71 71.62
N PHE B 468 32.33 -47.80 71.14
CA PHE B 468 33.61 -48.26 71.65
C PHE B 468 34.71 -47.26 71.31
N GLN B 469 34.73 -46.76 70.08
CA GLN B 469 35.83 -45.88 69.68
C GLN B 469 35.78 -44.62 70.52
N ARG B 470 34.57 -44.08 70.74
CA ARG B 470 34.40 -42.84 71.48
C ARG B 470 34.83 -43.03 72.93
N ALA B 471 34.37 -44.13 73.54
CA ALA B 471 34.72 -44.37 74.94
C ALA B 471 36.22 -44.58 75.08
N LEU B 472 36.81 -45.38 74.20
CA LEU B 472 38.25 -45.66 74.29
C LEU B 472 39.05 -44.38 74.11
N GLU B 473 38.69 -43.56 73.13
CA GLU B 473 39.44 -42.33 72.89
C GLU B 473 39.31 -41.37 74.06
N LYS B 474 38.09 -41.20 74.59
CA LYS B 474 37.89 -40.29 75.71
C LYS B 474 38.63 -40.75 76.95
N ASP B 475 38.59 -42.05 77.24
CA ASP B 475 39.31 -42.57 78.40
C ASP B 475 40.82 -42.47 78.23
N THR B 476 41.33 -42.70 77.02
CA THR B 476 42.77 -42.77 76.80
C THR B 476 43.39 -41.38 76.68
N GLU B 477 42.97 -40.61 75.68
CA GLU B 477 43.53 -39.27 75.46
C GLU B 477 42.77 -38.27 76.31
N VAL B 478 43.32 -37.93 77.48
CA VAL B 478 42.73 -36.93 78.37
C VAL B 478 43.38 -35.60 78.00
N ALA B 479 42.65 -34.77 77.27
CA ALA B 479 43.14 -33.46 76.85
C ALA B 479 41.92 -32.59 76.55
N GLU B 480 42.17 -31.43 75.94
CA GLU B 480 41.10 -30.58 75.45
C GLU B 480 41.19 -30.30 73.96
N TYR B 481 42.39 -30.07 73.41
CA TYR B 481 42.55 -29.76 72.00
C TYR B 481 42.93 -30.98 71.15
N HIS B 482 43.88 -31.79 71.61
CA HIS B 482 44.10 -33.08 70.96
C HIS B 482 42.92 -34.01 71.19
N TYR B 483 42.35 -33.97 72.39
CA TYR B 483 41.09 -34.67 72.63
C TYR B 483 39.95 -34.10 71.79
N GLN B 484 40.04 -32.85 71.33
CA GLN B 484 38.96 -32.27 70.55
C GLN B 484 38.79 -32.95 69.20
N LEU B 485 39.86 -33.53 68.67
CA LEU B 485 39.73 -34.27 67.41
C LEU B 485 38.95 -35.55 67.62
N GLY B 486 39.28 -36.29 68.67
CA GLY B 486 38.49 -37.47 69.01
C GLY B 486 37.06 -37.11 69.42
N LEU B 487 36.88 -35.94 70.02
CA LEU B 487 35.54 -35.49 70.38
C LEU B 487 34.71 -35.20 69.15
N THR B 488 35.34 -34.59 68.13
CA THR B 488 34.63 -34.30 66.89
C THR B 488 34.36 -35.57 66.11
N TYR B 489 35.31 -36.52 66.14
CA TYR B 489 35.08 -37.80 65.49
C TYR B 489 33.95 -38.57 66.17
N TRP B 490 33.90 -38.53 67.50
CA TRP B 490 32.82 -39.20 68.22
C TRP B 490 31.48 -38.53 67.95
N PHE B 491 31.46 -37.20 67.84
CA PHE B 491 30.21 -36.52 67.53
C PHE B 491 29.77 -36.78 66.09
N MET B 492 30.72 -36.88 65.15
CA MET B 492 30.38 -37.21 63.77
C MET B 492 29.89 -38.65 63.65
N GLY B 493 30.44 -39.55 64.45
CA GLY B 493 29.97 -40.93 64.45
C GLY B 493 28.60 -41.05 65.12
N GLU B 494 28.39 -40.33 66.22
CA GLU B 494 27.14 -40.44 66.96
C GLU B 494 25.99 -39.70 66.28
N GLU B 495 26.29 -38.68 65.47
CA GLU B 495 25.22 -37.86 64.90
C GLU B 495 24.31 -38.66 63.97
N THR B 496 24.77 -39.83 63.51
CA THR B 496 23.94 -40.66 62.63
C THR B 496 22.67 -41.09 63.35
N ARG B 497 22.81 -41.79 64.48
CA ARG B 497 21.67 -42.36 65.18
C ARG B 497 21.58 -41.93 66.64
N LYS B 498 22.71 -41.78 67.33
CA LYS B 498 22.68 -41.51 68.76
C LYS B 498 22.15 -40.11 69.03
N ASP B 499 21.38 -39.97 70.11
CA ASP B 499 20.98 -38.63 70.52
C ASP B 499 22.18 -37.86 71.06
N LYS B 500 22.92 -38.48 71.97
CA LYS B 500 24.21 -37.97 72.46
C LYS B 500 24.09 -36.54 73.00
N THR B 501 23.20 -36.37 73.97
CA THR B 501 23.09 -35.06 74.62
C THR B 501 24.26 -34.78 75.56
N LYS B 502 25.01 -35.81 75.96
CA LYS B 502 26.16 -35.63 76.84
C LYS B 502 27.43 -36.33 76.35
N ALA B 503 27.31 -37.34 75.48
CA ALA B 503 28.47 -38.10 75.01
C ALA B 503 29.22 -37.34 73.94
N LEU B 504 28.49 -36.80 72.96
CA LEU B 504 29.02 -36.02 71.86
C LEU B 504 28.84 -34.52 72.06
N THR B 505 27.72 -34.10 72.64
CA THR B 505 27.47 -32.68 72.83
C THR B 505 28.48 -32.05 73.77
N HIS B 506 28.78 -32.72 74.89
CA HIS B 506 29.86 -32.23 75.75
C HIS B 506 31.22 -32.40 75.08
N PHE B 507 31.36 -33.44 74.25
CA PHE B 507 32.57 -33.58 73.45
C PHE B 507 32.71 -32.43 72.46
N LEU B 508 31.61 -32.04 71.82
CA LEU B 508 31.64 -30.88 70.95
C LEU B 508 31.88 -29.60 71.74
N LYS B 509 31.43 -29.55 72.99
CA LYS B 509 31.71 -28.38 73.83
C LYS B 509 33.20 -28.28 74.13
N ALA B 510 33.84 -29.41 74.41
CA ALA B 510 35.29 -29.40 74.63
C ALA B 510 36.04 -29.04 73.35
N ALA B 511 35.53 -29.49 72.19
CA ALA B 511 36.14 -29.12 70.93
C ALA B 511 35.96 -27.63 70.64
N ARG B 512 34.84 -27.05 71.08
CA ARG B 512 34.62 -25.62 70.91
C ARG B 512 35.49 -24.81 71.85
N LEU B 513 35.74 -25.33 73.05
CA LEU B 513 36.71 -24.71 73.94
C LEU B 513 38.13 -24.88 73.42
N ASP B 514 38.34 -25.84 72.51
CA ASP B 514 39.62 -26.06 71.86
C ASP B 514 39.68 -25.45 70.46
N THR B 515 38.98 -24.33 70.26
CA THR B 515 38.88 -23.70 68.94
C THR B 515 40.25 -23.34 68.39
N TYR B 516 40.61 -23.97 67.27
CA TYR B 516 41.95 -23.78 66.73
C TYR B 516 42.04 -22.48 65.91
N MET B 517 43.27 -22.05 65.66
CA MET B 517 43.50 -20.78 64.96
C MET B 517 43.06 -20.82 63.50
N GLY B 518 43.36 -21.89 62.77
CA GLY B 518 43.21 -21.89 61.32
C GLY B 518 42.47 -23.13 60.83
N LYS B 519 41.23 -22.93 60.37
CA LYS B 519 40.51 -23.88 59.52
C LYS B 519 40.50 -25.29 60.10
N VAL B 520 40.39 -25.38 61.42
CA VAL B 520 40.31 -26.68 62.10
C VAL B 520 39.14 -26.81 63.06
N PHE B 521 38.46 -25.73 63.44
CA PHE B 521 37.35 -25.81 64.37
C PHE B 521 36.15 -24.95 64.02
N CYS B 522 36.13 -24.27 62.87
CA CYS B 522 34.96 -23.49 62.50
C CYS B 522 33.80 -24.38 62.08
N TYR B 523 34.06 -25.42 61.28
CA TYR B 523 32.97 -26.31 60.88
C TYR B 523 32.35 -27.00 62.09
N LEU B 524 33.15 -27.27 63.12
CA LEU B 524 32.60 -27.85 64.34
C LEU B 524 31.65 -26.90 65.03
N GLY B 525 32.01 -25.62 65.11
CA GLY B 525 31.11 -24.64 65.71
C GLY B 525 29.83 -24.48 64.89
N HIS B 526 29.95 -24.55 63.57
CA HIS B 526 28.76 -24.48 62.72
C HIS B 526 27.83 -25.67 62.97
N TYR B 527 28.40 -26.89 63.01
CA TYR B 527 27.60 -28.09 63.23
C TYR B 527 27.08 -28.20 64.66
N TYR B 528 27.72 -27.52 65.62
CA TYR B 528 27.25 -27.55 67.00
C TYR B 528 26.01 -26.69 67.21
N ARG B 529 25.81 -25.69 66.38
CA ARG B 529 24.74 -24.71 66.50
C ARG B 529 23.56 -25.02 65.58
N ASP B 530 23.29 -26.30 65.33
CA ASP B 530 22.44 -26.72 64.22
C ASP B 530 21.04 -26.13 64.30
N VAL B 531 20.28 -26.45 65.34
CA VAL B 531 18.88 -26.06 65.37
C VAL B 531 18.40 -25.43 66.67
N VAL B 532 19.20 -25.39 67.72
CA VAL B 532 18.69 -25.12 69.05
C VAL B 532 19.84 -24.54 69.88
N GLY B 533 19.65 -24.51 71.20
CA GLY B 533 20.70 -24.08 72.13
C GLY B 533 21.12 -22.63 71.85
N ASP B 534 20.18 -21.72 72.11
CA ASP B 534 20.40 -20.28 72.02
C ASP B 534 20.77 -19.86 70.59
N LYS B 535 19.78 -20.01 69.71
CA LYS B 535 19.96 -19.79 68.28
C LYS B 535 20.59 -18.43 67.96
N ASN B 536 20.58 -17.48 68.89
CA ASN B 536 21.20 -16.20 68.58
C ASN B 536 22.72 -16.30 68.65
N ARG B 537 23.23 -17.04 69.64
CA ARG B 537 24.65 -17.34 69.61
C ARG B 537 24.95 -18.34 68.52
N ALA B 538 23.94 -19.10 68.08
CA ALA B 538 24.16 -19.98 66.94
C ALA B 538 24.40 -19.18 65.68
N ARG B 539 23.71 -18.05 65.54
CA ARG B 539 23.95 -17.17 64.41
C ARG B 539 25.28 -16.47 64.57
N GLY B 540 25.67 -16.18 65.81
CA GLY B 540 26.95 -15.55 66.03
C GLY B 540 28.09 -16.47 65.65
N CYS B 541 27.97 -17.75 65.99
CA CYS B 541 29.07 -18.65 65.63
C CYS B 541 28.98 -19.16 64.20
N TYR B 542 27.85 -19.03 63.51
CA TYR B 542 27.91 -19.17 62.06
C TYR B 542 28.68 -18.00 61.46
N ARG B 543 28.43 -16.79 61.97
CA ARG B 543 29.15 -15.64 61.44
C ARG B 543 30.64 -15.77 61.70
N LYS B 544 31.00 -16.28 62.87
CA LYS B 544 32.42 -16.45 63.18
C LYS B 544 33.05 -17.58 62.38
N ALA B 545 32.36 -18.71 62.25
CA ALA B 545 32.92 -19.84 61.53
C ALA B 545 33.01 -19.61 60.03
N PHE B 546 32.18 -18.73 59.49
CA PHE B 546 32.31 -18.39 58.07
C PHE B 546 33.24 -17.20 57.86
N GLU B 547 33.32 -16.30 58.84
CA GLU B 547 34.25 -15.18 58.75
C GLU B 547 35.68 -15.65 58.84
N LEU B 548 35.96 -16.62 59.71
CA LEU B 548 37.31 -17.16 59.80
C LEU B 548 37.54 -18.12 58.63
N ASP B 549 36.80 -19.22 58.61
CA ASP B 549 37.02 -20.26 57.60
C ASP B 549 36.02 -20.05 56.48
N ASP B 550 36.35 -19.14 55.57
CA ASP B 550 35.56 -18.95 54.36
C ASP B 550 36.33 -19.65 53.26
N THR B 551 35.90 -20.85 52.91
CA THR B 551 36.70 -21.67 52.01
C THR B 551 35.90 -22.10 50.78
N ASP B 552 34.75 -22.70 51.04
CA ASP B 552 33.91 -23.27 50.01
C ASP B 552 32.46 -22.83 50.21
N ALA B 553 31.71 -22.91 49.11
CA ALA B 553 30.31 -22.51 49.13
C ALA B 553 29.48 -23.38 50.05
N GLU B 554 29.72 -24.69 50.04
CA GLU B 554 28.98 -25.64 50.87
C GLU B 554 28.80 -25.14 52.31
N SER B 555 29.89 -25.04 53.06
CA SER B 555 29.89 -24.26 54.29
C SER B 555 29.49 -22.80 54.08
N GLY B 556 29.99 -22.17 53.02
CA GLY B 556 29.66 -20.78 52.78
C GLY B 556 28.19 -20.50 52.50
N ALA B 557 27.58 -21.28 51.61
CA ALA B 557 26.16 -21.06 51.30
C ALA B 557 25.26 -21.30 52.50
N ALA B 558 25.50 -22.39 53.25
CA ALA B 558 24.71 -22.62 54.45
C ALA B 558 24.93 -21.51 55.46
N ALA B 559 26.19 -21.07 55.60
CA ALA B 559 26.50 -20.02 56.55
C ALA B 559 25.78 -18.73 56.22
N VAL B 560 25.84 -18.29 54.96
CA VAL B 560 25.20 -17.04 54.57
C VAL B 560 23.69 -17.16 54.69
N ASP B 561 23.13 -18.31 54.32
CA ASP B 561 21.69 -18.49 54.39
C ASP B 561 21.21 -18.38 55.84
N LEU B 562 21.88 -19.08 56.75
CA LEU B 562 21.50 -19.01 58.15
C LEU B 562 21.78 -17.63 58.74
N SER B 563 22.81 -16.93 58.27
CA SER B 563 23.01 -15.56 58.71
C SER B 563 21.86 -14.64 58.31
N VAL B 564 21.47 -14.69 57.03
CA VAL B 564 20.39 -13.86 56.51
C VAL B 564 19.00 -14.27 57.01
N GLU B 565 18.81 -15.51 57.46
CA GLU B 565 17.53 -15.85 58.07
C GLU B 565 17.27 -15.09 59.36
N LEU B 566 18.32 -14.71 60.10
CA LEU B 566 18.06 -13.89 61.27
C LEU B 566 17.77 -12.46 60.81
N GLU B 567 17.30 -11.64 61.75
CA GLU B 567 16.72 -10.34 61.40
C GLU B 567 17.72 -9.45 60.68
N ASP B 568 18.99 -9.47 61.08
CA ASP B 568 19.94 -8.52 60.52
C ASP B 568 20.22 -8.85 59.05
N MET B 569 20.18 -7.82 58.22
CA MET B 569 20.26 -7.92 56.76
C MET B 569 21.43 -7.17 56.18
N GLU B 570 21.75 -5.99 56.72
CA GLU B 570 22.79 -5.14 56.18
C GLU B 570 24.18 -5.70 56.39
N MET B 571 24.29 -6.86 57.02
CA MET B 571 25.55 -7.57 57.13
C MET B 571 25.68 -8.61 56.02
N ALA B 572 24.55 -9.20 55.63
CA ALA B 572 24.53 -10.14 54.51
C ALA B 572 24.97 -9.47 53.21
N LEU B 573 24.55 -8.24 52.97
CA LEU B 573 24.92 -7.56 51.74
C LEU B 573 26.43 -7.41 51.62
N ALA B 574 27.11 -7.07 52.72
CA ALA B 574 28.56 -6.97 52.68
C ALA B 574 29.18 -8.32 52.35
N ILE B 575 28.66 -9.39 52.96
CA ILE B 575 29.16 -10.74 52.69
C ILE B 575 29.01 -11.07 51.21
N LEU B 576 27.84 -10.74 50.65
CA LEU B 576 27.55 -11.03 49.25
C LEU B 576 28.49 -10.23 48.35
N THR B 577 28.75 -8.98 48.69
CA THR B 577 29.70 -8.20 47.92
C THR B 577 31.08 -8.84 47.94
N THR B 578 31.51 -9.27 49.14
CA THR B 578 32.83 -9.88 49.29
C THR B 578 32.94 -11.14 48.45
N VAL B 579 31.94 -12.01 48.51
CA VAL B 579 31.99 -13.19 47.67
C VAL B 579 31.97 -12.79 46.20
N THR B 580 31.23 -11.72 45.88
CA THR B 580 31.11 -11.28 44.49
C THR B 580 32.44 -10.88 43.87
N GLN B 581 33.33 -10.20 44.61
CA GLN B 581 34.60 -9.90 43.94
C GLN B 581 35.35 -11.17 43.56
N LYS B 582 35.31 -12.19 44.41
CA LYS B 582 36.02 -13.43 44.08
C LYS B 582 35.26 -14.35 43.15
N ALA B 583 34.20 -13.89 42.49
CA ALA B 583 33.56 -14.75 41.49
C ALA B 583 34.32 -14.59 40.18
N SER B 584 34.91 -15.68 39.69
CA SER B 584 35.81 -15.58 38.55
C SER B 584 35.02 -15.53 37.24
N ALA B 585 34.26 -16.58 36.97
CA ALA B 585 33.38 -16.63 35.81
C ALA B 585 32.28 -17.61 36.17
N GLY B 586 31.11 -17.09 36.53
CA GLY B 586 30.10 -18.01 36.99
C GLY B 586 30.55 -18.68 38.30
N THR B 587 30.05 -19.89 38.50
CA THR B 587 30.45 -20.75 39.62
C THR B 587 30.24 -20.11 40.99
N ALA B 588 29.36 -19.12 41.11
CA ALA B 588 29.01 -18.59 42.42
C ALA B 588 27.51 -18.39 42.53
N LYS B 589 26.75 -19.34 41.98
CA LYS B 589 25.30 -19.18 41.88
C LYS B 589 24.67 -19.06 43.27
N TRP B 590 25.20 -19.79 44.24
CA TRP B 590 24.66 -19.75 45.60
C TRP B 590 24.69 -18.36 46.18
N ALA B 591 25.59 -17.51 45.70
CA ALA B 591 25.70 -16.13 46.13
C ALA B 591 24.86 -15.20 45.26
N TRP B 592 25.03 -15.35 43.94
CA TRP B 592 24.30 -14.55 42.97
C TRP B 592 22.79 -14.61 43.20
N LEU B 593 22.24 -15.80 43.41
CA LEU B 593 20.79 -15.90 43.55
C LEU B 593 20.29 -15.16 44.78
N ARG B 594 20.96 -15.38 45.92
CA ARG B 594 20.54 -14.71 47.15
C ARG B 594 20.67 -13.21 47.03
N ARG B 595 21.78 -12.73 46.47
CA ARG B 595 21.95 -11.29 46.35
C ARG B 595 20.99 -10.69 45.33
N GLY B 596 20.67 -11.42 44.27
CA GLY B 596 19.67 -10.93 43.33
C GLY B 596 18.30 -10.79 43.95
N LEU B 597 17.85 -11.81 44.69
CA LEU B 597 16.56 -11.67 45.37
C LEU B 597 16.60 -10.56 46.41
N TYR B 598 17.72 -10.44 47.13
CA TYR B 598 17.86 -9.37 48.11
C TYR B 598 17.78 -8.01 47.44
N TYR B 599 18.30 -7.90 46.23
CA TYR B 599 18.22 -6.66 45.49
C TYR B 599 16.84 -6.50 44.86
N LEU B 600 16.10 -7.61 44.75
CA LEU B 600 14.77 -7.59 44.17
C LEU B 600 13.75 -7.12 45.19
N LYS B 601 14.03 -7.31 46.47
CA LYS B 601 13.10 -6.80 47.47
C LYS B 601 13.05 -5.29 47.43
N ALA B 602 14.18 -4.63 47.20
CA ALA B 602 14.21 -3.21 46.90
C ALA B 602 14.02 -2.95 45.40
N GLY B 603 13.67 -1.71 45.08
CA GLY B 603 13.43 -1.29 43.71
C GLY B 603 14.69 -0.85 43.01
N GLN B 604 15.59 -1.79 42.73
CA GLN B 604 16.90 -1.47 42.18
C GLN B 604 17.23 -2.40 41.01
N HIS B 605 16.28 -2.51 40.09
CA HIS B 605 16.22 -3.61 39.14
C HIS B 605 17.48 -3.79 38.31
N SER B 606 18.25 -2.74 38.04
CA SER B 606 19.41 -2.91 37.16
C SER B 606 20.42 -3.91 37.72
N GLN B 607 20.86 -3.69 38.95
CA GLN B 607 21.81 -4.62 39.54
C GLN B 607 21.19 -6.00 39.74
N ALA B 608 19.91 -6.06 40.13
CA ALA B 608 19.28 -7.36 40.32
C ALA B 608 19.26 -8.18 39.03
N VAL B 609 18.89 -7.54 37.92
CA VAL B 609 18.88 -8.27 36.65
C VAL B 609 20.29 -8.69 36.28
N ALA B 610 21.27 -7.80 36.48
CA ALA B 610 22.64 -8.19 36.15
C ALA B 610 23.09 -9.39 36.97
N ASP B 611 22.75 -9.40 38.26
CA ASP B 611 23.14 -10.50 39.12
C ASP B 611 22.52 -11.81 38.65
N LEU B 612 21.23 -11.78 38.33
CA LEU B 612 20.59 -13.01 37.89
C LEU B 612 21.12 -13.45 36.53
N GLN B 613 21.48 -12.51 35.66
CA GLN B 613 22.12 -12.88 34.39
C GLN B 613 23.44 -13.59 34.63
N ALA B 614 24.23 -13.09 35.58
CA ALA B 614 25.47 -13.78 35.92
C ALA B 614 25.21 -15.18 36.45
N ALA B 615 24.20 -15.31 37.32
CA ALA B 615 23.88 -16.61 37.89
C ALA B 615 23.48 -17.60 36.80
N LEU B 616 22.65 -17.18 35.85
CA LEU B 616 22.30 -18.10 34.76
C LEU B 616 23.50 -18.39 33.88
N ARG B 617 24.39 -17.42 33.67
CA ARG B 617 25.57 -17.70 32.88
C ARG B 617 26.41 -18.78 33.54
N ALA B 618 26.48 -18.78 34.87
CA ALA B 618 27.12 -19.88 35.58
C ALA B 618 26.52 -21.24 35.21
N ASP B 619 25.22 -21.42 35.45
CA ASP B 619 24.55 -22.67 35.10
C ASP B 619 23.14 -22.39 34.58
N PRO B 620 22.92 -22.48 33.30
CA PRO B 620 21.64 -22.12 32.69
C PRO B 620 20.61 -23.26 32.66
N LYS B 621 20.39 -23.90 33.80
CA LYS B 621 19.37 -24.94 33.84
C LYS B 621 18.42 -24.89 35.02
N ASP B 622 18.71 -24.14 36.08
CA ASP B 622 17.77 -24.08 37.19
C ASP B 622 16.59 -23.19 36.84
N PHE B 623 15.39 -23.77 36.83
CA PHE B 623 14.23 -23.03 36.38
C PHE B 623 13.84 -21.93 37.35
N ASN B 624 14.20 -22.08 38.62
CA ASN B 624 13.88 -21.06 39.60
C ASN B 624 14.53 -19.73 39.25
N CYS B 625 15.79 -19.78 38.83
CA CYS B 625 16.49 -18.56 38.45
C CYS B 625 15.83 -17.91 37.24
N TRP B 626 15.45 -18.72 36.24
CA TRP B 626 14.81 -18.16 35.06
C TRP B 626 13.50 -17.47 35.42
N GLU B 627 12.70 -18.11 36.27
CA GLU B 627 11.43 -17.51 36.67
C GLU B 627 11.65 -16.21 37.42
N SER B 628 12.61 -16.19 38.35
CA SER B 628 12.87 -14.98 39.11
C SER B 628 13.39 -13.85 38.22
N LEU B 629 14.25 -14.18 37.25
CA LEU B 629 14.73 -13.16 36.32
C LEU B 629 13.61 -12.62 35.45
N GLY B 630 12.70 -13.49 35.00
CA GLY B 630 11.56 -13.00 34.26
C GLY B 630 10.73 -12.05 35.07
N GLU B 631 10.52 -12.38 36.34
CA GLU B 631 9.79 -11.49 37.23
C GLU B 631 10.53 -10.17 37.41
N ALA B 632 11.86 -10.21 37.45
CA ALA B 632 12.64 -8.98 37.56
C ALA B 632 12.39 -8.07 36.37
N TYR B 633 12.43 -8.63 35.16
CA TYR B 633 12.13 -7.78 33.99
C TYR B 633 10.69 -7.28 34.01
N LEU B 634 9.76 -8.10 34.49
CA LEU B 634 8.38 -7.66 34.47
C LEU B 634 8.14 -6.59 35.52
N SER B 635 8.95 -6.54 36.56
CA SER B 635 8.76 -5.52 37.57
C SER B 635 9.03 -4.14 36.99
N ARG B 636 10.13 -3.98 36.26
CA ARG B 636 10.34 -2.75 35.51
C ARG B 636 9.67 -2.88 34.15
N GLY B 637 9.97 -1.95 33.25
CA GLY B 637 9.26 -1.79 31.99
C GLY B 637 9.10 -3.05 31.16
N GLY B 638 10.20 -3.72 30.84
CA GLY B 638 10.24 -4.76 29.82
C GLY B 638 9.07 -5.71 29.81
N TYR B 639 8.50 -5.92 28.63
CA TYR B 639 7.36 -6.82 28.47
C TYR B 639 7.64 -8.03 27.61
N THR B 640 8.42 -7.90 26.55
CA THR B 640 8.67 -9.07 25.73
C THR B 640 9.87 -9.87 26.22
N THR B 641 10.73 -9.27 27.02
CA THR B 641 11.82 -10.03 27.59
C THR B 641 11.34 -10.84 28.78
N ALA B 642 10.41 -10.31 29.55
CA ALA B 642 9.76 -11.10 30.57
C ALA B 642 9.01 -12.28 29.96
N LEU B 643 8.33 -12.05 28.84
CA LEU B 643 7.63 -13.14 28.17
C LEU B 643 8.59 -14.22 27.70
N LYS B 644 9.68 -13.82 27.05
CA LYS B 644 10.63 -14.81 26.56
C LYS B 644 11.25 -15.59 27.70
N SER B 645 11.62 -14.90 28.77
CA SER B 645 12.23 -15.57 29.90
C SER B 645 11.26 -16.53 30.56
N PHE B 646 10.01 -16.12 30.73
CA PHE B 646 9.03 -17.03 31.34
C PHE B 646 8.77 -18.24 30.46
N THR B 647 8.72 -18.06 29.14
CA THR B 647 8.58 -19.22 28.27
C THR B 647 9.76 -20.17 28.43
N LYS B 648 10.96 -19.62 28.50
CA LYS B 648 12.13 -20.47 28.71
C LYS B 648 12.05 -21.18 30.05
N ALA B 649 11.57 -20.48 31.07
CA ALA B 649 11.43 -21.09 32.38
C ALA B 649 10.47 -22.26 32.34
N SER B 650 9.36 -22.11 31.62
CA SER B 650 8.40 -23.20 31.53
C SER B 650 8.84 -24.32 30.60
N GLU B 651 9.63 -24.03 29.56
CA GLU B 651 9.95 -25.08 28.59
C GLU B 651 10.67 -26.24 29.26
N LEU B 652 11.64 -25.96 30.11
CA LEU B 652 12.17 -26.97 30.99
C LEU B 652 11.41 -26.90 32.29
N ASN B 653 11.28 -28.03 32.94
CA ASN B 653 10.41 -28.15 34.10
C ASN B 653 9.02 -27.72 33.64
N PRO B 654 8.40 -28.43 32.71
CA PRO B 654 7.11 -27.98 32.19
C PRO B 654 5.99 -28.23 33.18
N GLU B 655 6.35 -28.67 34.38
CA GLU B 655 5.37 -28.89 35.43
C GLU B 655 4.92 -27.60 36.09
N SER B 656 5.72 -26.55 36.03
CA SER B 656 5.43 -25.33 36.77
C SER B 656 4.27 -24.58 36.16
N ILE B 657 3.20 -24.43 36.94
CA ILE B 657 2.01 -23.71 36.49
C ILE B 657 2.25 -22.21 36.49
N TYR B 658 3.02 -21.71 37.45
CA TYR B 658 3.19 -20.26 37.56
C TYR B 658 3.77 -19.67 36.29
N SER B 659 4.74 -20.36 35.69
CA SER B 659 5.38 -19.84 34.49
C SER B 659 4.40 -19.74 33.32
N VAL B 660 3.65 -20.82 33.08
CA VAL B 660 2.69 -20.79 31.98
C VAL B 660 1.60 -19.77 32.23
N PHE B 661 1.13 -19.67 33.48
CA PHE B 661 0.13 -18.67 33.81
C PHE B 661 0.65 -17.27 33.55
N LYS B 662 1.91 -17.02 33.93
CA LYS B 662 2.48 -15.71 33.70
C LYS B 662 2.61 -15.43 32.21
N VAL B 663 2.94 -16.46 31.44
CA VAL B 663 3.01 -16.29 29.99
C VAL B 663 1.66 -15.86 29.45
N ALA B 664 0.59 -16.50 29.91
CA ALA B 664 -0.73 -16.10 29.46
C ALA B 664 -1.04 -14.66 29.84
N ALA B 665 -0.71 -14.27 31.08
CA ALA B 665 -0.98 -12.92 31.53
C ALA B 665 -0.22 -11.89 30.70
N ILE B 666 1.04 -12.18 30.38
CA ILE B 666 1.82 -11.27 29.57
C ILE B 666 1.23 -11.13 28.18
N GLN B 667 0.80 -12.24 27.57
CA GLN B 667 0.18 -12.11 26.26
C GLN B 667 -1.10 -11.30 26.35
N GLN B 668 -1.85 -11.45 27.44
CA GLN B 668 -3.07 -10.68 27.60
C GLN B 668 -2.78 -9.19 27.70
N ILE B 669 -1.70 -8.84 28.40
CA ILE B 669 -1.36 -7.43 28.61
C ILE B 669 -1.31 -6.70 27.28
N LEU B 670 -0.77 -7.33 26.24
CA LEU B 670 -0.55 -6.67 24.96
C LEU B 670 -1.70 -6.86 23.98
N GLY B 671 -2.91 -7.08 24.45
CA GLY B 671 -3.97 -7.46 23.53
C GLY B 671 -3.89 -8.95 23.34
N LYS B 672 -4.05 -9.43 22.10
CA LYS B 672 -3.81 -10.84 21.78
C LYS B 672 -4.59 -11.76 22.72
N TYR B 673 -5.89 -11.48 22.82
CA TYR B 673 -6.72 -12.12 23.82
C TYR B 673 -6.91 -13.60 23.55
N LYS B 674 -6.99 -13.99 22.27
CA LYS B 674 -7.24 -15.40 21.94
C LYS B 674 -6.13 -16.31 22.44
N GLU B 675 -4.87 -15.91 22.27
CA GLU B 675 -3.76 -16.72 22.74
C GLU B 675 -3.79 -16.87 24.25
N ALA B 676 -4.07 -15.78 24.96
CA ALA B 676 -4.15 -15.85 26.40
C ALA B 676 -5.28 -16.77 26.85
N VAL B 677 -6.43 -16.69 26.18
CA VAL B 677 -7.53 -17.58 26.52
C VAL B 677 -7.15 -19.04 26.32
N ALA B 678 -6.50 -19.34 25.19
CA ALA B 678 -6.12 -20.73 24.93
C ALA B 678 -5.15 -21.23 26.00
N GLN B 679 -4.17 -20.40 26.36
CA GLN B 679 -3.21 -20.79 27.38
C GLN B 679 -3.91 -21.02 28.71
N TYR B 680 -4.83 -20.12 29.07
CA TYR B 680 -5.56 -20.26 30.32
C TYR B 680 -6.36 -21.54 30.35
N GLN B 681 -7.00 -21.89 29.22
CA GLN B 681 -7.78 -23.13 29.16
C GLN B 681 -6.89 -24.35 29.30
N MET B 682 -5.71 -24.34 28.66
CA MET B 682 -4.81 -25.47 28.84
C MET B 682 -4.43 -25.61 30.31
N ILE B 683 -4.19 -24.50 31.00
CA ILE B 683 -3.88 -24.57 32.42
C ILE B 683 -5.06 -25.14 33.18
N ILE B 684 -6.28 -24.71 32.84
CA ILE B 684 -7.46 -25.14 33.59
C ILE B 684 -7.67 -26.63 33.40
N LYS B 685 -7.33 -27.16 32.22
CA LYS B 685 -7.52 -28.58 31.97
C LYS B 685 -6.77 -29.42 32.98
N LYS B 686 -5.54 -29.04 33.32
CA LYS B 686 -4.78 -29.80 34.31
C LYS B 686 -5.36 -29.60 35.70
N LYS B 687 -5.36 -28.36 36.18
CA LYS B 687 -5.88 -28.02 37.49
C LYS B 687 -7.12 -27.16 37.33
N GLU B 688 -8.16 -27.43 38.13
CA GLU B 688 -9.43 -26.79 37.91
C GLU B 688 -9.75 -25.68 38.90
N ASP B 689 -9.16 -25.70 40.10
CA ASP B 689 -9.45 -24.70 41.11
C ASP B 689 -8.46 -23.54 41.10
N TYR B 690 -7.65 -23.42 40.07
CA TYR B 690 -6.59 -22.41 40.02
C TYR B 690 -7.20 -21.04 39.85
N VAL B 691 -7.30 -20.30 40.95
CA VAL B 691 -8.04 -19.04 40.94
C VAL B 691 -7.51 -18.03 39.94
N PRO B 692 -6.20 -17.73 39.89
CA PRO B 692 -5.74 -16.71 38.94
C PRO B 692 -6.05 -17.00 37.49
N ALA B 693 -6.01 -18.26 37.06
CA ALA B 693 -6.38 -18.56 35.68
C ALA B 693 -7.85 -18.26 35.44
N LEU B 694 -8.71 -18.60 36.41
CA LEU B 694 -10.12 -18.29 36.27
C LEU B 694 -10.34 -16.80 36.16
N LYS B 695 -9.64 -16.03 36.99
CA LYS B 695 -9.80 -14.59 36.93
C LYS B 695 -9.35 -14.05 35.58
N GLY B 696 -8.22 -14.54 35.09
CA GLY B 696 -7.72 -14.09 33.80
C GLY B 696 -8.68 -14.40 32.67
N LEU B 697 -9.29 -15.58 32.71
CA LEU B 697 -10.27 -15.92 31.69
C LEU B 697 -11.42 -14.95 31.74
N GLY B 698 -11.86 -14.60 32.94
CA GLY B 698 -12.93 -13.63 33.06
C GLY B 698 -12.58 -12.27 32.48
N GLU B 699 -11.38 -11.74 32.80
CA GLU B 699 -11.07 -10.43 32.21
C GLU B 699 -10.93 -10.52 30.71
N CYS B 700 -10.37 -11.62 30.20
CA CYS B 700 -10.21 -11.72 28.77
C CYS B 700 -11.55 -11.69 28.07
N HIS B 701 -12.53 -12.43 28.59
CA HIS B 701 -13.85 -12.38 27.98
C HIS B 701 -14.48 -11.02 28.13
N LEU B 702 -14.31 -10.37 29.27
CA LEU B 702 -14.88 -9.03 29.44
C LEU B 702 -14.30 -8.05 28.43
N MET B 703 -12.99 -8.09 28.22
CA MET B 703 -12.37 -7.20 27.25
C MET B 703 -12.83 -7.50 25.83
N MET B 704 -12.98 -8.79 25.50
CA MET B 704 -13.52 -9.11 24.18
C MET B 704 -14.93 -8.58 24.04
N ALA B 705 -15.72 -8.66 25.10
CA ALA B 705 -17.08 -8.13 25.06
C ALA B 705 -17.08 -6.62 24.84
N LYS B 706 -16.22 -5.88 25.54
CA LYS B 706 -16.18 -4.44 25.32
C LYS B 706 -15.75 -4.10 23.91
N ALA B 707 -14.75 -4.81 23.38
CA ALA B 707 -14.35 -4.57 22.01
C ALA B 707 -15.48 -4.90 21.05
N ALA B 708 -16.25 -5.94 21.36
CA ALA B 708 -17.41 -6.25 20.54
C ALA B 708 -18.42 -5.13 20.58
N LEU B 709 -18.67 -4.53 21.75
CA LEU B 709 -19.59 -3.42 21.83
C LEU B 709 -19.07 -2.12 21.25
N VAL B 710 -17.77 -2.01 20.96
CA VAL B 710 -17.31 -0.77 20.36
C VAL B 710 -17.80 -0.67 18.93
N ASP B 711 -17.65 -1.75 18.17
CA ASP B 711 -18.40 -1.88 16.94
C ASP B 711 -19.78 -2.38 17.34
N TYR B 712 -20.79 -2.13 16.53
CA TYR B 712 -22.14 -2.40 16.99
C TYR B 712 -22.56 -3.88 16.83
N LEU B 713 -21.83 -4.77 17.50
CA LEU B 713 -22.19 -6.20 17.55
C LEU B 713 -22.72 -6.51 18.95
N ASP B 714 -24.03 -6.45 19.11
CA ASP B 714 -24.62 -6.60 20.43
C ASP B 714 -24.89 -8.04 20.84
N GLY B 715 -24.88 -9.00 19.93
CA GLY B 715 -25.13 -10.37 20.34
C GLY B 715 -23.88 -11.04 20.87
N LYS B 716 -22.77 -10.82 20.17
CA LYS B 716 -21.48 -11.36 20.62
C LYS B 716 -21.13 -10.84 22.01
N ALA B 717 -21.37 -9.56 22.26
CA ALA B 717 -21.06 -9.01 23.57
C ALA B 717 -21.84 -9.72 24.66
N VAL B 718 -23.11 -9.98 24.42
CA VAL B 718 -23.92 -10.68 25.40
C VAL B 718 -23.37 -12.07 25.64
N ASP B 719 -22.94 -12.74 24.57
CA ASP B 719 -22.37 -14.08 24.72
C ASP B 719 -21.14 -14.04 25.61
N TYR B 720 -20.24 -13.09 25.32
CA TYR B 720 -18.99 -12.99 26.06
C TYR B 720 -19.24 -12.69 27.53
N ILE B 721 -20.16 -11.77 27.82
CA ILE B 721 -20.42 -11.43 29.20
C ILE B 721 -21.06 -12.57 29.95
N GLU B 722 -21.94 -13.33 29.31
CA GLU B 722 -22.48 -14.51 29.96
C GLU B 722 -21.35 -15.47 30.34
N LYS B 723 -20.42 -15.70 29.42
CA LYS B 723 -19.32 -16.61 29.73
C LYS B 723 -18.43 -16.07 30.83
N ALA B 724 -18.19 -14.75 30.83
CA ALA B 724 -17.37 -14.15 31.87
C ALA B 724 -18.00 -14.32 33.24
N LEU B 725 -19.31 -14.13 33.33
CA LEU B 725 -19.98 -14.40 34.61
C LEU B 725 -19.80 -15.85 35.02
N GLU B 726 -19.86 -16.77 34.05
CA GLU B 726 -19.61 -18.16 34.39
C GLU B 726 -18.26 -18.31 35.07
N TYR B 727 -17.22 -17.76 34.46
CA TYR B 727 -15.88 -17.93 35.02
C TYR B 727 -15.74 -17.25 36.37
N PHE B 728 -16.30 -16.06 36.52
CA PHE B 728 -16.16 -15.36 37.80
C PHE B 728 -16.87 -16.12 38.93
N THR B 729 -18.04 -16.68 38.67
CA THR B 729 -18.66 -17.47 39.74
C THR B 729 -17.82 -18.71 40.03
N CYS B 730 -17.22 -19.30 38.98
CA CYS B 730 -16.37 -20.46 39.23
C CYS B 730 -15.23 -20.09 40.17
N ALA B 731 -14.62 -18.94 39.94
CA ALA B 731 -13.55 -18.48 40.84
C ALA B 731 -14.08 -18.18 42.23
N LEU B 732 -15.26 -17.56 42.32
CA LEU B 732 -15.81 -17.17 43.62
C LEU B 732 -16.23 -18.35 44.48
N GLN B 733 -16.40 -19.55 43.92
CA GLN B 733 -16.73 -20.65 44.83
C GLN B 733 -15.57 -20.90 45.80
N HIS B 734 -14.34 -20.80 45.32
CA HIS B 734 -13.18 -21.14 46.14
C HIS B 734 -12.84 -20.04 47.15
N ARG B 735 -12.52 -18.85 46.67
CA ARG B 735 -12.11 -17.76 47.55
C ARG B 735 -13.06 -16.58 47.40
N ALA B 736 -14.00 -16.47 48.34
CA ALA B 736 -15.01 -15.43 48.30
C ALA B 736 -14.74 -14.33 49.32
N ASP B 737 -13.48 -14.15 49.70
CA ASP B 737 -13.07 -13.04 50.54
C ASP B 737 -12.37 -11.95 49.75
N VAL B 738 -11.92 -12.26 48.55
CA VAL B 738 -11.19 -11.31 47.73
C VAL B 738 -12.15 -10.30 47.12
N SER B 739 -11.70 -9.06 46.99
CA SER B 739 -12.53 -7.96 46.54
C SER B 739 -12.53 -7.84 45.03
N CYS B 740 -11.37 -8.02 44.41
CA CYS B 740 -11.26 -7.80 42.97
C CYS B 740 -12.22 -8.68 42.19
N LEU B 741 -12.49 -9.88 42.68
CA LEU B 741 -13.43 -10.75 41.97
C LEU B 741 -14.83 -10.16 41.97
N TRP B 742 -15.26 -9.67 43.13
CA TRP B 742 -16.57 -9.05 43.21
C TRP B 742 -16.66 -7.81 42.34
N LYS B 743 -15.62 -6.99 42.35
CA LYS B 743 -15.63 -5.79 41.53
C LYS B 743 -15.70 -6.10 40.05
N LEU B 744 -14.91 -7.08 39.61
CA LEU B 744 -14.95 -7.44 38.20
C LEU B 744 -16.30 -8.03 37.81
N ALA B 745 -16.94 -8.75 38.73
CA ALA B 745 -18.28 -9.23 38.44
C ALA B 745 -19.23 -8.06 38.26
N GLY B 746 -19.11 -7.05 39.11
CA GLY B 746 -19.97 -5.89 38.95
C GLY B 746 -19.72 -5.14 37.65
N ASP B 747 -18.45 -5.02 37.26
CA ASP B 747 -18.14 -4.42 35.96
C ASP B 747 -18.82 -5.18 34.83
N ALA B 748 -18.70 -6.50 34.84
CA ALA B 748 -19.32 -7.29 33.79
C ALA B 748 -20.83 -7.07 33.77
N CYS B 749 -21.46 -7.08 34.94
CA CYS B 749 -22.90 -6.93 34.98
C CYS B 749 -23.34 -5.56 34.47
N THR B 750 -22.64 -4.50 34.83
CA THR B 750 -23.09 -3.17 34.46
C THR B 750 -22.54 -2.66 33.15
N CYS B 751 -21.73 -3.40 32.43
CA CYS B 751 -21.29 -2.85 31.15
C CYS B 751 -22.28 -3.11 30.02
N LEU B 752 -23.45 -3.68 30.29
CA LEU B 752 -24.43 -3.96 29.26
C LEU B 752 -25.52 -2.89 29.18
N TYR B 753 -25.24 -1.67 29.58
CA TYR B 753 -26.23 -0.62 29.37
C TYR B 753 -26.31 -0.27 27.88
N ALA B 754 -27.46 0.29 27.50
CA ALA B 754 -27.70 0.71 26.13
C ALA B 754 -27.44 -0.42 25.14
N VAL B 755 -28.08 -1.55 25.39
CA VAL B 755 -27.91 -2.70 24.52
C VAL B 755 -29.30 -3.14 24.08
N ALA B 756 -30.23 -2.20 24.03
CA ALA B 756 -31.54 -2.47 23.43
C ALA B 756 -32.21 -3.69 24.04
N PRO B 757 -32.78 -3.59 25.23
CA PRO B 757 -33.38 -4.76 25.88
C PRO B 757 -34.32 -5.52 24.95
N SER B 758 -34.58 -6.78 25.29
CA SER B 758 -35.08 -7.85 24.44
C SER B 758 -33.93 -8.41 23.62
N LYS B 759 -32.72 -7.94 23.85
CA LYS B 759 -31.51 -8.59 23.38
C LYS B 759 -30.68 -9.13 24.53
N VAL B 760 -31.03 -8.78 25.76
CA VAL B 760 -30.32 -9.21 26.96
C VAL B 760 -31.16 -10.28 27.65
N ASN B 761 -30.70 -11.52 27.60
CA ASN B 761 -31.19 -12.58 28.47
C ASN B 761 -29.96 -13.34 28.93
N VAL B 762 -29.59 -13.19 30.19
CA VAL B 762 -28.30 -13.68 30.67
C VAL B 762 -28.51 -14.82 31.66
N HIS B 763 -27.78 -15.93 31.43
CA HIS B 763 -27.95 -17.16 32.20
C HIS B 763 -27.05 -17.13 33.43
N VAL B 764 -27.43 -16.32 34.39
CA VAL B 764 -26.68 -16.24 35.62
C VAL B 764 -27.02 -17.45 36.47
N LEU B 765 -26.04 -17.98 37.20
CA LEU B 765 -26.32 -19.19 37.94
C LEU B 765 -25.56 -19.18 39.25
N GLY B 766 -26.25 -19.53 40.33
CA GLY B 766 -25.56 -19.92 41.53
C GLY B 766 -25.46 -19.01 42.72
N VAL B 767 -24.24 -18.83 43.20
CA VAL B 767 -24.00 -18.10 44.45
C VAL B 767 -24.43 -16.65 44.31
N LEU B 768 -24.29 -16.09 43.11
CA LEU B 768 -24.53 -14.68 42.91
C LEU B 768 -25.93 -14.29 43.39
N LEU B 769 -26.91 -15.13 43.10
CA LEU B 769 -28.28 -14.90 43.52
C LEU B 769 -28.51 -15.47 44.92
N GLY B 770 -27.74 -14.95 45.86
CA GLY B 770 -27.85 -15.42 47.23
C GLY B 770 -27.61 -16.91 47.30
N GLN B 771 -28.67 -17.65 47.63
CA GLN B 771 -28.59 -19.10 47.72
C GLN B 771 -28.25 -19.67 46.36
N LYS B 772 -27.63 -20.85 46.37
CA LYS B 772 -27.11 -21.47 45.15
C LYS B 772 -28.15 -22.48 44.65
N GLU B 773 -29.12 -21.98 43.90
CA GLU B 773 -30.13 -22.81 43.26
C GLU B 773 -29.93 -22.78 41.75
N GLY B 774 -29.68 -23.95 41.17
CA GLY B 774 -29.75 -24.15 39.72
C GLY B 774 -29.18 -23.07 38.83
N LYS B 775 -30.03 -22.57 37.95
CA LYS B 775 -29.68 -21.52 37.00
C LYS B 775 -30.87 -20.56 36.94
N GLN B 776 -30.64 -19.37 36.38
CA GLN B 776 -31.69 -18.37 36.25
C GLN B 776 -31.37 -17.47 35.06
N VAL B 777 -32.41 -17.02 34.37
CA VAL B 777 -32.26 -16.12 33.25
C VAL B 777 -32.72 -14.73 33.67
N LEU B 778 -31.81 -13.76 33.59
CA LEU B 778 -32.08 -12.39 34.03
C LEU B 778 -32.23 -11.46 32.85
N LYS B 779 -33.17 -10.54 32.98
CA LYS B 779 -33.41 -9.46 32.05
C LYS B 779 -32.53 -8.26 32.42
N LYS B 780 -32.78 -7.11 31.81
CA LYS B 780 -31.84 -5.99 31.92
C LYS B 780 -31.83 -5.39 33.33
N ASN B 781 -32.99 -4.94 33.82
CA ASN B 781 -33.02 -4.29 35.13
C ASN B 781 -32.49 -5.20 36.23
N GLU B 782 -32.85 -6.47 36.18
CA GLU B 782 -32.37 -7.42 37.17
C GLU B 782 -30.86 -7.54 37.12
N LEU B 783 -30.29 -7.56 35.92
CA LEU B 783 -28.84 -7.65 35.79
C LEU B 783 -28.16 -6.45 36.41
N LEU B 784 -28.67 -5.25 36.15
CA LEU B 784 -28.08 -4.06 36.71
C LEU B 784 -28.18 -4.06 38.22
N HIS B 785 -29.31 -4.53 38.75
CA HIS B 785 -29.45 -4.65 40.20
C HIS B 785 -28.43 -5.61 40.78
N LEU B 786 -28.22 -6.75 40.12
CA LEU B 786 -27.20 -7.67 40.58
C LEU B 786 -25.82 -7.04 40.57
N GLY B 787 -25.53 -6.25 39.54
CA GLY B 787 -24.26 -5.55 39.50
C GLY B 787 -24.09 -4.63 40.68
N GLY B 788 -25.12 -3.85 40.99
CA GLY B 788 -25.05 -2.98 42.15
C GLY B 788 -24.85 -3.75 43.44
N ARG B 789 -25.54 -4.88 43.58
CA ARG B 789 -25.37 -5.71 44.77
C ARG B 789 -23.93 -6.18 44.89
N CYS B 790 -23.34 -6.60 43.77
CA CYS B 790 -21.96 -7.09 43.79
C CYS B 790 -21.00 -5.98 44.18
N TYR B 791 -21.18 -4.78 43.63
CA TYR B 791 -20.29 -3.69 44.01
C TYR B 791 -20.42 -3.39 45.49
N GLY B 792 -21.64 -3.39 46.02
CA GLY B 792 -21.82 -3.14 47.43
C GLY B 792 -21.10 -4.17 48.28
N ARG B 793 -21.23 -5.45 47.91
CA ARG B 793 -20.58 -6.49 48.69
C ARG B 793 -19.06 -6.36 48.62
N ALA B 794 -18.53 -6.04 47.44
CA ALA B 794 -17.09 -5.84 47.33
C ALA B 794 -16.63 -4.68 48.19
N LEU B 795 -17.39 -3.59 48.18
CA LEU B 795 -17.04 -2.44 48.97
C LEU B 795 -17.09 -2.75 50.46
N LYS B 796 -18.00 -3.64 50.87
CA LYS B 796 -18.14 -3.95 52.29
C LYS B 796 -16.83 -4.43 52.90
N LEU B 797 -16.08 -5.26 52.19
CA LEU B 797 -14.89 -5.85 52.77
C LEU B 797 -13.61 -5.16 52.35
N MET B 798 -13.66 -4.16 51.48
CA MET B 798 -12.48 -3.36 51.22
C MET B 798 -12.94 -2.00 50.70
N SER B 799 -12.93 -1.00 51.55
CA SER B 799 -13.53 0.29 51.24
C SER B 799 -12.52 1.18 50.52
N THR B 800 -12.61 1.22 49.20
CA THR B 800 -11.73 2.07 48.40
C THR B 800 -12.56 3.02 47.55
N SER B 801 -11.88 4.03 46.99
CA SER B 801 -12.59 5.07 46.26
C SER B 801 -13.13 4.58 44.92
N ASN B 802 -12.34 3.78 44.21
CA ASN B 802 -12.74 3.35 42.87
C ASN B 802 -14.05 2.59 42.92
N THR B 803 -14.21 1.70 43.90
CA THR B 803 -15.47 0.98 44.03
C THR B 803 -16.61 1.91 44.34
N TRP B 804 -16.36 2.96 45.12
CA TRP B 804 -17.41 3.93 45.41
C TRP B 804 -17.88 4.59 44.12
N CYS B 805 -16.93 5.02 43.29
CA CYS B 805 -17.27 5.68 42.04
C CYS B 805 -18.03 4.75 41.11
N ASP B 806 -17.59 3.49 41.04
CA ASP B 806 -18.27 2.53 40.19
C ASP B 806 -19.69 2.25 40.69
N LEU B 807 -19.88 2.19 42.02
CA LEU B 807 -21.22 2.00 42.55
C LEU B 807 -22.12 3.16 42.20
N GLY B 808 -21.59 4.38 42.27
CA GLY B 808 -22.39 5.52 41.87
C GLY B 808 -22.79 5.43 40.41
N ILE B 809 -21.86 5.03 39.55
CA ILE B 809 -22.19 4.89 38.14
C ILE B 809 -23.24 3.81 37.92
N ASN B 810 -23.16 2.72 38.67
CA ASN B 810 -24.17 1.67 38.53
C ASN B 810 -25.55 2.17 38.90
N TYR B 811 -25.66 2.91 40.00
CA TYR B 811 -26.96 3.46 40.36
C TYR B 811 -27.47 4.41 39.28
N TYR B 812 -26.56 5.20 38.72
CA TYR B 812 -26.93 6.08 37.62
C TYR B 812 -27.49 5.30 36.44
N ARG B 813 -26.83 4.19 36.09
CA ARG B 813 -27.31 3.38 34.99
C ARG B 813 -28.68 2.80 35.26
N GLN B 814 -28.93 2.34 36.49
CA GLN B 814 -30.25 1.82 36.79
C GLN B 814 -31.33 2.89 36.63
N ALA B 815 -31.06 4.09 37.15
CA ALA B 815 -32.05 5.15 36.99
C ALA B 815 -32.26 5.49 35.52
N GLN B 816 -31.17 5.53 34.76
CA GLN B 816 -31.26 5.83 33.33
C GLN B 816 -32.12 4.79 32.63
N HIS B 817 -31.91 3.51 32.95
CA HIS B 817 -32.70 2.46 32.34
C HIS B 817 -34.17 2.60 32.66
N LEU B 818 -34.50 2.86 33.93
CA LEU B 818 -35.91 3.00 34.28
C LEU B 818 -36.55 4.17 33.54
N ALA B 819 -35.86 5.31 33.47
CA ALA B 819 -36.46 6.44 32.77
C ALA B 819 -36.59 6.16 31.27
N GLU B 820 -35.57 5.57 30.66
CA GLU B 820 -35.58 5.43 29.21
C GLU B 820 -36.69 4.50 28.72
N THR B 821 -37.20 3.61 29.57
CA THR B 821 -38.33 2.80 29.18
C THR B 821 -39.65 3.42 29.59
N GLY B 822 -39.65 4.69 29.97
CA GLY B 822 -40.86 5.38 30.37
C GLY B 822 -41.61 4.64 31.45
N SER B 823 -40.95 3.69 32.10
CA SER B 823 -41.61 2.84 33.07
C SER B 823 -42.08 3.63 34.28
N ASN B 824 -41.39 4.71 34.61
CA ASN B 824 -41.79 5.51 35.75
C ASN B 824 -41.22 6.91 35.63
N MET B 825 -41.60 7.75 36.57
CA MET B 825 -41.03 9.09 36.75
C MET B 825 -41.40 9.55 38.14
N ASN B 826 -40.47 10.24 38.80
CA ASN B 826 -40.60 10.76 40.16
C ASN B 826 -40.58 9.63 41.18
N ASP B 827 -40.48 8.37 40.75
CA ASP B 827 -40.26 7.24 41.62
C ASP B 827 -38.83 6.74 41.55
N LEU B 828 -37.98 7.40 40.77
CA LEU B 828 -36.56 7.12 40.73
C LEU B 828 -35.73 8.18 41.44
N LYS B 829 -36.37 9.05 42.21
CA LYS B 829 -35.65 10.14 42.85
C LYS B 829 -34.62 9.62 43.84
N GLU B 830 -35.00 8.63 44.64
CA GLU B 830 -34.09 8.09 45.65
C GLU B 830 -32.86 7.48 44.99
N LEU B 831 -33.05 6.87 43.81
CA LEU B 831 -31.93 6.29 43.10
C LEU B 831 -30.93 7.35 42.70
N LEU B 832 -31.42 8.48 42.18
CA LEU B 832 -30.53 9.56 41.80
C LEU B 832 -29.83 10.18 43.00
N GLU B 833 -30.55 10.38 44.11
CA GLU B 833 -29.88 10.91 45.28
C GLU B 833 -28.83 9.95 45.80
N LYS B 834 -29.10 8.64 45.75
CA LYS B 834 -28.09 7.66 46.12
C LYS B 834 -26.87 7.76 45.21
N SER B 835 -27.11 7.93 43.91
CA SER B 835 -25.99 8.05 42.97
C SER B 835 -25.14 9.27 43.30
N LEU B 836 -25.80 10.41 43.55
CA LEU B 836 -25.05 11.61 43.90
C LEU B 836 -24.28 11.42 45.19
N HIS B 837 -24.90 10.75 46.16
CA HIS B 837 -24.23 10.50 47.43
C HIS B 837 -22.97 9.68 47.23
N CYS B 838 -23.06 8.62 46.42
CA CYS B 838 -21.87 7.79 46.20
C CYS B 838 -20.78 8.56 45.48
N LEU B 839 -21.14 9.32 44.45
CA LEU B 839 -20.11 10.05 43.72
C LEU B 839 -19.46 11.11 44.60
N LYS B 840 -20.25 11.80 45.41
CA LYS B 840 -19.70 12.81 46.31
C LYS B 840 -18.81 12.18 47.36
N LYS B 841 -19.19 11.01 47.87
CA LYS B 841 -18.33 10.30 48.81
C LYS B 841 -17.01 9.95 48.16
N ALA B 842 -17.05 9.45 46.93
CA ALA B 842 -15.82 9.13 46.21
C ALA B 842 -14.96 10.37 46.02
N VAL B 843 -15.57 11.50 45.64
CA VAL B 843 -14.79 12.69 45.36
C VAL B 843 -14.13 13.19 46.63
N ARG B 844 -14.87 13.22 47.72
CA ARG B 844 -14.28 13.70 48.97
C ARG B 844 -13.23 12.72 49.49
N LEU B 845 -13.38 11.44 49.18
CA LEU B 845 -12.37 10.47 49.60
C LEU B 845 -11.02 10.80 48.97
N ASP B 846 -11.01 11.24 47.71
CA ASP B 846 -9.78 11.68 47.06
C ASP B 846 -10.15 12.79 46.06
N SER B 847 -10.03 14.04 46.49
CA SER B 847 -10.42 15.14 45.62
C SER B 847 -9.24 15.68 44.82
N ASN B 848 -8.53 14.79 44.14
CA ASN B 848 -7.49 15.20 43.20
C ASN B 848 -7.50 14.34 41.94
N ASN B 849 -8.65 13.75 41.61
CA ASN B 849 -8.77 12.81 40.51
C ASN B 849 -9.77 13.35 39.52
N HIS B 850 -9.35 13.51 38.26
CA HIS B 850 -10.26 14.07 37.28
C HIS B 850 -11.44 13.16 37.03
N LEU B 851 -11.25 11.86 37.21
CA LEU B 851 -12.32 10.91 36.91
C LEU B 851 -13.53 11.15 37.80
N TYR B 852 -13.31 11.30 39.11
CA TYR B 852 -14.43 11.48 40.00
C TYR B 852 -15.16 12.80 39.75
N TRP B 853 -14.41 13.88 39.55
CA TRP B 853 -15.06 15.15 39.26
C TRP B 853 -15.86 15.05 37.97
N ASN B 854 -15.29 14.39 36.96
CA ASN B 854 -15.97 14.26 35.69
C ASN B 854 -17.25 13.45 35.81
N ALA B 855 -17.20 12.33 36.53
CA ALA B 855 -18.40 11.53 36.69
C ALA B 855 -19.48 12.28 37.45
N LEU B 856 -19.10 12.99 38.51
CA LEU B 856 -20.09 13.78 39.25
C LEU B 856 -20.69 14.85 38.36
N GLY B 857 -19.85 15.50 37.55
CA GLY B 857 -20.37 16.51 36.64
C GLY B 857 -21.38 15.96 35.66
N VAL B 858 -21.06 14.81 35.06
CA VAL B 858 -21.99 14.23 34.10
C VAL B 858 -23.30 13.86 34.77
N VAL B 859 -23.25 13.24 35.94
CA VAL B 859 -24.50 12.87 36.61
C VAL B 859 -25.28 14.12 37.01
N ALA B 860 -24.57 15.17 37.42
CA ALA B 860 -25.24 16.38 37.90
C ALA B 860 -26.12 16.99 36.83
N CYS B 861 -25.83 16.75 35.56
CA CYS B 861 -26.58 17.34 34.47
C CYS B 861 -27.59 16.38 33.86
N TYR B 862 -27.87 15.26 34.52
CA TYR B 862 -28.90 14.36 34.05
C TYR B 862 -30.26 15.05 34.08
N SER B 863 -31.12 14.65 33.14
CA SER B 863 -32.41 15.32 32.96
C SER B 863 -33.27 15.27 34.21
N GLY B 864 -33.08 14.26 35.06
CA GLY B 864 -33.89 14.17 36.26
C GLY B 864 -33.46 15.12 37.35
N ILE B 865 -32.18 15.49 37.38
CA ILE B 865 -31.65 16.38 38.39
C ILE B 865 -31.56 17.80 37.85
N GLY B 866 -30.85 17.97 36.75
CA GLY B 866 -30.79 19.27 36.09
C GLY B 866 -30.15 20.38 36.88
N ASN B 867 -28.99 20.12 37.45
CA ASN B 867 -28.21 21.11 38.20
C ASN B 867 -26.97 21.45 37.38
N TYR B 868 -27.10 22.43 36.50
CA TYR B 868 -26.04 22.69 35.54
C TYR B 868 -24.86 23.42 36.16
N ALA B 869 -25.09 24.25 37.17
CA ALA B 869 -23.98 24.97 37.80
C ALA B 869 -22.99 24.00 38.44
N LEU B 870 -23.51 23.01 39.16
CA LEU B 870 -22.63 22.01 39.76
C LEU B 870 -21.89 21.22 38.69
N ALA B 871 -22.56 20.90 37.59
CA ALA B 871 -21.90 20.18 36.51
C ALA B 871 -20.77 20.99 35.92
N GLN B 872 -21.01 22.27 35.68
CA GLN B 872 -19.97 23.12 35.12
C GLN B 872 -18.79 23.21 36.09
N HIS B 873 -19.09 23.33 37.37
CA HIS B 873 -18.04 23.36 38.38
C HIS B 873 -17.23 22.08 38.38
N CYS B 874 -17.90 20.94 38.31
CA CYS B 874 -17.20 19.66 38.35
C CYS B 874 -16.30 19.48 37.15
N PHE B 875 -16.78 19.82 35.96
CA PHE B 875 -15.94 19.69 34.78
C PHE B 875 -14.75 20.63 34.85
N ILE B 876 -14.94 21.85 35.35
CA ILE B 876 -13.80 22.75 35.46
C ILE B 876 -12.78 22.22 36.46
N LYS B 877 -13.25 21.67 37.58
CA LYS B 877 -12.30 21.09 38.53
C LYS B 877 -11.56 19.91 37.92
N SER B 878 -12.25 19.08 37.15
CA SER B 878 -11.59 17.96 36.50
C SER B 878 -10.53 18.44 35.51
N ILE B 879 -10.85 19.47 34.73
CA ILE B 879 -9.87 20.00 33.78
C ILE B 879 -8.66 20.55 34.51
N GLN B 880 -8.88 21.30 35.59
CA GLN B 880 -7.75 21.84 36.34
C GLN B 880 -6.93 20.75 36.98
N SER B 881 -7.58 19.69 37.45
CA SER B 881 -6.84 18.63 38.13
C SER B 881 -5.86 17.97 37.20
N GLU B 882 -6.25 17.73 35.96
CA GLU B 882 -5.35 17.11 35.00
C GLU B 882 -5.68 17.73 33.65
N GLN B 883 -4.76 18.54 33.13
CA GLN B 883 -5.04 19.34 31.94
C GLN B 883 -5.25 18.53 30.66
N ILE B 884 -4.68 17.34 30.53
CA ILE B 884 -4.79 16.60 29.27
C ILE B 884 -6.07 15.78 29.36
N ASN B 885 -7.19 16.41 29.01
CA ASN B 885 -8.51 15.81 29.23
C ASN B 885 -9.43 16.24 28.10
N ALA B 886 -9.57 15.39 27.09
CA ALA B 886 -10.52 15.70 26.03
C ALA B 886 -11.95 15.42 26.47
N VAL B 887 -12.15 14.41 27.32
CA VAL B 887 -13.50 14.04 27.73
C VAL B 887 -14.19 15.18 28.46
N ALA B 888 -13.49 15.81 29.41
CA ALA B 888 -14.10 16.88 30.17
C ALA B 888 -14.40 18.09 29.29
N TRP B 889 -13.49 18.41 28.39
CA TRP B 889 -13.73 19.52 27.49
C TRP B 889 -14.94 19.27 26.61
N THR B 890 -15.07 18.06 26.08
CA THR B 890 -16.23 17.77 25.27
C THR B 890 -17.52 17.78 26.08
N ASN B 891 -17.47 17.37 27.35
CA ASN B 891 -18.67 17.46 28.17
C ASN B 891 -19.08 18.91 28.43
N LEU B 892 -18.11 19.79 28.70
CA LEU B 892 -18.45 21.22 28.79
C LEU B 892 -19.01 21.73 27.46
N GLY B 893 -18.42 21.31 26.36
CA GLY B 893 -18.93 21.73 25.06
C GLY B 893 -20.38 21.34 24.89
N VAL B 894 -20.74 20.13 25.29
CA VAL B 894 -22.14 19.72 25.22
C VAL B 894 -23.00 20.59 26.11
N LEU B 895 -22.52 20.86 27.32
CA LEU B 895 -23.32 21.68 28.24
C LEU B 895 -23.59 23.05 27.64
N TYR B 896 -22.58 23.67 27.05
CA TYR B 896 -22.82 24.96 26.42
C TYR B 896 -23.72 24.84 25.20
N LEU B 897 -23.53 23.79 24.40
CA LEU B 897 -24.27 23.67 23.15
C LEU B 897 -25.76 23.47 23.38
N THR B 898 -26.16 22.65 24.35
CA THR B 898 -27.59 22.49 24.55
C THR B 898 -28.25 23.75 25.06
N ASN B 899 -27.54 24.59 25.82
CA ASN B 899 -28.11 25.85 26.24
C ASN B 899 -27.74 27.02 25.32
N GLU B 900 -28.00 26.84 24.02
CA GLU B 900 -27.96 27.92 23.02
C GLU B 900 -26.78 28.88 23.21
N ASN B 901 -25.57 28.33 23.14
CA ASN B 901 -24.35 29.12 23.30
C ASN B 901 -23.34 28.78 22.22
N ILE B 902 -23.81 28.77 20.97
CA ILE B 902 -23.08 28.14 19.86
C ILE B 902 -21.60 28.52 19.85
N GLU B 903 -21.29 29.80 20.06
CA GLU B 903 -19.91 30.24 19.93
C GLU B 903 -19.00 29.58 20.97
N GLN B 904 -19.41 29.66 22.23
CA GLN B 904 -18.57 29.17 23.31
C GLN B 904 -18.43 27.65 23.25
N ALA B 905 -19.51 26.96 22.86
CA ALA B 905 -19.42 25.52 22.63
C ALA B 905 -18.45 25.21 21.49
N HIS B 906 -18.47 26.02 20.44
CA HIS B 906 -17.51 25.83 19.36
C HIS B 906 -16.09 25.98 19.88
N GLU B 907 -15.86 26.96 20.74
CA GLU B 907 -14.53 27.14 21.30
C GLU B 907 -14.09 25.90 22.07
N ALA B 908 -14.97 25.38 22.92
CA ALA B 908 -14.62 24.22 23.71
C ALA B 908 -14.35 22.99 22.84
N PHE B 909 -15.21 22.73 21.85
CA PHE B 909 -14.97 21.58 20.99
C PHE B 909 -13.69 21.69 20.16
N LYS B 910 -13.44 22.88 19.60
CA LYS B 910 -12.22 23.03 18.80
C LYS B 910 -10.98 22.83 19.64
N MET B 911 -10.93 23.41 20.83
CA MET B 911 -9.77 23.19 21.68
C MET B 911 -9.68 21.72 22.09
N ALA B 912 -10.80 21.09 22.43
CA ALA B 912 -10.76 19.70 22.85
C ALA B 912 -10.16 18.81 21.76
N GLN B 913 -10.58 19.00 20.52
CA GLN B 913 -9.97 18.18 19.47
C GLN B 913 -8.53 18.59 19.24
N SER B 914 -8.19 19.83 19.56
CA SER B 914 -6.79 20.21 19.53
C SER B 914 -5.97 19.36 20.49
N LEU B 915 -6.57 18.98 21.62
CA LEU B 915 -5.86 18.15 22.59
C LEU B 915 -5.85 16.66 22.24
N ASP B 916 -6.76 16.19 21.39
CA ASP B 916 -6.82 14.76 21.06
C ASP B 916 -7.48 14.55 19.70
N PRO B 917 -6.70 14.46 18.62
CA PRO B 917 -7.30 14.55 17.27
C PRO B 917 -8.20 13.40 16.87
N SER B 918 -8.30 12.33 17.64
CA SER B 918 -9.08 11.18 17.23
C SER B 918 -10.12 10.81 18.26
N TYR B 919 -10.72 11.81 18.91
CA TYR B 919 -11.82 11.59 19.81
C TYR B 919 -13.12 11.87 19.05
N LEU B 920 -14.07 10.94 19.14
CA LEU B 920 -15.19 10.95 18.21
C LEU B 920 -16.20 12.05 18.53
N MET B 921 -16.56 12.17 19.80
CA MET B 921 -17.64 13.08 20.19
C MET B 921 -17.33 14.53 19.86
N CYS B 922 -16.07 14.94 19.96
CA CYS B 922 -15.75 16.32 19.60
C CYS B 922 -16.04 16.57 18.13
N TRP B 923 -15.72 15.61 17.27
CA TRP B 923 -16.02 15.75 15.85
C TRP B 923 -17.53 15.80 15.61
N ILE B 924 -18.28 14.96 16.32
CA ILE B 924 -19.73 14.99 16.15
C ILE B 924 -20.30 16.34 16.58
N GLY B 925 -19.79 16.88 17.69
CA GLY B 925 -20.23 18.19 18.11
C GLY B 925 -19.90 19.27 17.10
N GLN B 926 -18.73 19.17 16.49
CA GLN B 926 -18.37 20.13 15.44
C GLN B 926 -19.33 20.03 14.27
N ALA B 927 -19.70 18.81 13.89
CA ALA B 927 -20.66 18.65 12.81
C ALA B 927 -22.01 19.26 13.17
N LEU B 928 -22.46 19.04 14.41
CA LEU B 928 -23.74 19.61 14.82
C LEU B 928 -23.71 21.12 14.79
N ILE B 929 -22.61 21.71 15.26
CA ILE B 929 -22.49 23.16 15.24
C ILE B 929 -22.50 23.67 13.80
N ALA B 930 -21.77 23.00 12.91
CA ALA B 930 -21.75 23.42 11.52
C ALA B 930 -23.13 23.32 10.89
N GLU B 931 -23.89 22.27 11.22
CA GLU B 931 -25.24 22.15 10.70
C GLU B 931 -26.12 23.28 11.21
N ALA B 932 -25.99 23.62 12.50
CA ALA B 932 -26.85 24.66 13.06
C ALA B 932 -26.61 25.99 12.38
N VAL B 933 -25.34 26.35 12.17
CA VAL B 933 -25.02 27.65 11.60
C VAL B 933 -25.03 27.59 10.07
N GLY B 934 -25.39 26.47 9.49
CA GLY B 934 -25.51 26.36 8.05
C GLY B 934 -24.25 26.58 7.23
N SER B 935 -23.27 25.70 7.37
CA SER B 935 -22.07 25.81 6.56
C SER B 935 -22.23 24.91 5.34
N TYR B 936 -21.19 24.81 4.54
CA TYR B 936 -21.28 24.02 3.32
C TYR B 936 -20.55 22.68 3.44
N ASP B 937 -19.65 22.53 4.40
CA ASP B 937 -18.90 21.30 4.60
C ASP B 937 -19.41 20.52 5.81
N THR B 938 -20.72 20.55 6.05
CA THR B 938 -21.28 19.75 7.12
C THR B 938 -21.38 18.28 6.73
N MET B 939 -21.70 18.02 5.46
CA MET B 939 -21.81 16.64 5.01
C MET B 939 -20.48 15.93 5.09
N ASP B 940 -19.40 16.61 4.70
CA ASP B 940 -18.07 16.01 4.79
C ASP B 940 -17.69 15.76 6.24
N LEU B 941 -18.06 16.67 7.13
CA LEU B 941 -17.77 16.46 8.54
C LEU B 941 -18.46 15.20 9.04
N PHE B 942 -19.71 15.00 8.65
CA PHE B 942 -20.40 13.77 9.03
C PHE B 942 -19.74 12.54 8.42
N ARG B 943 -19.23 12.68 7.19
CA ARG B 943 -18.53 11.55 6.58
C ARG B 943 -17.27 11.18 7.36
N HIS B 944 -16.52 12.19 7.78
CA HIS B 944 -15.34 11.93 8.61
C HIS B 944 -15.72 11.26 9.90
N THR B 945 -16.81 11.71 10.51
CA THR B 945 -17.29 11.08 11.73
C THR B 945 -17.61 9.61 11.51
N THR B 946 -18.24 9.30 10.38
CA THR B 946 -18.50 7.91 10.04
C THR B 946 -17.20 7.13 9.88
N GLU B 947 -16.19 7.75 9.29
CA GLU B 947 -14.93 7.06 9.05
C GLU B 947 -14.22 6.75 10.35
N LEU B 948 -14.36 7.58 11.37
CA LEU B 948 -13.64 7.28 12.60
C LEU B 948 -14.18 6.04 13.32
N ASN B 949 -15.42 6.10 13.78
CA ASN B 949 -16.09 4.99 14.46
C ASN B 949 -17.59 5.20 14.44
N MET B 950 -18.32 4.13 14.78
CA MET B 950 -19.78 4.09 14.71
C MET B 950 -20.39 4.69 15.96
N HIS B 951 -20.68 5.98 15.94
CA HIS B 951 -21.58 6.54 16.94
C HIS B 951 -22.96 6.73 16.34
N THR B 952 -23.94 6.81 17.22
CA THR B 952 -25.34 6.87 16.78
C THR B 952 -25.67 8.22 16.16
N GLU B 953 -25.26 9.30 16.83
CA GLU B 953 -25.61 10.63 16.35
C GLU B 953 -24.97 10.95 15.01
N GLY B 954 -23.69 10.66 14.85
CA GLY B 954 -23.05 10.85 13.56
C GLY B 954 -23.66 9.98 12.48
N ALA B 955 -24.05 8.77 12.84
CA ALA B 955 -24.69 7.87 11.91
C ALA B 955 -25.97 8.48 11.34
N LEU B 956 -26.84 8.94 12.24
CA LEU B 956 -28.10 9.51 11.79
C LEU B 956 -27.87 10.77 10.96
N GLY B 957 -26.92 11.59 11.38
CA GLY B 957 -26.64 12.79 10.61
C GLY B 957 -26.18 12.50 9.20
N TYR B 958 -25.26 11.55 9.06
CA TYR B 958 -24.76 11.24 7.72
C TYR B 958 -25.86 10.66 6.85
N ALA B 959 -26.67 9.77 7.41
CA ALA B 959 -27.75 9.20 6.61
C ALA B 959 -28.73 10.27 6.16
N TYR B 960 -29.05 11.20 7.06
CA TYR B 960 -29.96 12.28 6.69
C TYR B 960 -29.40 13.09 5.53
N TRP B 961 -28.12 13.44 5.61
CA TRP B 961 -27.57 14.29 4.57
C TRP B 961 -27.46 13.56 3.25
N VAL B 962 -27.14 12.27 3.28
CA VAL B 962 -27.07 11.49 2.04
C VAL B 962 -28.44 11.42 1.38
N CYS B 963 -29.48 11.11 2.14
CA CYS B 963 -30.81 11.01 1.56
C CYS B 963 -31.30 12.35 1.04
N THR B 964 -31.07 13.42 1.79
CA THR B 964 -31.49 14.73 1.35
C THR B 964 -30.80 15.12 0.06
N THR B 965 -29.49 14.84 -0.05
CA THR B 965 -28.80 15.15 -1.29
C THR B 965 -29.35 14.33 -2.45
N LEU B 966 -29.72 13.07 -2.20
CA LEU B 966 -30.29 12.27 -3.28
C LEU B 966 -31.60 12.85 -3.76
N GLN B 967 -32.41 13.40 -2.86
CA GLN B 967 -33.69 13.98 -3.27
C GLN B 967 -33.50 15.06 -4.34
N ASP B 968 -32.61 16.01 -4.10
CA ASP B 968 -32.44 17.12 -5.01
C ASP B 968 -32.00 16.59 -6.36
N LYS B 969 -32.83 16.81 -7.38
CA LYS B 969 -32.62 16.23 -8.70
C LYS B 969 -31.98 17.22 -9.67
N SER B 970 -31.60 18.39 -9.20
CA SER B 970 -30.82 19.33 -9.99
C SER B 970 -29.33 19.17 -9.78
N ASN B 971 -28.91 18.07 -9.18
CA ASN B 971 -27.53 17.94 -8.77
C ASN B 971 -26.63 17.25 -9.78
N ARG B 972 -27.19 16.39 -10.64
CA ARG B 972 -26.31 15.39 -11.25
C ARG B 972 -25.56 15.98 -12.43
N GLU B 973 -24.97 17.14 -12.20
CA GLU B 973 -23.81 17.62 -12.95
C GLU B 973 -22.83 18.37 -12.07
N THR B 974 -23.09 18.47 -10.76
CA THR B 974 -22.53 19.53 -9.94
C THR B 974 -21.06 19.33 -9.59
N GLU B 975 -20.59 18.09 -9.55
CA GLU B 975 -19.35 17.67 -8.90
C GLU B 975 -19.51 17.66 -7.39
N LEU B 976 -20.66 18.11 -6.87
CA LEU B 976 -21.04 17.78 -5.51
C LEU B 976 -21.58 16.36 -5.48
N TYR B 977 -22.67 16.17 -6.23
CA TYR B 977 -23.24 14.84 -6.37
C TYR B 977 -22.22 13.91 -6.97
N GLN B 978 -21.60 14.35 -8.07
CA GLN B 978 -20.78 13.43 -8.85
C GLN B 978 -19.64 12.90 -8.01
N TYR B 979 -18.75 13.79 -7.56
CA TYR B 979 -17.64 13.31 -6.75
C TYR B 979 -18.14 12.62 -5.49
N ASN B 980 -18.88 13.35 -4.65
CA ASN B 980 -19.16 12.81 -3.32
C ASN B 980 -19.89 11.48 -3.41
N ILE B 981 -21.05 11.47 -4.05
CA ILE B 981 -21.88 10.26 -4.06
C ILE B 981 -21.23 9.17 -4.88
N LEU B 982 -20.76 9.48 -6.09
CA LEU B 982 -20.41 8.42 -7.00
C LEU B 982 -18.95 8.02 -6.94
N GLN B 983 -18.10 8.72 -6.19
CA GLN B 983 -16.73 8.34 -6.02
C GLN B 983 -16.35 8.14 -4.58
N MET B 984 -17.22 8.49 -3.64
CA MET B 984 -16.99 8.11 -2.27
C MET B 984 -17.88 6.96 -1.84
N ASN B 985 -18.65 6.40 -2.78
CA ASN B 985 -19.57 5.30 -2.50
C ASN B 985 -20.41 5.59 -1.28
N ALA B 986 -21.03 6.77 -1.30
CA ALA B 986 -21.80 7.22 -0.15
C ALA B 986 -22.96 6.29 0.15
N ILE B 987 -23.66 5.83 -0.88
CA ILE B 987 -24.87 5.04 -0.65
C ILE B 987 -24.60 3.75 0.11
N PRO B 988 -23.66 2.89 -0.31
CA PRO B 988 -23.41 1.67 0.48
C PRO B 988 -22.98 1.94 1.91
N ALA B 989 -22.14 2.97 2.10
CA ALA B 989 -21.71 3.32 3.43
C ALA B 989 -22.88 3.72 4.30
N ALA B 990 -23.78 4.53 3.75
CA ALA B 990 -24.96 4.93 4.49
C ALA B 990 -25.81 3.73 4.84
N GLN B 991 -25.93 2.77 3.93
CA GLN B 991 -26.76 1.61 4.24
C GLN B 991 -26.19 0.82 5.40
N VAL B 992 -24.89 0.56 5.39
CA VAL B 992 -24.29 -0.21 6.49
C VAL B 992 -24.42 0.54 7.80
N ILE B 993 -24.20 1.86 7.75
CA ILE B 993 -24.30 2.69 8.93
C ILE B 993 -25.71 2.61 9.53
N LEU B 994 -26.72 2.73 8.68
CA LEU B 994 -28.08 2.66 9.18
C LEU B 994 -28.43 1.29 9.71
N ASN B 995 -27.90 0.23 9.11
CA ASN B 995 -28.15 -1.10 9.65
C ASN B 995 -27.65 -1.19 11.08
N LYS B 996 -26.44 -0.72 11.31
CA LYS B 996 -25.91 -0.74 12.67
C LYS B 996 -26.75 0.11 13.61
N TYR B 997 -27.12 1.32 13.15
CA TYR B 997 -27.91 2.22 13.99
C TYR B 997 -29.21 1.56 14.39
N VAL B 998 -29.91 0.99 13.42
CA VAL B 998 -31.24 0.47 13.66
C VAL B 998 -31.17 -0.73 14.60
N GLU B 999 -30.11 -1.54 14.47
CA GLU B 999 -30.00 -2.61 15.45
C GLU B 999 -29.73 -2.07 16.84
N ARG B 1000 -29.04 -0.93 16.93
CA ARG B 1000 -28.79 -0.34 18.25
C ARG B 1000 -30.07 0.21 18.87
N ILE B 1001 -30.86 0.96 18.11
CA ILE B 1001 -31.95 1.74 18.68
C ILE B 1001 -33.32 1.07 18.56
N GLN B 1002 -33.75 0.84 17.32
CA GLN B 1002 -34.90 0.01 16.97
C GLN B 1002 -36.22 0.50 17.59
N ASN B 1003 -36.36 1.80 17.85
CA ASN B 1003 -37.69 2.32 18.14
C ASN B 1003 -37.93 3.66 17.46
N TYR B 1004 -37.33 3.88 16.30
CA TYR B 1004 -37.39 5.18 15.63
C TYR B 1004 -37.74 4.95 14.17
N ALA B 1005 -38.80 5.59 13.70
CA ALA B 1005 -39.33 5.29 12.37
C ALA B 1005 -38.56 5.92 11.22
N PRO B 1006 -38.19 7.20 11.27
CA PRO B 1006 -37.47 7.80 10.14
C PRO B 1006 -36.20 7.04 9.79
N ALA B 1007 -35.51 6.47 10.77
CA ALA B 1007 -34.35 5.65 10.45
C ALA B 1007 -34.74 4.50 9.54
N PHE B 1008 -35.84 3.83 9.86
CA PHE B 1008 -36.31 2.76 9.00
C PHE B 1008 -36.67 3.26 7.62
N THR B 1009 -37.32 4.42 7.53
CA THR B 1009 -37.71 4.90 6.21
C THR B 1009 -36.50 5.25 5.37
N MET B 1010 -35.48 5.89 5.94
CA MET B 1010 -34.27 6.14 5.18
C MET B 1010 -33.60 4.83 4.77
N LEU B 1011 -33.59 3.85 5.66
CA LEU B 1011 -33.01 2.56 5.30
C LEU B 1011 -33.75 1.96 4.12
N GLY B 1012 -35.06 2.03 4.12
CA GLY B 1012 -35.82 1.53 2.98
C GLY B 1012 -35.50 2.27 1.69
N TYR B 1013 -35.36 3.59 1.76
CA TYR B 1013 -35.04 4.34 0.56
C TYR B 1013 -33.69 3.94 -0.01
N LEU B 1014 -32.69 3.85 0.85
CA LEU B 1014 -31.36 3.47 0.36
C LEU B 1014 -31.34 2.05 -0.17
N ASN B 1015 -31.98 1.12 0.52
CA ASN B 1015 -32.01 -0.25 0.02
C ASN B 1015 -32.71 -0.31 -1.32
N GLU B 1016 -33.74 0.49 -1.51
CA GLU B 1016 -34.40 0.51 -2.82
C GLU B 1016 -33.43 1.00 -3.88
N HIS B 1017 -32.63 2.04 -3.58
CA HIS B 1017 -31.61 2.44 -4.54
C HIS B 1017 -30.52 1.40 -4.78
N LEU B 1018 -30.27 0.50 -3.84
CA LEU B 1018 -29.33 -0.57 -4.13
C LEU B 1018 -29.97 -1.78 -4.78
N GLN B 1019 -31.27 -1.74 -5.03
CA GLN B 1019 -31.99 -2.88 -5.59
C GLN B 1019 -31.84 -4.11 -4.69
N LEU B 1020 -32.06 -3.90 -3.41
CA LEU B 1020 -32.06 -4.94 -2.40
C LEU B 1020 -33.48 -5.16 -1.89
N LYS B 1021 -34.43 -5.13 -2.83
CA LYS B 1021 -35.85 -4.93 -2.60
C LYS B 1021 -36.43 -5.65 -1.40
N LYS B 1022 -36.00 -6.89 -1.17
CA LYS B 1022 -36.52 -7.63 -0.02
C LYS B 1022 -36.21 -6.92 1.29
N GLU B 1023 -34.98 -6.44 1.45
CA GLU B 1023 -34.65 -5.70 2.67
C GLU B 1023 -35.38 -4.38 2.75
N ALA B 1024 -35.61 -3.71 1.63
CA ALA B 1024 -36.40 -2.49 1.67
C ALA B 1024 -37.82 -2.79 2.14
N ALA B 1025 -38.38 -3.91 1.68
CA ALA B 1025 -39.70 -4.30 2.16
C ALA B 1025 -39.69 -4.56 3.66
N ASN B 1026 -38.66 -5.24 4.16
CA ASN B 1026 -38.58 -5.46 5.60
C ASN B 1026 -38.49 -4.15 6.36
N ALA B 1027 -37.68 -3.21 5.88
CA ALA B 1027 -37.55 -1.93 6.55
C ALA B 1027 -38.88 -1.20 6.61
N TYR B 1028 -39.59 -1.16 5.50
CA TYR B 1028 -40.87 -0.49 5.48
C TYR B 1028 -41.85 -1.20 6.40
N GLN B 1029 -41.79 -2.53 6.44
CA GLN B 1029 -42.65 -3.31 7.32
C GLN B 1029 -42.43 -2.93 8.79
N ARG B 1030 -41.18 -2.85 9.20
CA ARG B 1030 -40.92 -2.48 10.59
C ARG B 1030 -41.37 -1.07 10.87
N ALA B 1031 -41.18 -0.15 9.93
CA ALA B 1031 -41.69 1.20 10.12
C ALA B 1031 -43.20 1.20 10.29
N ILE B 1032 -43.89 0.36 9.52
CA ILE B 1032 -45.35 0.25 9.67
C ILE B 1032 -45.69 -0.18 11.08
N LEU B 1033 -45.00 -1.19 11.58
CA LEU B 1033 -45.31 -1.69 12.92
C LEU B 1033 -45.10 -0.60 13.96
N LEU B 1034 -44.03 0.18 13.81
CA LEU B 1034 -43.77 1.22 14.81
C LEU B 1034 -44.89 2.24 14.84
N LEU B 1035 -45.41 2.62 13.68
CA LEU B 1035 -46.26 3.80 13.57
C LEU B 1035 -47.74 3.50 13.78
N GLN B 1036 -48.08 2.30 14.24
CA GLN B 1036 -49.47 1.93 14.48
C GLN B 1036 -50.24 3.04 15.17
N THR B 1037 -49.73 3.49 16.31
CA THR B 1037 -50.37 4.54 17.08
C THR B 1037 -49.46 5.76 17.10
N ALA B 1038 -49.97 6.87 16.57
CA ALA B 1038 -49.22 8.12 16.56
C ALA B 1038 -50.19 9.26 16.34
N GLU B 1039 -49.75 10.45 16.74
CA GLU B 1039 -50.58 11.64 16.57
C GLU B 1039 -50.77 11.98 15.10
N ASP B 1040 -49.75 11.75 14.29
CA ASP B 1040 -49.80 12.11 12.87
C ASP B 1040 -50.04 10.86 12.04
N GLN B 1041 -51.14 10.86 11.28
CA GLN B 1041 -51.47 9.71 10.45
C GLN B 1041 -51.00 9.84 9.01
N ASP B 1042 -50.58 11.04 8.57
CA ASP B 1042 -50.14 11.15 7.18
C ASP B 1042 -48.87 10.33 6.94
N THR B 1043 -47.97 10.31 7.92
CA THR B 1043 -46.73 9.57 7.71
C THR B 1043 -47.00 8.08 7.71
N TYR B 1044 -48.07 7.67 8.40
CA TYR B 1044 -48.44 6.27 8.39
C TYR B 1044 -48.99 5.89 7.03
N ASN B 1045 -49.80 6.77 6.44
CA ASN B 1045 -50.30 6.51 5.10
C ASN B 1045 -49.17 6.46 4.09
N VAL B 1046 -48.20 7.38 4.19
CA VAL B 1046 -47.08 7.38 3.26
C VAL B 1046 -46.28 6.09 3.39
N ALA B 1047 -46.07 5.65 4.62
CA ALA B 1047 -45.39 4.37 4.84
C ALA B 1047 -46.18 3.25 4.21
N ILE B 1048 -47.51 3.30 4.30
CA ILE B 1048 -48.34 2.27 3.68
C ILE B 1048 -48.12 2.25 2.17
N ARG B 1049 -48.14 3.41 1.52
CA ARG B 1049 -47.95 3.40 0.07
C ARG B 1049 -46.60 2.77 -0.26
N ASN B 1050 -45.55 3.14 0.47
CA ASN B 1050 -44.23 2.65 0.10
C ASN B 1050 -44.09 1.16 0.35
N TYR B 1051 -44.56 0.67 1.50
CA TYR B 1051 -44.46 -0.76 1.76
C TYR B 1051 -45.26 -1.54 0.74
N GLY B 1052 -46.46 -1.09 0.42
CA GLY B 1052 -47.25 -1.77 -0.58
C GLY B 1052 -46.59 -1.76 -1.94
N ARG B 1053 -46.01 -0.63 -2.33
CA ARG B 1053 -45.36 -0.52 -3.63
C ARG B 1053 -44.21 -1.51 -3.74
N LEU B 1054 -43.35 -1.57 -2.72
CA LEU B 1054 -42.25 -2.52 -2.77
C LEU B 1054 -42.75 -3.96 -2.72
N LEU B 1055 -43.80 -4.21 -1.96
CA LEU B 1055 -44.36 -5.55 -1.90
C LEU B 1055 -44.85 -5.99 -3.27
N CYS B 1056 -45.52 -5.10 -3.98
CA CYS B 1056 -45.97 -5.37 -5.34
C CYS B 1056 -44.80 -5.57 -6.29
N SER B 1057 -43.72 -4.82 -6.08
CA SER B 1057 -42.60 -4.89 -7.02
C SER B 1057 -42.05 -6.29 -7.17
N THR B 1058 -42.06 -7.11 -6.12
CA THR B 1058 -41.53 -8.47 -6.21
C THR B 1058 -42.58 -9.47 -5.76
N GLY B 1059 -43.44 -9.90 -6.68
CA GLY B 1059 -44.46 -10.89 -6.38
C GLY B 1059 -45.41 -10.63 -5.22
N GLU B 1060 -46.09 -11.67 -4.78
CA GLU B 1060 -47.04 -11.68 -3.66
C GLU B 1060 -48.00 -10.51 -3.79
N TYR B 1061 -48.69 -10.49 -4.93
CA TYR B 1061 -49.58 -9.38 -5.26
C TYR B 1061 -50.74 -9.28 -4.28
N ASP B 1062 -51.22 -10.42 -3.76
CA ASP B 1062 -52.34 -10.36 -2.82
C ASP B 1062 -52.00 -9.51 -1.61
N LYS B 1063 -50.79 -9.67 -1.07
CA LYS B 1063 -50.38 -8.87 0.06
C LYS B 1063 -50.33 -7.38 -0.29
N ALA B 1064 -49.83 -7.06 -1.48
CA ALA B 1064 -49.78 -5.67 -1.92
C ALA B 1064 -51.17 -5.08 -2.02
N ILE B 1065 -52.11 -5.84 -2.58
CA ILE B 1065 -53.48 -5.35 -2.72
C ILE B 1065 -54.09 -5.10 -1.35
N GLN B 1066 -53.88 -6.03 -0.41
CA GLN B 1066 -54.42 -5.82 0.93
C GLN B 1066 -53.83 -4.57 1.56
N ALA B 1067 -52.53 -4.35 1.39
CA ALA B 1067 -51.90 -3.16 1.94
C ALA B 1067 -52.47 -1.90 1.31
N PHE B 1068 -52.69 -1.89 -0.01
CA PHE B 1068 -53.28 -0.72 -0.62
C PHE B 1068 -54.75 -0.53 -0.28
N LYS B 1069 -55.44 -1.58 0.14
CA LYS B 1069 -56.81 -1.38 0.61
C LYS B 1069 -56.84 -0.60 1.91
N SER B 1070 -55.91 -0.90 2.81
CA SER B 1070 -55.96 -0.34 4.16
C SER B 1070 -55.29 1.03 4.20
N THR B 1071 -55.75 1.92 3.34
CA THR B 1071 -55.25 3.29 3.29
C THR B 1071 -56.30 4.15 2.60
N PRO B 1072 -56.39 5.42 2.94
CA PRO B 1072 -57.29 6.32 2.21
C PRO B 1072 -56.78 6.65 0.82
N LEU B 1073 -57.48 6.14 -0.20
CA LEU B 1073 -57.08 6.24 -1.60
C LEU B 1073 -57.54 7.56 -2.23
N GLU B 1074 -56.88 8.66 -1.83
CA GLU B 1074 -57.28 9.97 -2.34
C GLU B 1074 -56.16 10.79 -2.96
N VAL B 1075 -54.91 10.33 -2.93
CA VAL B 1075 -53.84 11.07 -3.57
C VAL B 1075 -53.31 10.25 -4.74
N LEU B 1076 -52.74 10.98 -5.71
CA LEU B 1076 -52.34 10.37 -6.97
C LEU B 1076 -51.41 9.19 -6.77
N GLU B 1077 -50.43 9.32 -5.86
CA GLU B 1077 -49.45 8.26 -5.67
C GLU B 1077 -50.11 6.96 -5.25
N ASP B 1078 -50.95 7.04 -4.21
CA ASP B 1078 -51.58 5.86 -3.68
C ASP B 1078 -52.50 5.19 -4.69
N ILE B 1079 -53.28 5.99 -5.43
CA ILE B 1079 -54.19 5.40 -6.41
C ILE B 1079 -53.40 4.71 -7.51
N ILE B 1080 -52.33 5.36 -7.97
CA ILE B 1080 -51.52 4.79 -9.04
C ILE B 1080 -50.90 3.47 -8.62
N GLY B 1081 -50.35 3.42 -7.41
CA GLY B 1081 -49.79 2.18 -6.93
C GLY B 1081 -50.84 1.09 -6.87
N PHE B 1082 -52.04 1.44 -6.40
CA PHE B 1082 -53.13 0.48 -6.37
C PHE B 1082 -53.43 -0.04 -7.77
N ALA B 1083 -53.46 0.87 -8.75
CA ALA B 1083 -53.76 0.48 -10.12
C ALA B 1083 -52.74 -0.51 -10.64
N LEU B 1084 -51.46 -0.23 -10.41
CA LEU B 1084 -50.43 -1.12 -10.92
C LEU B 1084 -50.52 -2.49 -10.25
N ALA B 1085 -50.74 -2.52 -8.94
CA ALA B 1085 -50.87 -3.80 -8.26
C ALA B 1085 -52.03 -4.60 -8.81
N LEU B 1086 -53.17 -3.94 -9.03
CA LEU B 1086 -54.34 -4.62 -9.58
C LEU B 1086 -54.04 -5.18 -10.96
N PHE B 1087 -53.39 -4.39 -11.81
CA PHE B 1087 -53.05 -4.87 -13.14
C PHE B 1087 -52.13 -6.07 -13.06
N MET B 1088 -51.14 -6.02 -12.17
CA MET B 1088 -50.21 -7.14 -12.06
C MET B 1088 -50.93 -8.42 -11.66
N LYS B 1089 -51.89 -8.33 -10.75
CA LYS B 1089 -52.58 -9.56 -10.39
C LYS B 1089 -53.48 -10.03 -11.51
N GLY B 1090 -54.04 -9.10 -12.28
CA GLY B 1090 -55.05 -9.43 -13.27
C GLY B 1090 -56.04 -8.29 -13.35
N LEU B 1091 -57.34 -8.59 -13.35
CA LEU B 1091 -58.35 -7.62 -12.97
C LEU B 1091 -58.23 -6.34 -13.79
N TYR B 1092 -57.97 -6.51 -15.08
CA TYR B 1092 -57.60 -5.39 -15.94
C TYR B 1092 -58.64 -4.28 -15.88
N LYS B 1093 -59.91 -4.65 -15.77
CA LYS B 1093 -60.97 -3.66 -15.70
C LYS B 1093 -60.78 -2.78 -14.47
N GLU B 1094 -60.44 -3.38 -13.34
CA GLU B 1094 -60.20 -2.63 -12.12
C GLU B 1094 -59.06 -1.64 -12.30
N SER B 1095 -57.96 -2.09 -12.92
CA SER B 1095 -56.83 -1.21 -13.14
C SER B 1095 -57.21 -0.05 -14.03
N SER B 1096 -58.00 -0.30 -15.07
CA SER B 1096 -58.45 0.78 -15.94
C SER B 1096 -59.28 1.78 -15.14
N LYS B 1097 -60.15 1.28 -14.27
CA LYS B 1097 -60.96 2.16 -13.45
C LYS B 1097 -60.08 3.03 -12.56
N ALA B 1098 -59.07 2.42 -11.94
CA ALA B 1098 -58.18 3.17 -11.08
C ALA B 1098 -57.42 4.23 -11.86
N TYR B 1099 -56.94 3.88 -13.05
CA TYR B 1099 -56.18 4.86 -13.84
C TYR B 1099 -57.04 6.03 -14.29
N GLU B 1100 -58.27 5.77 -14.72
CA GLU B 1100 -59.15 6.89 -15.07
C GLU B 1100 -59.47 7.75 -13.85
N ARG B 1101 -59.75 7.11 -12.71
CA ARG B 1101 -60.04 7.86 -11.50
C ARG B 1101 -58.84 8.72 -11.12
N ALA B 1102 -57.63 8.19 -11.28
CA ALA B 1102 -56.43 8.99 -11.04
C ALA B 1102 -56.34 10.13 -12.06
N LEU B 1103 -56.78 9.88 -13.29
CA LEU B 1103 -56.75 10.92 -14.30
C LEU B 1103 -57.60 12.11 -13.87
N SER B 1104 -58.70 11.83 -13.16
CA SER B 1104 -59.53 12.91 -12.66
C SER B 1104 -58.69 14.00 -11.99
N ILE B 1105 -57.96 13.65 -10.94
CA ILE B 1105 -57.15 14.63 -10.19
C ILE B 1105 -55.73 14.59 -10.73
N VAL B 1106 -55.44 15.44 -11.72
CA VAL B 1106 -54.13 15.43 -12.37
C VAL B 1106 -53.71 16.85 -12.69
N GLU B 1107 -52.47 17.17 -12.34
CA GLU B 1107 -51.71 18.30 -12.83
C GLU B 1107 -50.48 17.75 -13.53
N SER B 1108 -49.58 18.63 -13.97
CA SER B 1108 -48.28 18.22 -14.47
C SER B 1108 -48.43 17.26 -15.65
N GLU B 1109 -48.94 17.83 -16.75
CA GLU B 1109 -49.47 17.09 -17.89
C GLU B 1109 -48.63 15.89 -18.30
N GLN B 1110 -47.33 15.92 -18.02
CA GLN B 1110 -46.52 14.72 -18.17
C GLN B 1110 -47.22 13.52 -17.53
N ASP B 1111 -47.71 13.71 -16.30
CA ASP B 1111 -48.41 12.63 -15.62
C ASP B 1111 -49.69 12.22 -16.32
N LYS B 1112 -50.45 13.18 -16.87
CA LYS B 1112 -51.65 12.79 -17.59
C LYS B 1112 -51.31 11.94 -18.81
N ALA B 1113 -50.27 12.33 -19.54
CA ALA B 1113 -49.85 11.54 -20.70
C ALA B 1113 -49.43 10.15 -20.29
N HIS B 1114 -48.69 10.03 -19.19
CA HIS B 1114 -48.27 8.70 -18.74
C HIS B 1114 -49.48 7.86 -18.32
N ILE B 1115 -50.44 8.47 -17.64
CA ILE B 1115 -51.63 7.71 -17.25
C ILE B 1115 -52.42 7.28 -18.47
N LEU B 1116 -52.50 8.14 -19.49
CA LEU B 1116 -53.18 7.75 -20.72
C LEU B 1116 -52.49 6.55 -21.36
N THR B 1117 -51.16 6.56 -21.38
CA THR B 1117 -50.44 5.44 -21.96
C THR B 1117 -50.69 4.16 -21.17
N ALA B 1118 -50.71 4.27 -19.85
CA ALA B 1118 -51.01 3.09 -19.03
C ALA B 1118 -52.41 2.57 -19.30
N LEU B 1119 -53.37 3.49 -19.49
CA LEU B 1119 -54.71 3.09 -19.86
C LEU B 1119 -54.71 2.32 -21.17
N ALA B 1120 -53.97 2.82 -22.15
CA ALA B 1120 -53.88 2.15 -23.44
C ALA B 1120 -53.36 0.73 -23.25
N ILE B 1121 -52.28 0.59 -22.48
CA ILE B 1121 -51.69 -0.73 -22.27
C ILE B 1121 -52.70 -1.68 -21.62
N THR B 1122 -53.35 -1.21 -20.57
CA THR B 1122 -54.20 -2.11 -19.79
C THR B 1122 -55.42 -2.53 -20.59
N GLU B 1123 -56.01 -1.60 -21.35
CA GLU B 1123 -57.18 -2.00 -22.12
C GLU B 1123 -56.77 -2.84 -23.32
N TYR B 1124 -55.59 -2.59 -23.89
CA TYR B 1124 -55.09 -3.48 -24.93
C TYR B 1124 -55.02 -4.91 -24.44
N LYS B 1125 -54.52 -5.10 -23.23
CA LYS B 1125 -54.37 -6.46 -22.71
C LYS B 1125 -55.65 -7.27 -22.88
N GLN B 1126 -56.80 -6.67 -22.56
CA GLN B 1126 -58.07 -7.36 -22.77
C GLN B 1126 -58.31 -7.59 -24.26
N GLY B 1127 -57.95 -6.62 -25.09
CA GLY B 1127 -58.24 -6.62 -26.50
C GLY B 1127 -58.52 -5.17 -26.85
N LYS B 1128 -59.52 -4.92 -27.70
CA LYS B 1128 -59.95 -3.55 -27.98
C LYS B 1128 -58.76 -2.68 -28.38
N THR B 1129 -58.03 -3.13 -29.39
CA THR B 1129 -56.89 -2.38 -29.87
C THR B 1129 -57.31 -1.04 -30.47
N ASP B 1130 -58.50 -0.97 -31.04
CA ASP B 1130 -58.97 0.28 -31.64
C ASP B 1130 -59.04 1.41 -30.62
N VAL B 1131 -59.61 1.14 -29.46
CA VAL B 1131 -59.76 2.20 -28.46
C VAL B 1131 -58.41 2.57 -27.87
N ALA B 1132 -57.54 1.59 -27.66
CA ALA B 1132 -56.18 1.89 -27.21
C ALA B 1132 -55.49 2.80 -28.20
N LYS B 1133 -55.63 2.50 -29.50
CA LYS B 1133 -55.00 3.29 -30.54
C LYS B 1133 -55.53 4.72 -30.51
N THR B 1134 -56.85 4.88 -30.41
CA THR B 1134 -57.43 6.22 -30.39
C THR B 1134 -56.99 6.98 -29.14
N LEU B 1135 -56.87 6.28 -28.02
CA LEU B 1135 -56.44 6.90 -26.78
C LEU B 1135 -55.00 7.40 -26.89
N LEU B 1136 -54.13 6.60 -27.50
CA LEU B 1136 -52.75 7.03 -27.70
C LEU B 1136 -52.67 8.22 -28.66
N PHE B 1137 -53.50 8.24 -29.70
CA PHE B 1137 -53.53 9.44 -30.54
C PHE B 1137 -54.02 10.64 -29.76
N LYS B 1138 -55.01 10.44 -28.90
CA LYS B 1138 -55.49 11.53 -28.05
C LYS B 1138 -54.36 12.07 -27.20
N CYS B 1139 -53.54 11.17 -26.66
CA CYS B 1139 -52.35 11.58 -25.93
C CYS B 1139 -51.41 12.37 -26.82
N SER B 1140 -51.25 11.95 -28.08
CA SER B 1140 -50.38 12.67 -28.99
C SER B 1140 -50.86 14.10 -29.21
N ILE B 1141 -52.18 14.33 -29.06
CA ILE B 1141 -52.74 15.66 -29.28
C ILE B 1141 -52.35 16.62 -28.18
N LEU B 1142 -51.76 16.12 -27.09
CA LEU B 1142 -51.36 16.98 -26.00
C LEU B 1142 -50.25 17.94 -26.44
N LYS B 1143 -49.95 18.89 -25.55
CA LYS B 1143 -49.04 19.97 -25.90
C LYS B 1143 -47.68 19.43 -26.33
N GLU B 1144 -47.12 18.52 -25.53
CA GLU B 1144 -45.83 17.95 -25.84
C GLU B 1144 -45.91 16.45 -25.67
N PRO B 1145 -45.51 15.67 -26.66
CA PRO B 1145 -45.45 14.21 -26.49
C PRO B 1145 -44.35 13.83 -25.53
N THR B 1146 -44.39 12.58 -25.07
CA THR B 1146 -43.52 12.16 -23.99
C THR B 1146 -42.47 11.15 -24.41
N THR B 1147 -42.46 10.74 -25.67
CA THR B 1147 -41.50 9.78 -26.20
C THR B 1147 -41.82 8.39 -25.65
N GLU B 1148 -42.78 8.31 -24.74
CA GLU B 1148 -43.26 7.04 -24.25
C GLU B 1148 -44.60 6.67 -24.85
N SER B 1149 -45.43 7.68 -25.13
CA SER B 1149 -46.65 7.40 -25.86
C SER B 1149 -46.36 7.09 -27.32
N LEU B 1150 -45.39 7.80 -27.91
CA LEU B 1150 -45.02 7.52 -29.29
C LEU B 1150 -44.39 6.14 -29.42
N GLN B 1151 -43.49 5.82 -28.50
CA GLN B 1151 -42.85 4.51 -28.47
C GLN B 1151 -43.86 3.40 -28.23
N ALA B 1152 -44.78 3.60 -27.29
CA ALA B 1152 -45.83 2.61 -27.07
C ALA B 1152 -46.70 2.46 -28.31
N LEU B 1153 -46.97 3.56 -28.99
CA LEU B 1153 -47.76 3.50 -30.23
C LEU B 1153 -47.06 2.68 -31.30
N CYS B 1154 -45.74 2.87 -31.46
CA CYS B 1154 -45.01 2.05 -32.41
C CYS B 1154 -45.09 0.59 -32.05
N ALA B 1155 -44.93 0.26 -30.76
CA ALA B 1155 -45.00 -1.14 -30.37
C ALA B 1155 -46.38 -1.72 -30.62
N LEU B 1156 -47.43 -0.93 -30.36
CA LEU B 1156 -48.78 -1.40 -30.65
C LEU B 1156 -49.01 -1.60 -32.13
N GLY B 1157 -48.53 -0.67 -32.96
CA GLY B 1157 -48.62 -0.84 -34.39
C GLY B 1157 -47.93 -2.10 -34.86
N LEU B 1158 -46.77 -2.39 -34.30
CA LEU B 1158 -46.08 -3.63 -34.68
C LEU B 1158 -46.83 -4.86 -34.19
N ALA B 1159 -47.54 -4.74 -33.06
CA ALA B 1159 -48.28 -5.89 -32.55
C ALA B 1159 -49.41 -6.28 -33.49
N MET B 1160 -49.89 -5.35 -34.29
CA MET B 1160 -50.83 -5.63 -35.36
C MET B 1160 -50.06 -5.66 -36.67
N GLN B 1161 -50.31 -6.67 -37.50
CA GLN B 1161 -49.43 -6.86 -38.65
C GLN B 1161 -49.81 -5.84 -39.73
N ASP B 1162 -49.60 -4.58 -39.38
CA ASP B 1162 -49.75 -3.47 -40.31
C ASP B 1162 -48.71 -2.39 -40.04
N ALA B 1163 -47.95 -2.04 -41.05
CA ALA B 1163 -46.86 -1.09 -40.89
C ALA B 1163 -47.30 0.34 -41.17
N THR B 1164 -48.57 0.56 -41.50
CA THR B 1164 -49.04 1.89 -41.86
C THR B 1164 -48.81 2.88 -40.73
N LEU B 1165 -49.45 2.66 -39.58
CA LEU B 1165 -49.32 3.61 -38.49
C LEU B 1165 -47.95 3.54 -37.83
N SER B 1166 -47.32 2.37 -37.84
CA SER B 1166 -46.01 2.24 -37.23
C SER B 1166 -45.00 3.18 -37.87
N LYS B 1167 -45.01 3.29 -39.20
CA LYS B 1167 -44.09 4.21 -39.87
C LYS B 1167 -44.35 5.65 -39.46
N ALA B 1168 -45.62 6.06 -39.42
CA ALA B 1168 -45.93 7.42 -39.01
C ALA B 1168 -45.47 7.69 -37.59
N ALA B 1169 -45.72 6.73 -36.69
CA ALA B 1169 -45.29 6.89 -35.31
C ALA B 1169 -43.77 6.97 -35.20
N LEU B 1170 -43.06 6.14 -35.96
CA LEU B 1170 -41.60 6.19 -35.93
C LEU B 1170 -41.08 7.52 -36.43
N ASN B 1171 -41.63 8.03 -37.52
CA ASN B 1171 -41.21 9.34 -38.01
C ASN B 1171 -41.48 10.41 -36.97
N GLU B 1172 -42.64 10.33 -36.32
CA GLU B 1172 -42.96 11.28 -35.27
C GLU B 1172 -41.95 11.20 -34.13
N LEU B 1173 -41.59 9.98 -33.74
CA LEU B 1173 -40.63 9.79 -32.65
C LEU B 1173 -39.27 10.36 -33.00
N LEU B 1174 -38.77 10.05 -34.19
CA LEU B 1174 -37.45 10.52 -34.58
C LEU B 1174 -37.40 12.03 -34.76
N LYS B 1175 -38.42 12.61 -35.41
CA LYS B 1175 -38.36 14.01 -35.81
C LYS B 1175 -37.89 14.95 -34.70
N HIS B 1176 -38.59 15.00 -33.56
CA HIS B 1176 -38.32 16.06 -32.60
C HIS B 1176 -37.87 15.52 -31.24
N ILE B 1177 -37.35 14.30 -31.18
CA ILE B 1177 -36.93 13.71 -29.91
C ILE B 1177 -35.45 13.37 -30.00
N LYS B 1178 -34.65 14.06 -29.18
CA LYS B 1178 -33.24 13.78 -29.02
C LYS B 1178 -32.87 13.54 -27.58
N HIS B 1179 -33.74 13.94 -26.64
CA HIS B 1179 -33.50 13.80 -25.21
C HIS B 1179 -33.64 12.37 -24.76
N LYS B 1180 -34.21 11.49 -25.60
CA LYS B 1180 -34.14 10.06 -25.35
C LYS B 1180 -32.70 9.63 -25.41
N ASP B 1181 -32.29 8.81 -24.46
CA ASP B 1181 -30.88 8.45 -24.35
C ASP B 1181 -30.66 6.95 -24.37
N SER B 1182 -31.58 6.21 -24.98
CA SER B 1182 -31.35 4.78 -25.15
C SER B 1182 -30.51 4.50 -26.38
N ASN B 1183 -30.98 4.97 -27.54
CA ASN B 1183 -30.29 4.91 -28.83
C ASN B 1183 -30.19 3.50 -29.33
N TYR B 1184 -30.63 2.53 -28.56
CA TYR B 1184 -30.71 1.13 -28.92
C TYR B 1184 -32.14 0.71 -29.19
N GLN B 1185 -33.06 1.25 -28.40
CA GLN B 1185 -34.47 0.95 -28.58
C GLN B 1185 -34.99 1.47 -29.91
N ARG B 1186 -34.59 2.68 -30.33
CA ARG B 1186 -35.08 3.15 -31.63
C ARG B 1186 -34.62 2.25 -32.75
N CYS B 1187 -33.36 1.80 -32.69
CA CYS B 1187 -32.87 0.89 -33.71
C CYS B 1187 -33.68 -0.40 -33.71
N LEU B 1188 -34.01 -0.90 -32.53
CA LEU B 1188 -34.80 -2.12 -32.45
C LEU B 1188 -36.18 -1.92 -33.07
N LEU B 1189 -36.81 -0.78 -32.80
CA LEU B 1189 -38.12 -0.52 -33.39
C LEU B 1189 -38.05 -0.38 -34.90
N THR B 1190 -37.04 0.33 -35.41
CA THR B 1190 -36.90 0.48 -36.85
C THR B 1190 -36.68 -0.86 -37.51
N SER B 1191 -35.80 -1.67 -36.94
CA SER B 1191 -35.53 -2.99 -37.50
C SER B 1191 -36.75 -3.88 -37.46
N ALA B 1192 -37.50 -3.86 -36.37
CA ALA B 1192 -38.69 -4.69 -36.30
C ALA B 1192 -39.71 -4.25 -37.34
N ILE B 1193 -39.83 -2.93 -37.56
CA ILE B 1193 -40.74 -2.42 -38.56
C ILE B 1193 -40.35 -2.93 -39.94
N TYR B 1194 -39.06 -2.86 -40.26
CA TYR B 1194 -38.61 -3.37 -41.55
C TYR B 1194 -38.85 -4.87 -41.67
N ALA B 1195 -38.63 -5.61 -40.58
CA ALA B 1195 -38.83 -7.05 -40.60
C ALA B 1195 -40.29 -7.41 -40.81
N LEU B 1196 -41.22 -6.60 -40.31
CA LEU B 1196 -42.63 -6.88 -40.52
C LEU B 1196 -42.93 -6.99 -42.00
N GLN B 1197 -42.38 -6.09 -42.80
CA GLN B 1197 -42.61 -6.11 -44.24
C GLN B 1197 -41.87 -7.25 -44.93
N GLY B 1198 -41.19 -8.11 -44.18
CA GLY B 1198 -40.53 -9.24 -44.76
C GLY B 1198 -39.31 -8.92 -45.59
N ARG B 1199 -38.78 -7.70 -45.49
CA ARG B 1199 -37.71 -7.29 -46.38
C ARG B 1199 -36.47 -8.16 -46.15
N SER B 1200 -36.03 -8.28 -44.91
CA SER B 1200 -35.12 -9.34 -44.48
C SER B 1200 -33.70 -9.17 -44.98
N VAL B 1201 -33.44 -8.16 -45.81
CA VAL B 1201 -32.08 -7.72 -46.11
C VAL B 1201 -31.83 -6.30 -45.64
N ALA B 1202 -32.82 -5.42 -45.80
CA ALA B 1202 -32.71 -4.07 -45.27
C ALA B 1202 -32.44 -4.08 -43.77
N VAL B 1203 -33.04 -5.04 -43.06
CA VAL B 1203 -32.89 -5.11 -41.60
C VAL B 1203 -31.43 -5.05 -41.19
N GLN B 1204 -30.62 -5.95 -41.73
CA GLN B 1204 -29.21 -5.97 -41.38
C GLN B 1204 -28.54 -4.68 -41.82
N LYS B 1205 -28.90 -4.19 -43.00
CA LYS B 1205 -28.35 -2.95 -43.49
C LYS B 1205 -28.69 -1.79 -42.56
N GLN B 1206 -29.93 -1.78 -42.06
CA GLN B 1206 -30.35 -0.72 -41.16
C GLN B 1206 -29.56 -0.75 -39.86
N ILE B 1207 -29.37 -1.93 -39.28
CA ILE B 1207 -28.60 -2.01 -38.05
C ILE B 1207 -27.14 -1.63 -38.28
N SER B 1208 -26.59 -2.02 -39.43
CA SER B 1208 -25.24 -1.59 -39.76
C SER B 1208 -25.15 -0.07 -39.86
N LYS B 1209 -26.17 0.56 -40.43
CA LYS B 1209 -26.21 2.02 -40.49
C LYS B 1209 -26.17 2.61 -39.09
N ALA B 1210 -26.98 2.04 -38.20
CA ALA B 1210 -27.04 2.56 -36.83
C ALA B 1210 -25.70 2.41 -36.13
N VAL B 1211 -25.03 1.27 -36.33
CA VAL B 1211 -23.74 1.07 -35.70
C VAL B 1211 -22.70 2.01 -36.29
N HIS B 1212 -22.82 2.32 -37.58
CA HIS B 1212 -21.90 3.27 -38.18
C HIS B 1212 -22.07 4.65 -37.56
N SER B 1213 -23.31 5.03 -37.28
CA SER B 1213 -23.54 6.33 -36.67
C SER B 1213 -22.87 6.43 -35.31
N ASN B 1214 -22.97 5.39 -34.50
CA ASN B 1214 -22.48 5.40 -33.11
C ASN B 1214 -21.55 4.21 -32.90
N PRO B 1215 -20.30 4.30 -33.33
CA PRO B 1215 -19.41 3.14 -33.30
C PRO B 1215 -19.11 2.59 -31.92
N GLY B 1216 -19.53 3.27 -30.85
CA GLY B 1216 -19.40 2.70 -29.53
C GLY B 1216 -20.54 1.75 -29.18
N ASP B 1217 -21.03 1.82 -27.95
CA ASP B 1217 -22.22 1.09 -27.52
C ASP B 1217 -22.17 -0.39 -27.81
N PRO B 1218 -21.42 -1.18 -27.05
CA PRO B 1218 -21.36 -2.63 -27.27
C PRO B 1218 -22.71 -3.25 -27.61
N ALA B 1219 -23.77 -2.75 -26.96
CA ALA B 1219 -25.11 -3.29 -27.22
C ALA B 1219 -25.44 -3.28 -28.71
N LEU B 1220 -25.09 -2.20 -29.41
CA LEU B 1220 -25.39 -2.11 -30.84
C LEU B 1220 -24.67 -3.20 -31.62
N TRP B 1221 -23.39 -3.41 -31.33
CA TRP B 1221 -22.64 -4.46 -32.00
C TRP B 1221 -23.25 -5.83 -31.72
N SER B 1222 -23.63 -6.08 -30.46
CA SER B 1222 -24.24 -7.34 -30.11
C SER B 1222 -25.54 -7.56 -30.87
N LEU B 1223 -26.35 -6.51 -31.00
CA LEU B 1223 -27.59 -6.65 -31.74
C LEU B 1223 -27.33 -6.95 -33.21
N LEU B 1224 -26.29 -6.33 -33.76
CA LEU B 1224 -25.94 -6.61 -35.15
C LEU B 1224 -25.53 -8.07 -35.31
N SER B 1225 -24.75 -8.59 -34.37
CA SER B 1225 -24.39 -10.00 -34.43
C SER B 1225 -25.62 -10.90 -34.35
N ARG B 1226 -26.56 -10.57 -33.46
CA ARG B 1226 -27.76 -11.40 -33.34
C ARG B 1226 -28.58 -11.39 -34.61
N VAL B 1227 -28.78 -10.22 -35.21
CA VAL B 1227 -29.60 -10.17 -36.41
C VAL B 1227 -28.92 -10.91 -37.54
N VAL B 1228 -27.61 -10.77 -37.69
CA VAL B 1228 -26.90 -11.50 -38.74
C VAL B 1228 -27.05 -12.99 -38.52
N ALA B 1229 -27.05 -13.43 -37.26
CA ALA B 1229 -27.28 -14.84 -36.99
C ALA B 1229 -28.69 -15.25 -37.42
N GLN B 1230 -29.67 -14.39 -37.19
CA GLN B 1230 -31.05 -14.77 -37.50
C GLN B 1230 -31.43 -14.47 -38.95
N TYR B 1231 -31.23 -13.23 -39.41
CA TYR B 1231 -31.59 -12.83 -40.75
C TYR B 1231 -30.32 -12.70 -41.59
N ALA B 1232 -30.38 -13.23 -42.81
CA ALA B 1232 -29.28 -13.12 -43.76
C ALA B 1232 -27.99 -13.73 -43.19
N GLN B 1233 -28.05 -15.02 -42.91
CA GLN B 1233 -26.87 -15.69 -42.39
C GLN B 1233 -25.95 -16.13 -43.52
N ARG B 1234 -25.57 -15.20 -44.38
CA ARG B 1234 -24.50 -15.45 -45.33
C ARG B 1234 -23.30 -14.55 -45.10
N ASN B 1235 -23.46 -13.50 -44.30
CA ASN B 1235 -22.33 -12.74 -43.80
C ASN B 1235 -21.90 -13.26 -42.43
N ALA B 1236 -21.66 -14.56 -42.36
CA ALA B 1236 -21.31 -15.18 -41.08
C ALA B 1236 -20.00 -14.63 -40.56
N LYS B 1237 -19.03 -14.41 -41.44
CA LYS B 1237 -17.74 -13.88 -41.01
C LYS B 1237 -17.88 -12.50 -40.38
N GLY B 1238 -18.67 -11.64 -41.01
CA GLY B 1238 -18.91 -10.34 -40.43
C GLY B 1238 -19.59 -10.45 -39.08
N GLY B 1239 -20.54 -11.38 -38.95
CA GLY B 1239 -21.18 -11.60 -37.67
C GLY B 1239 -20.22 -12.04 -36.59
N VAL B 1240 -19.30 -12.96 -36.92
CA VAL B 1240 -18.31 -13.39 -35.95
C VAL B 1240 -17.47 -12.21 -35.50
N VAL B 1241 -17.04 -11.39 -36.45
CA VAL B 1241 -16.24 -10.22 -36.10
C VAL B 1241 -17.03 -9.29 -35.20
N ALA B 1242 -18.31 -9.07 -35.52
CA ALA B 1242 -19.13 -8.17 -34.72
C ALA B 1242 -19.31 -8.68 -33.30
N GLY B 1243 -19.57 -9.98 -33.14
CA GLY B 1243 -19.70 -10.53 -31.81
C GLY B 1243 -18.43 -10.41 -31.00
N ASN B 1244 -17.28 -10.67 -31.63
CA ASN B 1244 -16.03 -10.53 -30.91
C ASN B 1244 -15.80 -9.09 -30.50
N VAL B 1245 -16.13 -8.13 -31.37
CA VAL B 1245 -15.96 -6.72 -31.02
C VAL B 1245 -16.84 -6.34 -29.86
N ALA B 1246 -18.10 -6.81 -29.87
CA ALA B 1246 -19.00 -6.51 -28.77
C ALA B 1246 -18.46 -7.08 -27.47
N HIS B 1247 -17.91 -8.28 -27.52
CA HIS B 1247 -17.36 -8.87 -26.31
C HIS B 1247 -16.16 -8.08 -25.81
N ILE B 1248 -15.32 -7.60 -26.72
CA ILE B 1248 -14.10 -6.89 -26.31
C ILE B 1248 -14.45 -5.60 -25.59
N LEU B 1249 -15.39 -4.83 -26.14
CA LEU B 1249 -15.60 -3.47 -25.66
C LEU B 1249 -16.20 -3.41 -24.26
N ASP B 1250 -16.45 -4.53 -23.60
CA ASP B 1250 -16.91 -4.54 -22.22
C ASP B 1250 -16.69 -5.95 -21.66
N SER B 1251 -17.28 -6.21 -20.51
CA SER B 1251 -17.32 -7.55 -19.95
C SER B 1251 -18.73 -8.04 -19.71
N ASN B 1252 -19.64 -7.16 -19.28
CA ASN B 1252 -20.99 -7.57 -18.93
C ASN B 1252 -21.88 -7.87 -20.13
N HIS B 1253 -21.49 -7.51 -21.34
CA HIS B 1253 -22.17 -8.00 -22.52
C HIS B 1253 -21.58 -9.28 -23.05
N GLY B 1254 -20.59 -9.83 -22.35
CA GLY B 1254 -20.03 -11.12 -22.67
C GLY B 1254 -21.08 -12.15 -23.04
N LYS B 1255 -22.15 -12.23 -22.25
CA LYS B 1255 -23.07 -13.36 -22.37
C LYS B 1255 -23.66 -13.48 -23.76
N LYS B 1256 -24.43 -12.47 -24.17
CA LYS B 1256 -25.14 -12.57 -25.44
C LYS B 1256 -24.18 -12.51 -26.62
N ALA B 1257 -23.16 -11.66 -26.53
CA ALA B 1257 -22.24 -11.53 -27.64
C ALA B 1257 -21.49 -12.84 -27.90
N LEU B 1258 -21.06 -13.51 -26.84
CA LEU B 1258 -20.40 -14.79 -27.02
C LEU B 1258 -21.37 -15.81 -27.59
N LEU B 1259 -22.62 -15.81 -27.13
CA LEU B 1259 -23.57 -16.74 -27.70
C LEU B 1259 -23.73 -16.53 -29.20
N TYR B 1260 -23.89 -15.28 -29.61
CA TYR B 1260 -24.15 -15.00 -31.02
C TYR B 1260 -22.94 -15.30 -31.88
N THR B 1261 -21.74 -14.95 -31.39
CA THR B 1261 -20.54 -15.24 -32.19
C THR B 1261 -20.30 -16.74 -32.29
N ALA B 1262 -20.59 -17.50 -31.22
CA ALA B 1262 -20.46 -18.95 -31.32
C ALA B 1262 -21.43 -19.50 -32.37
N VAL B 1263 -22.66 -19.02 -32.36
CA VAL B 1263 -23.63 -19.51 -33.34
C VAL B 1263 -23.20 -19.14 -34.76
N ASN B 1264 -22.66 -17.94 -34.92
CA ASN B 1264 -22.17 -17.53 -36.22
C ASN B 1264 -21.03 -18.43 -36.69
N GLN B 1265 -20.12 -18.77 -35.79
CA GLN B 1265 -19.05 -19.68 -36.16
C GLN B 1265 -19.62 -21.04 -36.55
N LEU B 1266 -20.65 -21.47 -35.85
CA LEU B 1266 -21.32 -22.71 -36.22
C LEU B 1266 -21.86 -22.63 -37.64
N ALA B 1267 -22.51 -21.52 -37.98
CA ALA B 1267 -23.06 -21.36 -39.32
C ALA B 1267 -21.97 -21.38 -40.37
N MET B 1268 -20.82 -20.77 -40.05
CA MET B 1268 -19.72 -20.68 -40.99
C MET B 1268 -19.29 -22.06 -41.49
N GLY B 1269 -19.14 -23.01 -40.57
CA GLY B 1269 -18.62 -24.32 -40.92
C GLY B 1269 -17.31 -24.60 -40.20
N SER B 1270 -16.22 -24.77 -40.95
CA SER B 1270 -14.90 -24.95 -40.39
C SER B 1270 -13.90 -24.07 -41.13
N SER B 1271 -14.33 -22.89 -41.54
CA SER B 1271 -13.54 -22.00 -42.38
C SER B 1271 -12.47 -21.28 -41.56
N SER B 1272 -11.54 -22.07 -41.05
CA SER B 1272 -10.42 -21.55 -40.28
C SER B 1272 -9.16 -22.29 -40.70
N ALA B 1273 -8.06 -22.03 -40.00
CA ALA B 1273 -6.78 -22.66 -40.26
C ALA B 1273 -6.57 -23.89 -39.39
N GLU B 1274 -7.66 -24.52 -38.94
CA GLU B 1274 -7.59 -25.61 -37.97
C GLU B 1274 -6.79 -25.17 -36.75
N ASP B 1275 -7.09 -23.97 -36.28
CA ASP B 1275 -6.43 -23.37 -35.13
C ASP B 1275 -7.19 -23.70 -33.86
N GLU B 1276 -6.45 -24.06 -32.82
CA GLU B 1276 -7.08 -24.26 -31.53
C GLU B 1276 -7.48 -22.91 -30.94
N LYS B 1277 -8.22 -22.97 -29.83
CA LYS B 1277 -8.56 -21.86 -28.95
C LYS B 1277 -9.45 -20.81 -29.63
N ASN B 1278 -9.81 -21.02 -30.89
CA ASN B 1278 -10.74 -20.11 -31.55
C ASN B 1278 -11.79 -20.85 -32.36
N THR B 1279 -12.02 -22.13 -32.08
CA THR B 1279 -13.09 -22.84 -32.75
C THR B 1279 -14.42 -22.55 -32.04
N ALA B 1280 -15.50 -23.01 -32.66
CA ALA B 1280 -16.82 -22.77 -32.11
C ALA B 1280 -16.94 -23.33 -30.70
N LEU B 1281 -16.38 -24.51 -30.49
CA LEU B 1281 -16.50 -25.19 -29.21
C LEU B 1281 -15.92 -24.35 -28.08
N LYS B 1282 -14.75 -23.74 -28.30
CA LYS B 1282 -14.14 -22.94 -27.25
C LYS B 1282 -14.99 -21.73 -26.90
N THR B 1283 -15.48 -21.00 -27.90
CA THR B 1283 -16.25 -19.80 -27.60
C THR B 1283 -17.56 -20.14 -26.90
N ILE B 1284 -18.26 -21.18 -27.36
CA ILE B 1284 -19.50 -21.52 -26.67
C ILE B 1284 -19.20 -21.99 -25.26
N GLN B 1285 -18.06 -22.65 -25.05
CA GLN B 1285 -17.67 -23.04 -23.71
C GLN B 1285 -17.43 -21.82 -22.83
N LYS B 1286 -16.77 -20.80 -23.37
CA LYS B 1286 -16.55 -19.57 -22.63
C LYS B 1286 -17.86 -18.94 -22.23
N ALA B 1287 -18.80 -18.89 -23.16
CA ALA B 1287 -20.11 -18.34 -22.85
C ALA B 1287 -20.79 -19.14 -21.76
N ALA B 1288 -20.67 -20.47 -21.83
CA ALA B 1288 -21.30 -21.29 -20.81
C ALA B 1288 -20.72 -21.00 -19.44
N LEU B 1289 -19.43 -20.70 -19.37
CA LEU B 1289 -18.86 -20.34 -18.07
C LEU B 1289 -19.37 -19.00 -17.60
N LEU B 1290 -19.56 -18.04 -18.51
CA LEU B 1290 -19.99 -16.71 -18.06
C LEU B 1290 -21.38 -16.74 -17.43
N SER B 1291 -22.38 -17.22 -18.15
CA SER B 1291 -23.74 -17.29 -17.61
C SER B 1291 -24.35 -18.65 -17.84
N PRO B 1292 -24.28 -19.53 -16.91
CA PRO B 1292 -24.91 -20.85 -17.04
C PRO B 1292 -26.38 -20.85 -16.67
N GLY B 1293 -27.12 -19.87 -17.21
CA GLY B 1293 -28.53 -19.80 -16.88
C GLY B 1293 -29.49 -19.98 -18.04
N ASP B 1294 -29.11 -19.55 -19.25
CA ASP B 1294 -30.08 -19.63 -20.34
C ASP B 1294 -29.96 -20.95 -21.09
N PRO B 1295 -31.03 -21.38 -21.76
CA PRO B 1295 -30.99 -22.68 -22.45
C PRO B 1295 -30.33 -22.61 -23.82
N ALA B 1296 -30.09 -21.40 -24.33
CA ALA B 1296 -29.54 -21.29 -25.67
C ALA B 1296 -28.10 -21.71 -25.67
N ILE B 1297 -27.37 -21.40 -24.61
CA ILE B 1297 -25.97 -21.81 -24.50
C ILE B 1297 -25.86 -23.33 -24.46
N TRP B 1298 -26.78 -24.00 -23.78
CA TRP B 1298 -26.70 -25.45 -23.72
C TRP B 1298 -27.00 -26.06 -25.07
N ALA B 1299 -27.98 -25.50 -25.78
CA ALA B 1299 -28.24 -25.98 -27.13
C ALA B 1299 -27.04 -25.74 -28.05
N GLY B 1300 -26.41 -24.58 -27.92
CA GLY B 1300 -25.19 -24.32 -28.66
C GLY B 1300 -24.10 -25.33 -28.36
N LEU B 1301 -24.01 -25.76 -27.11
CA LEU B 1301 -23.04 -26.80 -26.78
C LEU B 1301 -23.36 -28.08 -27.51
N MET B 1302 -24.65 -28.43 -27.59
CA MET B 1302 -25.01 -29.64 -28.33
C MET B 1302 -24.56 -29.54 -29.78
N ALA B 1303 -24.85 -28.41 -30.40
CA ALA B 1303 -24.50 -28.23 -31.80
C ALA B 1303 -22.99 -28.26 -32.01
N ALA B 1304 -22.25 -27.64 -31.11
CA ALA B 1304 -20.79 -27.63 -31.24
C ALA B 1304 -20.22 -29.03 -31.13
N CYS B 1305 -20.74 -29.84 -30.20
CA CYS B 1305 -20.24 -31.20 -30.07
C CYS B 1305 -20.50 -32.00 -31.34
N HIS B 1306 -21.71 -31.88 -31.90
CA HIS B 1306 -22.00 -32.62 -33.13
C HIS B 1306 -21.11 -32.15 -34.28
N ALA B 1307 -20.94 -30.85 -34.42
CA ALA B 1307 -20.11 -30.34 -35.51
C ALA B 1307 -18.67 -30.81 -35.38
N ASP B 1308 -18.15 -30.81 -34.15
CA ASP B 1308 -16.78 -31.31 -33.95
C ASP B 1308 -16.69 -32.78 -34.33
N ASP B 1309 -17.72 -33.56 -34.00
CA ASP B 1309 -17.73 -34.96 -34.40
C ASP B 1309 -17.60 -35.08 -35.92
N LYS B 1310 -18.39 -34.30 -36.64
CA LYS B 1310 -18.35 -34.36 -38.10
C LYS B 1310 -16.99 -33.91 -38.65
N LEU B 1311 -16.40 -32.86 -38.09
CA LEU B 1311 -15.09 -32.43 -38.58
C LEU B 1311 -14.04 -33.51 -38.37
N ALA B 1312 -14.05 -34.14 -37.21
CA ALA B 1312 -13.09 -35.23 -36.97
C ALA B 1312 -13.34 -36.36 -37.94
N LEU B 1313 -14.60 -36.64 -38.21
CA LEU B 1313 -14.94 -37.67 -39.19
C LEU B 1313 -14.40 -37.31 -40.56
N VAL B 1314 -14.46 -36.03 -40.94
CA VAL B 1314 -13.89 -35.61 -42.22
C VAL B 1314 -12.40 -35.86 -42.25
N ASN B 1315 -11.69 -35.41 -41.21
CA ASN B 1315 -10.27 -35.74 -41.14
C ASN B 1315 -10.05 -37.21 -40.91
N ASN B 1316 -11.09 -37.91 -40.43
CA ASN B 1316 -11.08 -39.36 -40.23
C ASN B 1316 -9.95 -39.76 -39.29
N THR B 1317 -10.01 -39.21 -38.09
CA THR B 1317 -9.12 -39.62 -37.01
C THR B 1317 -9.86 -40.29 -35.86
N GLN B 1318 -10.84 -39.62 -35.24
CA GLN B 1318 -11.65 -40.27 -34.22
C GLN B 1318 -12.86 -39.44 -33.80
N PRO B 1319 -14.03 -40.07 -33.64
CA PRO B 1319 -15.13 -39.38 -32.95
C PRO B 1319 -14.82 -39.26 -31.47
N LYS B 1320 -15.10 -38.09 -30.91
CA LYS B 1320 -14.72 -37.77 -29.54
C LYS B 1320 -15.94 -37.13 -28.87
N ARG B 1321 -15.87 -36.89 -27.57
CA ARG B 1321 -16.93 -36.18 -26.85
C ARG B 1321 -18.27 -36.88 -27.07
N ILE B 1322 -18.34 -38.13 -26.62
CA ILE B 1322 -19.33 -39.05 -27.14
C ILE B 1322 -20.68 -38.87 -26.45
N ASP B 1323 -20.73 -39.02 -25.14
CA ASP B 1323 -22.01 -39.15 -24.45
C ASP B 1323 -22.20 -38.01 -23.46
N LEU B 1324 -22.80 -36.92 -23.92
CA LEU B 1324 -23.26 -35.90 -23.00
C LEU B 1324 -24.62 -35.34 -23.38
N TYR B 1325 -25.28 -35.90 -24.38
CA TYR B 1325 -26.50 -35.28 -24.90
C TYR B 1325 -27.62 -35.28 -23.86
N LEU B 1326 -27.75 -36.37 -23.10
CA LEU B 1326 -28.86 -36.45 -22.15
C LEU B 1326 -28.72 -35.40 -21.06
N ALA B 1327 -27.50 -35.21 -20.55
CA ALA B 1327 -27.29 -34.20 -19.53
C ALA B 1327 -27.63 -32.80 -20.03
N LEU B 1328 -27.18 -32.48 -21.25
CA LEU B 1328 -27.50 -31.17 -21.80
C LEU B 1328 -28.99 -30.99 -22.03
N LEU B 1329 -29.69 -32.04 -22.47
CA LEU B 1329 -31.13 -31.90 -22.62
C LEU B 1329 -31.82 -31.64 -21.30
N SER B 1330 -31.38 -32.34 -20.25
CA SER B 1330 -31.94 -32.07 -18.92
C SER B 1330 -31.66 -30.65 -18.50
N ALA B 1331 -30.45 -30.16 -18.77
CA ALA B 1331 -30.10 -28.78 -18.46
C ALA B 1331 -30.98 -27.80 -19.21
N VAL B 1332 -31.23 -28.05 -20.50
CA VAL B 1332 -32.06 -27.15 -21.30
C VAL B 1332 -33.45 -27.06 -20.70
N SER B 1333 -34.04 -28.21 -20.38
CA SER B 1333 -35.39 -28.18 -19.84
C SER B 1333 -35.42 -27.46 -18.49
N ALA B 1334 -34.44 -27.74 -17.64
CA ALA B 1334 -34.41 -27.10 -16.33
C ALA B 1334 -34.26 -25.59 -16.46
N SER B 1335 -33.40 -25.14 -17.38
CA SER B 1335 -33.21 -23.71 -17.59
C SER B 1335 -34.45 -23.05 -18.17
N ILE B 1336 -35.12 -23.70 -19.11
CA ILE B 1336 -36.31 -23.13 -19.72
C ILE B 1336 -37.40 -22.95 -18.66
N LYS B 1337 -37.47 -23.87 -17.69
CA LYS B 1337 -38.57 -23.82 -16.72
C LYS B 1337 -38.66 -22.48 -16.01
N ASP B 1338 -37.55 -21.77 -15.86
CA ASP B 1338 -37.51 -20.54 -15.10
C ASP B 1338 -37.63 -19.28 -15.94
N GLU B 1339 -38.02 -19.37 -17.20
CA GLU B 1339 -38.15 -18.18 -18.05
C GLU B 1339 -39.61 -17.72 -18.04
N LYS B 1340 -39.81 -16.41 -17.87
CA LYS B 1340 -41.15 -15.91 -17.60
C LYS B 1340 -42.11 -16.17 -18.75
N PHE B 1341 -41.88 -15.52 -19.89
CA PHE B 1341 -42.66 -15.81 -21.09
C PHE B 1341 -41.94 -15.29 -22.32
N PHE B 1342 -41.55 -16.22 -23.20
CA PHE B 1342 -41.32 -15.97 -24.60
C PHE B 1342 -41.91 -17.15 -25.35
N GLU B 1343 -43.13 -17.52 -24.96
CA GLU B 1343 -43.64 -18.88 -25.11
C GLU B 1343 -43.25 -19.53 -26.42
N ASN B 1344 -43.50 -18.86 -27.55
CA ASN B 1344 -43.17 -19.44 -28.84
C ASN B 1344 -41.69 -19.75 -28.95
N TYR B 1345 -40.85 -18.81 -28.51
CA TYR B 1345 -39.41 -19.01 -28.58
C TYR B 1345 -38.98 -20.16 -27.69
N ASN B 1346 -39.56 -20.25 -26.49
CA ASN B 1346 -39.20 -21.33 -25.58
C ASN B 1346 -39.60 -22.67 -26.17
N GLN B 1347 -40.78 -22.74 -26.78
CA GLN B 1347 -41.21 -23.97 -27.42
C GLN B 1347 -40.27 -24.35 -28.55
N SER B 1348 -39.87 -23.38 -29.36
CA SER B 1348 -38.95 -23.67 -30.44
C SER B 1348 -37.64 -24.21 -29.91
N LEU B 1349 -37.13 -23.61 -28.84
CA LEU B 1349 -35.85 -24.02 -28.29
C LEU B 1349 -35.93 -25.44 -27.73
N GLU B 1350 -36.98 -25.75 -26.97
CA GLU B 1350 -37.09 -27.09 -26.41
C GLU B 1350 -37.28 -28.14 -27.50
N LYS B 1351 -38.09 -27.83 -28.50
CA LYS B 1351 -38.31 -28.77 -29.60
C LYS B 1351 -37.01 -29.05 -30.33
N TRP B 1352 -36.26 -28.00 -30.64
CA TRP B 1352 -34.99 -28.18 -31.35
C TRP B 1352 -34.02 -29.00 -30.53
N SER B 1353 -33.94 -28.72 -29.23
CA SER B 1353 -33.03 -29.46 -28.36
C SER B 1353 -33.39 -30.93 -28.30
N LEU B 1354 -34.69 -31.23 -28.19
CA LEU B 1354 -35.11 -32.63 -28.16
C LEU B 1354 -34.71 -33.34 -29.44
N SER B 1355 -34.98 -32.72 -30.59
CA SER B 1355 -34.64 -33.36 -31.85
C SER B 1355 -33.14 -33.58 -31.96
N GLN B 1356 -32.35 -32.58 -31.57
CA GLN B 1356 -30.90 -32.70 -31.67
C GLN B 1356 -30.39 -33.81 -30.77
N ALA B 1357 -30.94 -33.93 -29.57
CA ALA B 1357 -30.50 -34.98 -28.66
C ALA B 1357 -30.80 -36.35 -29.24
N VAL B 1358 -31.99 -36.54 -29.80
CA VAL B 1358 -32.33 -37.83 -30.39
C VAL B 1358 -31.37 -38.16 -31.53
N THR B 1359 -31.11 -37.19 -32.41
CA THR B 1359 -30.21 -37.44 -33.51
C THR B 1359 -28.80 -37.77 -33.02
N GLY B 1360 -28.34 -37.05 -32.00
CA GLY B 1360 -27.03 -37.34 -31.44
C GLY B 1360 -26.95 -38.76 -30.89
N LEU B 1361 -28.00 -39.18 -30.19
CA LEU B 1361 -28.03 -40.53 -29.66
C LEU B 1361 -27.98 -41.55 -30.78
N ILE B 1362 -28.68 -41.27 -31.88
CA ILE B 1362 -28.61 -42.16 -33.03
C ILE B 1362 -27.19 -42.23 -33.56
N ASP B 1363 -26.53 -41.09 -33.64
CA ASP B 1363 -25.20 -41.04 -34.23
C ASP B 1363 -24.20 -41.81 -33.38
N THR B 1364 -24.16 -41.53 -32.07
CA THR B 1364 -23.20 -42.23 -31.22
C THR B 1364 -23.42 -43.74 -31.26
N GLY B 1365 -24.69 -44.17 -31.24
CA GLY B 1365 -24.97 -45.58 -31.39
C GLY B 1365 -25.75 -46.17 -30.24
N ARG B 1366 -26.26 -45.32 -29.35
CA ARG B 1366 -26.98 -45.81 -28.18
C ARG B 1366 -28.47 -45.81 -28.49
N ILE B 1367 -28.83 -46.75 -29.36
CA ILE B 1367 -30.17 -46.81 -29.92
C ILE B 1367 -31.20 -46.94 -28.81
N SER B 1368 -30.91 -47.80 -27.83
CA SER B 1368 -31.88 -48.08 -26.78
C SER B 1368 -32.24 -46.82 -26.00
N GLU B 1369 -31.25 -46.00 -25.66
CA GLU B 1369 -31.52 -44.78 -24.90
C GLU B 1369 -32.39 -43.82 -25.70
N ALA B 1370 -32.13 -43.68 -27.00
CA ALA B 1370 -32.99 -42.85 -27.82
C ALA B 1370 -34.42 -43.39 -27.84
N GLU B 1371 -34.54 -44.71 -27.96
CA GLU B 1371 -35.85 -45.34 -27.97
C GLU B 1371 -36.60 -45.07 -26.68
N THR B 1372 -35.94 -45.28 -25.54
CA THR B 1372 -36.63 -45.07 -24.27
C THR B 1372 -37.00 -43.61 -24.11
N LEU B 1373 -36.15 -42.69 -24.56
CA LEU B 1373 -36.46 -41.27 -24.49
C LEU B 1373 -37.72 -40.95 -25.28
N CYS B 1374 -37.79 -41.42 -26.52
CA CYS B 1374 -38.95 -41.16 -27.36
C CYS B 1374 -40.22 -41.78 -26.77
N THR B 1375 -40.12 -43.03 -26.28
CA THR B 1375 -41.28 -43.67 -25.71
C THR B 1375 -41.79 -42.90 -24.51
N LYS B 1376 -40.89 -42.47 -23.62
CA LYS B 1376 -41.32 -41.68 -22.47
C LYS B 1376 -41.97 -40.38 -22.91
N ASN B 1377 -41.40 -39.72 -23.92
CA ASN B 1377 -41.98 -38.46 -24.37
C ASN B 1377 -43.38 -38.66 -24.93
N LEU B 1378 -43.59 -39.68 -25.76
CA LEU B 1378 -44.94 -39.92 -26.27
C LEU B 1378 -45.90 -40.39 -25.20
N LYS B 1379 -45.43 -41.14 -24.21
CA LYS B 1379 -46.32 -41.53 -23.13
C LYS B 1379 -46.69 -40.33 -22.27
N SER B 1380 -45.85 -39.29 -22.28
CA SER B 1380 -46.12 -38.10 -21.50
C SER B 1380 -47.32 -37.34 -22.04
N ASN B 1381 -47.34 -37.07 -23.33
CA ASN B 1381 -48.31 -36.18 -23.95
C ASN B 1381 -48.90 -36.86 -25.19
N PRO B 1382 -50.06 -36.39 -25.66
CA PRO B 1382 -50.58 -36.89 -26.93
C PRO B 1382 -49.61 -36.67 -28.09
N ASP B 1383 -49.87 -37.37 -29.17
CA ASP B 1383 -48.92 -37.44 -30.27
C ASP B 1383 -48.79 -36.08 -30.95
N GLN B 1384 -47.57 -35.76 -31.35
CA GLN B 1384 -47.29 -34.64 -32.21
C GLN B 1384 -46.50 -35.17 -33.41
N PRO B 1385 -46.92 -34.87 -34.63
CA PRO B 1385 -46.43 -35.63 -35.79
C PRO B 1385 -44.95 -35.46 -36.06
N ALA B 1386 -44.22 -34.68 -35.28
CA ALA B 1386 -42.79 -34.52 -35.49
C ALA B 1386 -41.99 -35.64 -34.84
N VAL B 1387 -42.20 -35.88 -33.55
CA VAL B 1387 -41.41 -36.86 -32.81
C VAL B 1387 -41.61 -38.26 -33.38
N ILE B 1388 -42.81 -38.56 -33.89
CA ILE B 1388 -43.06 -39.87 -34.46
C ILE B 1388 -42.08 -40.14 -35.60
N LEU B 1389 -41.73 -39.09 -36.35
CA LEU B 1389 -40.71 -39.24 -37.38
C LEU B 1389 -39.37 -39.65 -36.78
N LEU B 1390 -39.02 -39.07 -35.63
CA LEU B 1390 -37.79 -39.48 -34.96
C LEU B 1390 -37.86 -40.96 -34.57
N LEU B 1391 -39.02 -41.39 -34.09
CA LEU B 1391 -39.18 -42.79 -33.74
C LEU B 1391 -39.02 -43.67 -34.96
N ARG B 1392 -39.53 -43.21 -36.10
CA ARG B 1392 -39.35 -43.95 -37.34
C ARG B 1392 -37.87 -44.06 -37.69
N GLN B 1393 -37.14 -42.95 -37.59
CA GLN B 1393 -35.71 -42.97 -37.93
C GLN B 1393 -34.94 -43.92 -37.02
N VAL B 1394 -35.21 -43.88 -35.71
CA VAL B 1394 -34.49 -44.76 -34.80
C VAL B 1394 -34.86 -46.21 -35.08
N GLN B 1395 -36.12 -46.47 -35.42
CA GLN B 1395 -36.53 -47.83 -35.77
C GLN B 1395 -35.75 -48.34 -36.98
N CYS B 1396 -35.70 -47.57 -38.05
CA CYS B 1396 -35.19 -48.05 -39.32
C CYS B 1396 -33.69 -47.93 -39.45
N LYS B 1397 -32.95 -47.77 -38.36
CA LYS B 1397 -31.50 -47.72 -38.52
C LYS B 1397 -30.87 -49.10 -38.63
N PRO B 1398 -31.17 -50.08 -37.72
CA PRO B 1398 -30.58 -51.42 -37.86
C PRO B 1398 -30.89 -52.00 -39.22
N LEU B 1399 -32.18 -52.06 -39.52
CA LEU B 1399 -32.64 -52.43 -40.85
C LEU B 1399 -32.26 -51.32 -41.83
N LEU B 1400 -31.78 -51.73 -43.00
CA LEU B 1400 -31.23 -50.98 -44.14
C LEU B 1400 -29.77 -50.65 -43.89
N GLU B 1401 -29.23 -50.99 -42.72
CA GLU B 1401 -27.78 -50.91 -42.58
C GLU B 1401 -27.13 -52.14 -43.18
N SER B 1402 -27.78 -53.29 -43.05
CA SER B 1402 -27.45 -54.51 -43.78
C SER B 1402 -28.48 -54.73 -44.87
N GLN B 1403 -28.02 -55.17 -46.04
CA GLN B 1403 -28.93 -55.32 -47.17
C GLN B 1403 -30.05 -56.29 -46.82
N LYS B 1404 -31.28 -55.88 -47.10
CA LYS B 1404 -32.45 -56.67 -46.77
C LYS B 1404 -33.60 -56.14 -47.62
N PRO B 1405 -34.60 -56.97 -47.91
CA PRO B 1405 -35.78 -56.44 -48.60
C PRO B 1405 -36.89 -56.03 -47.65
N LEU B 1406 -37.50 -54.90 -47.94
CA LEU B 1406 -38.49 -54.35 -47.03
C LEU B 1406 -39.91 -54.53 -47.57
N PRO B 1407 -40.90 -54.69 -46.69
CA PRO B 1407 -42.27 -54.86 -47.14
C PRO B 1407 -42.93 -53.52 -47.43
N ASP B 1408 -43.78 -53.52 -48.47
CA ASP B 1408 -44.43 -52.29 -48.90
C ASP B 1408 -45.22 -51.59 -47.79
N ALA B 1409 -45.66 -52.35 -46.78
CA ALA B 1409 -46.42 -51.74 -45.68
C ALA B 1409 -45.57 -50.72 -44.93
N VAL B 1410 -44.35 -51.08 -44.57
CA VAL B 1410 -43.50 -50.15 -43.85
C VAL B 1410 -43.17 -48.94 -44.73
N LEU B 1411 -42.89 -49.16 -46.01
CA LEU B 1411 -42.55 -48.04 -46.88
C LEU B 1411 -43.71 -47.06 -47.02
N GLU B 1412 -44.92 -47.58 -47.23
CA GLU B 1412 -46.08 -46.70 -47.34
C GLU B 1412 -46.32 -45.98 -46.02
N GLU B 1413 -46.15 -46.70 -44.90
CA GLU B 1413 -46.31 -46.07 -43.59
C GLU B 1413 -45.34 -44.91 -43.45
N LEU B 1414 -44.09 -45.12 -43.84
CA LEU B 1414 -43.08 -44.06 -43.73
C LEU B 1414 -43.45 -42.87 -44.59
N GLN B 1415 -43.91 -43.12 -45.82
CA GLN B 1415 -44.30 -42.02 -46.69
C GLN B 1415 -45.45 -41.23 -46.08
N LYS B 1416 -46.45 -41.93 -45.54
CA LYS B 1416 -47.56 -41.24 -44.90
C LYS B 1416 -47.08 -40.44 -43.70
N THR B 1417 -46.17 -41.03 -42.91
CA THR B 1417 -45.64 -40.34 -41.74
C THR B 1417 -44.92 -39.06 -42.14
N VAL B 1418 -44.16 -39.11 -43.23
CA VAL B 1418 -43.49 -37.90 -43.69
C VAL B 1418 -44.54 -36.85 -44.08
N MET B 1419 -45.61 -37.30 -44.72
CA MET B 1419 -46.69 -36.39 -45.08
C MET B 1419 -47.36 -35.80 -43.87
N SER B 1420 -47.45 -36.57 -42.78
CA SER B 1420 -48.01 -36.04 -41.54
C SER B 1420 -47.34 -34.72 -41.17
N ASN B 1421 -46.03 -34.75 -40.98
CA ASN B 1421 -45.25 -33.54 -40.72
C ASN B 1421 -44.57 -33.14 -42.03
N SER B 1422 -45.24 -32.29 -42.78
CA SER B 1422 -44.69 -31.75 -44.02
C SER B 1422 -44.02 -30.41 -43.71
N THR B 1423 -43.69 -29.66 -44.76
CA THR B 1423 -43.05 -28.35 -44.65
C THR B 1423 -41.75 -28.44 -43.85
N SER B 1424 -40.95 -29.46 -44.13
CA SER B 1424 -39.67 -29.62 -43.44
C SER B 1424 -38.75 -30.35 -44.41
N VAL B 1425 -37.86 -29.60 -45.07
CA VAL B 1425 -36.96 -30.19 -46.05
C VAL B 1425 -36.08 -31.29 -45.48
N PRO B 1426 -35.55 -31.21 -44.23
CA PRO B 1426 -34.76 -32.33 -43.70
C PRO B 1426 -35.44 -33.68 -43.90
N ALA B 1427 -36.66 -33.78 -43.37
CA ALA B 1427 -37.42 -35.02 -43.44
C ALA B 1427 -37.48 -35.57 -44.85
N TRP B 1428 -37.81 -34.73 -45.82
CA TRP B 1428 -37.92 -35.19 -47.20
C TRP B 1428 -36.57 -35.67 -47.72
N GLN B 1429 -35.49 -34.96 -47.41
CA GLN B 1429 -34.19 -35.42 -47.89
C GLN B 1429 -33.85 -36.78 -47.28
N TRP B 1430 -34.17 -36.97 -46.01
CA TRP B 1430 -33.93 -38.27 -45.39
C TRP B 1430 -34.74 -39.36 -46.05
N LEU B 1431 -36.00 -39.07 -46.38
CA LEU B 1431 -36.83 -40.05 -47.08
C LEU B 1431 -36.23 -40.42 -48.42
N ALA B 1432 -35.71 -39.43 -49.14
CA ALA B 1432 -35.05 -39.71 -50.40
C ALA B 1432 -33.83 -40.60 -50.20
N HIS B 1433 -33.11 -40.39 -49.11
CA HIS B 1433 -32.00 -41.29 -48.79
C HIS B 1433 -32.51 -42.71 -48.58
N VAL B 1434 -33.67 -42.85 -47.94
CA VAL B 1434 -34.27 -44.17 -47.74
C VAL B 1434 -34.55 -44.83 -49.09
N TYR B 1435 -35.14 -44.06 -50.01
CA TYR B 1435 -35.42 -44.57 -51.34
C TYR B 1435 -34.14 -45.05 -52.01
N GLN B 1436 -33.07 -44.26 -51.90
CA GLN B 1436 -31.80 -44.71 -52.45
C GLN B 1436 -31.33 -46.00 -51.80
N SER B 1437 -31.52 -46.10 -50.48
CA SER B 1437 -31.07 -47.27 -49.76
C SER B 1437 -31.72 -48.54 -50.31
N GLN B 1438 -33.05 -48.55 -50.42
CA GLN B 1438 -33.67 -49.72 -51.01
C GLN B 1438 -33.43 -49.74 -52.52
N GLY B 1439 -33.63 -48.61 -53.15
CA GLY B 1439 -33.30 -48.30 -54.54
C GLY B 1439 -34.56 -48.21 -55.35
N MET B 1440 -35.07 -46.99 -55.46
CA MET B 1440 -36.22 -46.63 -56.27
C MET B 1440 -35.98 -45.29 -56.90
N MET B 1441 -34.76 -45.08 -57.43
CA MET B 1441 -34.19 -43.76 -57.62
C MET B 1441 -35.19 -42.70 -58.05
N ARG B 1442 -35.92 -42.92 -59.13
CA ARG B 1442 -36.85 -41.90 -59.63
C ARG B 1442 -37.76 -41.38 -58.51
N ALA B 1443 -38.22 -42.27 -57.63
CA ALA B 1443 -39.00 -41.82 -56.48
C ALA B 1443 -38.17 -40.92 -55.57
N ALA B 1444 -36.90 -41.26 -55.35
CA ALA B 1444 -36.02 -40.39 -54.59
C ALA B 1444 -35.90 -39.02 -55.26
N GLU B 1445 -35.72 -39.02 -56.58
CA GLU B 1445 -35.66 -37.79 -57.35
C GLU B 1445 -36.90 -36.95 -57.11
N MET B 1446 -38.07 -37.58 -57.09
CA MET B 1446 -39.31 -36.84 -56.89
C MET B 1446 -39.35 -36.26 -55.48
N CYS B 1447 -38.89 -37.04 -54.50
CA CYS B 1447 -38.88 -36.57 -53.12
C CYS B 1447 -37.94 -35.38 -52.95
N TYR B 1448 -36.76 -35.47 -53.56
CA TYR B 1448 -35.82 -34.36 -53.56
C TYR B 1448 -36.43 -33.15 -54.26
N ARG B 1449 -37.15 -33.38 -55.35
CA ARG B 1449 -37.77 -32.28 -56.08
C ARG B 1449 -38.83 -31.59 -55.25
N LYS B 1450 -39.63 -32.37 -54.50
CA LYS B 1450 -40.61 -31.78 -53.60
C LYS B 1450 -39.93 -30.95 -52.53
N SER B 1451 -38.83 -31.47 -52.00
CA SER B 1451 -38.06 -30.70 -51.02
C SER B 1451 -37.51 -29.42 -51.64
N LEU B 1452 -37.06 -29.49 -52.88
CA LEU B 1452 -36.55 -28.32 -53.59
C LEU B 1452 -37.63 -27.27 -53.76
N GLN B 1453 -38.83 -27.69 -54.17
CA GLN B 1453 -39.92 -26.75 -54.32
C GLN B 1453 -40.27 -26.11 -52.98
N LEU B 1454 -40.32 -26.92 -51.92
CA LEU B 1454 -40.63 -26.41 -50.61
C LEU B 1454 -39.59 -25.39 -50.16
N ALA B 1455 -38.31 -25.69 -50.37
CA ALA B 1455 -37.25 -24.76 -49.99
C ALA B 1455 -37.35 -23.47 -50.78
N SER B 1456 -37.56 -23.58 -52.09
CA SER B 1456 -37.62 -22.38 -52.92
C SER B 1456 -38.79 -21.49 -52.55
N GLN B 1457 -39.94 -22.08 -52.23
CA GLN B 1457 -41.09 -21.25 -51.84
C GLN B 1457 -40.82 -20.56 -50.51
N ARG B 1458 -40.08 -21.19 -49.60
CA ARG B 1458 -39.78 -20.56 -48.33
C ARG B 1458 -38.76 -19.43 -48.45
N GLY B 1459 -38.10 -19.29 -49.59
CA GLY B 1459 -37.03 -18.34 -49.70
C GLY B 1459 -35.72 -18.75 -49.07
N SER B 1460 -35.61 -19.94 -48.49
CA SER B 1460 -34.33 -20.36 -47.94
C SER B 1460 -33.33 -20.61 -49.06
N TRP B 1461 -32.05 -20.64 -48.69
CA TRP B 1461 -30.97 -20.72 -49.65
C TRP B 1461 -30.08 -21.93 -49.48
N SER B 1462 -29.77 -22.32 -48.24
CA SER B 1462 -28.96 -23.51 -48.02
C SER B 1462 -29.71 -24.77 -48.43
N GLY B 1463 -30.99 -24.86 -48.07
CA GLY B 1463 -31.76 -26.05 -48.39
C GLY B 1463 -31.85 -26.29 -49.88
N LYS B 1464 -32.00 -25.23 -50.66
CA LYS B 1464 -32.11 -25.38 -52.10
C LYS B 1464 -30.85 -26.02 -52.67
N LEU B 1465 -29.67 -25.50 -52.31
CA LEU B 1465 -28.43 -26.09 -52.79
C LEU B 1465 -28.27 -27.51 -52.29
N SER B 1466 -28.65 -27.77 -51.05
CA SER B 1466 -28.52 -29.12 -50.53
C SER B 1466 -29.32 -30.08 -51.39
N SER B 1467 -30.57 -29.71 -51.68
CA SER B 1467 -31.41 -30.57 -52.50
C SER B 1467 -30.85 -30.75 -53.90
N LEU B 1468 -30.39 -29.65 -54.53
CA LEU B 1468 -29.87 -29.77 -55.89
C LEU B 1468 -28.63 -30.64 -55.97
N LEU B 1469 -27.66 -30.38 -55.09
CA LEU B 1469 -26.43 -31.16 -55.10
C LEU B 1469 -26.72 -32.61 -54.77
N ARG B 1470 -27.64 -32.87 -53.84
CA ARG B 1470 -27.96 -34.24 -53.51
C ARG B 1470 -28.57 -34.96 -54.70
N LEU B 1471 -29.49 -34.30 -55.41
CA LEU B 1471 -30.09 -34.92 -56.59
C LEU B 1471 -29.06 -35.19 -57.69
N ALA B 1472 -28.16 -34.23 -57.91
CA ALA B 1472 -27.10 -34.42 -58.89
C ALA B 1472 -26.22 -35.61 -58.52
N LEU B 1473 -25.88 -35.72 -57.23
CA LEU B 1473 -25.12 -36.87 -56.74
C LEU B 1473 -25.85 -38.17 -57.00
N LEU B 1474 -27.16 -38.21 -56.74
CA LEU B 1474 -27.93 -39.40 -57.02
C LEU B 1474 -27.85 -39.81 -58.47
N ALA B 1475 -28.11 -38.86 -59.37
CA ALA B 1475 -28.11 -39.22 -60.79
C ALA B 1475 -26.74 -39.66 -61.26
N LEU B 1476 -25.68 -38.95 -60.87
CA LEU B 1476 -24.33 -39.34 -61.30
C LEU B 1476 -23.95 -40.70 -60.74
N LYS B 1477 -24.25 -40.97 -59.47
CA LYS B 1477 -23.91 -42.27 -58.90
C LYS B 1477 -24.66 -43.39 -59.59
N VAL B 1478 -25.94 -43.18 -59.89
CA VAL B 1478 -26.68 -44.21 -60.60
C VAL B 1478 -26.12 -44.40 -62.01
N CYS B 1479 -25.64 -43.32 -62.63
CA CYS B 1479 -25.02 -43.42 -63.94
C CYS B 1479 -23.75 -44.26 -63.87
N MET B 1480 -23.00 -44.10 -62.77
CA MET B 1480 -21.77 -44.88 -62.57
C MET B 1480 -21.96 -46.34 -62.92
N ALA B 1481 -23.13 -46.91 -62.58
CA ALA B 1481 -23.34 -48.31 -62.87
C ALA B 1481 -23.45 -48.59 -64.37
N ASN B 1482 -23.32 -47.56 -65.20
CA ASN B 1482 -23.39 -47.69 -66.67
C ASN B 1482 -24.75 -48.24 -67.10
N ILE B 1483 -25.79 -47.74 -66.46
CA ILE B 1483 -27.14 -48.17 -66.74
C ILE B 1483 -27.67 -47.48 -67.99
N SER B 1484 -28.61 -48.15 -68.66
CA SER B 1484 -29.32 -47.64 -69.83
C SER B 1484 -30.40 -46.67 -69.37
N ASN B 1485 -31.33 -46.32 -70.25
CA ASN B 1485 -32.36 -45.32 -70.00
C ASN B 1485 -31.71 -43.96 -69.71
N ASP B 1486 -31.07 -43.45 -70.77
CA ASP B 1486 -30.17 -42.30 -70.69
C ASP B 1486 -31.00 -41.02 -70.52
N HIS B 1487 -31.38 -40.77 -69.27
CA HIS B 1487 -32.06 -39.56 -68.83
C HIS B 1487 -31.41 -38.97 -67.61
N TRP B 1488 -30.68 -39.76 -66.86
CA TRP B 1488 -29.97 -39.31 -65.68
C TRP B 1488 -28.89 -38.28 -65.99
N PRO B 1489 -28.11 -38.39 -67.07
CA PRO B 1489 -27.18 -37.30 -67.39
C PRO B 1489 -27.86 -35.96 -67.60
N SER B 1490 -29.05 -35.95 -68.20
CA SER B 1490 -29.78 -34.70 -68.36
C SER B 1490 -30.12 -34.09 -67.01
N LEU B 1491 -30.58 -34.93 -66.07
CA LEU B 1491 -30.88 -34.44 -64.73
C LEU B 1491 -29.63 -33.91 -64.05
N VAL B 1492 -28.50 -34.59 -64.25
CA VAL B 1492 -27.23 -34.11 -63.71
C VAL B 1492 -26.91 -32.74 -64.27
N GLN B 1493 -27.11 -32.58 -65.58
CA GLN B 1493 -26.80 -31.31 -66.23
C GLN B 1493 -27.65 -30.19 -65.66
N GLU B 1494 -28.96 -30.41 -65.57
CA GLU B 1494 -29.84 -29.34 -65.09
C GLU B 1494 -29.54 -29.00 -63.63
N ALA B 1495 -29.33 -30.01 -62.78
CA ALA B 1495 -29.07 -29.74 -61.37
C ALA B 1495 -27.77 -28.94 -61.20
N THR B 1496 -26.71 -29.34 -61.91
CA THR B 1496 -25.46 -28.61 -61.77
C THR B 1496 -25.58 -27.18 -62.30
N THR B 1497 -26.32 -26.97 -63.40
CA THR B 1497 -26.49 -25.61 -63.89
C THR B 1497 -27.22 -24.76 -62.86
N GLU B 1498 -28.26 -25.30 -62.23
CA GLU B 1498 -28.96 -24.54 -61.20
C GLU B 1498 -28.01 -24.21 -60.04
N ALA B 1499 -27.18 -25.19 -59.66
CA ALA B 1499 -26.24 -24.98 -58.57
C ALA B 1499 -25.27 -23.85 -58.89
N LEU B 1500 -24.74 -23.83 -60.11
CA LEU B 1500 -23.82 -22.75 -60.47
C LEU B 1500 -24.56 -21.43 -60.59
N LYS B 1501 -25.86 -21.49 -60.90
CA LYS B 1501 -26.65 -20.27 -60.93
C LYS B 1501 -26.70 -19.64 -59.55
N LEU B 1502 -26.88 -20.45 -58.51
CA LEU B 1502 -26.91 -19.90 -57.17
C LEU B 1502 -25.54 -19.42 -56.69
N CYS B 1503 -24.51 -20.25 -56.81
CA CYS B 1503 -23.26 -19.98 -56.13
C CYS B 1503 -22.12 -20.67 -56.87
N PHE B 1504 -20.98 -20.80 -56.17
CA PHE B 1504 -19.71 -21.27 -56.73
C PHE B 1504 -19.30 -22.62 -56.13
N CYS B 1505 -20.25 -23.54 -56.02
CA CYS B 1505 -20.03 -24.86 -55.45
C CYS B 1505 -18.93 -25.64 -56.16
N PRO B 1506 -17.79 -25.88 -55.51
CA PRO B 1506 -16.75 -26.73 -56.13
C PRO B 1506 -17.26 -28.13 -56.44
N LEU B 1507 -18.14 -28.67 -55.60
CA LEU B 1507 -18.66 -30.00 -55.86
C LEU B 1507 -19.35 -30.05 -57.21
N ALA B 1508 -20.04 -28.98 -57.58
CA ALA B 1508 -20.72 -28.95 -58.87
C ALA B 1508 -19.75 -29.07 -60.05
N VAL B 1509 -18.63 -28.32 -60.00
CA VAL B 1509 -17.70 -28.40 -61.12
C VAL B 1509 -17.04 -29.76 -61.17
N LEU B 1510 -16.68 -30.32 -60.01
CA LEU B 1510 -16.16 -31.69 -60.01
C LEU B 1510 -17.18 -32.67 -60.55
N LEU B 1511 -18.45 -32.48 -60.21
CA LEU B 1511 -19.51 -33.36 -60.69
C LEU B 1511 -19.62 -33.29 -62.21
N GLN B 1512 -19.52 -32.09 -62.78
CA GLN B 1512 -19.47 -31.96 -64.24
C GLN B 1512 -18.28 -32.72 -64.81
N ALA B 1513 -17.14 -32.62 -64.14
CA ALA B 1513 -15.94 -33.30 -64.61
C ALA B 1513 -16.16 -34.81 -64.65
N LEU B 1514 -16.75 -35.37 -63.60
CA LEU B 1514 -17.04 -36.79 -63.58
C LEU B 1514 -18.06 -37.19 -64.64
N LEU B 1515 -19.09 -36.36 -64.85
CA LEU B 1515 -20.06 -36.71 -65.89
C LEU B 1515 -19.40 -36.76 -67.25
N GLN B 1516 -18.56 -35.77 -67.55
CA GLN B 1516 -17.86 -35.78 -68.84
C GLN B 1516 -16.92 -36.97 -68.96
N PHE B 1517 -16.18 -37.27 -67.89
CA PHE B 1517 -15.23 -38.38 -67.93
C PHE B 1517 -15.94 -39.71 -68.13
N LYS B 1518 -17.06 -39.94 -67.44
CA LYS B 1518 -17.73 -41.24 -67.55
C LYS B 1518 -18.35 -41.43 -68.93
N ARG B 1519 -19.06 -40.44 -69.42
CA ARG B 1519 -19.77 -40.50 -70.69
C ARG B 1519 -18.90 -39.85 -71.76
N LYS B 1520 -18.54 -40.64 -72.78
CA LYS B 1520 -17.58 -40.19 -73.80
C LYS B 1520 -16.26 -39.83 -73.13
N MET B 1521 -15.64 -40.88 -72.55
CA MET B 1521 -14.40 -40.75 -71.79
C MET B 1521 -13.43 -39.78 -72.46
N GLY B 1522 -13.20 -39.97 -73.76
CA GLY B 1522 -12.54 -38.96 -74.57
C GLY B 1522 -11.13 -38.60 -74.17
N ALA B 1523 -10.56 -37.63 -74.87
CA ALA B 1523 -9.16 -37.25 -74.71
C ALA B 1523 -8.97 -35.86 -74.14
N ARG B 1524 -9.55 -34.83 -74.75
CA ARG B 1524 -9.13 -33.45 -74.54
C ARG B 1524 -9.98 -32.67 -73.55
N GLU B 1525 -11.30 -32.62 -73.77
CA GLU B 1525 -12.15 -31.83 -72.89
C GLU B 1525 -12.08 -32.33 -71.45
N THR B 1526 -12.11 -33.64 -71.26
CA THR B 1526 -12.06 -34.19 -69.91
C THR B 1526 -10.76 -33.85 -69.21
N ARG B 1527 -9.62 -34.06 -69.89
CA ARG B 1527 -8.35 -33.76 -69.24
C ARG B 1527 -8.23 -32.27 -68.95
N ARG B 1528 -8.66 -31.43 -69.88
CA ARG B 1528 -8.58 -29.98 -69.66
C ARG B 1528 -9.45 -29.58 -68.47
N LEU B 1529 -10.67 -30.09 -68.40
CA LEU B 1529 -11.56 -29.70 -67.31
C LEU B 1529 -11.01 -30.19 -65.97
N LEU B 1530 -10.51 -31.43 -65.93
CA LEU B 1530 -9.97 -31.96 -64.68
C LEU B 1530 -8.76 -31.16 -64.24
N GLU B 1531 -7.88 -30.82 -65.16
CA GLU B 1531 -6.69 -30.06 -64.80
C GLU B 1531 -7.08 -28.66 -64.35
N ARG B 1532 -8.11 -28.10 -64.98
CA ARG B 1532 -8.60 -26.81 -64.51
C ARG B 1532 -9.12 -26.91 -63.09
N VAL B 1533 -9.84 -27.98 -62.78
CA VAL B 1533 -10.33 -28.17 -61.41
C VAL B 1533 -9.18 -28.29 -60.43
N VAL B 1534 -8.13 -29.03 -60.81
CA VAL B 1534 -7.06 -29.35 -59.86
C VAL B 1534 -5.91 -28.35 -59.89
N TYR B 1535 -5.96 -27.32 -60.73
CA TYR B 1535 -4.80 -26.45 -60.79
C TYR B 1535 -5.02 -25.02 -60.30
N GLN B 1536 -6.16 -24.38 -60.55
CA GLN B 1536 -6.35 -23.07 -59.91
C GLN B 1536 -6.65 -23.25 -58.43
N PRO B 1537 -6.12 -22.39 -57.58
CA PRO B 1537 -6.26 -22.54 -56.13
C PRO B 1537 -7.66 -22.16 -55.67
N GLY B 1538 -7.84 -22.19 -54.36
CA GLY B 1538 -9.14 -21.93 -53.78
C GLY B 1538 -10.07 -23.12 -53.92
N TYR B 1539 -9.55 -24.32 -53.71
CA TYR B 1539 -10.36 -25.51 -53.80
C TYR B 1539 -10.14 -26.39 -52.59
N PRO B 1540 -11.15 -27.14 -52.17
CA PRO B 1540 -10.99 -28.03 -51.02
C PRO B 1540 -10.08 -29.21 -51.33
N LYS B 1541 -9.48 -29.75 -50.27
CA LYS B 1541 -8.50 -30.82 -50.41
C LYS B 1541 -9.10 -32.04 -51.07
N SER B 1542 -10.25 -32.51 -50.57
CA SER B 1542 -10.83 -33.74 -51.09
C SER B 1542 -11.15 -33.63 -52.57
N ILE B 1543 -11.70 -32.49 -52.98
CA ILE B 1543 -12.01 -32.27 -54.38
C ILE B 1543 -10.74 -32.30 -55.23
N ALA B 1544 -9.68 -31.66 -54.75
CA ALA B 1544 -8.42 -31.67 -55.48
C ALA B 1544 -7.89 -33.09 -55.63
N SER B 1545 -7.93 -33.88 -54.55
CA SER B 1545 -7.42 -35.24 -54.62
C SER B 1545 -8.22 -36.09 -55.61
N THR B 1546 -9.55 -36.00 -55.55
CA THR B 1546 -10.37 -36.80 -56.44
C THR B 1546 -10.15 -36.42 -57.90
N ALA B 1547 -10.15 -35.11 -58.19
CA ALA B 1547 -9.92 -34.67 -59.57
C ALA B 1547 -8.55 -35.08 -60.05
N ARG B 1548 -7.54 -34.93 -59.19
CA ARG B 1548 -6.19 -35.34 -59.52
C ARG B 1548 -6.15 -36.83 -59.85
N TRP B 1549 -6.85 -37.63 -59.06
CA TRP B 1549 -6.84 -39.07 -59.26
C TRP B 1549 -7.45 -39.47 -60.60
N TYR B 1550 -8.63 -38.93 -60.91
CA TYR B 1550 -9.25 -39.23 -62.20
C TYR B 1550 -8.42 -38.72 -63.37
N LEU B 1551 -7.82 -37.53 -63.23
CA LEU B 1551 -6.97 -37.04 -64.31
C LEU B 1551 -5.77 -37.95 -64.49
N LEU B 1552 -5.24 -38.48 -63.37
CA LEU B 1552 -4.13 -39.42 -63.48
C LEU B 1552 -4.56 -40.68 -64.21
N ARG B 1553 -5.75 -41.18 -63.94
CA ARG B 1553 -6.18 -42.39 -64.64
C ARG B 1553 -6.31 -42.10 -66.14
N HIS B 1554 -6.92 -40.98 -66.51
CA HIS B 1554 -7.08 -40.67 -67.93
C HIS B 1554 -5.73 -40.45 -68.60
N LEU B 1555 -4.82 -39.78 -67.90
CA LEU B 1555 -3.49 -39.54 -68.46
C LEU B 1555 -2.71 -40.84 -68.62
N TYR B 1556 -2.87 -41.78 -67.70
CA TYR B 1556 -2.26 -43.09 -67.89
C TYR B 1556 -2.88 -43.82 -69.07
N ALA B 1557 -4.20 -43.65 -69.27
CA ALA B 1557 -4.84 -44.25 -70.43
C ALA B 1557 -4.18 -43.79 -71.73
N LYS B 1558 -4.03 -42.48 -71.90
CA LYS B 1558 -3.34 -41.90 -73.04
C LYS B 1558 -1.94 -41.46 -72.58
N ASP B 1559 -0.98 -42.36 -72.75
CA ASP B 1559 0.32 -42.24 -72.09
C ASP B 1559 1.01 -40.93 -72.42
N ASP B 1560 1.46 -40.22 -71.37
CA ASP B 1560 2.40 -39.12 -71.51
C ASP B 1560 3.16 -39.03 -70.19
N TYR B 1561 4.40 -39.55 -70.19
CA TYR B 1561 5.16 -39.71 -68.95
C TYR B 1561 5.53 -38.37 -68.31
N GLU B 1562 5.97 -37.39 -69.09
CA GLU B 1562 6.26 -36.06 -68.53
C GLU B 1562 5.09 -35.53 -67.69
N LEU B 1563 3.88 -35.43 -68.27
CA LEU B 1563 2.74 -35.01 -67.46
C LEU B 1563 2.53 -35.91 -66.26
N ILE B 1564 2.77 -37.22 -66.41
CA ILE B 1564 2.56 -38.14 -65.29
C ILE B 1564 3.49 -37.79 -64.13
N ASP B 1565 4.76 -37.52 -64.42
CA ASP B 1565 5.68 -37.08 -63.36
C ASP B 1565 5.31 -35.70 -62.84
N VAL B 1566 4.75 -34.85 -63.70
CA VAL B 1566 4.24 -33.57 -63.22
C VAL B 1566 3.15 -33.79 -62.19
N LEU B 1567 2.25 -34.73 -62.46
CA LEU B 1567 1.23 -35.10 -61.49
C LEU B 1567 1.84 -35.64 -60.21
N VAL B 1568 2.90 -36.43 -60.35
CA VAL B 1568 3.54 -36.99 -59.16
C VAL B 1568 4.10 -35.86 -58.29
N ASN B 1569 4.78 -34.90 -58.90
CA ASN B 1569 5.29 -33.79 -58.11
C ASN B 1569 4.15 -32.93 -57.56
N ASN B 1570 3.04 -32.80 -58.29
CA ASN B 1570 1.89 -32.08 -57.76
C ASN B 1570 1.36 -32.76 -56.51
N ALA B 1571 1.32 -34.10 -56.52
CA ALA B 1571 0.96 -34.82 -55.32
C ALA B 1571 1.97 -34.54 -54.20
N LYS B 1572 3.26 -34.54 -54.56
CA LYS B 1572 4.30 -34.32 -53.56
C LYS B 1572 4.18 -32.95 -52.90
N THR B 1573 3.91 -31.92 -53.70
CA THR B 1573 3.80 -30.56 -53.18
C THR B 1573 2.60 -30.38 -52.28
N HIS B 1574 1.70 -31.35 -52.26
CA HIS B 1574 0.60 -31.43 -51.32
C HIS B 1574 0.81 -32.72 -50.52
N GLY B 1575 -0.17 -33.08 -49.70
CA GLY B 1575 -0.05 -34.35 -49.04
C GLY B 1575 -1.00 -35.34 -49.67
N ASP B 1576 -0.46 -36.45 -50.17
CA ASP B 1576 -1.30 -37.48 -50.76
C ASP B 1576 -0.60 -38.82 -50.59
N THR B 1577 -1.40 -39.88 -50.60
CA THR B 1577 -0.90 -41.23 -50.43
C THR B 1577 -1.39 -42.12 -51.55
N ARG B 1578 -2.57 -41.81 -52.09
CA ARG B 1578 -3.34 -42.74 -52.91
C ARG B 1578 -3.05 -42.60 -54.40
N ALA B 1579 -2.92 -41.38 -54.89
CA ALA B 1579 -2.61 -41.17 -56.30
C ALA B 1579 -1.25 -41.75 -56.64
N LEU B 1580 -0.23 -41.39 -55.85
CA LEU B 1580 1.11 -41.86 -56.10
C LEU B 1580 1.23 -43.37 -55.94
N GLU B 1581 0.56 -43.95 -54.94
CA GLU B 1581 0.64 -45.40 -54.77
C GLU B 1581 -0.01 -46.13 -55.92
N LEU B 1582 -1.19 -45.67 -56.36
CA LEU B 1582 -1.82 -46.32 -57.50
C LEU B 1582 -0.98 -46.18 -58.77
N ASN B 1583 -0.40 -44.99 -58.98
CA ASN B 1583 0.46 -44.80 -60.14
C ASN B 1583 1.67 -45.72 -60.10
N GLN B 1584 2.29 -45.87 -58.93
CA GLN B 1584 3.42 -46.78 -58.82
C GLN B 1584 3.03 -48.22 -59.07
N ARG B 1585 1.91 -48.68 -58.51
CA ARG B 1585 1.53 -50.06 -58.72
C ARG B 1585 1.21 -50.33 -60.19
N LEU B 1586 0.58 -49.39 -60.89
CA LEU B 1586 0.13 -49.69 -62.25
C LEU B 1586 1.05 -49.15 -63.33
N SER B 1587 2.15 -48.48 -62.97
CA SER B 1587 3.10 -48.06 -63.99
C SER B 1587 3.93 -49.23 -64.52
N SER B 1588 4.17 -50.23 -63.68
CA SER B 1588 4.82 -51.48 -64.09
C SER B 1588 3.91 -52.63 -63.69
N GLN B 1589 2.99 -52.98 -64.58
CA GLN B 1589 1.96 -53.97 -64.30
C GLN B 1589 2.54 -55.27 -63.75
N MET C 1 4.73 1.63 4.76
CA MET C 1 4.37 1.01 6.03
C MET C 1 3.97 -0.45 5.85
N THR C 2 3.70 -0.83 4.61
CA THR C 2 3.35 -2.20 4.32
C THR C 2 4.59 -3.08 4.33
N ASN C 3 4.36 -4.38 4.25
CA ASN C 3 5.43 -5.36 4.33
C ASN C 3 6.05 -5.45 2.94
N GLN C 4 6.88 -6.44 2.70
CA GLN C 4 7.54 -6.55 1.41
C GLN C 4 6.78 -7.60 0.61
N TYR C 5 5.93 -7.13 -0.31
CA TYR C 5 5.17 -8.03 -1.14
C TYR C 5 5.86 -8.13 -2.47
N GLY C 6 5.79 -9.31 -3.09
CA GLY C 6 6.40 -9.38 -4.40
C GLY C 6 6.40 -10.76 -5.00
N ILE C 7 6.66 -10.79 -6.31
CA ILE C 7 6.63 -12.04 -7.05
C ILE C 7 7.85 -12.87 -6.70
N LEU C 8 7.69 -14.19 -6.78
CA LEU C 8 8.80 -15.12 -6.68
C LEU C 8 9.00 -15.95 -7.93
N PHE C 9 7.94 -16.23 -8.67
CA PHE C 9 8.04 -17.13 -9.81
C PHE C 9 6.97 -16.76 -10.81
N LYS C 10 7.25 -17.05 -12.08
CA LYS C 10 6.32 -16.70 -13.14
C LYS C 10 6.43 -17.80 -14.19
N GLN C 11 5.45 -18.69 -14.20
CA GLN C 11 5.38 -19.70 -15.24
C GLN C 11 4.84 -19.05 -16.50
N GLU C 12 5.49 -19.30 -17.63
CA GLU C 12 5.20 -18.51 -18.82
C GLU C 12 3.95 -19.00 -19.53
N GLN C 13 3.85 -20.30 -19.78
CA GLN C 13 2.66 -20.87 -20.39
C GLN C 13 2.40 -22.22 -19.73
N ALA C 14 1.54 -22.21 -18.70
CA ALA C 14 1.24 -23.44 -17.99
C ALA C 14 0.39 -24.39 -18.83
N HIS C 15 -0.79 -23.94 -19.24
CA HIS C 15 -1.66 -24.74 -20.09
C HIS C 15 -1.74 -24.09 -21.47
N ASP C 16 -2.56 -24.68 -22.32
CA ASP C 16 -2.72 -24.12 -23.65
C ASP C 16 -3.89 -23.15 -23.74
N ASP C 17 -4.76 -23.12 -22.73
CA ASP C 17 -5.88 -22.19 -22.73
C ASP C 17 -6.06 -21.66 -21.32
N ALA C 18 -7.15 -20.93 -21.12
CA ALA C 18 -7.40 -20.27 -19.85
C ALA C 18 -7.37 -21.26 -18.71
N ILE C 19 -6.96 -20.78 -17.54
CA ILE C 19 -6.93 -21.60 -16.33
C ILE C 19 -8.08 -21.13 -15.46
N TRP C 20 -8.94 -22.06 -15.07
CA TRP C 20 -10.23 -21.70 -14.49
C TRP C 20 -10.33 -21.94 -12.99
N SER C 21 -9.44 -22.73 -12.40
CA SER C 21 -9.51 -22.95 -10.97
C SER C 21 -8.16 -23.41 -10.48
N VAL C 22 -7.92 -23.24 -9.17
CA VAL C 22 -6.65 -23.61 -8.58
C VAL C 22 -6.88 -24.03 -7.14
N ALA C 23 -6.09 -25.00 -6.69
CA ALA C 23 -6.14 -25.46 -5.30
C ALA C 23 -4.71 -25.70 -4.82
N TRP C 24 -4.39 -25.20 -3.62
CA TRP C 24 -3.07 -25.40 -3.02
C TRP C 24 -3.23 -26.34 -1.84
N GLY C 25 -2.49 -27.43 -1.84
CA GLY C 25 -2.58 -28.33 -0.72
C GLY C 25 -1.25 -28.74 -0.13
N THR C 26 -1.07 -28.43 1.16
CA THR C 26 0.09 -28.90 1.93
C THR C 26 -0.25 -30.25 2.54
N ASN C 27 -0.65 -31.17 1.66
CA ASN C 27 -1.35 -32.39 2.10
C ASN C 27 -0.49 -33.21 3.05
N LYS C 28 0.72 -33.54 2.64
CA LYS C 28 1.51 -34.40 3.51
C LYS C 28 1.99 -33.59 4.70
N LYS C 29 2.35 -34.30 5.78
CA LYS C 29 2.72 -33.61 7.01
C LYS C 29 3.98 -32.78 6.86
N GLU C 30 4.91 -33.20 6.02
CA GLU C 30 6.09 -32.39 5.75
C GLU C 30 5.72 -31.32 4.72
N ASN C 31 6.72 -30.61 4.22
CA ASN C 31 6.51 -29.49 3.31
C ASN C 31 6.49 -30.01 1.89
N SER C 32 5.28 -30.27 1.38
CA SER C 32 5.06 -30.82 0.05
C SER C 32 4.73 -29.71 -0.94
N GLU C 33 3.71 -28.90 -0.66
CA GLU C 33 3.38 -27.72 -1.45
C GLU C 33 3.07 -28.05 -2.91
N THR C 34 2.00 -28.81 -3.11
CA THR C 34 1.58 -29.22 -4.45
C THR C 34 0.46 -28.32 -4.93
N VAL C 35 0.56 -27.84 -6.16
CA VAL C 35 -0.41 -26.92 -6.74
C VAL C 35 -1.07 -27.59 -7.92
N VAL C 36 -2.39 -27.67 -7.90
CA VAL C 36 -3.15 -28.34 -8.95
C VAL C 36 -4.03 -27.33 -9.66
N THR C 37 -3.96 -27.31 -10.99
CA THR C 37 -4.64 -26.33 -11.82
C THR C 37 -5.39 -27.03 -12.94
N GLY C 38 -6.55 -26.49 -13.28
CA GLY C 38 -7.36 -27.01 -14.36
C GLY C 38 -7.72 -25.89 -15.31
N SER C 39 -7.85 -26.23 -16.59
CA SER C 39 -7.86 -25.22 -17.62
C SER C 39 -8.96 -25.50 -18.62
N LEU C 40 -8.97 -24.70 -19.69
CA LEU C 40 -9.89 -24.90 -20.81
C LEU C 40 -9.29 -25.95 -21.75
N ASP C 41 -9.16 -27.13 -21.18
CA ASP C 41 -8.58 -28.27 -21.86
C ASP C 41 -9.09 -29.50 -21.13
N ASP C 42 -8.47 -30.63 -21.40
CA ASP C 42 -8.57 -31.78 -20.54
C ASP C 42 -7.50 -31.75 -19.47
N LEU C 43 -6.53 -30.86 -19.61
CA LEU C 43 -5.34 -30.88 -18.79
C LEU C 43 -5.68 -30.49 -17.36
N VAL C 44 -5.12 -31.23 -16.40
CA VAL C 44 -5.32 -30.95 -14.98
C VAL C 44 -3.95 -30.81 -14.31
N LYS C 45 -2.99 -30.25 -15.03
CA LYS C 45 -1.57 -30.29 -14.62
C LYS C 45 -1.37 -30.09 -13.11
N VAL C 46 -0.50 -30.93 -12.55
CA VAL C 46 -0.19 -30.95 -11.14
C VAL C 46 1.28 -30.57 -10.98
N TRP C 47 1.51 -29.36 -10.50
CA TRP C 47 2.80 -28.75 -10.24
C TRP C 47 3.25 -29.02 -8.81
N LYS C 48 4.53 -28.84 -8.56
CA LYS C 48 5.06 -28.89 -7.20
C LYS C 48 6.06 -27.76 -7.00
N TRP C 49 5.81 -26.93 -5.99
CA TRP C 49 6.70 -25.81 -5.68
C TRP C 49 7.71 -26.32 -4.66
N ARG C 50 8.88 -26.76 -5.14
CA ARG C 50 9.76 -27.47 -4.23
C ARG C 50 10.60 -26.52 -3.40
N ASP C 51 11.45 -25.74 -4.05
CA ASP C 51 12.28 -24.78 -3.33
C ASP C 51 12.08 -23.35 -3.80
N GLU C 52 12.16 -23.10 -5.10
CA GLU C 52 12.03 -21.75 -5.62
C GLU C 52 11.22 -21.67 -6.91
N ARG C 53 10.63 -22.77 -7.36
CA ARG C 53 10.05 -22.77 -8.69
C ARG C 53 9.02 -23.89 -8.79
N LEU C 54 8.18 -23.78 -9.80
CA LEU C 54 7.21 -24.82 -10.09
C LEU C 54 7.81 -25.74 -11.13
N ASP C 55 7.86 -27.03 -10.82
CA ASP C 55 8.25 -28.06 -11.76
C ASP C 55 7.05 -28.95 -11.99
N LEU C 56 6.70 -29.14 -13.26
CA LEU C 56 5.55 -29.98 -13.56
C LEU C 56 5.83 -31.41 -13.12
N GLN C 57 4.86 -32.00 -12.43
CA GLN C 57 4.96 -33.36 -11.92
C GLN C 57 4.01 -34.31 -12.61
N TRP C 58 2.72 -33.99 -12.64
CA TRP C 58 1.76 -34.83 -13.33
C TRP C 58 1.03 -34.01 -14.38
N SER C 59 0.65 -34.68 -15.47
CA SER C 59 -0.14 -34.07 -16.51
C SER C 59 -1.41 -34.85 -16.79
N LEU C 60 -1.96 -35.50 -15.77
CA LEU C 60 -3.06 -36.44 -15.94
C LEU C 60 -4.28 -35.83 -16.65
N GLU C 61 -5.00 -36.65 -17.41
CA GLU C 61 -6.18 -36.16 -18.12
C GLU C 61 -7.13 -37.32 -18.38
N GLY C 62 -8.42 -37.05 -18.17
CA GLY C 62 -9.46 -37.97 -18.60
C GLY C 62 -10.67 -37.20 -19.07
N HIS C 63 -10.58 -35.88 -19.13
CA HIS C 63 -11.75 -35.05 -19.37
C HIS C 63 -11.91 -34.75 -20.85
N GLN C 64 -13.13 -34.36 -21.23
CA GLN C 64 -13.39 -34.00 -22.62
C GLN C 64 -13.48 -32.50 -22.85
N LEU C 65 -13.94 -31.73 -21.86
CA LEU C 65 -14.15 -30.30 -22.00
C LEU C 65 -13.38 -29.55 -20.91
N GLY C 66 -13.60 -28.24 -20.84
CA GLY C 66 -12.86 -27.43 -19.89
C GLY C 66 -13.27 -27.72 -18.47
N VAL C 67 -12.29 -27.65 -17.57
CA VAL C 67 -12.49 -27.88 -16.15
C VAL C 67 -12.93 -26.58 -15.47
N VAL C 68 -14.01 -26.66 -14.68
CA VAL C 68 -14.53 -25.46 -14.02
C VAL C 68 -14.14 -25.40 -12.56
N SER C 69 -13.81 -26.52 -11.94
CA SER C 69 -13.38 -26.47 -10.56
C SER C 69 -12.48 -27.66 -10.26
N VAL C 70 -11.47 -27.42 -9.44
CA VAL C 70 -10.54 -28.43 -8.98
C VAL C 70 -10.45 -28.29 -7.47
N ASP C 71 -10.00 -29.34 -6.82
CA ASP C 71 -9.90 -29.31 -5.36
C ASP C 71 -8.81 -30.27 -4.93
N ILE C 72 -8.31 -30.03 -3.73
CA ILE C 72 -7.23 -30.83 -3.17
C ILE C 72 -7.58 -31.13 -1.72
N SER C 73 -6.96 -32.16 -1.17
CA SER C 73 -7.25 -32.61 0.18
C SER C 73 -6.05 -32.48 1.09
N HIS C 74 -6.31 -32.18 2.36
CA HIS C 74 -5.25 -31.98 3.34
C HIS C 74 -4.88 -33.26 4.08
N THR C 75 -5.78 -34.25 4.12
CA THR C 75 -5.52 -35.49 4.83
C THR C 75 -4.97 -36.57 3.91
N LEU C 76 -5.72 -36.91 2.88
CA LEU C 76 -5.30 -37.96 1.96
C LEU C 76 -4.54 -37.36 0.80
N PRO C 77 -3.75 -38.15 0.08
CA PRO C 77 -3.33 -37.71 -1.25
C PRO C 77 -4.44 -38.04 -2.25
N ILE C 78 -5.17 -37.01 -2.66
CA ILE C 78 -6.36 -37.20 -3.47
C ILE C 78 -6.71 -35.85 -4.08
N ALA C 79 -7.46 -35.89 -5.18
CA ALA C 79 -7.94 -34.66 -5.80
C ALA C 79 -9.23 -34.94 -6.55
N ALA C 80 -10.00 -33.89 -6.78
CA ALA C 80 -11.24 -34.02 -7.53
C ALA C 80 -11.36 -32.87 -8.52
N SER C 81 -12.03 -33.14 -9.63
CA SER C 81 -12.22 -32.13 -10.66
C SER C 81 -13.55 -32.34 -11.36
N SER C 82 -14.22 -31.24 -11.70
CA SER C 82 -15.44 -31.29 -12.48
C SER C 82 -15.34 -30.34 -13.67
N SER C 83 -16.11 -30.66 -14.69
CA SER C 83 -16.03 -29.94 -15.95
C SER C 83 -17.40 -29.92 -16.60
N LEU C 84 -17.46 -29.35 -17.80
CA LEU C 84 -18.67 -29.47 -18.58
C LEU C 84 -18.82 -30.85 -19.17
N ASP C 85 -17.92 -31.76 -18.81
CA ASP C 85 -17.92 -33.11 -19.33
C ASP C 85 -18.97 -33.99 -18.67
N ALA C 86 -19.65 -33.49 -17.65
CA ALA C 86 -20.57 -34.28 -16.86
C ALA C 86 -19.83 -35.47 -16.27
N HIS C 87 -18.81 -35.16 -15.48
CA HIS C 87 -18.04 -36.20 -14.81
C HIS C 87 -17.27 -35.58 -13.65
N ILE C 88 -17.16 -36.34 -12.56
CA ILE C 88 -16.53 -35.85 -11.34
C ILE C 88 -15.32 -36.71 -11.00
N ARG C 89 -14.64 -37.22 -12.03
CA ARG C 89 -13.55 -38.15 -11.79
C ARG C 89 -12.54 -37.55 -10.82
N LEU C 90 -12.18 -38.33 -9.80
CA LEU C 90 -11.31 -37.87 -8.73
C LEU C 90 -10.01 -38.67 -8.77
N TRP C 91 -8.89 -37.97 -8.78
CA TRP C 91 -7.60 -38.58 -9.03
C TRP C 91 -6.92 -39.06 -7.74
N ASP C 92 -5.71 -39.58 -7.89
CA ASP C 92 -4.94 -40.21 -6.82
C ASP C 92 -3.75 -39.39 -6.35
N LEU C 93 -3.17 -38.54 -7.21
CA LEU C 93 -2.10 -37.61 -6.87
C LEU C 93 -0.77 -38.30 -6.54
N GLU C 94 -0.68 -39.61 -6.63
CA GLU C 94 0.57 -40.29 -6.31
C GLU C 94 1.19 -40.97 -7.52
N ASN C 95 0.40 -41.69 -8.31
CA ASN C 95 0.85 -42.25 -9.57
C ASN C 95 0.29 -41.51 -10.77
N GLY C 96 -0.51 -40.45 -10.55
CA GLY C 96 -1.18 -39.75 -11.62
C GLY C 96 -2.20 -40.56 -12.38
N LYS C 97 -3.11 -41.25 -11.68
CA LYS C 97 -4.11 -42.08 -12.33
C LYS C 97 -5.47 -41.88 -11.68
N GLN C 98 -6.51 -41.99 -12.52
CA GLN C 98 -7.87 -41.82 -12.05
C GLN C 98 -8.24 -42.89 -11.04
N ILE C 99 -9.06 -42.51 -10.07
CA ILE C 99 -9.55 -43.43 -9.04
C ILE C 99 -10.98 -43.85 -9.33
N LYS C 100 -11.85 -42.88 -9.62
CA LYS C 100 -13.27 -43.12 -9.81
C LYS C 100 -13.79 -42.23 -10.92
N SER C 101 -15.08 -42.33 -11.18
CA SER C 101 -15.75 -41.44 -12.13
C SER C 101 -17.22 -41.40 -11.78
N ILE C 102 -17.74 -40.20 -11.57
CA ILE C 102 -19.14 -39.99 -11.21
C ILE C 102 -19.83 -39.26 -12.35
N ASP C 103 -20.96 -39.80 -12.78
CA ASP C 103 -21.75 -39.16 -13.82
C ASP C 103 -22.63 -38.09 -13.19
N ALA C 104 -22.46 -36.84 -13.61
CA ALA C 104 -23.28 -35.76 -13.09
C ALA C 104 -23.20 -34.56 -14.04
N GLY C 105 -24.35 -34.10 -14.50
CA GLY C 105 -24.41 -33.01 -15.44
C GLY C 105 -24.60 -31.69 -14.73
N PRO C 106 -24.74 -30.60 -15.49
CA PRO C 106 -24.88 -29.28 -14.87
C PRO C 106 -26.12 -29.15 -13.99
N VAL C 107 -26.93 -30.21 -13.95
CA VAL C 107 -28.06 -30.29 -13.02
C VAL C 107 -27.71 -31.10 -11.78
N ASP C 108 -26.49 -31.65 -11.73
CA ASP C 108 -26.06 -32.39 -10.56
C ASP C 108 -24.76 -31.90 -9.94
N ALA C 109 -23.94 -31.14 -10.65
CA ALA C 109 -22.72 -30.62 -10.03
C ALA C 109 -22.19 -29.44 -10.84
N TRP C 110 -21.81 -28.38 -10.15
CA TRP C 110 -21.09 -27.27 -10.76
C TRP C 110 -19.69 -27.07 -10.20
N THR C 111 -19.56 -26.96 -8.87
CA THR C 111 -18.29 -26.65 -8.25
C THR C 111 -18.04 -27.56 -7.07
N LEU C 112 -16.77 -27.86 -6.83
CA LEU C 112 -16.36 -28.83 -5.84
C LEU C 112 -15.95 -28.17 -4.53
N ALA C 113 -16.05 -28.96 -3.46
CA ALA C 113 -15.45 -28.61 -2.18
C ALA C 113 -15.38 -29.86 -1.32
N PHE C 114 -14.18 -30.18 -0.83
CA PHE C 114 -13.97 -31.33 0.04
C PHE C 114 -14.51 -31.03 1.43
N SER C 115 -14.57 -32.07 2.25
CA SER C 115 -14.98 -31.92 3.64
C SER C 115 -13.82 -31.43 4.50
N PRO C 116 -14.11 -30.97 5.72
CA PRO C 116 -13.01 -30.66 6.65
C PRO C 116 -12.13 -31.85 6.92
N ASP C 117 -12.71 -33.05 6.98
CA ASP C 117 -11.94 -34.27 7.12
C ASP C 117 -11.76 -34.95 5.78
N SER C 118 -12.12 -34.26 4.69
CA SER C 118 -11.93 -34.72 3.33
C SER C 118 -12.62 -36.06 3.10
N GLN C 119 -13.93 -36.06 3.33
CA GLN C 119 -14.67 -37.31 3.24
C GLN C 119 -15.94 -37.23 2.40
N TYR C 120 -16.53 -36.04 2.15
CA TYR C 120 -17.87 -35.99 1.57
C TYR C 120 -17.98 -35.21 0.25
N LEU C 121 -17.20 -34.15 0.04
CA LEU C 121 -17.12 -33.54 -1.29
C LEU C 121 -18.49 -33.07 -1.80
N ALA C 122 -19.02 -32.06 -1.12
CA ALA C 122 -20.29 -31.45 -1.52
C ALA C 122 -20.13 -30.60 -2.78
N THR C 123 -21.19 -30.55 -3.57
CA THR C 123 -21.22 -29.76 -4.80
C THR C 123 -22.57 -29.05 -4.93
N GLY C 124 -22.58 -27.99 -5.73
CA GLY C 124 -23.78 -27.19 -5.93
C GLY C 124 -24.43 -27.49 -7.26
N THR C 125 -25.74 -27.76 -7.22
CA THR C 125 -26.47 -28.20 -8.39
C THR C 125 -27.14 -27.01 -9.09
N HIS C 126 -28.00 -27.32 -10.07
CA HIS C 126 -28.73 -26.31 -10.84
C HIS C 126 -30.09 -25.98 -10.25
N VAL C 127 -30.82 -26.98 -9.76
CA VAL C 127 -32.18 -26.73 -9.30
C VAL C 127 -32.23 -26.10 -7.91
N GLY C 128 -31.08 -25.84 -7.32
CA GLY C 128 -31.01 -25.13 -6.05
C GLY C 128 -30.37 -25.94 -4.94
N LYS C 129 -30.41 -27.26 -5.02
CA LYS C 129 -29.92 -28.10 -3.93
C LYS C 129 -28.40 -28.06 -3.85
N VAL C 130 -27.88 -28.60 -2.75
CA VAL C 130 -26.48 -28.94 -2.60
C VAL C 130 -26.42 -30.43 -2.39
N ASN C 131 -25.67 -31.13 -3.25
CA ASN C 131 -25.59 -32.58 -3.24
C ASN C 131 -24.32 -32.98 -2.53
N ILE C 132 -24.43 -33.88 -1.55
CA ILE C 132 -23.25 -34.34 -0.82
C ILE C 132 -23.00 -35.78 -1.23
N PHE C 133 -21.92 -36.00 -1.95
CA PHE C 133 -21.51 -37.32 -2.38
C PHE C 133 -20.70 -37.97 -1.27
N GLY C 134 -20.17 -39.16 -1.56
CA GLY C 134 -19.24 -39.78 -0.66
C GLY C 134 -18.03 -40.25 -1.41
N VAL C 135 -16.84 -39.74 -1.11
CA VAL C 135 -15.66 -40.21 -1.82
C VAL C 135 -15.33 -41.61 -1.31
N GLU C 136 -14.89 -42.47 -2.22
CA GLU C 136 -14.45 -43.81 -1.87
C GLU C 136 -15.61 -44.62 -1.31
N SER C 137 -16.81 -44.05 -1.30
CA SER C 137 -17.92 -44.73 -0.65
C SER C 137 -19.22 -44.66 -1.44
N GLY C 138 -19.18 -44.26 -2.70
CA GLY C 138 -20.36 -44.29 -3.51
C GLY C 138 -20.86 -42.92 -3.93
N LYS C 139 -22.17 -42.71 -3.83
CA LYS C 139 -22.80 -41.54 -4.46
C LYS C 139 -23.98 -41.08 -3.63
N LYS C 140 -24.08 -39.76 -3.45
CA LYS C 140 -25.35 -39.08 -3.19
C LYS C 140 -26.07 -39.66 -1.97
N GLU C 141 -25.43 -39.51 -0.81
CA GLU C 141 -26.13 -39.87 0.42
C GLU C 141 -27.30 -38.94 0.69
N TYR C 142 -27.08 -37.62 0.60
CA TYR C 142 -28.15 -36.68 0.90
C TYR C 142 -27.86 -35.33 0.28
N SER C 143 -28.92 -34.54 0.14
CA SER C 143 -28.86 -33.23 -0.49
C SER C 143 -29.62 -32.22 0.35
N LEU C 144 -28.94 -31.13 0.72
CA LEU C 144 -29.63 -30.02 1.35
C LEU C 144 -30.39 -29.23 0.30
N ASP C 145 -31.53 -28.70 0.68
CA ASP C 145 -32.42 -28.04 -0.25
C ASP C 145 -32.65 -26.61 0.18
N THR C 146 -32.44 -25.68 -0.74
CA THR C 146 -32.85 -24.30 -0.58
C THR C 146 -33.73 -23.89 -1.75
N ARG C 147 -34.88 -23.29 -1.43
CA ARG C 147 -35.86 -22.99 -2.47
C ARG C 147 -35.42 -21.71 -3.16
N GLY C 148 -34.51 -21.86 -4.10
CA GLY C 148 -33.89 -20.73 -4.77
C GLY C 148 -33.55 -21.03 -6.21
N LYS C 149 -32.48 -20.42 -6.68
CA LYS C 149 -32.05 -20.43 -8.07
C LYS C 149 -30.77 -21.26 -8.18
N PHE C 150 -30.21 -21.26 -9.40
CA PHE C 150 -28.92 -21.88 -9.64
C PHE C 150 -27.94 -21.48 -8.54
N ILE C 151 -27.16 -22.45 -8.09
CA ILE C 151 -26.29 -22.24 -6.94
C ILE C 151 -24.86 -22.39 -7.42
N LEU C 152 -24.02 -21.43 -7.09
CA LEU C 152 -22.69 -21.34 -7.70
C LEU C 152 -21.58 -21.67 -6.73
N SER C 153 -21.62 -21.13 -5.52
CA SER C 153 -20.51 -21.21 -4.59
C SER C 153 -20.81 -22.18 -3.47
N ILE C 154 -19.79 -22.92 -3.05
CA ILE C 154 -19.89 -23.86 -1.94
C ILE C 154 -18.70 -23.63 -1.04
N ALA C 155 -18.95 -23.48 0.26
CA ALA C 155 -17.86 -23.32 1.22
C ALA C 155 -18.18 -24.08 2.50
N TYR C 156 -17.12 -24.59 3.12
CA TYR C 156 -17.18 -25.27 4.41
C TYR C 156 -16.42 -24.47 5.44
N SER C 157 -17.02 -24.28 6.61
CA SER C 157 -16.29 -23.63 7.67
C SER C 157 -15.13 -24.52 8.08
N PRO C 158 -13.99 -23.95 8.43
CA PRO C 158 -12.82 -24.79 8.73
C PRO C 158 -13.04 -25.81 9.82
N ASP C 159 -13.86 -25.51 10.82
CA ASP C 159 -14.09 -26.46 11.89
C ASP C 159 -15.26 -27.38 11.61
N GLY C 160 -15.88 -27.28 10.44
CA GLY C 160 -17.07 -28.05 10.21
C GLY C 160 -18.24 -27.34 10.81
N LYS C 161 -19.40 -27.98 10.72
CA LYS C 161 -20.72 -27.66 11.28
C LYS C 161 -21.39 -26.52 10.54
N TYR C 162 -20.78 -25.95 9.51
CA TYR C 162 -21.40 -24.88 8.74
C TYR C 162 -21.10 -25.09 7.26
N LEU C 163 -22.10 -24.83 6.44
CA LEU C 163 -21.97 -24.89 5.00
C LEU C 163 -22.69 -23.69 4.41
N ALA C 164 -22.04 -22.99 3.50
CA ALA C 164 -22.61 -21.77 2.94
C ALA C 164 -22.75 -21.95 1.44
N SER C 165 -23.74 -21.28 0.87
CA SER C 165 -24.03 -21.47 -0.54
C SER C 165 -24.56 -20.16 -1.13
N GLY C 166 -23.77 -19.57 -2.03
CA GLY C 166 -24.24 -18.46 -2.83
C GLY C 166 -24.92 -18.89 -4.11
N ALA C 167 -25.67 -17.96 -4.69
CA ALA C 167 -26.54 -18.28 -5.81
C ALA C 167 -26.53 -17.15 -6.81
N ILE C 168 -26.95 -17.45 -8.04
CA ILE C 168 -27.38 -16.39 -8.93
C ILE C 168 -28.49 -15.62 -8.25
N ASP C 169 -28.53 -14.31 -8.49
CA ASP C 169 -29.42 -13.27 -7.97
C ASP C 169 -29.07 -12.82 -6.56
N GLY C 170 -28.05 -13.37 -5.93
CA GLY C 170 -27.55 -12.75 -4.72
C GLY C 170 -27.75 -13.50 -3.42
N ILE C 171 -28.90 -14.15 -3.25
CA ILE C 171 -29.22 -14.72 -1.95
C ILE C 171 -28.17 -15.75 -1.53
N ILE C 172 -27.93 -15.81 -0.22
CA ILE C 172 -26.92 -16.63 0.41
C ILE C 172 -27.59 -17.48 1.46
N ASN C 173 -27.24 -18.76 1.53
CA ASN C 173 -27.88 -19.65 2.49
C ASN C 173 -26.83 -20.25 3.40
N ILE C 174 -27.08 -20.23 4.71
CA ILE C 174 -26.14 -20.81 5.67
C ILE C 174 -26.82 -21.99 6.36
N PHE C 175 -26.25 -23.18 6.19
CA PHE C 175 -26.68 -24.40 6.83
C PHE C 175 -25.73 -24.77 7.96
N ASP C 176 -26.23 -25.57 8.89
CA ASP C 176 -25.37 -26.21 9.88
C ASP C 176 -25.37 -27.71 9.62
N ILE C 177 -24.18 -28.27 9.48
CA ILE C 177 -24.02 -29.66 9.09
C ILE C 177 -24.59 -30.60 10.14
N ALA C 178 -24.63 -30.17 11.40
CA ALA C 178 -25.04 -31.06 12.49
C ALA C 178 -26.43 -31.63 12.25
N THR C 179 -27.40 -30.77 11.95
CA THR C 179 -28.76 -31.21 11.77
C THR C 179 -29.26 -31.04 10.34
N GLY C 180 -28.56 -30.28 9.51
CA GLY C 180 -29.02 -30.09 8.15
C GLY C 180 -30.16 -29.11 8.02
N LYS C 181 -30.29 -28.17 8.95
CA LYS C 181 -31.39 -27.24 8.98
C LYS C 181 -30.89 -25.85 8.60
N LEU C 182 -31.59 -25.21 7.68
CA LEU C 182 -31.25 -23.85 7.29
C LEU C 182 -31.25 -22.93 8.48
N LEU C 183 -30.09 -22.36 8.81
CA LEU C 183 -30.05 -21.41 9.90
C LEU C 183 -30.68 -20.09 9.46
N HIS C 184 -30.14 -19.49 8.42
CA HIS C 184 -30.70 -18.25 7.93
C HIS C 184 -30.16 -17.93 6.54
N THR C 185 -30.97 -17.21 5.79
CA THR C 185 -30.69 -16.86 4.41
C THR C 185 -30.53 -15.36 4.35
N LEU C 186 -29.33 -14.93 4.03
CA LEU C 186 -28.98 -13.54 3.83
C LEU C 186 -29.24 -13.19 2.39
N GLU C 187 -29.48 -11.92 2.11
CA GLU C 187 -29.74 -11.53 0.75
C GLU C 187 -28.54 -10.92 0.04
N GLY C 188 -27.52 -10.46 0.78
CA GLY C 188 -26.25 -10.13 0.16
C GLY C 188 -26.44 -9.13 -0.96
N HIS C 189 -26.07 -9.52 -2.16
CA HIS C 189 -26.01 -8.67 -3.33
C HIS C 189 -27.27 -8.93 -4.16
N ALA C 190 -27.34 -8.34 -5.34
CA ALA C 190 -28.50 -8.58 -6.18
C ALA C 190 -28.20 -9.33 -7.47
N MET C 191 -26.97 -9.74 -7.70
CA MET C 191 -26.54 -10.46 -8.88
C MET C 191 -25.66 -11.62 -8.44
N PRO C 192 -25.39 -12.60 -9.32
CA PRO C 192 -24.71 -13.82 -8.86
C PRO C 192 -23.45 -13.61 -8.06
N ILE C 193 -23.14 -14.60 -7.23
CA ILE C 193 -22.10 -14.51 -6.22
C ILE C 193 -20.80 -15.13 -6.70
N ARG C 194 -20.84 -16.41 -7.01
CA ARG C 194 -19.75 -17.18 -7.62
C ARG C 194 -18.46 -17.17 -6.80
N SER C 195 -18.50 -16.76 -5.54
CA SER C 195 -17.37 -17.02 -4.64
C SER C 195 -17.77 -16.71 -3.20
N LEU C 196 -17.36 -17.59 -2.28
CA LEU C 196 -17.61 -17.40 -0.85
C LEU C 196 -16.45 -17.98 -0.07
N THR C 197 -16.25 -17.47 1.14
CA THR C 197 -15.25 -18.10 2.00
C THR C 197 -15.49 -17.76 3.45
N PHE C 198 -15.35 -18.76 4.31
CA PHE C 198 -15.32 -18.52 5.74
C PHE C 198 -13.93 -18.07 6.16
N SER C 199 -13.81 -17.78 7.43
CA SER C 199 -12.56 -17.46 8.06
C SER C 199 -12.14 -18.59 8.99
N PRO C 200 -10.84 -18.76 9.26
CA PRO C 200 -10.44 -19.72 10.26
C PRO C 200 -11.05 -19.32 11.59
N ASP C 201 -11.54 -20.31 12.33
CA ASP C 201 -12.42 -20.22 13.51
C ASP C 201 -13.86 -19.91 13.11
N SER C 202 -14.14 -19.67 11.84
CA SER C 202 -15.51 -19.67 11.32
C SER C 202 -16.42 -18.70 12.06
N GLN C 203 -16.00 -17.43 12.12
CA GLN C 203 -16.87 -16.39 12.63
C GLN C 203 -16.98 -15.22 11.68
N LEU C 204 -16.55 -15.37 10.43
CA LEU C 204 -16.57 -14.25 9.51
C LEU C 204 -16.70 -14.80 8.10
N LEU C 205 -17.77 -14.43 7.42
CA LEU C 205 -18.09 -14.97 6.10
C LEU C 205 -17.96 -13.87 5.07
N VAL C 206 -17.11 -14.08 4.06
CA VAL C 206 -16.77 -13.08 3.07
C VAL C 206 -17.32 -13.51 1.72
N THR C 207 -18.17 -12.67 1.14
CA THR C 207 -18.77 -12.91 -0.17
C THR C 207 -18.05 -12.06 -1.21
N ALA C 208 -18.31 -12.36 -2.47
CA ALA C 208 -17.79 -11.50 -3.53
C ALA C 208 -18.69 -11.65 -4.76
N SER C 209 -19.55 -10.68 -5.00
CA SER C 209 -20.54 -10.79 -6.06
C SER C 209 -19.99 -10.18 -7.33
N ASP C 210 -20.88 -10.00 -8.29
CA ASP C 210 -20.56 -9.65 -9.66
C ASP C 210 -20.54 -8.15 -9.88
N ASP C 211 -20.97 -7.34 -8.90
CA ASP C 211 -21.05 -5.89 -9.03
C ASP C 211 -19.83 -5.15 -8.51
N GLY C 212 -18.95 -5.83 -7.78
CA GLY C 212 -17.71 -5.23 -7.33
C GLY C 212 -17.57 -5.14 -5.83
N TYR C 213 -18.65 -5.31 -5.07
CA TYR C 213 -18.58 -5.18 -3.63
C TYR C 213 -18.23 -6.50 -2.96
N ILE C 214 -17.71 -6.38 -1.76
CA ILE C 214 -17.34 -7.52 -0.93
C ILE C 214 -18.00 -7.29 0.42
N LYS C 215 -19.18 -7.87 0.61
CA LYS C 215 -19.81 -7.87 1.92
C LYS C 215 -18.99 -8.71 2.88
N ILE C 216 -18.99 -8.31 4.15
CA ILE C 216 -18.36 -9.08 5.21
C ILE C 216 -19.43 -9.34 6.26
N TYR C 217 -20.07 -10.50 6.19
CA TYR C 217 -21.11 -10.79 7.16
C TYR C 217 -20.50 -11.27 8.46
N ASP C 218 -21.35 -11.63 9.41
CA ASP C 218 -20.92 -12.18 10.68
C ASP C 218 -21.78 -13.37 11.01
N VAL C 219 -21.15 -14.48 11.38
CA VAL C 219 -21.89 -15.72 11.55
C VAL C 219 -22.52 -15.74 12.94
N GLN C 220 -23.50 -16.62 13.12
CA GLN C 220 -24.34 -16.78 14.30
C GLN C 220 -25.31 -15.62 14.44
N HIS C 221 -25.25 -14.63 13.56
CA HIS C 221 -26.28 -13.63 13.41
C HIS C 221 -26.30 -13.20 11.95
N ALA C 222 -27.09 -12.18 11.64
CA ALA C 222 -27.16 -11.66 10.28
C ALA C 222 -26.45 -10.33 10.15
N ASN C 223 -25.69 -9.93 11.16
CA ASN C 223 -24.95 -8.67 11.09
C ASN C 223 -23.98 -8.70 9.93
N LEU C 224 -23.92 -7.59 9.20
CA LEU C 224 -22.84 -7.36 8.26
C LEU C 224 -21.95 -6.29 8.84
N ALA C 225 -20.65 -6.42 8.63
CA ALA C 225 -19.67 -5.56 9.26
C ALA C 225 -19.06 -4.57 8.29
N GLY C 226 -19.59 -4.45 7.09
CA GLY C 226 -19.09 -3.45 6.16
C GLY C 226 -19.03 -3.93 4.75
N THR C 227 -18.88 -3.01 3.81
CA THR C 227 -18.80 -3.31 2.39
C THR C 227 -17.47 -2.82 1.86
N LEU C 228 -16.68 -3.72 1.30
CA LEU C 228 -15.39 -3.36 0.73
C LEU C 228 -15.59 -3.17 -0.77
N SER C 229 -15.43 -1.94 -1.21
CA SER C 229 -15.57 -1.59 -2.62
C SER C 229 -14.26 -0.96 -3.09
N GLY C 230 -13.46 -1.72 -3.82
CA GLY C 230 -12.29 -1.12 -4.41
C GLY C 230 -11.95 -1.63 -5.79
N HIS C 231 -12.83 -2.44 -6.37
CA HIS C 231 -12.54 -3.01 -7.67
C HIS C 231 -13.30 -2.22 -8.73
N ALA C 232 -13.02 -2.54 -9.99
CA ALA C 232 -13.60 -1.81 -11.10
C ALA C 232 -14.32 -2.73 -12.06
N SER C 233 -14.56 -3.96 -11.68
CA SER C 233 -15.21 -4.95 -12.51
C SER C 233 -15.62 -6.10 -11.61
N TRP C 234 -16.04 -7.20 -12.21
CA TRP C 234 -16.50 -8.36 -11.47
C TRP C 234 -15.46 -8.83 -10.47
N VAL C 235 -15.89 -9.54 -9.43
CA VAL C 235 -14.99 -10.19 -8.50
C VAL C 235 -15.20 -11.68 -8.65
N LEU C 236 -14.12 -12.42 -8.85
CA LEU C 236 -14.27 -13.80 -9.27
C LEU C 236 -13.82 -14.83 -8.24
N ASN C 237 -13.04 -14.44 -7.24
CA ASN C 237 -12.65 -15.40 -6.22
C ASN C 237 -12.17 -14.65 -5.00
N VAL C 238 -12.33 -15.28 -3.83
CA VAL C 238 -11.81 -14.75 -2.58
C VAL C 238 -11.25 -15.89 -1.76
N ALA C 239 -10.01 -15.75 -1.29
CA ALA C 239 -9.36 -16.74 -0.47
C ALA C 239 -8.94 -16.09 0.85
N PHE C 240 -9.22 -16.76 1.95
CA PHE C 240 -9.05 -16.17 3.28
C PHE C 240 -7.74 -16.64 3.88
N CYS C 241 -7.05 -15.74 4.56
CA CYS C 241 -5.70 -16.04 5.02
C CYS C 241 -5.75 -17.05 6.17
N PRO C 242 -4.70 -17.85 6.33
CA PRO C 242 -4.63 -18.76 7.48
C PRO C 242 -4.65 -18.05 8.83
N ASP C 243 -4.11 -16.85 8.94
CA ASP C 243 -4.31 -16.05 10.13
C ASP C 243 -5.39 -15.02 9.84
N ASP C 244 -6.25 -14.79 10.82
CA ASP C 244 -7.51 -14.12 10.60
C ASP C 244 -7.34 -12.60 10.49
N THR C 245 -6.52 -12.18 9.54
CA THR C 245 -6.27 -10.75 9.45
C THR C 245 -6.41 -10.22 8.04
N HIS C 246 -6.19 -11.06 7.04
CA HIS C 246 -6.27 -10.61 5.67
C HIS C 246 -7.05 -11.59 4.83
N PHE C 247 -7.34 -11.17 3.61
CA PHE C 247 -7.87 -12.08 2.61
C PHE C 247 -7.56 -11.48 1.25
N VAL C 248 -7.54 -12.34 0.24
CA VAL C 248 -7.14 -11.95 -1.10
C VAL C 248 -8.31 -12.13 -2.05
N SER C 249 -8.49 -11.15 -2.94
CA SER C 249 -9.57 -11.15 -3.90
C SER C 249 -9.02 -10.87 -5.28
N SER C 250 -9.47 -11.63 -6.26
CA SER C 250 -9.05 -11.48 -7.64
C SER C 250 -10.23 -10.97 -8.44
N SER C 251 -10.02 -9.93 -9.23
CA SER C 251 -11.17 -9.41 -9.94
C SER C 251 -11.00 -9.55 -11.45
N SER C 252 -12.07 -9.29 -12.17
CA SER C 252 -12.07 -9.35 -13.61
C SER C 252 -11.53 -8.09 -14.25
N ASP C 253 -10.90 -7.21 -13.47
CA ASP C 253 -10.22 -6.05 -13.99
C ASP C 253 -8.71 -6.22 -13.97
N LYS C 254 -8.25 -7.48 -13.93
CA LYS C 254 -6.83 -7.80 -14.03
C LYS C 254 -6.05 -7.26 -12.84
N SER C 255 -6.49 -7.61 -11.63
CA SER C 255 -5.87 -7.07 -10.44
C SER C 255 -6.20 -7.94 -9.23
N VAL C 256 -5.18 -8.22 -8.44
CA VAL C 256 -5.32 -9.05 -7.25
C VAL C 256 -5.09 -8.18 -6.02
N LYS C 257 -6.13 -7.91 -5.25
CA LYS C 257 -5.98 -7.07 -4.07
C LYS C 257 -5.93 -7.92 -2.80
N VAL C 258 -5.26 -7.37 -1.79
CA VAL C 258 -5.16 -8.00 -0.48
C VAL C 258 -5.77 -7.04 0.52
N TRP C 259 -6.89 -7.43 1.10
CA TRP C 259 -7.55 -6.61 2.11
C TRP C 259 -7.21 -7.14 3.50
N ASP C 260 -7.50 -6.32 4.49
CA ASP C 260 -7.47 -6.75 5.88
C ASP C 260 -8.77 -6.38 6.57
N VAL C 261 -9.26 -7.29 7.40
CA VAL C 261 -10.61 -7.16 7.94
C VAL C 261 -10.66 -6.24 9.14
N GLY C 262 -9.52 -5.94 9.74
CA GLY C 262 -9.50 -5.03 10.88
C GLY C 262 -10.00 -3.64 10.53
N THR C 263 -9.47 -3.09 9.44
CA THR C 263 -9.82 -1.74 9.05
C THR C 263 -10.61 -1.67 7.75
N ARG C 264 -10.92 -2.80 7.13
CA ARG C 264 -11.69 -2.85 5.89
C ARG C 264 -11.08 -1.90 4.85
N THR C 265 -9.81 -2.13 4.56
CA THR C 265 -9.07 -1.35 3.58
C THR C 265 -8.13 -2.25 2.81
N CYS C 266 -7.69 -1.77 1.66
CA CYS C 266 -6.82 -2.55 0.79
C CYS C 266 -5.38 -2.18 1.13
N VAL C 267 -4.60 -3.17 1.57
CA VAL C 267 -3.21 -2.90 1.91
C VAL C 267 -2.35 -2.85 0.65
N HIS C 268 -2.36 -3.92 -0.15
CA HIS C 268 -1.51 -3.98 -1.32
C HIS C 268 -2.26 -4.55 -2.51
N THR C 269 -1.99 -3.99 -3.68
CA THR C 269 -2.55 -4.44 -4.93
C THR C 269 -1.46 -4.98 -5.84
N PHE C 270 -1.74 -6.10 -6.49
CA PHE C 270 -0.83 -6.72 -7.46
C PHE C 270 -1.40 -6.48 -8.85
N PHE C 271 -0.57 -5.86 -9.71
CA PHE C 271 -0.94 -5.45 -11.06
C PHE C 271 -0.20 -6.30 -12.08
N ASP C 272 -0.05 -7.59 -11.82
CA ASP C 272 0.92 -8.37 -12.58
C ASP C 272 0.30 -9.18 -13.70
N HIS C 273 -0.96 -9.55 -13.58
CA HIS C 273 -1.63 -10.28 -14.64
C HIS C 273 -1.98 -9.34 -15.78
N GLN C 274 -2.29 -9.92 -16.94
CA GLN C 274 -2.64 -9.13 -18.11
C GLN C 274 -4.05 -9.38 -18.61
N ASP C 275 -4.78 -10.32 -18.01
CA ASP C 275 -6.16 -10.65 -18.34
C ASP C 275 -6.87 -11.07 -17.06
N GLN C 276 -8.16 -11.36 -17.19
CA GLN C 276 -8.97 -11.73 -16.04
C GLN C 276 -8.26 -12.78 -15.18
N VAL C 277 -8.39 -12.62 -13.87
CA VAL C 277 -7.72 -13.48 -12.92
C VAL C 277 -8.79 -14.37 -12.31
N TRP C 278 -8.74 -15.66 -12.63
CA TRP C 278 -9.80 -16.58 -12.24
C TRP C 278 -9.52 -17.33 -10.95
N GLY C 279 -8.32 -17.27 -10.38
CA GLY C 279 -8.12 -18.03 -9.16
C GLY C 279 -6.98 -17.60 -8.27
N VAL C 280 -7.23 -17.49 -6.97
CA VAL C 280 -6.22 -17.12 -5.98
C VAL C 280 -6.33 -18.04 -4.77
N LYS C 281 -5.18 -18.40 -4.22
CA LYS C 281 -5.16 -19.21 -3.00
C LYS C 281 -3.96 -18.84 -2.14
N TYR C 282 -4.06 -19.16 -0.85
CA TYR C 282 -2.93 -19.13 0.08
C TYR C 282 -2.33 -20.53 0.24
N ASN C 283 -1.33 -20.62 1.10
CA ASN C 283 -0.57 -21.85 1.29
C ASN C 283 -0.32 -22.08 2.77
N GLY C 284 -0.77 -23.21 3.29
CA GLY C 284 -0.36 -23.68 4.61
C GLY C 284 -0.35 -22.60 5.66
N ASN C 285 0.83 -22.32 6.20
CA ASN C 285 1.06 -21.06 6.92
C ASN C 285 1.10 -19.92 5.90
N GLY C 286 0.03 -19.14 5.85
CA GLY C 286 -0.13 -18.28 4.70
C GLY C 286 0.96 -17.25 4.56
N SER C 287 1.85 -17.48 3.61
CA SER C 287 2.87 -16.51 3.27
C SER C 287 3.11 -16.40 1.77
N LYS C 288 2.36 -17.13 0.95
CA LYS C 288 2.46 -17.03 -0.50
C LYS C 288 1.09 -17.19 -1.12
N ILE C 289 0.91 -16.59 -2.29
CA ILE C 289 -0.37 -16.60 -2.98
C ILE C 289 -0.14 -17.15 -4.38
N VAL C 290 -1.05 -18.01 -4.83
CA VAL C 290 -1.06 -18.46 -6.21
C VAL C 290 -2.19 -17.74 -6.91
N SER C 291 -1.93 -17.30 -8.14
CA SER C 291 -2.94 -16.61 -8.94
C SER C 291 -2.83 -17.11 -10.36
N VAL C 292 -3.83 -17.89 -10.76
CA VAL C 292 -4.00 -18.34 -12.13
C VAL C 292 -4.99 -17.43 -12.83
N GLY C 293 -4.69 -17.11 -14.09
CA GLY C 293 -5.41 -16.10 -14.83
C GLY C 293 -5.91 -16.65 -16.14
N ASP C 294 -6.70 -15.83 -16.82
CA ASP C 294 -7.26 -16.24 -18.12
C ASP C 294 -6.15 -16.40 -19.14
N ASP C 295 -5.19 -15.49 -19.15
CA ASP C 295 -3.96 -15.72 -19.89
C ASP C 295 -3.17 -16.85 -19.24
N GLN C 296 -2.55 -17.69 -20.05
CA GLN C 296 -1.98 -18.88 -19.48
C GLN C 296 -0.72 -18.53 -18.71
N GLU C 297 -0.86 -18.30 -17.40
CA GLU C 297 0.29 -17.95 -16.57
C GLU C 297 -0.04 -18.37 -15.14
N ILE C 298 0.99 -18.61 -14.35
CA ILE C 298 0.85 -18.96 -12.95
C ILE C 298 1.74 -18.02 -12.13
N HIS C 299 1.14 -17.11 -11.36
CA HIS C 299 1.93 -16.23 -10.51
C HIS C 299 1.98 -16.80 -9.10
N ILE C 300 3.15 -16.69 -8.47
CA ILE C 300 3.32 -16.99 -7.05
C ILE C 300 3.92 -15.78 -6.38
N TYR C 301 3.20 -15.26 -5.38
CA TYR C 301 3.57 -14.02 -4.69
C TYR C 301 4.18 -14.33 -3.33
N ASP C 302 4.60 -13.25 -2.66
CA ASP C 302 5.25 -13.34 -1.36
C ASP C 302 4.64 -12.26 -0.47
N CYS C 303 3.87 -12.74 0.51
CA CYS C 303 3.23 -12.02 1.61
C CYS C 303 3.94 -12.45 2.87
N PRO C 304 4.94 -11.73 3.34
CA PRO C 304 5.68 -12.18 4.53
C PRO C 304 4.82 -12.12 5.77
N ILE C 305 5.06 -13.10 6.64
CA ILE C 305 4.21 -13.37 7.80
C ILE C 305 4.15 -12.15 8.71
N MET D 1 -17.58 37.80 -67.50
CA MET D 1 -18.65 36.88 -67.10
C MET D 1 -18.32 36.14 -65.80
N THR D 2 -19.11 36.39 -64.77
CA THR D 2 -18.89 35.74 -63.48
C THR D 2 -19.08 34.23 -63.61
N ASN D 3 -18.12 33.46 -63.11
CA ASN D 3 -18.21 32.01 -63.10
C ASN D 3 -18.63 31.58 -61.71
N GLN D 4 -19.92 31.39 -61.52
CA GLN D 4 -20.46 31.04 -60.22
C GLN D 4 -20.43 29.54 -60.01
N TYR D 5 -20.38 29.14 -58.74
CA TYR D 5 -20.39 27.72 -58.42
C TYR D 5 -21.72 27.12 -58.85
N GLY D 6 -21.67 26.11 -59.72
CA GLY D 6 -22.86 25.52 -60.29
C GLY D 6 -23.01 24.04 -59.98
N ILE D 7 -24.26 23.59 -59.89
CA ILE D 7 -24.53 22.20 -59.54
C ILE D 7 -23.94 21.28 -60.61
N LEU D 8 -24.27 21.55 -61.87
CA LEU D 8 -23.50 21.06 -63.02
C LEU D 8 -23.65 19.56 -63.25
N PHE D 9 -24.28 18.86 -62.31
CA PHE D 9 -24.57 17.44 -62.45
C PHE D 9 -25.40 16.96 -61.28
N LYS D 10 -26.19 15.92 -61.50
CA LYS D 10 -26.78 15.15 -60.43
C LYS D 10 -26.93 13.72 -60.93
N GLN D 11 -26.59 12.76 -60.08
CA GLN D 11 -26.70 11.34 -60.43
C GLN D 11 -27.73 10.68 -59.52
N GLU D 12 -28.85 10.24 -60.10
CA GLU D 12 -30.04 9.93 -59.31
C GLU D 12 -29.84 8.69 -58.46
N GLN D 13 -29.37 7.60 -59.05
CA GLN D 13 -29.21 6.33 -58.33
C GLN D 13 -27.79 5.82 -58.57
N ALA D 14 -26.85 6.26 -57.74
CA ALA D 14 -25.50 5.75 -57.87
C ALA D 14 -25.39 4.33 -57.31
N HIS D 15 -25.99 4.11 -56.15
CA HIS D 15 -25.96 2.84 -55.45
C HIS D 15 -27.39 2.44 -55.09
N ASP D 16 -27.53 1.25 -54.57
CA ASP D 16 -28.84 0.78 -54.14
C ASP D 16 -29.18 1.22 -52.72
N ASP D 17 -28.19 1.66 -51.95
CA ASP D 17 -28.46 2.21 -50.62
C ASP D 17 -27.45 3.33 -50.33
N ALA D 18 -27.42 3.77 -49.07
CA ALA D 18 -26.70 4.97 -48.68
C ALA D 18 -25.23 4.90 -49.10
N ILE D 19 -24.63 6.06 -49.32
CA ILE D 19 -23.24 6.15 -49.77
C ILE D 19 -22.42 6.77 -48.65
N TRP D 20 -21.25 6.19 -48.39
CA TRP D 20 -20.49 6.54 -47.21
C TRP D 20 -19.08 7.03 -47.49
N SER D 21 -18.45 6.61 -48.58
CA SER D 21 -17.11 7.10 -48.84
C SER D 21 -16.90 7.40 -50.32
N VAL D 22 -16.25 8.53 -50.59
CA VAL D 22 -15.96 9.00 -51.93
C VAL D 22 -14.51 9.46 -52.00
N ALA D 23 -13.79 9.02 -53.02
CA ALA D 23 -12.44 9.48 -53.26
C ALA D 23 -12.32 9.92 -54.71
N TRP D 24 -11.66 11.06 -54.92
CA TRP D 24 -11.40 11.59 -56.26
C TRP D 24 -9.90 11.59 -56.49
N GLY D 25 -9.44 10.79 -57.45
CA GLY D 25 -8.06 10.73 -57.83
C GLY D 25 -7.75 11.16 -59.25
N THR D 26 -7.01 12.27 -59.40
CA THR D 26 -6.41 12.59 -60.69
C THR D 26 -5.05 11.91 -60.79
N ASN D 27 -5.07 10.60 -60.55
CA ASN D 27 -3.84 9.81 -60.56
C ASN D 27 -3.22 9.77 -61.94
N LYS D 28 -4.00 9.39 -62.95
CA LYS D 28 -3.52 9.35 -64.31
C LYS D 28 -3.69 10.71 -64.98
N LYS D 29 -2.59 11.18 -65.58
CA LYS D 29 -2.61 12.45 -66.29
C LYS D 29 -3.55 12.40 -67.50
N GLU D 30 -3.76 11.21 -68.05
CA GLU D 30 -4.68 11.02 -69.15
C GLU D 30 -6.11 11.04 -68.62
N ASN D 31 -7.09 10.76 -69.49
CA ASN D 31 -8.50 10.89 -69.14
C ASN D 31 -8.88 9.70 -68.25
N SER D 32 -8.48 9.80 -66.98
CA SER D 32 -8.90 8.83 -65.98
C SER D 32 -9.80 9.45 -64.93
N GLU D 33 -9.36 10.51 -64.25
CA GLU D 33 -10.16 11.24 -63.28
C GLU D 33 -10.96 10.27 -62.41
N THR D 34 -10.27 9.26 -61.90
CA THR D 34 -10.95 8.15 -61.26
C THR D 34 -11.71 8.59 -60.02
N VAL D 35 -12.96 8.13 -59.90
CA VAL D 35 -13.76 8.40 -58.71
C VAL D 35 -14.21 7.05 -58.16
N VAL D 36 -14.00 6.84 -56.87
CA VAL D 36 -14.29 5.55 -56.25
C VAL D 36 -15.23 5.78 -55.08
N THR D 37 -16.24 4.92 -54.96
CA THR D 37 -17.22 5.09 -53.89
C THR D 37 -17.59 3.78 -53.22
N GLY D 38 -17.74 3.86 -51.89
CA GLY D 38 -18.23 2.76 -51.06
C GLY D 38 -19.56 3.15 -50.44
N SER D 39 -20.51 2.19 -50.41
CA SER D 39 -21.88 2.60 -50.15
C SER D 39 -22.70 1.64 -49.29
N LEU D 40 -22.09 0.92 -48.34
CA LEU D 40 -22.89 0.17 -47.38
C LEU D 40 -23.57 -1.05 -47.98
N ASP D 41 -23.46 -1.22 -49.28
CA ASP D 41 -24.03 -2.38 -49.97
C ASP D 41 -22.99 -3.42 -50.32
N ASP D 42 -21.79 -3.33 -49.74
CA ASP D 42 -20.69 -4.24 -50.01
C ASP D 42 -20.18 -4.11 -51.44
N LEU D 43 -20.33 -2.92 -52.02
CA LEU D 43 -19.87 -2.66 -53.38
C LEU D 43 -18.97 -1.44 -53.40
N VAL D 44 -17.83 -1.58 -54.06
CA VAL D 44 -16.94 -0.47 -54.34
C VAL D 44 -17.03 -0.21 -55.84
N LYS D 45 -17.51 0.97 -56.22
CA LYS D 45 -17.68 1.26 -57.63
C LYS D 45 -16.64 2.25 -58.10
N VAL D 46 -16.07 1.94 -59.26
CA VAL D 46 -15.11 2.77 -59.95
C VAL D 46 -15.83 3.45 -61.11
N TRP D 47 -15.77 4.77 -61.12
CA TRP D 47 -16.40 5.68 -62.06
C TRP D 47 -15.32 6.48 -62.76
N LYS D 48 -15.61 6.94 -63.97
CA LYS D 48 -14.70 7.85 -64.65
C LYS D 48 -15.41 9.11 -65.10
N TRP D 49 -14.68 10.23 -65.04
CA TRP D 49 -15.17 11.55 -65.42
C TRP D 49 -14.77 11.77 -66.87
N ARG D 50 -15.64 11.38 -67.81
CA ARG D 50 -15.18 11.25 -69.19
C ARG D 50 -15.10 12.59 -69.90
N ASP D 51 -16.25 13.24 -70.12
CA ASP D 51 -16.27 14.59 -70.64
C ASP D 51 -16.96 15.56 -69.71
N GLU D 52 -18.19 15.25 -69.30
CA GLU D 52 -18.95 16.11 -68.41
C GLU D 52 -19.75 15.29 -67.39
N ARG D 53 -19.51 13.98 -67.30
CA ARG D 53 -20.42 13.10 -66.59
C ARG D 53 -19.63 11.93 -66.01
N LEU D 54 -20.33 11.08 -65.27
CA LEU D 54 -19.77 9.87 -64.70
C LEU D 54 -20.31 8.65 -65.43
N ASP D 55 -19.40 7.81 -65.91
CA ASP D 55 -19.77 6.54 -66.49
C ASP D 55 -19.11 5.48 -65.64
N LEU D 56 -19.91 4.54 -65.15
CA LEU D 56 -19.36 3.54 -64.25
C LEU D 56 -18.32 2.72 -65.00
N GLN D 57 -17.21 2.43 -64.33
CA GLN D 57 -16.22 1.58 -64.96
C GLN D 57 -16.48 0.15 -64.55
N TRP D 58 -16.52 -0.09 -63.24
CA TRP D 58 -16.99 -1.39 -62.78
C TRP D 58 -17.30 -1.33 -61.30
N SER D 59 -18.10 -2.29 -60.85
CA SER D 59 -18.46 -2.41 -59.46
C SER D 59 -17.90 -3.74 -58.98
N LEU D 60 -17.07 -3.68 -57.95
CA LEU D 60 -16.30 -4.81 -57.48
C LEU D 60 -16.60 -5.00 -56.01
N GLU D 61 -16.46 -6.23 -55.54
CA GLU D 61 -17.13 -6.57 -54.29
C GLU D 61 -16.32 -7.61 -53.53
N GLY D 62 -16.92 -8.08 -52.45
CA GLY D 62 -16.31 -8.87 -51.42
C GLY D 62 -16.18 -7.95 -50.24
N HIS D 63 -17.16 -8.01 -49.35
CA HIS D 63 -17.21 -7.20 -48.14
C HIS D 63 -18.35 -7.74 -47.31
N GLN D 64 -18.16 -7.88 -46.01
CA GLN D 64 -19.22 -8.52 -45.26
C GLN D 64 -20.30 -7.50 -44.87
N LEU D 65 -19.92 -6.51 -44.08
CA LEU D 65 -20.85 -5.46 -43.70
C LEU D 65 -20.54 -4.22 -44.53
N GLY D 66 -21.23 -3.12 -44.21
CA GLY D 66 -21.08 -1.91 -45.00
C GLY D 66 -19.64 -1.44 -45.06
N VAL D 67 -19.31 -0.77 -46.16
CA VAL D 67 -17.97 -0.21 -46.34
C VAL D 67 -17.89 1.13 -45.64
N VAL D 68 -16.77 1.38 -44.97
CA VAL D 68 -16.61 2.54 -44.13
C VAL D 68 -15.62 3.54 -44.72
N SER D 69 -14.56 3.07 -45.38
CA SER D 69 -13.62 4.05 -45.90
C SER D 69 -12.91 3.53 -47.14
N VAL D 70 -12.72 4.41 -48.11
CA VAL D 70 -11.97 4.10 -49.31
C VAL D 70 -10.96 5.21 -49.56
N ASP D 71 -9.86 4.85 -50.20
CA ASP D 71 -8.83 5.85 -50.52
C ASP D 71 -8.15 5.48 -51.84
N ILE D 72 -7.74 6.51 -52.56
CA ILE D 72 -7.09 6.39 -53.85
C ILE D 72 -5.69 6.99 -53.78
N SER D 73 -4.73 6.29 -54.38
CA SER D 73 -3.33 6.71 -54.31
C SER D 73 -2.93 7.54 -55.51
N HIS D 74 -2.18 8.61 -55.25
CA HIS D 74 -1.75 9.48 -56.33
C HIS D 74 -0.57 8.87 -57.09
N THR D 75 0.42 8.37 -56.36
CA THR D 75 1.64 7.87 -57.00
C THR D 75 1.33 6.68 -57.89
N LEU D 76 0.84 5.61 -57.31
CA LEU D 76 0.52 4.48 -58.16
C LEU D 76 -0.98 4.37 -58.37
N PRO D 77 -1.43 3.78 -59.48
CA PRO D 77 -2.85 3.46 -59.58
C PRO D 77 -3.19 2.28 -58.69
N ILE D 78 -3.83 2.56 -57.56
CA ILE D 78 -4.15 1.51 -56.60
C ILE D 78 -5.18 2.06 -55.62
N ALA D 79 -6.12 1.22 -55.16
CA ALA D 79 -7.11 1.71 -54.22
C ALA D 79 -7.10 0.81 -52.98
N ALA D 80 -7.67 1.32 -51.90
CA ALA D 80 -7.75 0.55 -50.68
C ALA D 80 -9.08 0.82 -50.01
N SER D 81 -9.70 -0.23 -49.48
CA SER D 81 -11.01 -0.08 -48.88
C SER D 81 -11.14 -0.92 -47.62
N SER D 82 -11.73 -0.32 -46.59
CA SER D 82 -12.03 -0.97 -45.33
C SER D 82 -13.53 -0.93 -45.08
N SER D 83 -14.01 -1.97 -44.39
CA SER D 83 -15.42 -2.15 -44.09
C SER D 83 -15.64 -2.37 -42.60
N LEU D 84 -16.86 -2.73 -42.23
CA LEU D 84 -17.22 -2.90 -40.83
C LEU D 84 -16.69 -4.19 -40.21
N ASP D 85 -16.30 -5.17 -41.02
CA ASP D 85 -15.74 -6.40 -40.48
C ASP D 85 -14.23 -6.35 -40.34
N ALA D 86 -13.65 -5.16 -40.34
CA ALA D 86 -12.21 -4.97 -40.15
C ALA D 86 -11.42 -5.87 -41.10
N HIS D 87 -11.63 -5.67 -42.39
CA HIS D 87 -10.97 -6.45 -43.43
C HIS D 87 -10.70 -5.54 -44.61
N ILE D 88 -9.43 -5.44 -45.00
CA ILE D 88 -8.96 -4.42 -45.91
C ILE D 88 -8.64 -5.06 -47.25
N ARG D 89 -9.09 -4.44 -48.33
CA ARG D 89 -8.80 -4.90 -49.68
C ARG D 89 -8.00 -3.86 -50.45
N LEU D 90 -7.13 -4.36 -51.33
CA LEU D 90 -6.38 -3.54 -52.27
C LEU D 90 -6.84 -3.82 -53.70
N TRP D 91 -7.17 -2.76 -54.43
CA TRP D 91 -7.75 -2.85 -55.76
C TRP D 91 -6.80 -2.39 -56.86
N ASP D 92 -6.77 -3.18 -57.94
CA ASP D 92 -5.87 -3.00 -59.08
C ASP D 92 -6.16 -1.73 -59.87
N LEU D 93 -7.44 -1.35 -59.98
CA LEU D 93 -7.89 -0.21 -60.77
C LEU D 93 -7.63 -0.39 -62.26
N GLU D 94 -7.34 -1.60 -62.69
CA GLU D 94 -7.29 -1.90 -64.11
C GLU D 94 -8.05 -3.14 -64.48
N ASN D 95 -8.26 -4.06 -63.55
CA ASN D 95 -9.06 -5.25 -63.79
C ASN D 95 -10.06 -5.51 -62.68
N GLY D 96 -9.92 -4.83 -61.54
CA GLY D 96 -10.76 -5.13 -60.41
C GLY D 96 -10.43 -6.52 -59.92
N LYS D 97 -9.21 -6.73 -59.42
CA LYS D 97 -8.74 -8.08 -59.19
C LYS D 97 -8.19 -8.35 -57.81
N GLN D 98 -8.24 -7.38 -56.89
CA GLN D 98 -7.95 -7.65 -55.48
C GLN D 98 -6.54 -8.23 -55.30
N ILE D 99 -5.55 -7.42 -55.63
CA ILE D 99 -4.16 -7.85 -55.49
C ILE D 99 -3.94 -8.50 -54.12
N LYS D 100 -4.30 -7.81 -53.05
CA LYS D 100 -4.06 -8.34 -51.70
C LYS D 100 -5.27 -8.04 -50.82
N SER D 101 -5.46 -8.90 -49.81
CA SER D 101 -6.56 -8.81 -48.85
C SER D 101 -5.98 -8.86 -47.44
N ILE D 102 -5.64 -7.70 -46.89
CA ILE D 102 -5.11 -7.66 -45.54
C ILE D 102 -6.23 -7.98 -44.57
N ASP D 103 -6.08 -9.09 -43.85
CA ASP D 103 -7.05 -9.43 -42.83
C ASP D 103 -6.82 -8.56 -41.60
N ALA D 104 -7.66 -8.76 -40.58
CA ALA D 104 -7.49 -8.03 -39.35
C ALA D 104 -8.42 -8.65 -38.31
N GLY D 105 -7.98 -8.60 -37.06
CA GLY D 105 -8.72 -9.20 -35.98
C GLY D 105 -9.95 -8.38 -35.69
N PRO D 106 -10.66 -8.74 -34.62
CA PRO D 106 -11.87 -8.00 -34.28
C PRO D 106 -11.65 -6.51 -34.10
N VAL D 107 -10.54 -6.09 -33.52
CA VAL D 107 -10.25 -4.68 -33.33
C VAL D 107 -8.88 -4.38 -33.93
N ASP D 108 -8.84 -4.06 -35.22
CA ASP D 108 -7.62 -3.54 -35.82
C ASP D 108 -7.80 -2.21 -36.52
N ALA D 109 -8.82 -2.12 -37.37
CA ALA D 109 -8.88 -1.06 -38.38
C ALA D 109 -10.30 -0.55 -38.57
N TRP D 110 -10.43 0.77 -38.63
CA TRP D 110 -11.69 1.45 -38.89
C TRP D 110 -11.68 2.24 -40.20
N THR D 111 -10.69 3.10 -40.39
CA THR D 111 -10.58 3.97 -41.55
C THR D 111 -9.17 3.88 -42.12
N LEU D 112 -8.96 4.48 -43.30
CA LEU D 112 -7.70 4.31 -44.03
C LEU D 112 -7.20 5.64 -44.56
N ALA D 113 -5.88 5.67 -44.82
CA ALA D 113 -5.21 6.77 -45.52
C ALA D 113 -3.82 6.35 -45.96
N PHE D 114 -3.46 6.59 -47.22
CA PHE D 114 -2.14 6.23 -47.72
C PHE D 114 -1.06 7.19 -47.25
N SER D 115 0.19 6.75 -47.40
CA SER D 115 1.39 7.56 -47.29
C SER D 115 1.60 8.30 -48.61
N PRO D 116 2.29 9.44 -48.59
CA PRO D 116 2.42 10.24 -49.82
C PRO D 116 3.03 9.42 -50.95
N ASP D 117 3.94 8.51 -50.60
CA ASP D 117 4.52 7.58 -51.54
C ASP D 117 3.78 6.26 -51.58
N SER D 118 2.59 6.19 -50.98
CA SER D 118 1.76 5.00 -51.00
C SER D 118 2.52 3.79 -50.48
N GLN D 119 2.91 3.87 -49.21
CA GLN D 119 3.68 2.79 -48.61
C GLN D 119 3.18 2.30 -47.27
N TYR D 120 2.40 3.07 -46.53
CA TYR D 120 2.16 2.74 -45.14
C TYR D 120 0.70 2.51 -44.78
N LEU D 121 -0.23 3.27 -45.35
CA LEU D 121 -1.66 3.00 -45.18
C LEU D 121 -2.04 2.96 -43.70
N ALA D 122 -1.90 4.12 -43.05
CA ALA D 122 -2.25 4.22 -41.65
C ALA D 122 -3.75 4.04 -41.45
N THR D 123 -4.11 3.46 -40.31
CA THR D 123 -5.50 3.13 -40.03
C THR D 123 -5.78 3.22 -38.54
N GLY D 124 -7.02 3.58 -38.21
CA GLY D 124 -7.41 3.69 -36.82
C GLY D 124 -7.76 2.34 -36.22
N THR D 125 -8.16 2.37 -34.95
CA THR D 125 -8.46 1.15 -34.21
C THR D 125 -9.46 1.46 -33.10
N HIS D 126 -10.36 0.51 -32.83
CA HIS D 126 -11.42 0.74 -31.86
C HIS D 126 -10.88 1.08 -30.48
N VAL D 127 -9.67 0.64 -30.16
CA VAL D 127 -9.16 0.80 -28.80
C VAL D 127 -7.96 1.75 -28.75
N GLY D 128 -7.75 2.57 -29.77
CA GLY D 128 -6.80 3.66 -29.70
C GLY D 128 -5.53 3.46 -30.51
N LYS D 129 -5.19 2.23 -30.88
CA LYS D 129 -3.97 2.06 -31.65
C LYS D 129 -4.10 2.64 -33.04
N VAL D 130 -2.96 3.00 -33.62
CA VAL D 130 -2.92 3.61 -34.94
C VAL D 130 -2.02 2.77 -35.83
N ASN D 131 -2.01 1.45 -35.61
CA ASN D 131 -1.02 0.58 -36.23
C ASN D 131 -0.99 0.74 -37.75
N ILE D 132 0.20 0.55 -38.33
CA ILE D 132 0.47 0.86 -39.72
C ILE D 132 0.84 -0.42 -40.45
N PHE D 133 0.20 -0.66 -41.60
CA PHE D 133 0.38 -1.85 -42.42
C PHE D 133 1.12 -1.43 -43.69
N GLY D 134 2.37 -1.86 -43.82
CA GLY D 134 3.15 -1.46 -44.98
C GLY D 134 2.48 -1.93 -46.26
N VAL D 135 2.45 -1.05 -47.25
CA VAL D 135 1.67 -1.31 -48.46
C VAL D 135 2.36 -2.38 -49.29
N GLU D 136 1.61 -3.39 -49.69
CA GLU D 136 1.99 -4.32 -50.76
C GLU D 136 3.15 -5.21 -50.35
N SER D 137 3.72 -4.96 -49.19
CA SER D 137 4.84 -5.81 -48.82
C SER D 137 4.71 -6.40 -47.42
N GLY D 138 4.17 -5.65 -46.47
CA GLY D 138 4.23 -6.04 -45.08
C GLY D 138 2.89 -5.90 -44.41
N LYS D 139 2.78 -6.56 -43.26
CA LYS D 139 1.56 -6.53 -42.47
C LYS D 139 1.93 -6.15 -41.06
N LYS D 140 1.28 -5.14 -40.52
CA LYS D 140 1.56 -4.66 -39.18
C LYS D 140 3.04 -4.35 -39.02
N GLU D 141 3.52 -3.38 -39.80
CA GLU D 141 4.93 -3.02 -39.72
C GLU D 141 5.27 -2.59 -38.30
N TYR D 142 4.45 -1.73 -37.72
CA TYR D 142 4.56 -1.39 -36.30
C TYR D 142 3.23 -0.78 -35.87
N SER D 143 3.07 -0.65 -34.56
CA SER D 143 1.82 -0.19 -33.97
C SER D 143 2.12 0.98 -33.04
N LEU D 144 1.77 2.17 -33.49
CA LEU D 144 1.91 3.38 -32.69
C LEU D 144 0.66 3.51 -31.83
N ASP D 145 0.83 3.53 -30.51
CA ASP D 145 -0.32 3.50 -29.63
C ASP D 145 -0.26 4.55 -28.54
N THR D 146 -1.45 4.90 -28.06
CA THR D 146 -1.66 5.78 -26.92
C THR D 146 -2.61 5.10 -25.95
N ARG D 147 -3.05 5.81 -24.93
CA ARG D 147 -4.11 5.35 -24.04
C ARG D 147 -5.28 6.30 -24.22
N GLY D 148 -6.43 5.76 -24.63
CA GLY D 148 -7.54 6.61 -24.97
C GLY D 148 -8.69 5.80 -25.53
N LYS D 149 -9.68 6.54 -26.01
CA LYS D 149 -10.95 5.98 -26.44
C LYS D 149 -10.89 5.61 -27.92
N PHE D 150 -12.05 5.27 -28.49
CA PHE D 150 -12.20 5.03 -29.91
C PHE D 150 -11.60 6.17 -30.72
N ILE D 151 -11.05 5.83 -31.88
CA ILE D 151 -10.46 6.82 -32.77
C ILE D 151 -11.19 6.71 -34.11
N LEU D 152 -12.14 7.61 -34.30
CA LEU D 152 -12.99 7.61 -35.49
C LEU D 152 -12.19 8.00 -36.71
N SER D 153 -11.59 9.18 -36.66
CA SER D 153 -11.03 9.87 -37.80
C SER D 153 -9.53 9.98 -37.66
N ILE D 154 -8.84 9.86 -38.79
CA ILE D 154 -7.39 9.85 -38.84
C ILE D 154 -6.97 10.76 -39.97
N ALA D 155 -6.00 11.63 -39.73
CA ALA D 155 -5.50 12.48 -40.77
C ALA D 155 -4.02 12.18 -40.97
N TYR D 156 -3.54 12.41 -42.18
CA TYR D 156 -2.14 12.16 -42.48
C TYR D 156 -1.59 13.44 -43.10
N SER D 157 -0.42 13.88 -42.65
CA SER D 157 0.13 15.10 -43.22
C SER D 157 0.66 14.83 -44.63
N PRO D 158 0.53 15.80 -45.54
CA PRO D 158 0.99 15.61 -46.92
C PRO D 158 2.49 15.45 -47.06
N ASP D 159 3.26 16.36 -46.46
CA ASP D 159 4.72 16.29 -46.57
C ASP D 159 5.28 15.11 -45.78
N GLY D 160 4.86 14.96 -44.53
CA GLY D 160 5.33 13.87 -43.71
C GLY D 160 5.55 14.23 -42.25
N LYS D 161 6.05 13.25 -41.50
CA LYS D 161 6.45 13.38 -40.09
C LYS D 161 5.33 14.04 -39.26
N TYR D 162 4.08 13.75 -39.64
CA TYR D 162 2.91 14.15 -38.86
C TYR D 162 1.81 13.13 -39.12
N LEU D 163 1.02 12.86 -38.09
CA LEU D 163 -0.10 11.93 -38.17
C LEU D 163 -1.09 12.34 -37.09
N ALA D 164 -2.20 12.93 -37.51
CA ALA D 164 -3.20 13.43 -36.59
C ALA D 164 -4.32 12.40 -36.42
N SER D 165 -4.74 12.20 -35.18
CA SER D 165 -5.67 11.13 -34.83
C SER D 165 -6.77 11.68 -33.93
N GLY D 166 -7.96 11.80 -34.50
CA GLY D 166 -9.13 12.19 -33.74
C GLY D 166 -9.65 11.05 -32.86
N ALA D 167 -10.44 11.41 -31.86
CA ALA D 167 -10.96 10.43 -30.91
C ALA D 167 -12.43 10.67 -30.64
N ILE D 168 -13.08 9.62 -30.12
CA ILE D 168 -14.52 9.67 -29.87
C ILE D 168 -14.85 10.66 -28.76
N ASP D 169 -13.99 10.79 -27.75
CA ASP D 169 -14.23 11.78 -26.71
C ASP D 169 -14.12 13.19 -27.25
N GLY D 170 -13.28 13.39 -28.24
CA GLY D 170 -13.16 14.68 -28.88
C GLY D 170 -11.79 15.30 -28.71
N ILE D 171 -10.76 14.47 -28.58
CA ILE D 171 -9.40 14.93 -28.40
C ILE D 171 -8.55 14.45 -29.57
N ILE D 172 -7.56 15.25 -29.93
CA ILE D 172 -6.69 14.99 -31.07
C ILE D 172 -5.28 14.71 -30.56
N ASN D 173 -4.65 13.67 -31.10
CA ASN D 173 -3.26 13.40 -30.80
C ASN D 173 -2.46 13.38 -32.10
N ILE D 174 -1.35 14.12 -32.13
CA ILE D 174 -0.52 14.19 -33.33
C ILE D 174 0.83 13.57 -33.05
N PHE D 175 1.20 12.58 -33.85
CA PHE D 175 2.42 11.81 -33.71
C PHE D 175 3.25 11.99 -34.96
N ASP D 176 4.55 12.24 -34.81
CA ASP D 176 5.40 12.33 -35.98
C ASP D 176 5.75 10.94 -36.50
N ILE D 177 5.49 10.72 -37.80
CA ILE D 177 5.61 9.39 -38.34
C ILE D 177 7.06 8.94 -38.39
N ALA D 178 8.00 9.89 -38.29
CA ALA D 178 9.41 9.55 -38.38
C ALA D 178 9.80 8.54 -37.30
N THR D 179 9.48 8.87 -36.04
CA THR D 179 9.85 8.02 -34.92
C THR D 179 8.67 7.59 -34.05
N GLY D 180 7.55 8.31 -34.07
CA GLY D 180 6.45 7.98 -33.20
C GLY D 180 6.35 8.76 -31.91
N LYS D 181 7.04 9.89 -31.79
CA LYS D 181 7.03 10.64 -30.54
C LYS D 181 5.87 11.63 -30.54
N LEU D 182 4.89 11.39 -29.68
CA LEU D 182 3.74 12.28 -29.55
C LEU D 182 4.20 13.72 -29.36
N LEU D 183 3.83 14.59 -30.30
CA LEU D 183 4.33 15.96 -30.20
C LEU D 183 3.62 16.71 -29.09
N HIS D 184 2.30 16.89 -29.22
CA HIS D 184 1.48 17.39 -28.12
C HIS D 184 0.02 17.08 -28.42
N THR D 185 -0.74 16.84 -27.36
CA THR D 185 -2.14 16.43 -27.44
C THR D 185 -3.05 17.65 -27.33
N LEU D 186 -3.97 17.78 -28.28
CA LEU D 186 -4.90 18.90 -28.32
C LEU D 186 -6.23 18.42 -27.75
N GLU D 187 -6.77 19.18 -26.80
CA GLU D 187 -8.00 18.77 -26.14
C GLU D 187 -9.14 18.66 -27.13
N GLY D 188 -9.21 19.56 -28.10
CA GLY D 188 -10.22 19.45 -29.14
C GLY D 188 -11.62 19.82 -28.63
N HIS D 189 -12.50 18.83 -28.61
CA HIS D 189 -13.89 19.08 -28.25
C HIS D 189 -14.34 18.14 -27.13
N ALA D 190 -15.63 18.15 -26.82
CA ALA D 190 -16.23 17.19 -25.91
C ALA D 190 -17.20 16.26 -26.62
N MET D 191 -17.12 16.19 -27.95
CA MET D 191 -17.95 15.35 -28.78
C MET D 191 -17.08 14.80 -29.90
N PRO D 192 -17.50 13.71 -30.54
CA PRO D 192 -16.66 13.07 -31.55
C PRO D 192 -16.27 13.99 -32.69
N ILE D 193 -15.32 13.51 -33.50
CA ILE D 193 -14.64 14.31 -34.51
C ILE D 193 -15.11 13.96 -35.92
N ARG D 194 -14.90 12.70 -36.32
CA ARG D 194 -15.40 12.12 -37.57
C ARG D 194 -14.65 12.61 -38.80
N SER D 195 -13.74 13.57 -38.64
CA SER D 195 -12.97 14.02 -39.78
C SER D 195 -11.82 14.90 -39.31
N LEU D 196 -10.64 14.69 -39.90
CA LEU D 196 -9.47 15.50 -39.65
C LEU D 196 -8.76 15.75 -40.96
N THR D 197 -8.46 17.00 -41.25
CA THR D 197 -7.78 17.34 -42.49
C THR D 197 -6.67 18.34 -42.24
N PHE D 198 -5.53 18.10 -42.90
CA PHE D 198 -4.42 19.04 -42.92
C PHE D 198 -4.60 19.97 -44.12
N SER D 199 -3.57 20.74 -44.42
CA SER D 199 -3.56 21.60 -45.59
C SER D 199 -2.40 21.22 -46.48
N PRO D 200 -2.48 21.50 -47.77
CA PRO D 200 -1.27 21.47 -48.60
C PRO D 200 -0.28 22.46 -48.05
N ASP D 201 1.00 22.11 -48.09
CA ASP D 201 2.03 22.86 -47.38
C ASP D 201 1.69 22.91 -45.89
N SER D 202 1.69 21.72 -45.30
CA SER D 202 0.87 21.47 -44.12
C SER D 202 1.37 22.18 -42.88
N GLN D 203 0.82 23.35 -42.64
CA GLN D 203 1.10 24.12 -41.45
C GLN D 203 -0.15 24.41 -40.65
N LEU D 204 -1.33 24.20 -41.24
CA LEU D 204 -2.61 24.46 -40.61
C LEU D 204 -3.42 23.18 -40.62
N LEU D 205 -4.05 22.86 -39.49
CA LEU D 205 -4.83 21.64 -39.31
C LEU D 205 -6.27 22.00 -38.95
N VAL D 206 -7.22 21.48 -39.71
CA VAL D 206 -8.64 21.78 -39.53
C VAL D 206 -9.36 20.55 -38.99
N THR D 207 -10.14 20.74 -37.94
CA THR D 207 -10.86 19.66 -37.27
C THR D 207 -12.36 19.89 -37.36
N ALA D 208 -13.09 18.82 -37.69
CA ALA D 208 -14.55 18.82 -37.73
C ALA D 208 -15.09 18.18 -36.47
N SER D 209 -16.21 18.68 -35.97
CA SER D 209 -16.73 18.27 -34.69
C SER D 209 -18.10 17.61 -34.85
N ASP D 210 -18.57 16.99 -33.77
CA ASP D 210 -19.91 16.43 -33.77
C ASP D 210 -20.94 17.38 -33.17
N ASP D 211 -20.53 18.55 -32.70
CA ASP D 211 -21.47 19.56 -32.23
C ASP D 211 -21.74 20.63 -33.27
N GLY D 212 -21.17 20.50 -34.47
CA GLY D 212 -21.33 21.47 -35.52
C GLY D 212 -20.23 22.51 -35.64
N TYR D 213 -19.34 22.61 -34.65
CA TYR D 213 -18.28 23.58 -34.76
C TYR D 213 -17.11 23.02 -35.57
N ILE D 214 -16.32 23.94 -36.14
CA ILE D 214 -15.11 23.58 -36.88
C ILE D 214 -13.97 24.39 -36.30
N LYS D 215 -12.85 23.74 -36.00
CA LYS D 215 -11.73 24.39 -35.32
C LYS D 215 -10.50 24.41 -36.20
N ILE D 216 -9.81 25.54 -36.21
CA ILE D 216 -8.57 25.72 -36.96
C ILE D 216 -7.41 25.77 -35.97
N TYR D 217 -6.37 24.99 -36.24
CA TYR D 217 -5.22 24.87 -35.37
C TYR D 217 -3.96 25.09 -36.19
N ASP D 218 -2.90 25.53 -35.53
CA ASP D 218 -1.59 25.73 -36.16
C ASP D 218 -0.66 24.64 -35.68
N VAL D 219 0.02 23.99 -36.63
CA VAL D 219 0.75 22.77 -36.32
C VAL D 219 1.83 23.04 -35.28
N GLN D 220 2.44 24.23 -35.32
CA GLN D 220 3.54 24.57 -34.43
C GLN D 220 3.15 24.61 -32.95
N HIS D 221 1.87 24.67 -32.64
CA HIS D 221 1.43 24.81 -31.24
C HIS D 221 0.09 24.08 -31.11
N ALA D 222 -0.62 24.35 -30.02
CA ALA D 222 -1.99 23.92 -29.84
C ALA D 222 -2.92 25.12 -29.77
N ASN D 223 -2.63 26.12 -30.61
CA ASN D 223 -3.36 27.36 -30.68
C ASN D 223 -4.65 27.19 -31.49
N LEU D 224 -5.80 27.22 -30.82
CA LEU D 224 -7.10 27.14 -31.48
C LEU D 224 -7.41 28.48 -32.15
N ALA D 225 -6.70 28.72 -33.25
CA ALA D 225 -6.77 29.99 -33.97
C ALA D 225 -8.04 30.18 -34.76
N GLY D 226 -9.06 29.34 -34.68
CA GLY D 226 -10.27 29.56 -35.45
C GLY D 226 -11.44 28.80 -34.88
N THR D 227 -12.64 29.21 -35.27
CA THR D 227 -13.86 28.52 -34.88
C THR D 227 -14.99 28.96 -35.79
N LEU D 228 -15.68 28.01 -36.40
CA LEU D 228 -16.69 28.29 -37.41
C LEU D 228 -18.01 27.68 -36.95
N SER D 229 -19.08 28.44 -37.07
CA SER D 229 -20.36 28.12 -36.44
C SER D 229 -21.51 28.32 -37.42
N GLY D 230 -21.38 27.82 -38.64
CA GLY D 230 -22.46 28.01 -39.60
C GLY D 230 -23.41 26.85 -39.73
N HIS D 231 -22.91 25.62 -39.62
CA HIS D 231 -23.73 24.43 -39.77
C HIS D 231 -24.59 24.23 -38.53
N ALA D 232 -25.86 23.91 -38.74
CA ALA D 232 -26.76 23.69 -37.62
C ALA D 232 -26.47 22.36 -36.94
N SER D 233 -26.58 21.26 -37.68
CA SER D 233 -26.34 19.93 -37.15
C SER D 233 -24.89 19.53 -37.35
N TRP D 234 -24.59 18.25 -37.10
CA TRP D 234 -23.22 17.75 -37.15
C TRP D 234 -22.58 18.04 -38.50
N VAL D 235 -21.26 18.02 -38.52
CA VAL D 235 -20.45 18.14 -39.74
C VAL D 235 -19.66 16.87 -39.90
N LEU D 236 -19.71 16.26 -41.09
CA LEU D 236 -19.11 14.94 -41.25
C LEU D 236 -17.76 14.95 -41.96
N ASN D 237 -17.57 15.72 -43.02
CA ASN D 237 -16.30 15.68 -43.75
C ASN D 237 -15.87 17.06 -44.20
N VAL D 238 -14.55 17.26 -44.19
CA VAL D 238 -13.93 18.51 -44.60
C VAL D 238 -12.75 18.18 -45.51
N ALA D 239 -12.67 18.87 -46.65
CA ALA D 239 -11.56 18.70 -47.57
C ALA D 239 -11.08 20.08 -48.03
N PHE D 240 -9.79 20.19 -48.32
CA PHE D 240 -9.21 21.41 -48.86
C PHE D 240 -9.08 21.35 -50.38
N CYS D 241 -8.44 22.35 -50.94
CA CYS D 241 -8.09 22.47 -52.36
C CYS D 241 -6.59 22.70 -52.44
N PRO D 242 -5.98 22.48 -53.62
CA PRO D 242 -4.51 22.53 -53.70
C PRO D 242 -3.90 23.88 -53.35
N ASP D 243 -4.73 24.88 -53.06
CA ASP D 243 -4.26 26.14 -52.52
C ASP D 243 -5.01 26.43 -51.23
N ASP D 244 -4.36 27.15 -50.32
CA ASP D 244 -4.94 27.40 -49.00
C ASP D 244 -5.86 28.62 -49.12
N THR D 245 -6.96 28.40 -49.83
CA THR D 245 -7.95 29.44 -50.08
C THR D 245 -9.33 29.09 -49.55
N HIS D 246 -9.76 27.84 -49.68
CA HIS D 246 -11.09 27.50 -49.19
C HIS D 246 -11.23 25.98 -49.12
N PHE D 247 -12.21 25.56 -48.32
CA PHE D 247 -12.47 24.15 -48.08
C PHE D 247 -13.97 23.93 -48.14
N VAL D 248 -14.36 22.68 -48.33
CA VAL D 248 -15.78 22.30 -48.38
C VAL D 248 -16.12 21.52 -47.12
N SER D 249 -17.33 21.75 -46.61
CA SER D 249 -17.83 21.05 -45.44
C SER D 249 -19.23 20.55 -45.72
N SER D 250 -19.56 19.40 -45.16
CA SER D 250 -20.79 18.67 -45.46
C SER D 250 -21.44 18.31 -44.14
N SER D 251 -22.37 19.14 -43.68
CA SER D 251 -23.00 18.86 -42.41
C SER D 251 -23.91 17.66 -42.51
N SER D 252 -24.46 17.28 -41.36
CA SER D 252 -25.52 16.30 -41.29
C SER D 252 -26.88 16.98 -41.32
N ASP D 253 -26.92 18.30 -41.48
CA ASP D 253 -28.16 19.04 -41.65
C ASP D 253 -28.44 19.33 -43.11
N LYS D 254 -28.00 18.42 -43.99
CA LYS D 254 -28.36 18.45 -45.40
C LYS D 254 -27.87 19.72 -46.09
N SER D 255 -26.75 20.26 -45.63
CA SER D 255 -26.19 21.48 -46.21
C SER D 255 -24.69 21.34 -46.38
N VAL D 256 -24.20 21.74 -47.55
CA VAL D 256 -22.77 21.79 -47.82
C VAL D 256 -22.34 23.25 -47.95
N LYS D 257 -21.47 23.69 -47.05
CA LYS D 257 -20.97 25.06 -47.04
C LYS D 257 -19.51 25.05 -47.45
N VAL D 258 -19.11 26.03 -48.26
CA VAL D 258 -17.72 26.17 -48.68
C VAL D 258 -17.15 27.38 -47.94
N TRP D 259 -16.31 27.10 -46.95
CA TRP D 259 -15.71 28.14 -46.13
C TRP D 259 -14.34 28.53 -46.68
N ASP D 260 -13.85 29.67 -46.20
CA ASP D 260 -12.58 30.22 -46.63
C ASP D 260 -11.72 30.45 -45.40
N VAL D 261 -10.43 30.14 -45.53
CA VAL D 261 -9.51 30.26 -44.40
C VAL D 261 -9.17 31.73 -44.16
N GLY D 262 -9.07 32.52 -45.22
CA GLY D 262 -8.60 33.89 -45.08
C GLY D 262 -9.53 34.72 -44.22
N THR D 263 -10.84 34.59 -44.44
CA THR D 263 -11.82 35.37 -43.70
C THR D 263 -12.64 34.55 -42.73
N ARG D 264 -12.58 33.21 -42.82
CA ARG D 264 -13.30 32.34 -41.88
C ARG D 264 -14.80 32.62 -41.88
N THR D 265 -15.36 32.76 -43.07
CA THR D 265 -16.80 32.90 -43.27
C THR D 265 -17.22 32.01 -44.43
N CYS D 266 -18.52 31.73 -44.48
CA CYS D 266 -19.06 30.86 -45.51
C CYS D 266 -19.24 31.67 -46.78
N VAL D 267 -18.35 31.46 -47.75
CA VAL D 267 -18.43 32.20 -49.00
C VAL D 267 -19.65 31.78 -49.81
N HIS D 268 -20.01 30.49 -49.77
CA HIS D 268 -21.14 30.02 -50.56
C HIS D 268 -21.73 28.79 -49.86
N THR D 269 -23.03 28.59 -50.03
CA THR D 269 -23.72 27.43 -49.49
C THR D 269 -24.59 26.79 -50.56
N PHE D 270 -24.61 25.46 -50.60
CA PHE D 270 -25.42 24.71 -51.54
C PHE D 270 -26.57 24.03 -50.82
N PHE D 271 -27.70 23.88 -51.51
CA PHE D 271 -28.90 23.26 -50.95
C PHE D 271 -29.34 22.14 -51.88
N ASP D 272 -28.88 20.92 -51.60
CA ASP D 272 -29.25 19.71 -52.33
C ASP D 272 -29.24 18.57 -51.32
N HIS D 273 -29.23 17.32 -51.80
CA HIS D 273 -29.03 16.17 -50.92
C HIS D 273 -30.11 16.12 -49.83
N GLN D 274 -31.32 15.82 -50.29
CA GLN D 274 -32.50 15.71 -49.44
C GLN D 274 -32.19 15.02 -48.11
N ASP D 275 -31.37 13.98 -48.10
CA ASP D 275 -30.90 13.38 -46.87
C ASP D 275 -29.45 13.82 -46.59
N GLN D 276 -28.98 13.52 -45.38
CA GLN D 276 -27.70 14.04 -44.92
C GLN D 276 -26.54 13.59 -45.80
N VAL D 277 -25.51 14.43 -45.88
CA VAL D 277 -24.35 14.22 -46.74
C VAL D 277 -23.25 13.57 -45.93
N TRP D 278 -22.62 12.53 -46.48
CA TRP D 278 -21.55 11.84 -45.76
C TRP D 278 -20.16 12.02 -46.34
N GLY D 279 -19.98 12.60 -47.51
CA GLY D 279 -18.63 12.77 -48.03
C GLY D 279 -18.49 13.93 -48.99
N VAL D 280 -17.30 14.52 -49.00
CA VAL D 280 -16.96 15.62 -49.89
C VAL D 280 -15.48 15.54 -50.23
N LYS D 281 -15.15 15.97 -51.45
CA LYS D 281 -13.79 15.88 -51.96
C LYS D 281 -13.60 16.89 -53.09
N TYR D 282 -12.33 17.15 -53.38
CA TYR D 282 -11.88 18.04 -54.45
C TYR D 282 -11.09 17.27 -55.49
N ASN D 283 -11.14 17.74 -56.73
CA ASN D 283 -10.43 17.09 -57.82
C ASN D 283 -8.95 17.53 -57.77
N GLY D 284 -8.20 17.18 -58.81
CA GLY D 284 -6.76 17.46 -58.88
C GLY D 284 -6.41 18.93 -58.73
N ASN D 285 -7.38 19.83 -58.84
CA ASN D 285 -7.18 21.25 -58.58
C ASN D 285 -8.41 21.76 -57.84
N GLY D 286 -8.54 23.07 -57.75
CA GLY D 286 -9.66 23.62 -57.02
C GLY D 286 -10.98 23.65 -57.77
N SER D 287 -11.01 23.19 -59.02
CA SER D 287 -12.18 23.41 -59.87
C SER D 287 -13.42 22.72 -59.31
N LYS D 288 -13.38 21.39 -59.20
CA LYS D 288 -14.60 20.60 -59.11
C LYS D 288 -14.73 19.97 -57.73
N ILE D 289 -15.98 19.81 -57.29
CA ILE D 289 -16.32 19.31 -55.96
C ILE D 289 -17.20 18.09 -56.10
N VAL D 290 -16.97 17.06 -55.30
CA VAL D 290 -17.83 15.88 -55.27
C VAL D 290 -18.43 15.75 -53.88
N SER D 291 -19.74 15.55 -53.83
CA SER D 291 -20.49 15.35 -52.58
C SER D 291 -21.35 14.10 -52.68
N VAL D 292 -21.28 13.26 -51.65
CA VAL D 292 -22.07 12.03 -51.57
C VAL D 292 -22.92 12.07 -50.31
N GLY D 293 -24.23 11.93 -50.49
CA GLY D 293 -25.18 11.99 -49.41
C GLY D 293 -25.67 10.60 -49.00
N ASP D 294 -26.47 10.59 -47.94
CA ASP D 294 -27.12 9.34 -47.55
C ASP D 294 -28.07 8.89 -48.65
N ASP D 295 -28.79 9.83 -49.25
CA ASP D 295 -29.52 9.52 -50.46
C ASP D 295 -28.54 9.17 -51.57
N GLN D 296 -28.98 8.32 -52.49
CA GLN D 296 -28.08 7.70 -53.46
C GLN D 296 -27.76 8.66 -54.61
N GLU D 297 -27.19 9.81 -54.24
CA GLU D 297 -26.89 10.83 -55.24
C GLU D 297 -25.45 11.24 -55.18
N ILE D 298 -24.81 11.27 -56.35
CA ILE D 298 -23.48 11.81 -56.53
C ILE D 298 -23.66 13.22 -57.05
N HIS D 299 -22.99 14.19 -56.45
CA HIS D 299 -23.11 15.56 -56.92
C HIS D 299 -21.72 16.07 -57.28
N ILE D 300 -21.60 16.77 -58.40
CA ILE D 300 -20.33 17.36 -58.79
C ILE D 300 -20.55 18.83 -59.09
N TYR D 301 -20.09 19.68 -58.17
CA TYR D 301 -20.21 21.12 -58.26
C TYR D 301 -18.96 21.70 -58.91
N ASP D 302 -18.99 23.00 -59.17
CA ASP D 302 -17.87 23.69 -59.79
C ASP D 302 -17.45 24.88 -58.96
N CYS D 303 -16.15 25.14 -58.94
CA CYS D 303 -15.57 26.20 -58.11
C CYS D 303 -14.33 26.72 -58.81
N PRO D 304 -14.47 27.77 -59.62
CA PRO D 304 -13.33 28.27 -60.39
C PRO D 304 -12.17 28.70 -59.51
N ILE D 305 -10.96 28.57 -60.06
CA ILE D 305 -9.71 28.72 -59.34
C ILE D 305 -9.63 30.07 -58.64
#